data_7YSG
#
_entry.id   7YSG
#
_cell.length_a   1.00
_cell.length_b   1.00
_cell.length_c   1.00
_cell.angle_alpha   90.00
_cell.angle_beta   90.00
_cell.angle_gamma   90.00
#
_symmetry.space_group_name_H-M   'P 1'
#
loop_
_entity.id
_entity.type
_entity.pdbx_description
1 polymer 'Immunoglobulin heavy constant mu'
2 polymer 'Immunoglobulin J chain'
3 polymer 'Secretory component'
4 polymer 'Fas apoptotic inhibitory molecule 3'
5 branched 2-acetamido-2-deoxy-beta-D-glucopyranose-(1-4)-2-acetamido-2-deoxy-beta-D-glucopyranose
6 non-polymer 2-acetamido-2-deoxy-beta-D-glucopyranose
#
loop_
_entity_poly.entity_id
_entity_poly.type
_entity_poly.pdbx_seq_one_letter_code
_entity_poly.pdbx_strand_id
1 'polypeptide(L)'
;IRVFAIPPSFASIFLTKSTKLTCLVTDLTTYDSVTISWTRQNGEAVKTHTNISESHPNATFSAVGEASICEDDWNSGERF
TCTVTHTDLPSPLKQTISRPKGVALHRPDVYLLPPAREQLNLRESATITCLVTGFSPADVFVQWMQRGQPLSPEKYVTSA
PMPEPQAPGRYFAHSILTVSEEEWNTGETYTCVVAHEALPNRVTERTVDKSTGKPTLYNVSLVMSDTAGTCY
;
A,B,C,D,E,F,G,H,K,L
2 'polypeptide(L)'
;EDERIVLVDNKCKCARITSRIIRSSEDPNEDIVERNIRIIVPLNNRENISDPTSPLRTRFVYHLSDLCKKCDPTEVELDN
QIVTATQSNICDEDSATETCYTYDRNKCYTAVVPLVYGGETKMVETALTPDACYPD
;
J
3 'polypeptide(L)'
;KSPIFGPEEVNSVEGNSVSITCYYPPTSVNRHTRKYWCRQGARGGCITLISSEGYVSSKYAGRANLTNFPENGTFVVNIA
QLSQDDSGRYKCGLGINSRGLSFDVSLEVSQGPGLLNDTKVYTVDLGRTVTINCPFKTENAQKRKSLYKQIGLYPVLVID
SSGYVNPNYTGRIRLDIQGTGQLLFSVVINQLRLSDAGQYLCQAGDDSNSNKKNADLQVLKPEPELVYEDLRGSVTFHCA
LGPEVANVAKFLCRQSSGENCDVVVNTLGKRAPAFEGRILLNPQDKDGSFSVVITGLRKEDAGRYLCGAHSDGQLQEGSP
IQAWQLFVNEESTIPRSPTVVKGVAGGSVAVLCPYNRKESKSIKYWCLWEGAQNGRCPLLVDSEGWVKAQYEGRLSLLEE
PGNGTFTVILNQLTSRDAGFYWCLTNGDTLWRTTVEIKIIEGEPNLKVPGNVTAVLGETLKVPCHFPCKFSSYEKYWCKW
NNTGCQALPSQDEGPSKAFVNCDENSRLVSLTLNLVTRADEGWYWCGVKQGHFYGETAAVY
;
P
4 'polypeptide(L)'
;RILPEVKVEGELGGSVTIKCPLPEMHVRIYLCREMAGSGTCGTVVSTTNFIKAEYKGRVTLKQYPRKNLFLVEVTQLTES
DSGVYACGAGMNTDRGKTQKVTLNVHS
;
R,S,U,V
#
loop_
_chem_comp.id
_chem_comp.type
_chem_comp.name
_chem_comp.formula
NAG D-saccharide, beta linking 2-acetamido-2-deoxy-beta-D-glucopyranose 'C8 H15 N O6'
#
# COMPACT_ATOMS: atom_id res chain seq x y z
N ILE A 1 -30.56 55.07 -44.98
CA ILE A 1 -29.22 55.60 -44.77
C ILE A 1 -28.69 55.20 -43.40
N ARG A 2 -27.52 54.58 -43.40
CA ARG A 2 -26.86 54.13 -42.18
C ARG A 2 -25.37 54.41 -42.28
N VAL A 3 -24.80 55.02 -41.23
CA VAL A 3 -23.39 55.34 -41.22
C VAL A 3 -22.77 54.93 -39.89
N PHE A 4 -21.74 54.10 -39.96
CA PHE A 4 -21.05 53.58 -38.78
C PHE A 4 -19.56 53.86 -38.87
N ALA A 5 -18.97 54.30 -37.77
CA ALA A 5 -17.53 54.49 -37.65
C ALA A 5 -16.99 53.46 -36.67
N ILE A 6 -15.99 52.70 -37.09
CA ILE A 6 -15.45 51.59 -36.31
C ILE A 6 -13.98 51.85 -36.03
N PRO A 7 -13.55 51.83 -34.76
CA PRO A 7 -12.13 52.02 -34.47
C PRO A 7 -11.35 50.76 -34.81
N PRO A 8 -10.03 50.86 -34.95
CA PRO A 8 -9.22 49.66 -35.24
C PRO A 8 -8.92 48.89 -33.96
N SER A 9 -9.37 47.64 -33.92
CA SER A 9 -9.07 46.79 -32.77
C SER A 9 -7.59 46.43 -32.76
N PHE A 10 -7.12 45.95 -31.60
CA PHE A 10 -5.73 45.55 -31.50
C PHE A 10 -5.40 44.38 -32.41
N ALA A 11 -6.40 43.56 -32.75
CA ALA A 11 -6.17 42.47 -33.67
C ALA A 11 -5.75 42.97 -35.04
N SER A 12 -6.40 44.02 -35.53
CA SER A 12 -6.01 44.61 -36.81
C SER A 12 -4.61 45.22 -36.74
N ILE A 13 -4.28 45.86 -35.63
CA ILE A 13 -2.95 46.45 -35.47
C ILE A 13 -1.88 45.36 -35.45
N PHE A 14 -2.21 44.21 -34.85
CA PHE A 14 -1.22 43.15 -34.71
C PHE A 14 -1.05 42.37 -36.01
N LEU A 15 -2.12 41.76 -36.50
CA LEU A 15 -2.00 40.86 -37.65
C LEU A 15 -1.71 41.62 -38.93
N THR A 16 -2.45 42.71 -39.20
CA THR A 16 -2.27 43.43 -40.44
C THR A 16 -1.20 44.51 -40.36
N LYS A 17 -0.73 44.83 -39.16
CA LYS A 17 0.33 45.81 -38.95
C LYS A 17 -0.04 47.20 -39.45
N SER A 18 -1.32 47.41 -39.76
CA SER A 18 -1.81 48.68 -40.27
C SER A 18 -3.11 49.07 -39.57
N THR A 19 -3.18 50.32 -39.14
CA THR A 19 -4.38 50.84 -38.48
C THR A 19 -5.30 51.45 -39.53
N LYS A 20 -6.39 50.77 -39.84
CA LYS A 20 -7.33 51.20 -40.87
C LYS A 20 -8.61 51.69 -40.19
N LEU A 21 -9.01 52.92 -40.50
CA LEU A 21 -10.21 53.53 -39.96
C LEU A 21 -11.34 53.39 -40.97
N THR A 22 -12.48 52.88 -40.53
CA THR A 22 -13.60 52.59 -41.42
C THR A 22 -14.83 53.37 -41.00
N CYS A 23 -15.26 54.30 -41.84
CA CYS A 23 -16.55 54.97 -41.72
C CYS A 23 -17.38 54.54 -42.92
N LEU A 24 -18.24 53.56 -42.71
CA LEU A 24 -19.03 52.95 -43.77
C LEU A 24 -20.43 53.56 -43.82
N VAL A 25 -20.89 53.80 -45.04
CA VAL A 25 -22.24 54.31 -45.29
C VAL A 25 -22.95 53.32 -46.21
N THR A 26 -24.08 52.81 -45.76
CA THR A 26 -24.80 51.76 -46.46
C THR A 26 -26.30 52.04 -46.44
N ASP A 27 -27.00 51.35 -47.33
CA ASP A 27 -28.47 51.38 -47.43
C ASP A 27 -28.98 52.80 -47.71
N LEU A 28 -28.51 53.36 -48.82
CA LEU A 28 -28.92 54.69 -49.24
C LEU A 28 -28.82 54.77 -50.75
N THR A 29 -29.15 55.94 -51.29
CA THR A 29 -29.13 56.14 -52.73
C THR A 29 -27.69 56.26 -53.24
N THR A 30 -27.50 55.93 -54.52
CA THR A 30 -26.19 55.94 -55.15
C THR A 30 -25.99 57.24 -55.91
N TYR A 31 -24.85 57.89 -55.68
CA TYR A 31 -24.47 59.08 -56.43
C TYR A 31 -23.03 59.08 -56.92
N ASP A 32 -22.19 58.16 -56.43
CA ASP A 32 -20.80 58.03 -56.84
C ASP A 32 -19.99 59.31 -56.66
N SER A 33 -20.29 60.08 -55.63
CA SER A 33 -19.59 61.32 -55.32
C SER A 33 -18.87 61.22 -53.97
N VAL A 34 -18.25 60.07 -53.70
CA VAL A 34 -17.64 59.81 -52.41
C VAL A 34 -16.13 60.02 -52.53
N THR A 35 -15.59 60.91 -51.70
CA THR A 35 -14.14 61.12 -51.62
C THR A 35 -13.86 61.61 -50.20
N ILE A 36 -13.42 60.68 -49.34
CA ILE A 36 -13.23 60.95 -47.91
C ILE A 36 -11.77 60.70 -47.57
N SER A 37 -11.14 61.70 -46.95
CA SER A 37 -9.80 61.59 -46.41
C SER A 37 -9.89 61.74 -44.90
N TRP A 38 -9.35 60.77 -44.16
CA TRP A 38 -9.46 60.79 -42.71
C TRP A 38 -8.66 61.94 -42.13
N THR A 39 -9.37 62.89 -41.51
CA THR A 39 -8.74 64.10 -40.99
C THR A 39 -8.18 63.85 -39.60
N ARG A 40 -6.96 64.35 -39.38
CA ARG A 40 -6.28 64.21 -38.10
C ARG A 40 -6.86 65.22 -37.11
N GLN A 41 -6.17 65.42 -35.97
CA GLN A 41 -6.63 66.41 -35.00
C GLN A 41 -6.64 67.81 -35.59
N ASN A 42 -5.63 68.14 -36.40
CA ASN A 42 -5.58 69.39 -37.13
C ASN A 42 -6.33 69.22 -38.46
N GLY A 43 -6.17 70.20 -39.36
CA GLY A 43 -6.96 70.19 -40.59
C GLY A 43 -6.50 69.19 -41.62
N GLU A 44 -5.25 68.73 -41.53
CA GLU A 44 -4.71 67.87 -42.57
C GLU A 44 -5.29 66.45 -42.47
N ALA A 45 -5.09 65.69 -43.54
CA ALA A 45 -5.53 64.30 -43.63
C ALA A 45 -4.37 63.44 -44.11
N VAL A 46 -4.53 62.13 -43.95
CA VAL A 46 -3.46 61.21 -44.30
C VAL A 46 -3.60 60.72 -45.75
N LYS A 47 -4.69 60.06 -46.07
CA LYS A 47 -4.91 59.44 -47.38
C LYS A 47 -6.41 59.33 -47.64
N THR A 48 -6.74 58.94 -48.87
CA THR A 48 -8.12 58.72 -49.28
C THR A 48 -8.49 57.25 -49.15
N HIS A 49 -9.79 56.99 -49.19
CA HIS A 49 -10.29 55.62 -49.17
C HIS A 49 -10.27 55.01 -50.57
N THR A 50 -10.70 53.75 -50.66
CA THR A 50 -10.65 52.99 -51.90
C THR A 50 -11.77 51.94 -51.88
N ASN A 51 -12.14 51.47 -53.07
CA ASN A 51 -13.06 50.35 -53.25
C ASN A 51 -14.46 50.64 -52.74
N ILE A 52 -15.10 51.68 -53.25
CA ILE A 52 -16.49 51.95 -52.95
C ILE A 52 -17.37 51.20 -53.95
N SER A 53 -18.45 50.61 -53.45
CA SER A 53 -19.37 49.82 -54.28
C SER A 53 -20.61 50.64 -54.59
N GLU A 54 -20.97 50.69 -55.86
CA GLU A 54 -22.17 51.40 -56.31
C GLU A 54 -23.40 50.50 -56.36
N SER A 55 -23.36 49.34 -55.69
CA SER A 55 -24.47 48.42 -55.67
C SER A 55 -24.51 47.71 -54.33
N HIS A 56 -25.70 47.23 -53.96
CA HIS A 56 -25.93 46.56 -52.70
C HIS A 56 -26.92 45.42 -52.94
N PRO A 57 -26.90 44.39 -52.09
CA PRO A 57 -27.89 43.31 -52.24
C PRO A 57 -29.33 43.78 -52.19
N ASN A 58 -29.62 44.85 -51.44
CA ASN A 58 -30.96 45.43 -51.39
C ASN A 58 -31.10 46.62 -52.35
N ALA A 59 -30.25 46.68 -53.37
CA ALA A 59 -30.28 47.72 -54.40
C ALA A 59 -30.15 49.11 -53.79
N THR A 60 -29.08 49.30 -53.02
CA THR A 60 -28.78 50.58 -52.40
C THR A 60 -27.30 50.87 -52.59
N PHE A 61 -26.82 51.88 -51.87
CA PHE A 61 -25.42 52.30 -51.96
C PHE A 61 -24.66 51.81 -50.74
N SER A 62 -23.42 51.37 -50.95
CA SER A 62 -22.57 50.85 -49.88
C SER A 62 -21.18 51.48 -50.01
N ALA A 63 -20.76 52.21 -48.99
CA ALA A 63 -19.45 52.83 -48.96
C ALA A 63 -18.62 52.26 -47.81
N VAL A 64 -17.30 52.41 -47.92
CA VAL A 64 -16.37 51.92 -46.91
C VAL A 64 -15.33 52.99 -46.61
N GLY A 65 -14.62 52.82 -45.50
CA GLY A 65 -13.56 53.72 -45.12
C GLY A 65 -12.19 53.05 -45.19
N GLU A 66 -11.15 53.84 -45.39
CA GLU A 66 -9.80 53.29 -45.53
C GLU A 66 -8.79 54.36 -45.14
N ALA A 67 -7.86 53.98 -44.26
CA ALA A 67 -6.82 54.89 -43.81
C ALA A 67 -5.62 54.07 -43.38
N SER A 68 -4.48 54.75 -43.25
CA SER A 68 -3.22 54.13 -42.82
C SER A 68 -2.54 55.09 -41.85
N ILE A 69 -2.80 54.89 -40.56
CA ILE A 69 -2.27 55.77 -39.52
C ILE A 69 -1.09 55.10 -38.84
N CYS A 70 -0.02 55.86 -38.63
CA CYS A 70 1.13 55.38 -37.88
C CYS A 70 0.73 55.04 -36.45
N GLU A 71 1.29 53.94 -35.93
CA GLU A 71 0.77 53.35 -34.70
C GLU A 71 1.01 54.22 -33.48
N ASP A 72 2.13 54.97 -33.45
CA ASP A 72 2.36 55.85 -32.29
C ASP A 72 1.31 56.95 -32.21
N ASP A 73 0.75 57.34 -33.34
CA ASP A 73 -0.39 58.26 -33.34
C ASP A 73 -1.58 57.63 -32.61
N TRP A 74 -1.84 56.35 -32.85
CA TRP A 74 -2.88 55.65 -32.11
C TRP A 74 -2.53 55.54 -30.62
N ASN A 75 -1.26 55.30 -30.31
CA ASN A 75 -0.85 55.16 -28.92
C ASN A 75 -1.01 56.47 -28.16
N SER A 76 -0.72 57.61 -28.81
CA SER A 76 -0.87 58.89 -28.14
C SER A 76 -2.33 59.29 -27.97
N GLY A 77 -3.19 58.91 -28.92
CA GLY A 77 -4.60 59.13 -28.77
C GLY A 77 -5.12 60.44 -29.29
N GLU A 78 -4.53 60.97 -30.37
CA GLU A 78 -5.08 62.16 -31.01
C GLU A 78 -6.40 61.84 -31.70
N ARG A 79 -7.39 62.72 -31.52
CA ARG A 79 -8.74 62.49 -32.00
C ARG A 79 -8.78 62.45 -33.53
N PHE A 80 -9.61 61.56 -34.07
CA PHE A 80 -9.76 61.38 -35.51
C PHE A 80 -11.21 61.57 -35.92
N THR A 81 -11.43 61.98 -37.17
CA THR A 81 -12.78 62.21 -37.68
C THR A 81 -12.90 61.78 -39.13
N CYS A 82 -14.11 61.39 -39.52
CA CYS A 82 -14.47 61.08 -40.89
C CYS A 82 -15.58 62.03 -41.34
N THR A 83 -15.36 62.71 -42.47
CA THR A 83 -16.34 63.60 -43.07
C THR A 83 -16.68 63.13 -44.47
N VAL A 84 -17.97 63.14 -44.80
CA VAL A 84 -18.46 62.56 -46.05
C VAL A 84 -18.49 63.61 -47.15
N THR A 85 -18.29 63.15 -48.38
CA THR A 85 -18.36 63.99 -49.57
C THR A 85 -19.58 63.66 -50.43
N HIS A 86 -20.24 62.53 -50.15
CA HIS A 86 -21.35 62.07 -50.96
C HIS A 86 -22.46 63.11 -51.00
N THR A 87 -22.99 63.36 -52.21
CA THR A 87 -23.93 64.45 -52.43
C THR A 87 -25.32 64.18 -51.87
N ASP A 88 -25.60 62.95 -51.43
CA ASP A 88 -26.91 62.67 -50.85
C ASP A 88 -27.15 63.48 -49.60
N LEU A 89 -26.09 63.73 -48.82
CA LEU A 89 -26.21 64.50 -47.59
C LEU A 89 -26.16 65.99 -47.90
N PRO A 90 -27.20 66.76 -47.58
CA PRO A 90 -27.13 68.21 -47.77
C PRO A 90 -26.00 68.86 -46.99
N SER A 91 -25.70 68.35 -45.80
CA SER A 91 -24.57 68.81 -45.01
C SER A 91 -23.67 67.63 -44.67
N PRO A 92 -22.36 67.77 -44.78
CA PRO A 92 -21.46 66.65 -44.45
C PRO A 92 -21.62 66.23 -43.00
N LEU A 93 -21.56 64.93 -42.77
CA LEU A 93 -21.66 64.37 -41.43
C LEU A 93 -20.26 63.97 -40.94
N LYS A 94 -19.96 64.30 -39.70
CA LYS A 94 -18.66 64.02 -39.11
C LYS A 94 -18.81 62.97 -38.02
N GLN A 95 -18.02 61.90 -38.15
CA GLN A 95 -17.99 60.82 -37.17
C GLN A 95 -16.65 60.87 -36.44
N THR A 96 -16.70 60.94 -35.12
CA THR A 96 -15.50 61.07 -34.29
C THR A 96 -15.10 59.71 -33.74
N ILE A 97 -13.81 59.36 -33.89
CA ILE A 97 -13.29 58.10 -33.38
C ILE A 97 -11.87 58.34 -32.86
N SER A 98 -11.53 57.66 -31.78
CA SER A 98 -10.21 57.79 -31.16
C SER A 98 -10.03 56.67 -30.14
N ARG A 99 -8.78 56.47 -29.73
CA ARG A 99 -8.48 55.46 -28.72
C ARG A 99 -8.81 55.98 -27.32
N PRO A 100 -9.41 55.17 -26.47
CA PRO A 100 -9.55 55.56 -25.06
C PRO A 100 -8.19 55.76 -24.41
N LYS A 101 -8.07 56.68 -23.47
CA LYS A 101 -6.77 56.98 -22.91
C LYS A 101 -6.12 56.00 -21.99
N GLY A 102 -4.96 56.38 -21.49
CA GLY A 102 -4.16 55.55 -20.60
C GLY A 102 -4.80 54.66 -19.56
N VAL A 103 -5.17 53.44 -19.96
CA VAL A 103 -5.73 52.45 -19.05
C VAL A 103 -4.62 51.63 -18.50
N ALA A 104 -5.00 50.56 -17.80
CA ALA A 104 -4.03 49.66 -17.20
C ALA A 104 -3.65 48.59 -18.13
N LEU A 105 -2.94 47.60 -17.65
CA LEU A 105 -2.59 46.53 -18.56
C LEU A 105 -2.43 45.24 -17.93
N HIS A 106 -3.53 44.62 -17.64
CA HIS A 106 -3.47 43.31 -17.14
C HIS A 106 -3.53 42.38 -18.26
N ARG A 107 -3.29 41.18 -17.94
CA ARG A 107 -3.17 40.09 -18.89
C ARG A 107 -4.29 39.06 -18.70
N PRO A 108 -4.75 38.41 -19.77
CA PRO A 108 -5.89 37.49 -19.65
C PRO A 108 -5.51 36.19 -18.98
N ASP A 109 -6.52 35.48 -18.50
CA ASP A 109 -6.42 34.08 -18.12
C ASP A 109 -7.47 33.31 -18.90
N VAL A 110 -7.05 32.24 -19.57
CA VAL A 110 -7.92 31.54 -20.53
C VAL A 110 -8.24 30.17 -19.95
N TYR A 111 -9.53 29.86 -19.88
CA TYR A 111 -10.01 28.60 -19.34
C TYR A 111 -10.95 27.95 -20.35
N LEU A 112 -10.67 26.71 -20.72
CA LEU A 112 -11.55 25.96 -21.62
C LEU A 112 -12.44 25.03 -20.81
N LEU A 113 -13.74 25.23 -20.93
CA LEU A 113 -14.72 24.40 -20.27
C LEU A 113 -15.37 23.49 -21.30
N PRO A 114 -15.26 22.17 -21.11
CA PRO A 114 -15.81 21.23 -22.09
C PRO A 114 -17.31 21.13 -21.97
N PRO A 115 -17.98 20.48 -22.92
CA PRO A 115 -19.44 20.36 -22.85
C PRO A 115 -19.88 19.58 -21.62
N ALA A 116 -21.03 19.96 -21.09
CA ALA A 116 -21.57 19.31 -19.90
C ALA A 116 -21.98 17.87 -20.22
N ARG A 117 -21.98 17.04 -19.18
CA ARG A 117 -22.37 15.64 -19.35
C ARG A 117 -23.82 15.53 -19.80
N GLU A 118 -24.70 16.38 -19.27
CA GLU A 118 -26.09 16.35 -19.67
C GLU A 118 -26.26 16.65 -21.16
N GLN A 119 -25.48 17.62 -21.67
CA GLN A 119 -25.55 17.93 -23.09
C GLN A 119 -24.95 16.79 -23.92
N LEU A 120 -23.92 16.13 -23.40
CA LEU A 120 -23.31 15.04 -24.13
C LEU A 120 -24.22 13.81 -24.19
N ASN A 121 -25.16 13.70 -23.27
CA ASN A 121 -26.07 12.58 -23.28
C ASN A 121 -27.05 12.68 -24.37
N LEU A 122 -27.38 13.87 -24.81
CA LEU A 122 -28.37 14.01 -25.87
C LEU A 122 -27.88 13.66 -27.24
N ARG A 123 -26.58 13.56 -27.44
CA ARG A 123 -26.00 13.21 -28.70
C ARG A 123 -26.47 14.07 -29.84
N GLU A 124 -26.52 15.36 -29.63
CA GLU A 124 -26.95 16.27 -30.65
C GLU A 124 -25.71 17.02 -31.00
N SER A 125 -25.31 17.98 -30.18
CA SER A 125 -24.11 18.76 -30.43
C SER A 125 -23.55 19.20 -29.13
N ALA A 126 -22.25 19.42 -29.02
CA ALA A 126 -21.72 19.83 -27.77
C ALA A 126 -21.17 21.17 -27.93
N THR A 127 -21.27 21.96 -26.88
CA THR A 127 -20.78 23.34 -26.83
C THR A 127 -19.57 23.41 -25.92
N ILE A 128 -18.47 23.93 -26.46
CA ILE A 128 -17.22 24.11 -25.72
C ILE A 128 -17.02 25.60 -25.54
N THR A 129 -16.77 26.04 -24.31
CA THR A 129 -16.69 27.48 -24.04
C THR A 129 -15.28 27.86 -23.63
N CYS A 130 -14.84 29.02 -24.08
CA CYS A 130 -13.53 29.57 -23.77
C CYS A 130 -13.80 30.86 -22.98
N LEU A 131 -13.34 30.88 -21.74
CA LEU A 131 -13.57 32.00 -20.84
C LEU A 131 -12.25 32.77 -20.70
N VAL A 132 -12.30 34.08 -20.94
CA VAL A 132 -11.13 34.94 -20.86
C VAL A 132 -11.35 35.92 -19.73
N THR A 133 -10.76 35.67 -18.63
CA THR A 133 -11.09 36.43 -17.48
C THR A 133 -9.97 37.14 -17.02
N GLY A 134 -10.13 38.35 -16.61
CA GLY A 134 -9.04 39.04 -16.03
C GLY A 134 -8.41 40.06 -16.85
N PHE A 135 -8.68 40.21 -18.11
CA PHE A 135 -7.94 41.19 -18.84
C PHE A 135 -8.23 42.58 -18.70
N SER A 136 -7.39 43.40 -19.28
CA SER A 136 -7.53 44.82 -19.34
C SER A 136 -6.58 45.29 -20.37
N PRO A 137 -6.96 46.23 -21.16
CA PRO A 137 -8.01 46.95 -21.82
C PRO A 137 -9.11 46.06 -22.31
N ALA A 138 -10.12 46.64 -22.86
CA ALA A 138 -11.25 45.87 -23.26
C ALA A 138 -11.18 45.18 -24.53
N ASP A 139 -10.06 45.04 -25.21
CA ASP A 139 -10.06 44.34 -26.46
C ASP A 139 -9.37 43.04 -26.36
N VAL A 140 -9.98 42.05 -26.96
CA VAL A 140 -9.43 40.73 -26.97
C VAL A 140 -9.91 40.08 -28.25
N PHE A 141 -9.19 39.14 -28.84
CA PHE A 141 -9.64 38.58 -30.06
C PHE A 141 -9.44 37.14 -29.97
N VAL A 142 -10.47 36.31 -29.88
CA VAL A 142 -10.40 34.86 -29.80
C VAL A 142 -10.72 34.14 -31.05
N GLN A 143 -9.94 33.16 -31.44
CA GLN A 143 -10.07 32.29 -32.60
C GLN A 143 -10.10 30.85 -32.14
N TRP A 144 -10.77 30.00 -32.90
CA TRP A 144 -10.94 28.60 -32.56
C TRP A 144 -10.30 27.75 -33.65
N MET A 145 -9.66 26.68 -33.28
CA MET A 145 -8.97 25.89 -34.22
C MET A 145 -9.17 24.49 -33.94
N GLN A 146 -9.93 23.79 -34.74
CA GLN A 146 -10.20 22.41 -34.51
C GLN A 146 -9.05 21.71 -34.96
N ARG A 147 -8.52 20.87 -34.10
CA ARG A 147 -7.38 20.01 -34.30
C ARG A 147 -6.45 20.36 -35.41
N GLY A 148 -5.73 21.46 -35.29
CA GLY A 148 -4.83 21.81 -36.37
C GLY A 148 -4.95 23.21 -36.87
N GLN A 149 -5.77 23.43 -37.89
CA GLN A 149 -5.93 24.78 -38.42
C GLN A 149 -7.32 25.23 -38.22
N PRO A 150 -7.52 26.53 -38.25
CA PRO A 150 -8.65 27.37 -37.94
C PRO A 150 -10.00 26.94 -38.35
N LEU A 151 -10.92 27.23 -37.45
CA LEU A 151 -12.32 27.03 -37.66
C LEU A 151 -12.80 28.34 -38.19
N SER A 152 -13.80 28.25 -39.03
CA SER A 152 -14.37 29.38 -39.68
C SER A 152 -15.40 29.91 -38.82
N PRO A 153 -15.46 31.22 -38.64
CA PRO A 153 -16.34 31.98 -37.76
C PRO A 153 -17.83 31.80 -37.74
N GLU A 154 -18.43 30.88 -38.46
CA GLU A 154 -19.84 30.72 -38.35
C GLU A 154 -19.90 29.98 -37.10
N LYS A 155 -19.12 28.93 -36.97
CA LYS A 155 -19.14 28.12 -35.78
C LYS A 155 -19.16 28.73 -34.41
N TYR A 156 -18.13 29.39 -33.95
CA TYR A 156 -18.17 29.93 -32.61
C TYR A 156 -18.64 31.34 -32.54
N VAL A 157 -18.91 31.91 -31.38
CA VAL A 157 -19.36 33.28 -31.34
C VAL A 157 -19.06 33.95 -30.04
N THR A 158 -17.88 34.49 -29.93
CA THR A 158 -17.38 35.14 -28.74
C THR A 158 -18.11 36.35 -28.53
N SER A 159 -18.31 36.73 -27.30
CA SER A 159 -19.06 37.91 -26.95
C SER A 159 -18.27 39.17 -26.92
N ALA A 160 -18.60 40.14 -26.08
CA ALA A 160 -17.80 41.34 -26.01
C ALA A 160 -17.39 41.53 -24.60
N PRO A 161 -16.23 42.13 -24.32
CA PRO A 161 -15.71 42.27 -22.98
C PRO A 161 -16.64 42.95 -22.10
N MET A 162 -16.95 42.48 -20.92
CA MET A 162 -17.89 43.15 -20.10
C MET A 162 -17.38 43.03 -18.74
N PRO A 163 -17.19 44.10 -18.02
CA PRO A 163 -16.58 44.25 -16.72
C PRO A 163 -16.84 43.18 -15.81
N GLU A 164 -15.85 42.56 -15.24
CA GLU A 164 -16.04 41.46 -14.36
C GLU A 164 -16.76 41.88 -13.16
N PRO A 165 -17.57 40.97 -12.60
CA PRO A 165 -18.43 41.22 -11.46
C PRO A 165 -17.71 41.90 -10.33
N GLN A 166 -16.73 41.23 -9.77
CA GLN A 166 -16.10 41.79 -8.61
C GLN A 166 -14.64 42.10 -8.66
N ALA A 167 -14.12 42.58 -9.77
CA ALA A 167 -12.73 42.92 -9.82
C ALA A 167 -12.70 44.18 -10.59
N PRO A 168 -12.80 45.28 -9.91
CA PRO A 168 -12.84 46.66 -10.30
C PRO A 168 -12.39 47.00 -11.71
N GLY A 169 -11.19 46.67 -12.08
CA GLY A 169 -10.75 47.09 -13.39
C GLY A 169 -10.37 46.06 -14.38
N ARG A 170 -10.75 44.83 -14.21
CA ARG A 170 -10.47 43.78 -15.18
C ARG A 170 -11.68 43.41 -15.92
N TYR A 171 -11.66 42.70 -17.05
CA TYR A 171 -12.88 42.36 -17.78
C TYR A 171 -13.03 40.89 -18.04
N PHE A 172 -13.87 40.41 -18.95
CA PHE A 172 -13.98 38.97 -19.31
C PHE A 172 -14.74 38.70 -20.57
N ALA A 173 -14.32 37.86 -21.49
CA ALA A 173 -15.14 37.55 -22.64
C ALA A 173 -15.60 36.12 -22.59
N HIS A 174 -16.04 35.51 -23.65
CA HIS A 174 -16.61 34.18 -23.57
C HIS A 174 -16.78 33.72 -24.98
N SER A 175 -16.14 32.69 -25.49
CA SER A 175 -16.42 32.35 -26.87
C SER A 175 -16.91 30.99 -26.90
N ILE A 176 -18.03 30.68 -27.54
CA ILE A 176 -18.66 29.37 -27.54
C ILE A 176 -18.58 28.77 -28.93
N LEU A 177 -18.12 27.52 -28.99
CA LEU A 177 -18.02 26.76 -30.24
C LEU A 177 -18.95 25.57 -30.15
N THR A 178 -19.77 25.38 -31.17
CA THR A 178 -20.72 24.28 -31.24
C THR A 178 -20.22 23.27 -32.26
N VAL A 179 -20.12 22.01 -31.84
CA VAL A 179 -19.61 20.94 -32.68
C VAL A 179 -20.53 19.74 -32.58
N SER A 180 -20.40 18.83 -33.54
CA SER A 180 -21.14 17.58 -33.47
C SER A 180 -20.59 16.72 -32.34
N GLU A 181 -21.49 15.98 -31.67
CA GLU A 181 -21.08 15.19 -30.52
C GLU A 181 -20.12 14.08 -30.91
N GLU A 182 -20.24 13.54 -32.12
CA GLU A 182 -19.31 12.51 -32.55
C GLU A 182 -17.89 13.05 -32.66
N GLU A 183 -17.85 14.25 -33.18
CA GLU A 183 -16.69 15.01 -33.42
C GLU A 183 -16.10 15.25 -32.09
N TRP A 184 -16.91 15.50 -31.08
CA TRP A 184 -16.34 15.69 -29.80
C TRP A 184 -16.11 14.37 -29.19
N ASN A 185 -16.79 13.33 -29.61
CA ASN A 185 -16.59 12.05 -28.99
C ASN A 185 -15.52 11.23 -29.60
N THR A 186 -15.07 11.54 -30.79
CA THR A 186 -14.04 10.79 -31.41
C THR A 186 -12.87 11.12 -30.58
N GLY A 187 -12.60 12.38 -30.44
CA GLY A 187 -11.51 12.80 -29.60
C GLY A 187 -10.74 13.81 -30.38
N GLU A 188 -11.31 14.97 -30.60
CA GLU A 188 -10.55 15.94 -31.33
C GLU A 188 -10.02 16.98 -30.43
N THR A 189 -8.85 17.51 -30.68
CA THR A 189 -8.37 18.56 -29.80
C THR A 189 -8.82 19.92 -30.35
N TYR A 190 -9.61 20.64 -29.57
CA TYR A 190 -10.09 21.96 -29.91
C TYR A 190 -9.28 23.00 -29.13
N THR A 191 -8.80 24.02 -29.83
CA THR A 191 -7.91 25.02 -29.24
C THR A 191 -8.54 26.41 -29.35
N CYS A 192 -8.48 27.14 -28.25
CA CYS A 192 -8.88 28.54 -28.19
C CYS A 192 -7.62 29.41 -28.13
N VAL A 193 -7.51 30.34 -29.06
CA VAL A 193 -6.34 31.21 -29.18
C VAL A 193 -6.79 32.64 -28.95
N VAL A 194 -6.17 33.30 -27.97
CA VAL A 194 -6.51 34.67 -27.61
C VAL A 194 -5.35 35.58 -27.98
N ALA A 195 -5.66 36.68 -28.64
CA ALA A 195 -4.72 37.75 -28.91
C ALA A 195 -5.11 38.96 -28.09
N HIS A 196 -4.18 39.43 -27.26
CA HIS A 196 -4.45 40.54 -26.37
C HIS A 196 -3.21 41.42 -26.27
N GLU A 197 -3.31 42.70 -25.95
CA GLU A 197 -2.10 43.49 -25.91
C GLU A 197 -1.48 43.41 -24.62
N ALA A 198 -1.65 42.33 -23.93
CA ALA A 198 -1.05 42.23 -22.64
C ALA A 198 -0.43 40.96 -22.39
N LEU A 199 -0.53 40.00 -23.28
CA LEU A 199 0.07 38.71 -23.10
C LEU A 199 1.52 38.74 -23.52
N PRO A 200 2.28 37.70 -23.25
CA PRO A 200 3.67 37.69 -23.60
C PRO A 200 3.96 37.94 -25.02
N ASN A 201 3.50 37.10 -25.90
CA ASN A 201 3.73 37.32 -27.26
C ASN A 201 2.42 37.64 -27.87
N ARG A 202 1.70 38.53 -27.23
CA ARG A 202 0.37 38.89 -27.58
C ARG A 202 -0.56 37.78 -27.76
N VAL A 203 -0.19 36.53 -27.96
CA VAL A 203 -1.12 35.47 -28.18
C VAL A 203 -0.85 34.33 -27.25
N THR A 204 -1.80 33.47 -26.97
CA THR A 204 -1.73 32.26 -26.14
C THR A 204 -2.76 31.29 -26.56
N GLU A 205 -2.81 30.07 -26.08
CA GLU A 205 -3.81 29.15 -26.57
C GLU A 205 -4.07 28.06 -25.68
N ARG A 206 -5.28 27.63 -25.47
CA ARG A 206 -5.49 26.52 -24.61
C ARG A 206 -6.26 25.44 -25.24
N THR A 207 -5.76 24.24 -25.33
CA THR A 207 -6.52 23.22 -26.00
C THR A 207 -7.14 22.22 -25.12
N VAL A 208 -8.32 21.74 -25.47
CA VAL A 208 -9.05 20.76 -24.71
C VAL A 208 -9.74 19.84 -25.62
N ASP A 209 -9.88 18.59 -25.27
CA ASP A 209 -10.55 17.63 -26.11
C ASP A 209 -10.99 16.49 -25.31
N LYS A 210 -11.96 15.74 -25.75
CA LYS A 210 -12.49 14.56 -25.09
C LYS A 210 -12.00 13.96 -23.79
N SER A 211 -10.72 13.74 -23.65
CA SER A 211 -10.20 13.11 -22.50
C SER A 211 -9.48 13.97 -21.57
N THR A 212 -9.26 15.21 -21.92
CA THR A 212 -8.57 16.10 -21.04
C THR A 212 -9.65 16.87 -20.39
N GLY A 213 -10.65 17.19 -21.13
CA GLY A 213 -11.71 17.99 -20.53
C GLY A 213 -12.67 17.20 -19.65
N LYS A 214 -12.48 17.32 -18.34
CA LYS A 214 -13.32 16.66 -17.35
C LYS A 214 -13.55 15.18 -17.66
N PRO A 215 -12.50 14.38 -17.76
CA PRO A 215 -12.68 12.97 -18.10
C PRO A 215 -13.26 12.19 -16.93
N THR A 216 -13.99 11.13 -17.24
CA THR A 216 -14.58 10.31 -16.20
C THR A 216 -13.52 9.46 -15.50
N LEU A 217 -12.46 9.08 -16.20
CA LEU A 217 -11.44 8.19 -15.67
C LEU A 217 -10.06 8.75 -15.95
N TYR A 218 -9.14 8.56 -14.99
CA TYR A 218 -7.72 8.81 -15.17
C TYR A 218 -7.02 7.47 -15.38
N ASN A 219 -6.28 7.36 -16.48
CA ASN A 219 -5.63 6.12 -16.87
C ASN A 219 -4.14 6.38 -16.98
N VAL A 220 -3.39 6.04 -15.94
CA VAL A 220 -1.95 6.26 -15.88
C VAL A 220 -1.17 5.01 -15.84
N SER A 221 0.16 5.05 -15.85
CA SER A 221 0.97 3.86 -15.88
C SER A 221 2.37 4.11 -15.44
N LEU A 222 2.64 4.44 -14.21
CA LEU A 222 3.99 4.74 -13.78
C LEU A 222 4.85 3.53 -13.93
N VAL A 223 6.04 3.60 -14.50
CA VAL A 223 6.84 2.42 -14.71
C VAL A 223 8.22 2.75 -14.32
N MET A 224 8.46 2.96 -13.07
CA MET A 224 9.77 3.35 -12.69
C MET A 224 10.67 2.19 -12.68
N SER A 225 11.91 2.29 -13.12
CA SER A 225 12.84 1.17 -13.14
C SER A 225 14.19 1.55 -12.66
N ASP A 226 15.10 0.60 -12.49
CA ASP A 226 16.47 0.92 -12.05
C ASP A 226 16.43 1.77 -10.80
N THR A 227 15.53 1.45 -9.87
CA THR A 227 15.38 2.26 -8.70
C THR A 227 16.67 2.47 -7.97
N ALA A 228 17.62 1.57 -8.20
CA ALA A 228 18.95 1.71 -7.58
C ALA A 228 19.76 2.64 -8.44
N GLY A 229 20.53 2.09 -9.37
CA GLY A 229 21.26 2.92 -10.32
C GLY A 229 22.38 3.69 -9.67
N THR A 230 23.63 3.28 -9.89
CA THR A 230 24.74 4.09 -9.36
C THR A 230 24.40 5.54 -9.72
N CYS A 231 24.11 6.37 -8.71
CA CYS A 231 23.86 7.80 -8.99
C CYS A 231 25.14 8.58 -8.72
N ILE B 1 -44.12 62.89 -31.29
CA ILE B 1 -45.57 62.91 -31.25
C ILE B 1 -46.12 61.50 -31.41
N ARG B 2 -45.30 60.50 -31.14
CA ARG B 2 -45.68 59.10 -31.38
C ARG B 2 -45.78 58.36 -30.06
N VAL B 3 -46.90 57.66 -29.85
CA VAL B 3 -47.15 56.96 -28.61
C VAL B 3 -46.70 55.50 -28.81
N PHE B 4 -45.45 55.24 -28.47
CA PHE B 4 -44.93 53.88 -28.57
C PHE B 4 -45.59 52.99 -27.52
N ALA B 5 -46.14 51.86 -27.96
CA ALA B 5 -46.76 50.89 -27.07
C ALA B 5 -45.76 49.79 -26.78
N ILE B 6 -45.42 49.61 -25.52
CA ILE B 6 -44.40 48.67 -25.09
C ILE B 6 -45.08 47.36 -24.71
N PRO B 7 -44.82 46.27 -25.43
CA PRO B 7 -45.38 44.97 -25.02
C PRO B 7 -44.54 44.37 -23.91
N PRO B 8 -45.17 43.79 -22.90
CA PRO B 8 -44.42 43.26 -21.76
C PRO B 8 -43.61 42.03 -22.15
N SER B 9 -42.29 42.15 -22.05
CA SER B 9 -41.41 41.01 -22.27
C SER B 9 -41.58 40.00 -21.13
N PHE B 10 -41.07 38.79 -21.35
CA PHE B 10 -41.29 37.74 -20.36
C PHE B 10 -40.60 38.05 -19.04
N ALA B 11 -39.44 38.70 -19.07
CA ALA B 11 -38.79 39.08 -17.82
C ALA B 11 -39.69 39.99 -17.00
N SER B 12 -40.38 40.92 -17.67
CA SER B 12 -41.30 41.81 -16.97
C SER B 12 -42.50 41.06 -16.43
N ILE B 13 -43.13 40.23 -17.26
CA ILE B 13 -44.37 39.56 -16.85
C ILE B 13 -44.09 38.53 -15.77
N PHE B 14 -42.84 38.04 -15.68
CA PHE B 14 -42.52 37.03 -14.68
C PHE B 14 -41.99 37.65 -13.39
N LEU B 15 -41.02 38.55 -13.50
CA LEU B 15 -40.44 39.16 -12.30
C LEU B 15 -41.49 39.96 -11.53
N THR B 16 -42.46 40.53 -12.24
CA THR B 16 -43.56 41.25 -11.61
C THR B 16 -44.79 40.38 -11.39
N LYS B 17 -44.88 39.25 -12.07
CA LYS B 17 -45.92 38.22 -11.95
C LYS B 17 -47.28 38.69 -12.51
N SER B 18 -47.38 39.94 -12.96
CA SER B 18 -48.63 40.43 -13.54
C SER B 18 -48.30 41.20 -14.81
N THR B 19 -49.29 41.28 -15.70
CA THR B 19 -49.12 41.90 -17.02
C THR B 19 -49.05 43.41 -16.88
N LYS B 20 -47.97 44.04 -17.34
CA LYS B 20 -47.81 45.50 -17.08
C LYS B 20 -47.92 46.34 -18.32
N LEU B 21 -48.81 47.32 -18.32
CA LEU B 21 -49.05 48.05 -19.55
C LEU B 21 -48.93 49.57 -19.55
N THR B 22 -47.78 50.09 -19.95
CA THR B 22 -47.60 51.53 -20.05
C THR B 22 -47.40 52.00 -21.48
N CYS B 23 -48.20 52.95 -21.98
CA CYS B 23 -47.94 53.51 -23.32
C CYS B 23 -46.83 54.58 -23.19
N LEU B 24 -46.41 55.23 -24.27
CA LEU B 24 -45.30 56.19 -24.16
C LEU B 24 -45.33 57.30 -25.20
N VAL B 25 -45.81 58.48 -24.83
CA VAL B 25 -45.92 59.57 -25.79
C VAL B 25 -44.60 60.27 -26.05
N THR B 26 -43.75 59.64 -26.86
CA THR B 26 -42.47 60.24 -27.19
C THR B 26 -42.64 61.48 -28.06
N ASP B 27 -41.79 62.47 -27.89
CA ASP B 27 -41.85 63.72 -28.67
C ASP B 27 -43.16 64.55 -28.73
N LEU B 28 -44.04 64.44 -27.73
CA LEU B 28 -45.24 65.29 -27.66
C LEU B 28 -45.34 65.94 -26.27
N THR B 29 -45.32 67.27 -26.22
CA THR B 29 -45.36 68.00 -24.96
C THR B 29 -46.54 67.76 -24.05
N THR B 30 -46.32 67.91 -22.75
CA THR B 30 -47.42 67.74 -21.79
C THR B 30 -47.81 68.99 -21.06
N TYR B 31 -49.06 69.06 -20.63
CA TYR B 31 -49.57 70.20 -19.93
C TYR B 31 -50.62 69.48 -19.12
N ASP B 32 -51.53 68.81 -19.82
CA ASP B 32 -52.59 68.04 -19.18
C ASP B 32 -53.19 67.20 -20.27
N SER B 33 -54.51 66.96 -20.22
CA SER B 33 -55.23 66.22 -21.28
C SER B 33 -54.54 65.14 -22.10
N VAL B 34 -54.22 64.01 -21.47
CA VAL B 34 -53.62 62.90 -22.21
C VAL B 34 -54.39 61.63 -21.88
N THR B 35 -55.32 61.23 -22.74
CA THR B 35 -56.15 60.07 -22.46
C THR B 35 -55.44 58.78 -22.80
N ILE B 36 -55.11 57.98 -21.79
CA ILE B 36 -54.48 56.69 -22.05
C ILE B 36 -55.17 55.54 -21.35
N SER B 37 -55.08 54.37 -21.97
CA SER B 37 -55.62 53.15 -21.42
C SER B 37 -55.24 52.32 -22.59
N TRP B 38 -55.33 51.01 -22.50
CA TRP B 38 -55.10 50.23 -23.70
C TRP B 38 -56.52 49.81 -23.88
N THR B 39 -57.19 50.33 -24.89
CA THR B 39 -58.59 50.02 -24.98
C THR B 39 -58.67 48.54 -25.15
N ARG B 40 -59.53 47.92 -24.37
CA ARG B 40 -59.60 46.47 -24.40
C ARG B 40 -60.23 45.92 -25.64
N GLN B 41 -59.91 44.67 -25.97
CA GLN B 41 -60.61 44.03 -27.06
C GLN B 41 -62.05 43.99 -26.53
N ASN B 42 -62.23 43.70 -25.25
CA ASN B 42 -63.56 43.74 -24.62
C ASN B 42 -64.06 45.18 -24.60
N GLY B 43 -63.14 46.13 -24.64
CA GLY B 43 -63.52 47.53 -24.66
C GLY B 43 -63.59 48.24 -23.34
N GLU B 44 -63.22 47.59 -22.24
CA GLU B 44 -63.21 48.30 -20.98
C GLU B 44 -61.88 48.94 -20.78
N ALA B 45 -61.83 50.25 -20.93
CA ALA B 45 -60.61 50.98 -20.66
C ALA B 45 -60.66 51.23 -19.19
N VAL B 46 -60.55 50.18 -18.40
CA VAL B 46 -60.56 50.29 -16.96
C VAL B 46 -59.11 50.17 -16.69
N LYS B 47 -58.33 50.53 -17.69
CA LYS B 47 -56.90 50.54 -17.54
C LYS B 47 -56.64 51.90 -16.97
N THR B 48 -57.04 52.11 -15.72
CA THR B 48 -56.88 53.42 -15.16
C THR B 48 -55.41 53.65 -15.20
N HIS B 49 -55.01 54.74 -15.83
CA HIS B 49 -53.61 55.05 -15.90
C HIS B 49 -53.26 55.91 -14.70
N THR B 50 -53.13 55.29 -13.53
CA THR B 50 -52.69 56.06 -12.36
C THR B 50 -51.22 56.46 -12.52
N ASN B 51 -50.72 57.36 -11.68
CA ASN B 51 -49.33 57.80 -11.76
C ASN B 51 -48.90 58.38 -13.10
N ILE B 52 -49.70 59.28 -13.67
CA ILE B 52 -49.34 59.91 -14.94
C ILE B 52 -48.08 60.78 -14.88
N SER B 53 -47.31 60.84 -15.97
CA SER B 53 -46.03 61.58 -15.99
C SER B 53 -46.07 63.10 -16.06
N GLU B 54 -44.92 63.74 -15.83
CA GLU B 54 -44.84 65.21 -15.81
C GLU B 54 -44.85 66.01 -17.13
N SER B 55 -45.22 67.29 -17.05
CA SER B 55 -45.20 68.18 -18.24
C SER B 55 -43.86 68.10 -18.92
N HIS B 56 -43.82 68.09 -20.24
CA HIS B 56 -42.53 67.87 -20.89
C HIS B 56 -41.86 68.95 -21.69
N PRO B 57 -40.59 69.20 -21.37
CA PRO B 57 -39.84 70.17 -22.18
C PRO B 57 -39.20 69.49 -23.37
N ASN B 58 -38.78 68.23 -23.20
CA ASN B 58 -38.17 67.48 -24.28
C ASN B 58 -39.26 66.66 -24.91
N ALA B 59 -40.50 66.87 -24.48
CA ALA B 59 -41.64 66.20 -25.06
C ALA B 59 -41.77 64.67 -24.99
N THR B 60 -40.85 63.96 -24.34
CA THR B 60 -40.95 62.49 -24.35
C THR B 60 -42.01 61.86 -23.44
N PHE B 61 -42.86 62.67 -22.78
CA PHE B 61 -43.93 62.20 -21.87
C PHE B 61 -44.09 60.71 -21.76
N SER B 62 -43.61 60.12 -20.68
CA SER B 62 -43.62 58.67 -20.59
C SER B 62 -44.96 57.98 -20.55
N ALA B 63 -46.05 58.74 -20.51
CA ALA B 63 -47.38 58.17 -20.40
C ALA B 63 -47.38 57.06 -19.40
N VAL B 64 -46.79 57.33 -18.24
CA VAL B 64 -46.68 56.28 -17.25
C VAL B 64 -48.08 56.07 -16.73
N GLY B 65 -48.57 54.85 -16.88
CA GLY B 65 -49.90 54.54 -16.43
C GLY B 65 -49.79 53.06 -16.52
N GLU B 66 -48.62 52.53 -16.16
CA GLU B 66 -48.37 51.10 -16.18
C GLU B 66 -49.52 50.34 -15.61
N ALA B 67 -50.42 49.86 -16.45
CA ALA B 67 -51.58 49.22 -15.93
C ALA B 67 -51.13 47.92 -15.33
N SER B 68 -51.33 47.74 -14.04
CA SER B 68 -51.04 46.45 -13.45
C SER B 68 -52.25 45.60 -13.76
N ILE B 69 -52.44 45.27 -15.03
CA ILE B 69 -53.59 44.53 -15.45
C ILE B 69 -53.19 43.08 -15.23
N CYS B 70 -53.88 42.12 -15.82
CA CYS B 70 -53.55 40.76 -15.43
C CYS B 70 -53.28 39.54 -16.30
N GLU B 71 -52.29 38.72 -15.95
CA GLU B 71 -51.89 37.51 -16.70
C GLU B 71 -52.55 37.03 -17.97
N ASP B 72 -53.65 36.31 -17.83
CA ASP B 72 -54.26 35.74 -19.02
C ASP B 72 -54.84 36.84 -19.84
N ASP B 73 -55.36 37.88 -19.20
CA ASP B 73 -55.90 39.03 -19.91
C ASP B 73 -54.75 39.77 -20.47
N TRP B 74 -54.20 39.27 -21.56
CA TRP B 74 -53.03 39.80 -22.14
C TRP B 74 -52.87 38.71 -23.11
N ASN B 75 -52.47 37.55 -22.61
CA ASN B 75 -52.32 36.38 -23.43
C ASN B 75 -53.67 35.78 -23.70
N SER B 76 -54.53 36.47 -24.43
CA SER B 76 -55.87 35.97 -24.65
C SER B 76 -56.40 36.38 -26.01
N GLY B 77 -55.52 36.73 -26.94
CA GLY B 77 -56.00 37.21 -28.22
C GLY B 77 -56.68 38.54 -28.04
N GLU B 78 -55.87 39.56 -27.86
CA GLU B 78 -56.45 40.85 -27.61
C GLU B 78 -56.01 41.84 -28.63
N ARG B 79 -54.77 41.73 -29.12
CA ARG B 79 -54.19 42.77 -30.01
C ARG B 79 -54.57 44.07 -29.36
N PHE B 80 -54.29 44.16 -28.06
CA PHE B 80 -54.62 45.32 -27.29
C PHE B 80 -54.18 46.60 -27.99
N THR B 81 -55.05 47.59 -28.09
CA THR B 81 -54.74 48.83 -28.83
C THR B 81 -54.69 50.06 -27.96
N CYS B 82 -53.63 50.86 -28.06
CA CYS B 82 -53.50 52.01 -27.18
C CYS B 82 -53.92 53.35 -27.78
N THR B 83 -55.12 53.84 -27.47
CA THR B 83 -55.63 55.09 -28.11
C THR B 83 -55.41 56.39 -27.32
N VAL B 84 -54.57 57.28 -27.84
CA VAL B 84 -54.26 58.51 -27.12
C VAL B 84 -54.85 59.77 -27.74
N THR B 85 -56.03 60.16 -27.28
CA THR B 85 -56.67 61.36 -27.80
C THR B 85 -56.01 62.61 -27.22
N HIS B 86 -55.39 63.42 -28.08
CA HIS B 86 -54.79 64.66 -27.60
C HIS B 86 -55.72 65.85 -27.77
N THR B 87 -55.19 67.06 -27.64
CA THR B 87 -56.00 68.25 -27.73
C THR B 87 -55.37 69.17 -28.72
N ASP B 88 -54.05 69.13 -28.81
CA ASP B 88 -53.35 69.94 -29.79
C ASP B 88 -53.35 69.12 -31.05
N LEU B 89 -53.47 67.81 -30.90
CA LEU B 89 -53.53 66.92 -32.05
C LEU B 89 -54.74 66.05 -31.80
N PRO B 90 -55.94 66.54 -32.13
CA PRO B 90 -57.16 65.78 -31.84
C PRO B 90 -57.04 64.31 -32.13
N SER B 91 -56.52 63.95 -33.30
CA SER B 91 -56.37 62.54 -33.68
C SER B 91 -55.87 61.64 -32.55
N PRO B 92 -56.68 60.62 -32.22
CA PRO B 92 -56.22 59.68 -31.21
C PRO B 92 -55.03 58.92 -31.76
N LEU B 93 -53.87 59.01 -31.12
CA LEU B 93 -52.75 58.21 -31.61
C LEU B 93 -52.82 56.79 -31.07
N LYS B 94 -53.07 55.84 -31.95
CA LYS B 94 -53.24 54.47 -31.51
C LYS B 94 -52.39 53.44 -32.23
N GLN B 95 -51.76 52.54 -31.48
CA GLN B 95 -50.96 51.47 -32.08
C GLN B 95 -51.25 50.21 -31.27
N THR B 96 -51.19 49.05 -31.90
CA THR B 96 -51.52 47.80 -31.21
C THR B 96 -50.37 46.81 -31.18
N ILE B 97 -50.22 46.08 -30.07
CA ILE B 97 -49.09 45.15 -29.93
C ILE B 97 -49.48 43.88 -29.21
N SER B 98 -50.21 44.01 -28.09
CA SER B 98 -50.62 42.84 -27.27
C SER B 98 -49.38 42.16 -26.77
N ARG B 99 -49.49 40.86 -26.58
CA ARG B 99 -48.35 40.07 -26.22
C ARG B 99 -48.10 39.58 -27.62
N PRO B 100 -47.02 40.09 -28.25
CA PRO B 100 -46.64 39.78 -29.62
C PRO B 100 -46.94 38.36 -30.12
N LYS B 101 -47.64 38.31 -31.23
CA LYS B 101 -48.01 37.05 -31.85
C LYS B 101 -47.03 36.74 -32.96
N GLY B 102 -47.23 35.58 -33.58
CA GLY B 102 -46.43 35.10 -34.69
C GLY B 102 -45.12 34.40 -34.36
N VAL B 103 -44.68 34.51 -33.13
CA VAL B 103 -43.41 33.94 -32.73
C VAL B 103 -43.51 32.50 -32.26
N ALA B 104 -42.56 31.70 -32.67
CA ALA B 104 -42.51 30.29 -32.33
C ALA B 104 -41.74 30.15 -31.05
N LEU B 105 -41.99 29.12 -30.27
CA LEU B 105 -41.30 28.95 -29.01
C LEU B 105 -40.48 27.68 -28.96
N HIS B 106 -39.28 27.82 -28.41
CA HIS B 106 -38.42 26.74 -28.07
C HIS B 106 -38.10 26.90 -26.61
N ARG B 107 -37.65 25.84 -26.00
CA ARG B 107 -37.39 25.91 -24.61
C ARG B 107 -35.93 25.98 -24.46
N PRO B 108 -35.43 26.83 -23.58
CA PRO B 108 -33.99 26.87 -23.45
C PRO B 108 -33.47 25.67 -22.85
N ASP B 109 -32.39 25.07 -23.29
CA ASP B 109 -31.86 23.95 -22.59
C ASP B 109 -30.81 24.57 -21.74
N VAL B 110 -30.83 24.52 -20.43
CA VAL B 110 -29.81 25.17 -19.68
C VAL B 110 -28.85 24.24 -19.10
N TYR B 111 -27.54 24.40 -19.31
CA TYR B 111 -26.55 23.53 -18.70
C TYR B 111 -25.66 24.32 -17.89
N LEU B 112 -25.32 23.92 -16.70
CA LEU B 112 -24.47 24.66 -15.82
C LEU B 112 -23.14 23.95 -15.83
N LEU B 113 -22.01 24.65 -15.94
CA LEU B 113 -20.65 24.15 -16.09
C LEU B 113 -19.85 24.46 -14.84
N PRO B 114 -19.14 23.50 -14.27
CA PRO B 114 -18.30 23.77 -13.10
C PRO B 114 -17.08 24.58 -13.49
N PRO B 115 -16.38 25.17 -12.52
CA PRO B 115 -15.19 25.95 -12.85
C PRO B 115 -14.07 25.07 -13.39
N ALA B 116 -13.20 25.68 -14.20
CA ALA B 116 -12.05 24.97 -14.72
C ALA B 116 -11.08 24.63 -13.60
N ARG B 117 -10.55 23.44 -13.67
CA ARG B 117 -9.67 22.96 -12.66
C ARG B 117 -8.43 23.68 -12.62
N GLU B 118 -8.17 24.49 -13.60
CA GLU B 118 -6.97 25.25 -13.66
C GLU B 118 -7.17 26.58 -13.08
N GLN B 119 -8.37 26.92 -12.67
CA GLN B 119 -8.70 28.15 -12.06
C GLN B 119 -8.81 27.95 -10.64
N LEU B 120 -9.14 26.79 -10.19
CA LEU B 120 -9.27 26.53 -8.80
C LEU B 120 -7.89 26.44 -8.26
N ASN B 121 -6.94 25.97 -9.00
CA ASN B 121 -5.57 25.96 -8.61
C ASN B 121 -5.04 27.26 -8.10
N LEU B 122 -5.34 28.35 -8.76
CA LEU B 122 -4.89 29.59 -8.36
C LEU B 122 -5.46 29.87 -7.08
N ARG B 123 -6.48 29.15 -6.67
CA ARG B 123 -7.05 29.35 -5.33
C ARG B 123 -7.54 30.77 -5.12
N GLU B 124 -7.91 31.47 -6.19
CA GLU B 124 -8.41 32.83 -6.08
C GLU B 124 -9.94 32.86 -6.07
N SER B 125 -10.56 32.42 -7.16
CA SER B 125 -12.01 32.46 -7.28
C SER B 125 -12.45 31.27 -8.13
N ALA B 126 -13.76 31.14 -8.28
CA ALA B 126 -14.35 30.13 -9.14
C ALA B 126 -15.49 30.76 -9.93
N THR B 127 -15.46 30.57 -11.24
CA THR B 127 -16.43 31.16 -12.15
C THR B 127 -17.32 30.05 -12.72
N ILE B 128 -18.55 30.00 -12.23
CA ILE B 128 -19.52 29.01 -12.69
C ILE B 128 -20.37 29.62 -13.80
N THR B 129 -20.51 28.91 -14.91
CA THR B 129 -21.20 29.45 -16.08
C THR B 129 -22.49 28.68 -16.33
N CYS B 130 -23.58 29.42 -16.43
CA CYS B 130 -24.89 28.89 -16.80
C CYS B 130 -25.11 29.22 -18.27
N LEU B 131 -25.25 28.20 -19.09
CA LEU B 131 -25.37 28.35 -20.53
C LEU B 131 -26.77 27.94 -20.95
N VAL B 132 -27.62 28.92 -21.22
CA VAL B 132 -28.96 28.65 -21.73
C VAL B 132 -28.89 28.77 -23.24
N THR B 133 -29.25 27.75 -23.94
CA THR B 133 -29.08 27.80 -25.34
C THR B 133 -30.22 27.22 -25.93
N GLY B 134 -30.81 27.87 -26.90
CA GLY B 134 -31.92 27.25 -27.54
C GLY B 134 -33.17 28.00 -27.56
N PHE B 135 -33.43 28.90 -26.65
CA PHE B 135 -34.71 29.53 -26.66
C PHE B 135 -35.22 30.29 -27.83
N SER B 136 -36.51 30.50 -27.92
CA SER B 136 -37.04 31.20 -29.07
C SER B 136 -37.07 32.64 -28.91
N PRO B 137 -38.18 33.22 -28.45
CA PRO B 137 -38.38 34.64 -28.30
C PRO B 137 -37.31 34.97 -27.36
N ALA B 138 -36.30 35.70 -27.75
CA ALA B 138 -35.19 35.93 -26.88
C ALA B 138 -35.53 36.78 -25.75
N ASP B 139 -35.97 36.18 -24.68
CA ASP B 139 -36.27 36.86 -23.48
C ASP B 139 -36.03 35.77 -22.56
N VAL B 140 -34.97 35.82 -21.80
CA VAL B 140 -34.68 34.79 -20.87
C VAL B 140 -34.20 35.49 -19.68
N PHE B 141 -34.72 35.14 -18.55
CA PHE B 141 -34.39 35.79 -17.28
C PHE B 141 -33.74 34.77 -16.35
N VAL B 142 -32.51 35.03 -15.94
CA VAL B 142 -31.71 34.07 -15.19
C VAL B 142 -31.29 34.67 -13.86
N GLN B 143 -31.44 33.89 -12.79
CA GLN B 143 -30.97 34.22 -11.45
C GLN B 143 -30.09 33.11 -10.93
N TRP B 144 -29.34 33.45 -9.89
CA TRP B 144 -28.44 32.51 -9.22
C TRP B 144 -28.87 32.42 -7.76
N MET B 145 -28.84 31.25 -7.20
CA MET B 145 -29.26 31.10 -5.85
C MET B 145 -28.52 30.04 -5.24
N GLN B 146 -28.19 30.15 -3.99
CA GLN B 146 -27.51 29.07 -3.37
C GLN B 146 -28.22 28.78 -2.10
N ARG B 147 -28.68 27.54 -1.98
CA ARG B 147 -29.51 27.01 -0.91
C ARG B 147 -30.74 27.84 -0.90
N GLY B 148 -31.59 27.66 -1.86
CA GLY B 148 -32.81 28.44 -1.87
C GLY B 148 -32.71 29.93 -2.05
N GLN B 149 -32.33 30.65 -1.02
CA GLN B 149 -32.25 32.08 -1.04
C GLN B 149 -31.44 32.58 -2.19
N PRO B 150 -31.96 33.53 -2.96
CA PRO B 150 -31.37 34.08 -4.15
C PRO B 150 -30.19 34.86 -3.89
N LEU B 151 -29.21 34.78 -4.76
CA LEU B 151 -27.93 35.43 -4.65
C LEU B 151 -28.07 36.76 -5.19
N SER B 152 -27.46 37.73 -4.51
CA SER B 152 -27.57 39.12 -4.87
C SER B 152 -26.79 39.42 -6.06
N PRO B 153 -27.39 40.07 -7.00
CA PRO B 153 -27.09 40.53 -8.34
C PRO B 153 -25.76 41.13 -8.68
N GLU B 154 -24.82 41.29 -7.79
CA GLU B 154 -23.56 41.80 -8.22
C GLU B 154 -22.56 40.73 -8.07
N LYS B 155 -22.96 39.51 -8.34
CA LYS B 155 -22.05 38.44 -8.28
C LYS B 155 -22.07 37.94 -9.66
N TYR B 156 -23.20 37.60 -10.22
CA TYR B 156 -23.19 37.19 -11.58
C TYR B 156 -23.47 38.28 -12.48
N VAL B 157 -23.19 38.06 -13.74
CA VAL B 157 -23.48 38.91 -14.89
C VAL B 157 -23.97 38.03 -16.03
N THR B 158 -24.99 38.51 -16.74
CA THR B 158 -25.65 37.76 -17.81
C THR B 158 -25.50 38.54 -19.11
N SER B 159 -25.04 37.87 -20.16
CA SER B 159 -24.96 38.51 -21.46
C SER B 159 -26.35 38.57 -22.10
N ALA B 160 -26.54 39.58 -22.95
CA ALA B 160 -27.77 39.67 -23.71
C ALA B 160 -27.86 38.51 -24.71
N PRO B 161 -29.06 38.03 -24.99
CA PRO B 161 -29.20 36.90 -25.93
C PRO B 161 -28.62 37.23 -27.29
N MET B 162 -27.98 36.23 -27.89
CA MET B 162 -27.42 36.34 -29.23
C MET B 162 -27.90 35.16 -30.06
N PRO B 163 -28.14 35.36 -31.36
CA PRO B 163 -28.60 34.25 -32.19
C PRO B 163 -27.54 33.16 -32.30
N GLU B 164 -28.01 31.92 -32.30
CA GLU B 164 -27.10 30.80 -32.52
C GLU B 164 -26.72 30.74 -33.99
N PRO B 165 -25.44 30.75 -34.24
CA PRO B 165 -25.01 30.70 -35.62
C PRO B 165 -25.51 29.38 -36.22
N GLN B 166 -25.81 28.41 -35.39
CA GLN B 166 -26.33 27.17 -35.89
C GLN B 166 -27.80 27.29 -36.16
N ALA B 167 -28.63 26.95 -35.18
CA ALA B 167 -30.06 27.03 -35.30
C ALA B 167 -30.41 28.41 -35.68
N PRO B 168 -31.06 28.58 -36.81
CA PRO B 168 -31.33 29.95 -37.22
C PRO B 168 -32.41 30.63 -36.48
N GLY B 169 -33.27 29.91 -35.82
CA GLY B 169 -34.30 30.58 -35.09
C GLY B 169 -33.85 30.88 -33.70
N ARG B 170 -33.20 29.91 -33.07
CA ARG B 170 -32.74 29.99 -31.69
C ARG B 170 -31.76 31.03 -31.26
N TYR B 171 -31.61 31.19 -29.97
CA TYR B 171 -30.77 32.17 -29.30
C TYR B 171 -30.07 31.48 -28.14
N PHE B 172 -29.01 32.13 -27.64
CA PHE B 172 -28.26 31.61 -26.51
C PHE B 172 -27.86 32.75 -25.59
N ALA B 173 -27.54 32.42 -24.34
CA ALA B 173 -27.07 33.38 -23.35
C ALA B 173 -26.22 32.63 -22.33
N HIS B 174 -25.22 33.32 -21.80
CA HIS B 174 -24.34 32.77 -20.78
C HIS B 174 -24.26 33.73 -19.61
N SER B 175 -24.46 33.20 -18.40
CA SER B 175 -24.45 33.98 -17.16
C SER B 175 -23.36 33.42 -16.26
N ILE B 176 -22.41 34.25 -15.86
CA ILE B 176 -21.33 33.76 -15.01
C ILE B 176 -21.51 34.28 -13.58
N LEU B 177 -21.11 33.44 -12.63
CA LEU B 177 -21.10 33.76 -11.22
C LEU B 177 -19.70 33.52 -10.69
N THR B 178 -19.13 34.55 -10.04
CA THR B 178 -17.79 34.46 -9.47
C THR B 178 -17.92 34.37 -7.97
N VAL B 179 -17.54 33.23 -7.40
CA VAL B 179 -17.59 33.00 -5.97
C VAL B 179 -16.16 32.81 -5.46
N SER B 180 -15.95 33.07 -4.21
CA SER B 180 -14.64 32.94 -3.70
C SER B 180 -14.37 31.53 -3.71
N GLU B 181 -13.21 31.15 -4.11
CA GLU B 181 -12.92 29.78 -4.25
C GLU B 181 -12.95 28.95 -3.08
N GLU B 182 -12.68 29.44 -1.88
CA GLU B 182 -12.74 28.59 -0.71
C GLU B 182 -14.12 28.05 -0.63
N GLU B 183 -15.16 28.88 -0.72
CA GLU B 183 -16.55 28.50 -0.72
C GLU B 183 -16.77 27.42 -1.67
N TRP B 184 -16.34 27.52 -2.90
CA TRP B 184 -16.55 26.44 -3.82
C TRP B 184 -15.92 25.17 -3.52
N ASN B 185 -14.92 25.05 -2.65
CA ASN B 185 -14.35 23.78 -2.29
C ASN B 185 -14.89 23.33 -0.97
N THR B 186 -15.93 23.98 -0.56
CA THR B 186 -16.67 23.59 0.61
C THR B 186 -17.85 22.72 0.12
N GLY B 187 -17.90 22.42 -1.17
CA GLY B 187 -18.95 21.64 -1.77
C GLY B 187 -20.26 22.24 -1.46
N GLU B 188 -20.47 23.48 -1.85
CA GLU B 188 -21.71 24.19 -1.61
C GLU B 188 -22.46 24.17 -2.84
N THR B 189 -23.76 23.98 -2.86
CA THR B 189 -24.42 23.92 -4.14
C THR B 189 -24.91 25.23 -4.58
N TYR B 190 -24.73 25.60 -5.85
CA TYR B 190 -25.21 26.84 -6.37
C TYR B 190 -26.11 26.53 -7.45
N THR B 191 -27.29 27.12 -7.52
CA THR B 191 -28.17 26.75 -8.59
C THR B 191 -28.51 27.85 -9.52
N CYS B 192 -28.70 27.56 -10.76
CA CYS B 192 -29.05 28.52 -11.79
C CYS B 192 -30.52 28.32 -12.14
N VAL B 193 -31.34 29.35 -11.93
CA VAL B 193 -32.74 29.31 -12.30
C VAL B 193 -32.93 30.19 -13.53
N VAL B 194 -33.60 29.65 -14.54
CA VAL B 194 -33.80 30.37 -15.80
C VAL B 194 -35.26 30.28 -16.19
N ALA B 195 -35.84 31.41 -16.57
CA ALA B 195 -37.25 31.55 -16.87
C ALA B 195 -37.42 32.00 -18.33
N HIS B 196 -38.30 31.30 -19.04
CA HIS B 196 -38.59 31.54 -20.45
C HIS B 196 -39.96 30.94 -20.74
N GLU B 197 -40.62 31.43 -21.80
CA GLU B 197 -41.96 30.95 -22.12
C GLU B 197 -41.96 29.46 -22.46
N ALA B 198 -41.07 29.05 -23.35
CA ALA B 198 -41.12 27.69 -23.90
C ALA B 198 -40.93 26.61 -22.86
N LEU B 199 -40.65 27.09 -21.64
CA LEU B 199 -40.36 26.27 -20.49
C LEU B 199 -41.69 25.90 -19.99
N PRO B 200 -41.95 24.57 -19.84
CA PRO B 200 -43.22 23.94 -19.55
C PRO B 200 -43.86 24.64 -18.48
N ASN B 201 -43.16 24.66 -17.39
CA ASN B 201 -43.67 25.19 -16.19
C ASN B 201 -43.28 26.59 -15.86
N ARG B 202 -42.79 27.22 -16.91
CA ARG B 202 -42.26 28.53 -17.04
C ARG B 202 -40.92 28.74 -16.49
N VAL B 203 -40.27 27.82 -15.75
CA VAL B 203 -38.93 27.97 -15.20
C VAL B 203 -38.23 26.63 -15.29
N THR B 204 -36.91 26.65 -15.10
CA THR B 204 -36.17 25.42 -14.87
C THR B 204 -34.91 25.75 -14.08
N GLU B 205 -34.34 24.73 -13.45
CA GLU B 205 -33.25 24.86 -12.51
C GLU B 205 -32.14 23.89 -12.86
N ARG B 206 -30.90 24.30 -12.58
CA ARG B 206 -29.76 23.41 -12.66
C ARG B 206 -28.89 23.59 -11.43
N THR B 207 -28.33 22.50 -10.92
CA THR B 207 -27.55 22.54 -9.69
C THR B 207 -26.12 22.09 -9.96
N VAL B 208 -25.17 22.82 -9.39
CA VAL B 208 -23.76 22.48 -9.51
C VAL B 208 -23.16 22.44 -8.10
N ASP B 209 -22.16 21.60 -7.93
CA ASP B 209 -21.55 21.37 -6.63
C ASP B 209 -20.07 21.05 -6.86
N LYS B 210 -19.33 20.92 -5.77
CA LYS B 210 -17.91 20.59 -5.87
C LYS B 210 -17.69 19.25 -6.55
N SER B 211 -18.63 18.33 -6.42
CA SER B 211 -18.47 16.97 -6.90
C SER B 211 -19.24 16.70 -8.20
N THR B 212 -19.59 17.73 -8.96
CA THR B 212 -20.36 17.50 -10.17
C THR B 212 -19.50 16.87 -11.26
N GLY B 213 -18.21 17.19 -11.30
CA GLY B 213 -17.31 16.67 -12.30
C GLY B 213 -16.22 15.75 -11.80
N LYS B 214 -16.35 15.20 -10.60
CA LYS B 214 -15.29 14.35 -10.06
C LYS B 214 -15.12 13.12 -10.93
N PRO B 215 -13.89 12.70 -11.23
CA PRO B 215 -13.69 11.52 -12.07
C PRO B 215 -14.08 10.25 -11.33
N THR B 216 -14.64 9.29 -12.08
CA THR B 216 -15.08 8.04 -11.48
C THR B 216 -13.91 7.13 -11.15
N LEU B 217 -12.95 7.00 -12.06
CA LEU B 217 -11.86 6.04 -11.92
C LEU B 217 -10.52 6.76 -11.87
N TYR B 218 -9.76 6.50 -10.82
CA TYR B 218 -8.32 6.77 -10.80
C TYR B 218 -7.60 5.46 -11.06
N ASN B 219 -7.60 5.01 -12.31
CA ASN B 219 -7.07 3.70 -12.68
C ASN B 219 -5.57 3.83 -12.89
N VAL B 220 -4.81 3.59 -11.83
CA VAL B 220 -3.36 3.72 -11.86
C VAL B 220 -2.74 2.34 -11.95
N SER B 221 -1.47 2.30 -12.36
CA SER B 221 -0.72 1.07 -12.48
C SER B 221 0.76 1.38 -12.28
N LEU B 222 1.32 0.89 -11.18
CA LEU B 222 2.71 1.16 -10.83
C LEU B 222 3.55 -0.07 -11.12
N VAL B 223 4.61 0.11 -11.90
CA VAL B 223 5.55 -0.96 -12.23
C VAL B 223 6.90 -0.57 -11.67
N MET B 224 7.28 -1.16 -10.55
CA MET B 224 8.50 -0.81 -9.85
C MET B 224 9.50 -1.96 -9.98
N SER B 225 10.65 -1.67 -10.56
CA SER B 225 11.67 -2.69 -10.81
C SER B 225 13.03 -2.16 -10.41
N ASP B 226 13.90 -3.08 -9.98
CA ASP B 226 15.30 -2.77 -9.72
C ASP B 226 16.19 -3.22 -10.88
N THR B 227 15.61 -3.78 -11.93
CA THR B 227 16.34 -4.25 -13.10
C THR B 227 15.93 -3.41 -14.30
N ALA B 228 16.92 -2.89 -15.02
CA ALA B 228 16.66 -2.05 -16.18
C ALA B 228 15.98 -2.86 -17.29
N ILE C 1 -80.80 20.57 -3.21
CA ILE C 1 -81.12 21.59 -2.23
C ILE C 1 -79.83 22.27 -1.75
N ARG C 2 -78.90 21.49 -1.21
CA ARG C 2 -77.64 22.04 -0.76
C ARG C 2 -76.78 22.44 -1.94
N VAL C 3 -76.05 23.55 -1.79
CA VAL C 3 -75.10 24.02 -2.78
C VAL C 3 -73.72 24.02 -2.15
N PHE C 4 -72.79 23.28 -2.76
CA PHE C 4 -71.43 23.19 -2.28
C PHE C 4 -70.53 23.84 -3.32
N ALA C 5 -69.32 24.22 -2.93
CA ALA C 5 -68.42 24.95 -3.81
C ALA C 5 -66.99 24.50 -3.60
N ILE C 6 -66.25 24.36 -4.69
CA ILE C 6 -64.84 23.97 -4.64
C ILE C 6 -63.97 25.19 -4.93
N PRO C 7 -63.25 25.71 -3.95
CA PRO C 7 -62.27 26.77 -4.23
C PRO C 7 -61.17 26.24 -5.12
N PRO C 8 -60.59 27.08 -5.98
CA PRO C 8 -59.52 26.60 -6.87
C PRO C 8 -58.36 26.02 -6.08
N SER C 9 -57.82 24.92 -6.58
CA SER C 9 -56.69 24.24 -5.98
C SER C 9 -55.44 24.49 -6.82
N PHE C 10 -54.31 24.69 -6.12
CA PHE C 10 -53.08 25.08 -6.80
C PHE C 10 -52.56 23.95 -7.70
N ALA C 11 -52.84 22.70 -7.34
CA ALA C 11 -52.52 21.59 -8.23
C ALA C 11 -53.29 21.72 -9.55
N SER C 12 -54.60 22.03 -9.46
CA SER C 12 -55.38 22.26 -10.66
C SER C 12 -54.90 23.51 -11.40
N ILE C 13 -54.50 24.54 -10.66
CA ILE C 13 -54.00 25.75 -11.28
C ILE C 13 -52.75 25.46 -12.11
N PHE C 14 -51.83 24.67 -11.57
CA PHE C 14 -50.60 24.37 -12.28
C PHE C 14 -50.85 23.40 -13.45
N LEU C 15 -51.67 22.37 -13.24
CA LEU C 15 -51.89 21.39 -14.28
C LEU C 15 -52.68 21.97 -15.44
N THR C 16 -53.79 22.66 -15.14
CA THR C 16 -54.65 23.22 -16.17
C THR C 16 -54.15 24.55 -16.70
N LYS C 17 -53.16 25.16 -16.05
CA LYS C 17 -52.52 26.42 -16.43
C LYS C 17 -53.41 27.61 -16.14
N SER C 18 -54.68 27.40 -15.80
CA SER C 18 -55.62 28.48 -15.57
C SER C 18 -56.38 28.23 -14.26
N THR C 19 -56.82 29.32 -13.65
CA THR C 19 -57.53 29.25 -12.38
C THR C 19 -59.02 29.02 -12.63
N LYS C 20 -59.53 27.89 -12.17
CA LYS C 20 -60.91 27.48 -12.38
C LYS C 20 -61.64 27.42 -11.04
N LEU C 21 -62.80 28.06 -10.97
CA LEU C 21 -63.65 28.03 -9.79
C LEU C 21 -64.97 27.33 -10.13
N THR C 22 -65.43 26.47 -9.22
CA THR C 22 -66.52 25.55 -9.50
C THR C 22 -67.54 25.59 -8.36
N CYS C 23 -68.83 25.58 -8.73
CA CYS C 23 -69.94 25.58 -7.80
C CYS C 23 -70.92 24.48 -8.17
N LEU C 24 -71.08 23.50 -7.28
CA LEU C 24 -71.94 22.34 -7.52
C LEU C 24 -73.24 22.50 -6.73
N VAL C 25 -74.36 22.09 -7.34
CA VAL C 25 -75.65 22.05 -6.67
C VAL C 25 -76.21 20.64 -6.77
N THR C 26 -76.73 20.14 -5.64
CA THR C 26 -77.14 18.75 -5.52
C THR C 26 -78.50 18.67 -4.83
N ASP C 27 -79.02 17.44 -4.72
CA ASP C 27 -80.31 17.07 -4.14
C ASP C 27 -81.49 17.79 -4.78
N LEU C 28 -81.31 18.40 -5.95
CA LEU C 28 -82.45 18.87 -6.72
C LEU C 28 -82.94 17.74 -7.63
N THR C 29 -84.17 17.90 -8.12
CA THR C 29 -84.71 16.95 -9.08
C THR C 29 -84.32 17.35 -10.48
N THR C 30 -84.40 16.37 -11.39
CA THR C 30 -84.08 16.64 -12.80
C THR C 30 -84.97 17.74 -13.32
N TYR C 31 -84.38 18.92 -13.56
CA TYR C 31 -85.16 20.11 -13.85
C TYR C 31 -84.34 21.02 -14.76
N ASP C 32 -85.04 21.76 -15.61
CA ASP C 32 -84.42 22.59 -16.63
C ASP C 32 -84.42 24.05 -16.21
N SER C 33 -83.81 24.89 -17.06
CA SER C 33 -83.71 26.33 -16.83
C SER C 33 -83.03 26.65 -15.51
N VAL C 34 -82.10 25.79 -15.09
CA VAL C 34 -81.34 26.04 -13.87
C VAL C 34 -80.35 27.17 -14.12
N THR C 35 -80.31 28.14 -13.21
CA THR C 35 -79.45 29.31 -13.34
C THR C 35 -78.38 29.29 -12.26
N ILE C 36 -77.13 29.09 -12.70
CA ILE C 36 -75.95 29.08 -11.84
C ILE C 36 -75.02 30.17 -12.33
N SER C 37 -74.53 31.01 -11.42
CA SER C 37 -73.65 32.10 -11.81
C SER C 37 -72.57 32.35 -10.77
N TRP C 38 -71.43 32.86 -11.24
CA TRP C 38 -70.30 33.23 -10.40
C TRP C 38 -70.04 34.72 -10.58
N THR C 39 -69.74 35.41 -9.48
CA THR C 39 -69.54 36.85 -9.52
C THR C 39 -68.42 37.27 -8.58
N ARG C 40 -67.81 38.39 -8.91
CA ARG C 40 -66.83 39.07 -8.08
C ARG C 40 -67.53 39.79 -6.92
N GLN C 41 -66.75 40.18 -5.91
CA GLN C 41 -67.28 41.04 -4.86
C GLN C 41 -67.89 42.31 -5.43
N ASN C 42 -67.28 42.85 -6.49
CA ASN C 42 -67.86 43.98 -7.20
C ASN C 42 -69.15 43.60 -7.92
N GLY C 43 -69.34 42.32 -8.23
CA GLY C 43 -70.50 41.86 -8.95
C GLY C 43 -70.32 41.67 -10.43
N GLU C 44 -69.09 41.71 -10.93
CA GLU C 44 -68.86 41.53 -12.36
C GLU C 44 -69.20 40.10 -12.77
N ALA C 45 -69.86 39.98 -13.92
CA ALA C 45 -70.22 38.67 -14.43
C ALA C 45 -68.99 37.92 -14.93
N VAL C 46 -69.13 36.61 -15.06
CA VAL C 46 -68.04 35.75 -15.52
C VAL C 46 -68.49 35.01 -16.77
N LYS C 47 -67.61 34.17 -17.31
CA LYS C 47 -67.94 33.38 -18.49
C LYS C 47 -69.08 32.43 -18.19
N THR C 48 -69.94 32.23 -19.20
CA THR C 48 -71.09 31.35 -19.03
C THR C 48 -70.64 29.94 -18.71
N HIS C 49 -71.27 29.34 -17.70
CA HIS C 49 -70.96 27.99 -17.28
C HIS C 49 -71.62 27.00 -18.23
N THR C 50 -70.81 26.14 -18.84
CA THR C 50 -71.28 25.18 -19.83
C THR C 50 -70.92 23.77 -19.41
N ASN C 51 -71.65 22.81 -19.99
CA ASN C 51 -71.44 21.38 -19.75
C ASN C 51 -71.60 21.03 -18.28
N ILE C 52 -72.78 21.34 -17.75
CA ILE C 52 -73.07 21.03 -16.36
C ILE C 52 -73.21 19.53 -16.18
N SER C 53 -73.14 19.09 -14.93
CA SER C 53 -73.24 17.67 -14.62
C SER C 53 -74.66 17.17 -14.83
N GLU C 54 -74.78 15.86 -15.00
CA GLU C 54 -76.06 15.20 -15.21
C GLU C 54 -76.63 14.70 -13.89
N SER C 55 -77.85 14.17 -13.95
CA SER C 55 -78.50 13.65 -12.76
C SER C 55 -77.78 12.40 -12.26
N HIS C 56 -77.54 12.35 -10.95
CA HIS C 56 -76.89 11.20 -10.37
C HIS C 56 -77.87 10.03 -10.32
N PRO C 57 -77.37 8.78 -10.37
CA PRO C 57 -78.29 7.63 -10.39
C PRO C 57 -79.32 7.60 -9.27
N ASN C 58 -79.09 8.30 -8.15
CA ASN C 58 -80.08 8.34 -7.08
C ASN C 58 -81.08 9.47 -7.24
N ALA C 59 -81.33 9.93 -8.47
CA ALA C 59 -82.23 11.01 -8.85
C ALA C 59 -81.74 12.37 -8.40
N THR C 60 -80.53 12.49 -7.87
CA THR C 60 -79.98 13.78 -7.52
C THR C 60 -79.53 14.53 -8.78
N PHE C 61 -80.09 15.71 -8.99
CA PHE C 61 -79.70 16.55 -10.11
C PHE C 61 -78.55 17.45 -9.68
N SER C 62 -77.34 17.07 -10.07
CA SER C 62 -76.14 17.83 -9.76
C SER C 62 -75.76 18.69 -10.95
N ALA C 63 -75.60 19.99 -10.72
CA ALA C 63 -75.19 20.91 -11.76
C ALA C 63 -73.94 21.65 -11.32
N VAL C 64 -72.95 21.72 -12.20
CA VAL C 64 -71.67 22.35 -11.90
C VAL C 64 -71.52 23.59 -12.76
N GLY C 65 -71.31 24.73 -12.10
CA GLY C 65 -70.94 25.95 -12.78
C GLY C 65 -69.46 26.20 -12.62
N GLU C 66 -68.71 26.10 -13.71
CA GLU C 66 -67.27 26.29 -13.71
C GLU C 66 -66.92 27.54 -14.51
N ALA C 67 -65.96 28.31 -14.00
CA ALA C 67 -65.55 29.54 -14.67
C ALA C 67 -64.04 29.69 -14.55
N SER C 68 -63.48 30.46 -15.48
CA SER C 68 -62.05 30.73 -15.52
C SER C 68 -61.81 32.18 -15.10
N ILE C 69 -60.84 32.38 -14.22
CA ILE C 69 -60.46 33.72 -13.75
C ILE C 69 -58.95 33.87 -13.88
N CYS C 70 -58.49 35.09 -13.66
CA CYS C 70 -57.07 35.37 -13.65
C CYS C 70 -56.45 34.97 -12.32
N GLU C 71 -55.16 34.62 -12.35
CA GLU C 71 -54.45 34.30 -11.12
C GLU C 71 -54.38 35.49 -10.19
N ASP C 72 -54.31 36.71 -10.75
CA ASP C 72 -54.33 37.92 -9.95
C ASP C 72 -55.66 38.08 -9.21
N ASP C 73 -56.73 37.47 -9.71
CA ASP C 73 -58.00 37.50 -8.99
C ASP C 73 -57.98 36.56 -7.79
N TRP C 74 -57.42 35.36 -7.96
CA TRP C 74 -57.52 34.35 -6.91
C TRP C 74 -56.46 34.55 -5.83
N ASN C 75 -55.26 35.03 -6.21
CA ASN C 75 -54.20 35.21 -5.22
C ASN C 75 -54.57 36.29 -4.20
N SER C 76 -55.23 37.37 -4.63
CA SER C 76 -55.78 38.32 -3.68
C SER C 76 -56.85 37.66 -2.82
N GLY C 77 -57.68 36.82 -3.43
CA GLY C 77 -58.60 35.97 -2.68
C GLY C 77 -59.84 36.64 -2.14
N GLU C 78 -60.38 37.65 -2.83
CA GLU C 78 -61.65 38.22 -2.42
C GLU C 78 -62.75 37.17 -2.58
N ARG C 79 -63.74 37.21 -1.67
CA ARG C 79 -64.74 36.16 -1.58
C ARG C 79 -65.51 36.08 -2.90
N PHE C 80 -65.38 34.96 -3.62
CA PHE C 80 -66.16 34.80 -4.84
C PHE C 80 -67.59 34.39 -4.49
N THR C 81 -68.57 35.03 -5.13
CA THR C 81 -69.97 34.83 -4.80
C THR C 81 -70.62 33.93 -5.84
N CYS C 82 -71.13 32.79 -5.39
CA CYS C 82 -71.86 31.85 -6.23
C CYS C 82 -73.35 32.03 -5.96
N THR C 83 -74.12 32.28 -7.01
CA THR C 83 -75.56 32.43 -6.90
C THR C 83 -76.26 31.31 -7.67
N VAL C 84 -77.23 30.66 -7.02
CA VAL C 84 -78.03 29.59 -7.61
C VAL C 84 -79.48 30.05 -7.52
N THR C 85 -80.08 30.40 -8.65
CA THR C 85 -81.49 30.80 -8.67
C THR C 85 -82.29 29.67 -9.27
N HIS C 86 -83.10 29.01 -8.46
CA HIS C 86 -83.82 27.80 -8.85
C HIS C 86 -85.29 27.94 -8.49
N THR C 87 -86.14 27.33 -9.32
CA THR C 87 -87.57 27.36 -9.06
C THR C 87 -87.93 26.52 -7.84
N ASP C 88 -87.32 25.34 -7.71
CA ASP C 88 -87.59 24.49 -6.55
C ASP C 88 -87.13 25.15 -5.27
N LEU C 89 -85.95 25.78 -5.29
CA LEU C 89 -85.46 26.48 -4.12
C LEU C 89 -86.33 27.71 -3.87
N PRO C 90 -86.86 27.89 -2.65
CA PRO C 90 -87.70 29.08 -2.39
C PRO C 90 -86.98 30.40 -2.65
N SER C 91 -85.69 30.46 -2.36
CA SER C 91 -84.89 31.65 -2.62
C SER C 91 -83.55 31.21 -3.22
N PRO C 92 -82.94 32.06 -4.04
CA PRO C 92 -81.61 31.73 -4.56
C PRO C 92 -80.61 31.58 -3.42
N LEU C 93 -79.68 30.64 -3.60
CA LEU C 93 -78.70 30.30 -2.56
C LEU C 93 -77.34 30.87 -2.94
N LYS C 94 -76.60 31.30 -1.91
CA LYS C 94 -75.31 31.94 -2.10
C LYS C 94 -74.20 31.07 -1.49
N GLN C 95 -73.09 30.96 -2.20
CA GLN C 95 -71.92 30.22 -1.76
C GLN C 95 -70.69 31.12 -1.83
N THR C 96 -69.72 30.84 -0.96
CA THR C 96 -68.51 31.65 -0.87
C THR C 96 -67.28 30.74 -0.97
N ILE C 97 -66.37 31.08 -1.88
CA ILE C 97 -65.06 30.44 -1.95
C ILE C 97 -64.00 31.51 -1.76
N SER C 98 -62.91 31.12 -1.09
CA SER C 98 -61.82 32.02 -0.75
C SER C 98 -60.64 31.21 -0.26
N ARG C 99 -59.44 31.61 -0.66
CA ARG C 99 -58.25 30.99 -0.11
C ARG C 99 -58.01 31.50 1.31
N PRO C 100 -57.62 30.61 2.24
CA PRO C 100 -57.47 31.03 3.64
C PRO C 100 -56.15 31.75 3.86
N LYS C 101 -56.22 32.87 4.56
CA LYS C 101 -55.02 33.59 4.87
C LYS C 101 -54.61 33.27 6.31
N GLY C 102 -53.51 33.85 6.73
CA GLY C 102 -52.99 33.64 8.08
C GLY C 102 -51.82 32.68 8.12
N VAL C 103 -52.05 31.40 7.87
CA VAL C 103 -51.02 30.34 7.93
C VAL C 103 -49.64 30.67 7.36
N ALA C 104 -48.58 30.25 8.08
CA ALA C 104 -47.15 30.49 7.81
C ALA C 104 -46.52 30.03 6.51
N LEU C 105 -45.22 30.20 6.39
CA LEU C 105 -44.59 29.77 5.16
C LEU C 105 -43.19 29.25 5.24
N HIS C 106 -42.97 27.96 5.42
CA HIS C 106 -41.61 27.48 5.31
C HIS C 106 -41.56 26.84 3.95
N ARG C 107 -40.51 27.02 3.18
CA ARG C 107 -40.45 26.42 1.88
C ARG C 107 -40.06 25.00 1.99
N PRO C 108 -40.32 24.20 0.99
CA PRO C 108 -39.97 22.79 1.12
C PRO C 108 -38.48 22.57 0.95
N ASP C 109 -38.24 21.27 0.88
CA ASP C 109 -36.95 20.72 0.68
C ASP C 109 -36.88 19.49 -0.19
N VAL C 110 -37.24 19.51 -1.44
CA VAL C 110 -37.24 18.30 -2.23
C VAL C 110 -35.95 17.54 -2.31
N TYR C 111 -35.80 16.36 -1.68
CA TYR C 111 -34.58 15.56 -1.78
C TYR C 111 -34.94 14.38 -2.54
N LEU C 112 -34.40 14.11 -3.68
CA LEU C 112 -34.79 12.95 -4.40
C LEU C 112 -33.94 11.86 -3.98
N LEU C 113 -34.45 10.79 -3.43
CA LEU C 113 -33.57 9.66 -3.20
C LEU C 113 -33.79 8.73 -4.35
N PRO C 114 -32.81 7.96 -4.68
CA PRO C 114 -32.82 7.04 -5.81
C PRO C 114 -33.28 5.66 -5.36
N PRO C 115 -33.56 4.75 -6.29
CA PRO C 115 -34.06 3.43 -5.90
C PRO C 115 -33.01 2.67 -5.11
N ALA C 116 -33.50 1.81 -4.21
CA ALA C 116 -32.61 1.02 -3.37
C ALA C 116 -31.81 0.04 -4.23
N ARG C 117 -30.53 -0.10 -3.87
CA ARG C 117 -29.68 -1.06 -4.58
C ARG C 117 -30.19 -2.48 -4.41
N GLU C 118 -30.96 -2.72 -3.34
CA GLU C 118 -31.49 -4.06 -3.09
C GLU C 118 -32.51 -4.46 -4.15
N GLN C 119 -33.42 -3.55 -4.51
CA GLN C 119 -34.43 -3.89 -5.50
C GLN C 119 -33.87 -3.89 -6.92
N LEU C 120 -32.90 -3.02 -7.20
CA LEU C 120 -32.18 -3.11 -8.47
C LEU C 120 -31.43 -4.43 -8.58
N ASN C 121 -31.33 -5.18 -7.50
CA ASN C 121 -30.84 -6.54 -7.64
C ASN C 121 -32.07 -7.34 -8.03
N LEU C 122 -32.86 -6.93 -9.02
CA LEU C 122 -34.06 -7.69 -9.36
C LEU C 122 -34.65 -7.44 -10.68
N ARG C 123 -34.18 -6.45 -11.39
CA ARG C 123 -34.68 -6.09 -12.74
C ARG C 123 -36.12 -5.73 -13.01
N GLU C 124 -37.03 -5.70 -12.04
CA GLU C 124 -38.38 -5.31 -12.38
C GLU C 124 -38.49 -3.83 -12.43
N SER C 125 -38.72 -3.23 -11.28
CA SER C 125 -38.90 -1.81 -11.24
C SER C 125 -38.22 -1.08 -10.17
N ALA C 126 -37.60 -0.02 -10.56
CA ALA C 126 -36.96 0.93 -9.66
C ALA C 126 -37.97 2.00 -9.28
N THR C 127 -38.09 2.27 -7.98
CA THR C 127 -38.96 3.31 -7.47
C THR C 127 -38.10 4.46 -6.96
N ILE C 128 -38.28 5.62 -7.56
CA ILE C 128 -37.52 6.83 -7.21
C ILE C 128 -38.43 7.72 -6.39
N THR C 129 -37.99 8.15 -5.22
CA THR C 129 -38.86 8.89 -4.31
C THR C 129 -38.42 10.34 -4.27
N CYS C 130 -39.40 11.24 -4.15
CA CYS C 130 -39.14 12.67 -4.06
C CYS C 130 -39.66 13.15 -2.71
N LEU C 131 -38.85 13.00 -1.67
CA LEU C 131 -39.25 13.37 -0.32
C LEU C 131 -39.33 14.88 -0.22
N VAL C 132 -40.55 15.40 -0.07
CA VAL C 132 -40.78 16.82 0.14
C VAL C 132 -41.08 17.02 1.61
N THR C 133 -40.23 17.76 2.30
CA THR C 133 -40.30 17.87 3.75
C THR C 133 -40.16 19.32 4.20
N GLY C 134 -40.68 19.58 5.40
CA GLY C 134 -40.49 20.86 6.05
C GLY C 134 -41.13 22.05 5.35
N PHE C 135 -42.37 21.87 4.98
CA PHE C 135 -43.06 22.94 4.37
C PHE C 135 -44.29 23.30 5.04
N SER C 136 -44.87 24.36 4.60
CA SER C 136 -46.10 24.81 5.14
C SER C 136 -46.83 25.63 4.16
N PRO C 137 -47.96 26.15 4.53
CA PRO C 137 -49.25 25.53 4.70
C PRO C 137 -49.32 24.35 3.83
N ALA C 138 -49.41 23.21 4.44
CA ALA C 138 -49.41 21.98 3.72
C ALA C 138 -50.15 21.72 2.41
N ASP C 139 -49.75 22.28 1.29
CA ASP C 139 -50.29 21.86 -0.01
C ASP C 139 -49.28 22.09 -1.12
N VAL C 140 -48.76 21.00 -1.63
CA VAL C 140 -47.73 21.05 -2.60
C VAL C 140 -48.14 20.22 -3.77
N PHE C 141 -47.77 20.65 -4.94
CA PHE C 141 -48.04 19.98 -6.21
C PHE C 141 -46.74 19.40 -6.76
N VAL C 142 -46.62 18.08 -6.73
CA VAL C 142 -45.39 17.40 -7.12
C VAL C 142 -45.65 16.63 -8.41
N GLN C 143 -44.77 16.81 -9.39
CA GLN C 143 -44.83 16.00 -10.60
C GLN C 143 -43.42 15.69 -11.09
N TRP C 144 -43.34 14.93 -12.17
CA TRP C 144 -42.07 14.39 -12.66
C TRP C 144 -41.94 14.69 -14.14
N MET C 145 -40.70 14.83 -14.60
CA MET C 145 -40.39 15.02 -16.01
C MET C 145 -39.20 14.15 -16.40
N GLN C 146 -39.19 13.72 -17.61
CA GLN C 146 -38.03 13.07 -18.08
C GLN C 146 -37.68 13.91 -19.25
N ARG C 147 -36.47 14.42 -19.28
CA ARG C 147 -35.96 15.26 -20.36
C ARG C 147 -36.86 16.42 -20.64
N GLY C 148 -37.35 17.09 -19.62
CA GLY C 148 -38.23 18.21 -19.79
C GLY C 148 -39.65 17.96 -20.20
N GLN C 149 -40.08 16.73 -20.38
CA GLN C 149 -41.45 16.53 -20.80
C GLN C 149 -42.14 15.67 -19.84
N PRO C 150 -43.08 16.20 -19.07
CA PRO C 150 -43.90 15.64 -18.01
C PRO C 150 -44.30 14.23 -18.18
N LEU C 151 -44.17 13.41 -17.17
CA LEU C 151 -44.51 12.02 -17.28
C LEU C 151 -45.96 11.78 -17.09
N SER C 152 -46.43 10.70 -17.65
CA SER C 152 -47.84 10.39 -17.53
C SER C 152 -48.19 10.12 -16.07
N PRO C 153 -49.35 10.60 -15.60
CA PRO C 153 -49.65 10.50 -14.16
C PRO C 153 -49.77 9.07 -13.64
N GLU C 154 -50.00 8.08 -14.49
CA GLU C 154 -50.11 6.72 -13.96
C GLU C 154 -48.76 6.13 -13.61
N LYS C 155 -47.67 6.79 -14.02
CA LYS C 155 -46.34 6.31 -13.65
C LYS C 155 -46.03 6.58 -12.19
N TYR C 156 -46.35 7.77 -11.70
CA TYR C 156 -45.98 8.20 -10.36
C TYR C 156 -47.22 8.42 -9.50
N VAL C 157 -47.07 8.18 -8.21
CA VAL C 157 -48.13 8.44 -7.22
C VAL C 157 -47.51 9.20 -6.06
N THR C 158 -48.20 10.27 -5.63
CA THR C 158 -47.72 11.14 -4.58
C THR C 158 -48.59 10.98 -3.34
N SER C 159 -47.95 10.96 -2.17
CA SER C 159 -48.68 10.80 -0.93
C SER C 159 -49.26 12.12 -0.47
N ALA C 160 -50.32 12.03 0.33
CA ALA C 160 -50.95 13.21 0.89
C ALA C 160 -50.05 13.83 1.96
N PRO C 161 -50.14 15.15 2.16
CA PRO C 161 -49.33 15.79 3.20
C PRO C 161 -49.65 15.24 4.58
N MET C 162 -48.60 15.14 5.42
CA MET C 162 -48.70 14.57 6.75
C MET C 162 -47.87 15.42 7.69
N PRO C 163 -48.36 15.70 8.90
CA PRO C 163 -47.63 16.59 9.81
C PRO C 163 -46.24 16.06 10.13
N GLU C 164 -45.22 16.90 10.29
CA GLU C 164 -43.89 16.32 10.55
C GLU C 164 -43.69 15.62 11.88
N PRO C 165 -42.66 14.81 11.99
CA PRO C 165 -42.36 14.07 13.19
C PRO C 165 -41.90 15.04 14.24
N GLN C 166 -40.71 15.59 14.03
CA GLN C 166 -40.11 16.53 14.94
C GLN C 166 -40.82 17.86 14.94
N ALA C 167 -40.43 18.73 14.01
CA ALA C 167 -41.01 20.06 13.91
C ALA C 167 -42.54 20.06 13.85
N PRO C 168 -43.17 21.05 14.46
CA PRO C 168 -44.62 21.03 14.45
C PRO C 168 -45.26 21.66 13.23
N GLY C 169 -45.03 22.96 13.06
CA GLY C 169 -45.60 23.74 11.96
C GLY C 169 -45.41 23.30 10.52
N ARG C 170 -44.39 22.51 10.26
CA ARG C 170 -44.07 21.99 8.96
C ARG C 170 -44.87 20.77 8.63
N TYR C 171 -44.62 20.19 7.47
CA TYR C 171 -45.24 18.97 7.05
C TYR C 171 -44.29 18.20 6.21
N PHE C 172 -44.75 17.11 5.61
CA PHE C 172 -43.94 16.35 4.69
C PHE C 172 -44.84 15.57 3.75
N ALA C 173 -44.28 15.16 2.62
CA ALA C 173 -45.02 14.42 1.61
C ALA C 173 -44.03 13.59 0.80
N HIS C 174 -44.58 12.62 0.08
CA HIS C 174 -43.78 11.72 -0.73
C HIS C 174 -44.34 11.68 -2.15
N SER C 175 -43.53 11.19 -3.08
CA SER C 175 -43.97 10.95 -4.44
C SER C 175 -43.04 9.93 -5.06
N ILE C 176 -43.55 8.74 -5.35
CA ILE C 176 -42.75 7.67 -5.92
C ILE C 176 -43.04 7.59 -7.41
N LEU C 177 -41.99 7.32 -8.18
CA LEU C 177 -42.07 7.09 -9.61
C LEU C 177 -41.58 5.67 -9.86
N THR C 178 -42.42 4.84 -10.47
CA THR C 178 -42.06 3.46 -10.79
C THR C 178 -41.59 3.41 -12.23
N VAL C 179 -40.32 3.19 -12.37
CA VAL C 179 -39.76 3.12 -13.66
C VAL C 179 -39.48 1.67 -13.87
N SER C 180 -38.35 1.35 -14.46
CA SER C 180 -38.00 -0.02 -14.71
C SER C 180 -36.59 0.13 -14.99
N GLU C 181 -35.73 -0.62 -14.32
CA GLU C 181 -34.32 -0.37 -14.57
C GLU C 181 -33.66 -0.34 -15.94
N GLU C 182 -34.29 -0.83 -17.00
CA GLU C 182 -33.78 -0.65 -18.34
C GLU C 182 -33.66 0.86 -18.62
N GLU C 183 -34.65 1.66 -18.21
CA GLU C 183 -34.55 3.07 -18.31
C GLU C 183 -33.63 3.59 -17.21
N TRP C 184 -33.46 2.88 -16.10
CA TRP C 184 -32.60 3.39 -15.05
C TRP C 184 -31.14 3.07 -15.25
N ASN C 185 -30.72 1.79 -15.29
CA ASN C 185 -29.36 1.37 -15.59
C ASN C 185 -28.73 2.24 -16.66
N THR C 186 -29.51 2.47 -17.69
CA THR C 186 -29.14 3.21 -18.86
C THR C 186 -29.27 4.69 -18.67
N GLY C 187 -29.12 5.12 -17.44
CA GLY C 187 -29.19 6.51 -17.05
C GLY C 187 -30.09 7.56 -17.66
N GLU C 188 -31.31 7.73 -17.14
CA GLU C 188 -32.22 8.79 -17.56
C GLU C 188 -32.02 9.99 -16.70
N THR C 189 -32.84 11.02 -16.84
CA THR C 189 -32.64 12.13 -15.96
C THR C 189 -33.61 12.09 -14.81
N TYR C 190 -34.86 11.85 -15.12
CA TYR C 190 -35.90 11.61 -14.10
C TYR C 190 -35.96 12.71 -13.05
N THR C 191 -36.30 13.92 -13.49
CA THR C 191 -36.34 15.05 -12.57
C THR C 191 -37.70 15.17 -11.89
N CYS C 192 -37.68 15.64 -10.66
CA CYS C 192 -38.87 15.86 -9.85
C CYS C 192 -39.03 17.36 -9.62
N VAL C 193 -40.20 17.89 -9.99
CA VAL C 193 -40.49 19.32 -9.87
C VAL C 193 -41.62 19.50 -8.88
N VAL C 194 -41.40 20.40 -7.91
CA VAL C 194 -42.29 20.60 -6.77
C VAL C 194 -42.73 22.05 -6.76
N ALA C 195 -44.04 22.27 -6.69
CA ALA C 195 -44.62 23.60 -6.68
C ALA C 195 -45.26 23.85 -5.32
N HIS C 196 -44.90 24.97 -4.71
CA HIS C 196 -45.39 25.34 -3.39
C HIS C 196 -45.38 26.86 -3.28
N GLU C 197 -46.24 27.39 -2.42
CA GLU C 197 -46.38 28.84 -2.30
C GLU C 197 -45.11 29.50 -1.79
N ALA C 198 -44.46 28.89 -0.81
CA ALA C 198 -43.35 29.56 -0.13
C ALA C 198 -42.08 29.61 -0.97
N LEU C 199 -42.00 28.84 -2.03
CA LEU C 199 -40.81 28.85 -2.87
C LEU C 199 -40.67 30.21 -3.56
N PRO C 200 -39.46 30.78 -3.65
CA PRO C 200 -39.33 32.12 -4.23
C PRO C 200 -39.85 32.22 -5.66
N ASN C 201 -39.62 31.19 -6.47
CA ASN C 201 -40.20 31.12 -7.80
C ASN C 201 -41.43 30.23 -7.85
N ARG C 202 -41.94 29.82 -6.69
CA ARG C 202 -43.06 28.90 -6.54
C ARG C 202 -42.73 27.49 -7.02
N VAL C 203 -41.53 27.27 -7.56
CA VAL C 203 -41.20 26.01 -8.20
C VAL C 203 -39.74 25.68 -7.91
N THR C 204 -39.49 24.41 -7.60
CA THR C 204 -38.14 23.90 -7.43
C THR C 204 -38.01 22.58 -8.17
N GLU C 205 -36.78 22.21 -8.51
CA GLU C 205 -36.54 20.97 -9.23
C GLU C 205 -35.34 20.25 -8.64
N ARG C 206 -35.38 18.92 -8.72
CA ARG C 206 -34.23 18.09 -8.38
C ARG C 206 -34.06 16.99 -9.42
N THR C 207 -32.83 16.52 -9.58
CA THR C 207 -32.49 15.58 -10.63
C THR C 207 -31.67 14.44 -10.07
N VAL C 208 -31.84 13.25 -10.65
CA VAL C 208 -31.09 12.06 -10.26
C VAL C 208 -30.76 11.25 -11.51
N ASP C 209 -29.61 10.60 -11.48
CA ASP C 209 -29.18 9.72 -12.56
C ASP C 209 -28.71 8.40 -11.95
N LYS C 210 -28.45 7.43 -12.79
CA LYS C 210 -27.89 6.23 -12.24
C LYS C 210 -26.57 6.57 -11.63
N SER C 211 -26.01 7.71 -11.93
CA SER C 211 -24.73 8.07 -11.46
C SER C 211 -24.81 9.40 -10.82
N THR C 212 -25.49 9.49 -9.71
CA THR C 212 -25.59 10.73 -9.05
C THR C 212 -25.15 10.55 -7.68
N GLY C 213 -24.06 9.85 -7.52
CA GLY C 213 -23.57 9.64 -6.20
C GLY C 213 -22.18 9.15 -6.35
N LYS C 214 -22.10 7.94 -6.90
CA LYS C 214 -20.91 7.19 -7.17
C LYS C 214 -19.56 7.78 -6.79
N PRO C 215 -19.08 7.62 -5.54
CA PRO C 215 -17.76 8.16 -5.18
C PRO C 215 -16.67 7.52 -6.01
N THR C 216 -15.58 8.27 -6.21
CA THR C 216 -14.54 7.87 -7.14
C THR C 216 -13.96 6.52 -6.77
N LEU C 217 -13.68 5.72 -7.81
CA LEU C 217 -13.23 4.33 -7.65
C LEU C 217 -11.71 4.31 -7.78
N TYR C 218 -11.01 4.34 -6.65
CA TYR C 218 -9.56 4.29 -6.65
C TYR C 218 -9.09 2.87 -6.92
N ASN C 219 -8.55 2.65 -8.08
CA ASN C 219 -8.07 1.34 -8.38
C ASN C 219 -6.61 1.23 -8.72
N VAL C 220 -5.74 1.24 -7.75
CA VAL C 220 -4.29 1.09 -7.88
C VAL C 220 -3.91 -0.29 -8.20
N SER C 221 -2.75 -0.61 -8.75
CA SER C 221 -2.35 -1.96 -9.03
C SER C 221 -0.86 -2.05 -9.10
N LEU C 222 -0.14 -2.25 -8.02
CA LEU C 222 1.29 -2.25 -8.02
C LEU C 222 1.99 -3.50 -8.31
N VAL C 223 3.03 -3.55 -9.13
CA VAL C 223 3.75 -4.79 -9.37
C VAL C 223 5.11 -4.37 -8.99
N MET C 224 5.67 -4.87 -7.91
CA MET C 224 6.86 -4.34 -7.27
C MET C 224 7.84 -5.41 -6.82
N SER C 225 7.48 -6.70 -6.92
CA SER C 225 8.39 -7.77 -6.53
C SER C 225 9.56 -7.92 -7.50
N ASP C 226 9.53 -7.22 -8.64
CA ASP C 226 10.67 -7.25 -9.55
C ASP C 226 11.92 -6.67 -8.88
N THR C 227 11.73 -5.76 -7.92
CA THR C 227 12.87 -5.22 -7.19
C THR C 227 13.58 -6.30 -6.39
N ILE D 1 -81.19 4.85 13.31
CA ILE D 1 -80.24 5.48 14.23
C ILE D 1 -78.82 5.35 13.70
N ARG D 2 -77.86 5.90 14.43
CA ARG D 2 -76.49 6.05 13.95
C ARG D 2 -75.56 5.27 14.86
N VAL D 3 -74.81 4.32 14.28
CA VAL D 3 -73.86 3.50 15.02
C VAL D 3 -72.56 3.43 14.23
N PHE D 4 -71.44 3.36 14.96
CA PHE D 4 -70.11 3.19 14.38
C PHE D 4 -69.52 1.88 14.88
N ALA D 5 -68.63 1.29 14.08
CA ALA D 5 -67.97 0.04 14.44
C ALA D 5 -66.52 0.10 13.99
N ILE D 6 -65.61 -0.26 14.88
CA ILE D 6 -64.21 -0.44 14.56
C ILE D 6 -63.83 -1.89 14.89
N PRO D 7 -63.49 -2.70 13.90
CA PRO D 7 -62.98 -4.04 14.17
C PRO D 7 -61.52 -3.97 14.59
N PRO D 8 -60.95 -5.07 15.08
CA PRO D 8 -59.53 -5.05 15.47
C PRO D 8 -58.63 -4.75 14.29
N SER D 9 -57.89 -3.64 14.38
CA SER D 9 -56.92 -3.26 13.37
C SER D 9 -55.67 -4.12 13.52
N PHE D 10 -54.98 -4.36 12.41
CA PHE D 10 -53.82 -5.25 12.45
C PHE D 10 -52.73 -4.68 13.34
N ALA D 11 -52.59 -3.36 13.39
CA ALA D 11 -51.67 -2.75 14.34
C ALA D 11 -52.08 -3.09 15.76
N SER D 12 -53.38 -3.00 16.05
CA SER D 12 -53.87 -3.31 17.39
C SER D 12 -53.67 -4.79 17.72
N ILE D 13 -53.98 -5.67 16.77
CA ILE D 13 -53.83 -7.11 17.03
C ILE D 13 -52.36 -7.47 17.24
N PHE D 14 -51.47 -6.80 16.51
CA PHE D 14 -50.05 -7.11 16.64
C PHE D 14 -49.48 -6.59 17.95
N LEU D 15 -49.82 -5.34 18.31
CA LEU D 15 -49.23 -4.74 19.51
C LEU D 15 -49.88 -5.29 20.78
N THR D 16 -51.20 -5.22 20.87
CA THR D 16 -51.88 -5.61 22.11
C THR D 16 -51.97 -7.12 22.23
N LYS D 17 -51.79 -7.85 21.13
CA LYS D 17 -51.87 -9.31 21.02
C LYS D 17 -53.31 -9.78 21.22
N SER D 18 -54.24 -8.88 21.53
CA SER D 18 -55.63 -9.23 21.79
C SER D 18 -56.53 -8.53 20.80
N THR D 19 -57.49 -9.27 20.24
CA THR D 19 -58.42 -8.75 19.24
C THR D 19 -59.62 -8.14 19.96
N LYS D 20 -59.63 -6.82 20.08
CA LYS D 20 -60.73 -6.12 20.74
C LYS D 20 -61.67 -5.56 19.68
N LEU D 21 -62.94 -5.93 19.78
CA LEU D 21 -63.95 -5.47 18.82
C LEU D 21 -64.76 -4.35 19.43
N THR D 22 -65.06 -3.31 18.62
CA THR D 22 -65.79 -2.16 19.12
C THR D 22 -67.01 -1.88 18.25
N CYS D 23 -68.19 -1.82 18.87
CA CYS D 23 -69.37 -1.19 18.30
C CYS D 23 -69.86 -0.15 19.30
N LEU D 24 -70.32 0.99 18.80
CA LEU D 24 -70.78 2.07 19.67
C LEU D 24 -71.83 2.89 18.93
N VAL D 25 -73.01 3.01 19.54
CA VAL D 25 -74.05 3.87 18.98
C VAL D 25 -73.69 5.33 19.27
N THR D 26 -73.56 6.12 18.20
CA THR D 26 -72.96 7.45 18.31
C THR D 26 -73.58 8.35 17.25
N ASP D 27 -73.66 9.65 17.59
CA ASP D 27 -74.04 10.70 16.65
C ASP D 27 -75.51 10.58 16.25
N LEU D 28 -76.37 10.33 17.24
CA LEU D 28 -77.81 10.36 16.99
C LEU D 28 -78.51 11.37 17.89
N THR D 29 -78.20 11.36 19.19
CA THR D 29 -78.86 12.23 20.15
C THR D 29 -78.01 12.32 21.41
N THR D 30 -78.44 13.19 22.33
CA THR D 30 -77.68 13.43 23.55
C THR D 30 -77.60 12.18 24.41
N TYR D 31 -78.74 11.69 24.90
CA TYR D 31 -78.77 10.55 25.80
C TYR D 31 -80.18 10.00 25.85
N ASP D 32 -80.26 8.67 25.86
CA ASP D 32 -81.53 7.94 25.96
C ASP D 32 -81.21 6.46 26.09
N SER D 33 -82.19 5.70 26.55
CA SER D 33 -82.02 4.26 26.71
C SER D 33 -81.75 3.60 25.36
N VAL D 34 -80.71 2.76 25.31
CA VAL D 34 -80.29 2.11 24.08
C VAL D 34 -79.95 0.66 24.38
N THR D 35 -79.99 -0.17 23.35
CA THR D 35 -79.66 -1.59 23.45
C THR D 35 -78.39 -1.86 22.65
N ILE D 36 -77.44 -2.55 23.27
CA ILE D 36 -76.18 -2.93 22.64
C ILE D 36 -76.00 -4.44 22.79
N SER D 37 -75.89 -5.14 21.67
CA SER D 37 -76.10 -6.58 21.66
C SER D 37 -75.06 -7.36 20.85
N TRP D 38 -73.77 -7.13 21.09
CA TRP D 38 -72.74 -7.99 20.53
C TRP D 38 -73.07 -9.47 20.73
N THR D 39 -72.74 -10.28 19.73
CA THR D 39 -72.93 -11.72 19.80
C THR D 39 -72.05 -12.41 18.78
N ARG D 40 -71.78 -13.69 19.00
CA ARG D 40 -71.09 -14.52 18.03
C ARG D 40 -72.10 -15.29 17.19
N GLN D 41 -71.59 -16.24 16.41
CA GLN D 41 -72.46 -17.10 15.62
C GLN D 41 -73.32 -18.01 16.51
N ASN D 42 -72.90 -18.22 17.76
CA ASN D 42 -73.65 -19.07 18.66
C ASN D 42 -74.93 -18.42 19.15
N GLY D 43 -75.07 -17.10 18.97
CA GLY D 43 -76.21 -16.38 19.47
C GLY D 43 -76.07 -15.85 20.89
N GLU D 44 -74.99 -16.20 21.58
CA GLU D 44 -74.77 -15.72 22.93
C GLU D 44 -74.07 -14.37 22.90
N ALA D 45 -74.42 -13.50 23.85
CA ALA D 45 -73.86 -12.16 23.87
C ALA D 45 -72.38 -12.19 24.24
N VAL D 46 -71.60 -11.33 23.59
CA VAL D 46 -70.18 -11.19 23.89
C VAL D 46 -70.05 -10.52 25.25
N LYS D 47 -68.85 -10.57 25.83
CA LYS D 47 -68.60 -9.88 27.10
C LYS D 47 -69.06 -8.44 27.02
N THR D 48 -69.78 -8.01 28.05
CA THR D 48 -70.47 -6.73 28.01
C THR D 48 -69.49 -5.58 27.81
N HIS D 49 -69.93 -4.58 27.06
CA HIS D 49 -69.14 -3.38 26.81
C HIS D 49 -68.57 -2.82 28.10
N THR D 50 -67.26 -2.64 28.12
CA THR D 50 -66.54 -2.23 29.32
C THR D 50 -66.16 -0.76 29.21
N ASN D 51 -66.48 0.00 30.26
CA ASN D 51 -66.15 1.43 30.34
C ASN D 51 -66.72 2.20 29.16
N ILE D 52 -68.05 2.21 29.06
CA ILE D 52 -68.70 2.99 28.01
C ILE D 52 -68.48 4.47 28.28
N SER D 53 -68.09 5.20 27.24
CA SER D 53 -67.75 6.60 27.38
C SER D 53 -69.01 7.45 27.57
N GLU D 54 -68.83 8.59 28.23
CA GLU D 54 -69.91 9.55 28.38
C GLU D 54 -70.12 10.30 27.06
N SER D 55 -71.31 10.88 26.92
CA SER D 55 -71.65 11.58 25.68
C SER D 55 -70.66 12.71 25.40
N HIS D 56 -70.28 12.84 24.13
CA HIS D 56 -69.31 13.84 23.73
C HIS D 56 -69.86 15.25 23.92
N PRO D 57 -68.99 16.26 23.99
CA PRO D 57 -69.48 17.65 24.03
C PRO D 57 -70.34 18.01 22.84
N ASN D 58 -70.12 17.36 21.69
CA ASN D 58 -70.99 17.53 20.54
C ASN D 58 -72.32 16.82 20.69
N ALA D 59 -72.63 16.31 21.89
CA ALA D 59 -73.87 15.66 22.28
C ALA D 59 -74.06 14.32 21.58
N THR D 60 -73.01 13.73 21.02
CA THR D 60 -73.14 12.40 20.43
C THR D 60 -73.16 11.34 21.52
N PHE D 61 -74.01 10.33 21.33
CA PHE D 61 -74.08 9.23 22.29
C PHE D 61 -72.80 8.41 22.23
N SER D 62 -72.49 7.73 23.32
CA SER D 62 -71.29 6.91 23.40
C SER D 62 -71.57 5.66 24.23
N ALA D 63 -71.42 4.49 23.60
CA ALA D 63 -71.46 3.20 24.28
C ALA D 63 -70.24 2.41 23.81
N VAL D 64 -69.11 2.63 24.49
CA VAL D 64 -67.86 2.04 24.04
C VAL D 64 -67.78 0.58 24.47
N GLY D 65 -67.52 -0.30 23.52
CA GLY D 65 -67.37 -1.72 23.80
C GLY D 65 -66.00 -2.23 23.45
N GLU D 66 -65.28 -2.78 24.43
CA GLU D 66 -63.93 -3.28 24.23
C GLU D 66 -63.84 -4.68 24.78
N ALA D 67 -64.05 -5.68 23.91
CA ALA D 67 -64.07 -7.08 24.29
C ALA D 67 -63.07 -7.86 23.45
N SER D 68 -62.45 -8.86 24.07
CA SER D 68 -61.40 -9.63 23.41
C SER D 68 -61.97 -10.91 22.79
N ILE D 69 -61.38 -11.31 21.66
CA ILE D 69 -61.78 -12.49 20.92
C ILE D 69 -60.51 -13.19 20.44
N CYS D 70 -60.58 -14.52 20.38
CA CYS D 70 -59.44 -15.31 19.92
C CYS D 70 -59.02 -14.89 18.51
N GLU D 71 -57.70 -14.83 18.30
CA GLU D 71 -57.18 -14.44 16.99
C GLU D 71 -57.59 -15.41 15.91
N ASP D 72 -57.51 -16.72 16.18
CA ASP D 72 -57.91 -17.70 15.19
C ASP D 72 -59.41 -17.65 14.94
N ASP D 73 -60.19 -17.30 15.97
CA ASP D 73 -61.62 -17.10 15.79
C ASP D 73 -61.89 -15.96 14.81
N TRP D 74 -61.17 -14.86 14.96
CA TRP D 74 -61.33 -13.72 14.06
C TRP D 74 -60.88 -14.06 12.65
N ASN D 75 -59.77 -14.81 12.53
CA ASN D 75 -59.19 -15.08 11.22
C ASN D 75 -59.93 -16.20 10.50
N SER D 76 -60.69 -17.01 11.23
CA SER D 76 -61.33 -18.17 10.61
C SER D 76 -62.35 -17.76 9.55
N GLY D 77 -63.11 -16.70 9.83
CA GLY D 77 -64.14 -16.27 8.91
C GLY D 77 -65.46 -16.01 9.61
N GLU D 78 -65.43 -15.94 10.93
CA GLU D 78 -66.65 -15.71 11.68
C GLU D 78 -67.07 -14.25 11.56
N ARG D 79 -68.37 -14.02 11.50
CA ARG D 79 -68.96 -12.71 11.32
C ARG D 79 -69.56 -12.23 12.63
N PHE D 80 -69.09 -11.10 13.14
CA PHE D 80 -69.60 -10.53 14.38
C PHE D 80 -70.64 -9.47 14.03
N THR D 81 -71.72 -9.41 14.81
CA THR D 81 -72.77 -8.42 14.61
C THR D 81 -73.10 -7.77 15.96
N CYS D 82 -73.36 -6.47 15.90
CA CYS D 82 -73.79 -5.69 17.05
C CYS D 82 -75.14 -5.07 16.72
N THR D 83 -76.22 -5.64 17.25
CA THR D 83 -77.56 -5.19 16.95
C THR D 83 -77.97 -4.13 17.96
N VAL D 84 -77.97 -2.87 17.52
CA VAL D 84 -78.27 -1.74 18.37
C VAL D 84 -79.62 -1.17 17.96
N THR D 85 -80.56 -1.11 18.91
CA THR D 85 -81.85 -0.47 18.71
C THR D 85 -82.00 0.61 19.78
N HIS D 86 -82.38 1.81 19.34
CA HIS D 86 -82.55 2.92 20.27
C HIS D 86 -83.99 2.94 20.78
N THR D 87 -84.25 3.85 21.73
CA THR D 87 -85.60 3.96 22.28
C THR D 87 -86.62 4.37 21.22
N ASP D 88 -86.25 5.31 20.34
CA ASP D 88 -87.19 5.80 19.35
C ASP D 88 -87.48 4.74 18.29
N LEU D 89 -86.48 3.97 17.89
CA LEU D 89 -86.63 2.95 16.84
C LEU D 89 -86.57 1.57 17.48
N PRO D 90 -87.68 0.85 17.60
CA PRO D 90 -87.62 -0.47 18.23
C PRO D 90 -86.95 -1.52 17.36
N SER D 91 -86.97 -1.36 16.03
CA SER D 91 -86.36 -2.33 15.16
C SER D 91 -84.85 -2.30 15.32
N PRO D 92 -84.19 -3.45 15.54
CA PRO D 92 -82.73 -3.44 15.69
C PRO D 92 -82.03 -3.02 14.41
N LEU D 93 -80.91 -2.33 14.58
CA LEU D 93 -80.04 -1.95 13.47
C LEU D 93 -78.75 -2.74 13.58
N LYS D 94 -78.37 -3.38 12.47
CA LYS D 94 -77.17 -4.22 12.47
C LYS D 94 -75.92 -3.37 12.31
N GLN D 95 -74.89 -3.70 13.10
CA GLN D 95 -73.56 -3.13 12.95
C GLN D 95 -72.59 -4.32 12.82
N THR D 96 -72.31 -4.71 11.59
CA THR D 96 -71.66 -5.98 11.29
C THR D 96 -70.20 -5.75 10.93
N ILE D 97 -69.30 -6.51 11.56
CA ILE D 97 -67.88 -6.49 11.22
C ILE D 97 -67.37 -7.91 11.11
N SER D 98 -66.50 -8.12 10.13
CA SER D 98 -65.66 -9.31 10.01
C SER D 98 -64.51 -8.95 9.09
N ARG D 99 -63.47 -9.76 9.10
CA ARG D 99 -62.33 -9.47 8.23
C ARG D 99 -62.69 -9.83 6.79
N PRO D 100 -62.66 -8.84 5.92
CA PRO D 100 -62.99 -9.13 4.54
C PRO D 100 -62.06 -10.21 4.05
N LYS D 101 -62.61 -11.37 3.76
CA LYS D 101 -61.80 -12.43 3.23
C LYS D 101 -61.80 -12.30 1.71
N GLY D 102 -60.99 -13.10 1.05
CA GLY D 102 -60.92 -13.03 -0.39
C GLY D 102 -60.10 -11.81 -0.71
N VAL D 103 -58.78 -11.94 -0.58
CA VAL D 103 -57.91 -10.82 -0.82
C VAL D 103 -56.49 -11.18 -1.24
N ALA D 104 -56.21 -12.46 -1.36
CA ALA D 104 -54.91 -12.98 -1.81
C ALA D 104 -53.66 -12.31 -1.31
N LEU D 105 -53.29 -12.60 -0.07
CA LEU D 105 -52.12 -12.05 0.57
C LEU D 105 -50.86 -12.02 -0.25
N HIS D 106 -50.18 -10.90 -0.19
CA HIS D 106 -48.93 -10.67 -0.89
C HIS D 106 -47.89 -10.12 0.08
N ARG D 107 -46.70 -10.72 0.04
CA ARG D 107 -45.67 -10.38 1.01
C ARG D 107 -45.13 -8.98 0.74
N PRO D 108 -44.91 -8.11 1.74
CA PRO D 108 -44.33 -6.81 1.42
C PRO D 108 -42.86 -6.86 1.12
N ASP D 109 -42.23 -5.95 0.40
CA ASP D 109 -40.78 -6.02 0.29
C ASP D 109 -40.35 -4.78 0.97
N VAL D 110 -39.54 -4.81 1.99
CA VAL D 110 -39.20 -3.62 2.66
C VAL D 110 -37.85 -3.09 2.27
N TYR D 111 -37.77 -2.08 1.43
CA TYR D 111 -36.52 -1.47 1.00
C TYR D 111 -36.24 -0.28 1.90
N LEU D 112 -35.05 -0.25 2.46
CA LEU D 112 -34.69 0.74 3.47
C LEU D 112 -33.69 1.71 2.86
N LEU D 113 -34.18 2.88 2.47
CA LEU D 113 -33.50 3.94 1.75
C LEU D 113 -32.76 4.85 2.71
N PRO D 114 -31.45 5.05 2.55
CA PRO D 114 -30.70 5.94 3.42
C PRO D 114 -31.00 7.39 3.09
N PRO D 115 -30.67 8.32 4.00
CA PRO D 115 -30.94 9.73 3.74
C PRO D 115 -30.15 10.25 2.55
N ALA D 116 -30.71 11.26 1.87
CA ALA D 116 -30.08 11.85 0.71
C ALA D 116 -28.78 12.54 1.09
N ARG D 117 -27.88 12.66 0.12
CA ARG D 117 -26.57 13.25 0.37
C ARG D 117 -26.71 14.72 0.75
N GLU D 118 -27.62 15.45 0.11
CA GLU D 118 -27.78 16.87 0.38
C GLU D 118 -28.23 17.11 1.82
N GLN D 119 -29.17 16.28 2.30
CA GLN D 119 -29.65 16.45 3.67
C GLN D 119 -28.54 16.21 4.67
N LEU D 120 -27.67 15.23 4.40
CA LEU D 120 -26.51 15.01 5.25
C LEU D 120 -25.55 16.18 5.18
N ASN D 121 -25.37 16.75 3.99
CA ASN D 121 -24.47 17.90 3.83
C ASN D 121 -24.97 19.10 4.64
N LEU D 122 -26.28 19.28 4.71
CA LEU D 122 -26.82 20.37 5.51
C LEU D 122 -26.49 20.20 6.99
N ARG D 123 -26.33 18.95 7.43
CA ARG D 123 -25.79 18.53 8.73
C ARG D 123 -26.80 18.69 9.87
N GLU D 124 -27.97 19.29 9.64
CA GLU D 124 -28.91 19.46 10.74
C GLU D 124 -29.60 18.14 11.11
N SER D 125 -30.03 17.38 10.11
CA SER D 125 -30.78 16.16 10.37
C SER D 125 -30.68 15.23 9.17
N ALA D 126 -31.35 14.09 9.28
CA ALA D 126 -31.35 13.08 8.23
C ALA D 126 -32.55 12.17 8.41
N THR D 127 -33.25 11.88 7.31
CA THR D 127 -34.45 11.06 7.33
C THR D 127 -34.17 9.75 6.61
N ILE D 128 -34.40 8.64 7.30
CA ILE D 128 -34.28 7.31 6.71
C ILE D 128 -35.67 6.84 6.32
N THR D 129 -35.79 6.31 5.11
CA THR D 129 -37.08 5.93 4.54
C THR D 129 -37.21 4.42 4.54
N CYS D 130 -38.38 3.92 4.93
CA CYS D 130 -38.72 2.51 4.82
C CYS D 130 -39.89 2.42 3.87
N LEU D 131 -39.65 1.83 2.69
CA LEU D 131 -40.61 1.81 1.60
C LEU D 131 -41.20 0.40 1.54
N VAL D 132 -42.29 0.19 2.27
CA VAL D 132 -42.92 -1.11 2.29
C VAL D 132 -43.88 -1.22 1.12
N THR D 133 -43.45 -1.88 0.04
CA THR D 133 -44.20 -1.85 -1.20
C THR D 133 -44.76 -3.23 -1.53
N GLY D 134 -45.83 -3.21 -2.31
CA GLY D 134 -46.36 -4.44 -2.87
C GLY D 134 -46.96 -5.41 -1.88
N PHE D 135 -47.75 -4.93 -0.93
CA PHE D 135 -48.39 -5.80 0.05
C PHE D 135 -49.90 -5.66 -0.03
N SER D 136 -50.62 -6.76 0.20
CA SER D 136 -52.06 -6.76 0.36
C SER D 136 -52.40 -7.72 1.49
N PRO D 137 -53.45 -7.46 2.28
CA PRO D 137 -54.36 -6.31 2.23
C PRO D 137 -53.74 -5.00 2.67
N ALA D 138 -54.57 -3.96 2.82
CA ALA D 138 -54.07 -2.63 3.10
C ALA D 138 -53.36 -2.55 4.43
N ASP D 139 -53.91 -3.21 5.46
CA ASP D 139 -53.38 -3.03 6.81
C ASP D 139 -51.95 -3.55 6.94
N VAL D 140 -51.15 -2.82 7.71
CA VAL D 140 -49.74 -3.17 7.94
C VAL D 140 -49.26 -2.35 9.13
N PHE D 141 -48.26 -2.87 9.83
CA PHE D 141 -47.67 -2.17 10.96
C PHE D 141 -46.19 -1.99 10.70
N VAL D 142 -45.69 -0.76 10.84
CA VAL D 142 -44.28 -0.46 10.65
C VAL D 142 -43.74 0.17 11.92
N GLN D 143 -42.58 -0.31 12.36
CA GLN D 143 -41.96 0.18 13.59
C GLN D 143 -40.46 0.22 13.39
N TRP D 144 -39.76 0.96 14.24
CA TRP D 144 -38.32 1.13 14.12
C TRP D 144 -37.62 0.72 15.42
N MET D 145 -36.42 0.24 15.33
CA MET D 145 -35.72 -0.15 16.51
C MET D 145 -34.30 -0.03 16.19
N GLN D 146 -33.58 0.81 16.90
CA GLN D 146 -32.15 0.92 16.69
C GLN D 146 -31.59 0.08 17.77
N ARG D 147 -30.77 -0.92 17.45
CA ARG D 147 -30.12 -1.84 18.40
C ARG D 147 -30.95 -2.89 19.10
N GLY D 148 -32.24 -2.70 19.27
CA GLY D 148 -33.01 -3.73 19.86
C GLY D 148 -34.24 -3.20 20.47
N GLN D 149 -34.14 -2.00 21.01
CA GLN D 149 -35.26 -1.39 21.71
C GLN D 149 -35.96 -0.32 20.94
N PRO D 150 -37.18 -0.61 20.57
CA PRO D 150 -38.14 0.16 19.81
C PRO D 150 -38.03 1.65 20.04
N LEU D 151 -37.88 2.38 18.95
CA LEU D 151 -37.78 3.81 18.92
C LEU D 151 -39.13 4.40 19.17
N SER D 152 -39.11 5.43 20.00
CA SER D 152 -40.27 6.16 20.43
C SER D 152 -41.00 6.83 19.32
N PRO D 153 -42.29 6.53 19.13
CA PRO D 153 -43.30 6.99 18.15
C PRO D 153 -43.31 8.43 17.62
N GLU D 154 -42.67 9.35 18.31
CA GLU D 154 -42.55 10.69 17.88
C GLU D 154 -41.44 10.77 16.90
N LYS D 155 -40.47 9.88 16.98
CA LYS D 155 -39.39 9.99 16.03
C LYS D 155 -39.75 9.68 14.61
N TYR D 156 -40.48 8.61 14.37
CA TYR D 156 -40.80 8.28 13.02
C TYR D 156 -42.24 8.38 12.80
N VAL D 157 -42.61 8.59 11.56
CA VAL D 157 -43.98 8.79 11.10
C VAL D 157 -44.21 7.86 9.92
N THR D 158 -45.29 7.09 9.97
CA THR D 158 -45.62 6.13 8.93
C THR D 158 -46.81 6.63 8.11
N SER D 159 -46.70 6.47 6.79
CA SER D 159 -47.77 6.89 5.90
C SER D 159 -48.91 5.88 5.91
N ALA D 160 -50.04 6.30 5.37
CA ALA D 160 -51.16 5.39 5.18
C ALA D 160 -50.99 4.63 3.87
N PRO D 161 -51.45 3.38 3.81
CA PRO D 161 -51.33 2.60 2.57
C PRO D 161 -52.07 3.27 1.42
N MET D 162 -51.47 3.21 0.23
CA MET D 162 -52.06 3.77 -0.97
C MET D 162 -51.89 2.79 -2.13
N PRO D 163 -52.82 2.76 -3.07
CA PRO D 163 -52.73 1.80 -4.17
C PRO D 163 -51.48 2.02 -5.01
N GLU D 164 -50.69 0.95 -5.16
CA GLU D 164 -49.50 1.03 -5.99
C GLU D 164 -49.89 1.18 -7.45
N PRO D 165 -49.26 2.09 -8.19
CA PRO D 165 -49.69 2.37 -9.57
C PRO D 165 -49.58 1.18 -10.51
N GLN D 166 -48.42 0.57 -10.57
CA GLN D 166 -48.23 -0.56 -11.46
C GLN D 166 -49.05 -1.77 -11.10
N ALA D 167 -48.63 -2.49 -10.07
CA ALA D 167 -49.37 -3.65 -9.66
C ALA D 167 -50.70 -3.15 -9.18
N PRO D 168 -51.78 -3.75 -9.64
CA PRO D 168 -53.06 -3.20 -9.23
C PRO D 168 -53.56 -3.64 -7.90
N GLY D 169 -53.22 -4.81 -7.43
CA GLY D 169 -53.70 -5.19 -6.14
C GLY D 169 -52.82 -4.73 -4.98
N ARG D 170 -51.56 -4.46 -5.25
CA ARG D 170 -50.67 -4.09 -4.18
C ARG D 170 -50.63 -2.66 -3.76
N TYR D 171 -50.61 -2.45 -2.47
CA TYR D 171 -50.60 -1.13 -1.83
C TYR D 171 -49.26 -0.93 -1.14
N PHE D 172 -48.67 0.25 -1.34
CA PHE D 172 -47.40 0.58 -0.71
C PHE D 172 -47.59 1.51 0.47
N ALA D 173 -46.51 1.75 1.20
CA ALA D 173 -46.53 2.63 2.36
C ALA D 173 -45.12 3.09 2.66
N HIS D 174 -45.02 4.21 3.37
CA HIS D 174 -43.74 4.82 3.71
C HIS D 174 -43.65 5.06 5.21
N SER D 175 -42.45 4.93 5.74
CA SER D 175 -42.16 5.29 7.12
C SER D 175 -40.85 6.05 7.18
N ILE D 176 -40.90 7.30 7.64
CA ILE D 176 -39.71 8.15 7.72
C ILE D 176 -39.30 8.27 9.17
N LEU D 177 -38.02 8.02 9.44
CA LEU D 177 -37.43 8.22 10.75
C LEU D 177 -36.45 9.37 10.67
N THR D 178 -36.66 10.39 11.50
CA THR D 178 -35.79 11.56 11.52
C THR D 178 -34.79 11.43 12.66
N VAL D 179 -33.51 11.39 12.32
CA VAL D 179 -32.44 11.26 13.30
C VAL D 179 -31.40 12.32 13.01
N SER D 180 -30.58 12.62 14.01
CA SER D 180 -29.53 13.62 13.84
C SER D 180 -28.48 13.14 12.85
N GLU D 181 -27.93 14.09 12.09
CA GLU D 181 -26.97 13.74 11.05
C GLU D 181 -25.69 13.16 11.65
N GLU D 182 -25.24 13.72 12.77
CA GLU D 182 -24.03 13.20 13.42
C GLU D 182 -24.26 11.76 13.88
N GLU D 183 -25.45 11.46 14.38
CA GLU D 183 -25.77 10.09 14.75
C GLU D 183 -25.69 9.16 13.55
N TRP D 184 -26.15 9.63 12.40
CA TRP D 184 -26.04 8.83 11.18
C TRP D 184 -24.58 8.59 10.81
N ASN D 185 -23.74 9.61 10.98
CA ASN D 185 -22.33 9.46 10.62
C ASN D 185 -21.61 8.41 11.48
N THR D 186 -22.15 8.08 12.65
CA THR D 186 -21.54 7.08 13.52
C THR D 186 -22.00 5.66 13.18
N GLY D 187 -22.90 5.51 12.21
CA GLY D 187 -23.35 4.19 11.81
C GLY D 187 -24.04 3.42 12.92
N GLU D 188 -25.21 3.88 13.33
CA GLU D 188 -25.91 3.31 14.47
C GLU D 188 -26.85 2.17 14.09
N THR D 189 -26.92 1.82 12.81
CA THR D 189 -27.62 0.62 12.34
C THR D 189 -29.09 0.60 12.78
N TYR D 190 -29.96 1.36 12.12
CA TYR D 190 -31.38 1.27 12.48
C TYR D 190 -32.06 0.18 11.75
N THR D 191 -33.24 -0.24 12.18
CA THR D 191 -33.92 -1.32 11.50
C THR D 191 -35.37 -1.05 11.40
N CYS D 192 -35.99 -1.22 10.29
CA CYS D 192 -37.36 -0.88 10.17
C CYS D 192 -38.07 -2.13 10.18
N VAL D 193 -38.97 -2.42 11.11
CA VAL D 193 -39.67 -3.72 11.13
C VAL D 193 -41.10 -3.69 10.64
N VAL D 194 -41.54 -4.63 9.85
CA VAL D 194 -42.87 -4.59 9.32
C VAL D 194 -43.63 -5.82 9.68
N ALA D 195 -44.84 -5.69 10.14
CA ALA D 195 -45.77 -6.73 10.55
C ALA D 195 -46.92 -6.75 9.55
N HIS D 196 -47.14 -7.91 8.93
CA HIS D 196 -48.16 -8.08 7.91
C HIS D 196 -48.57 -9.54 7.87
N GLU D 197 -49.80 -9.78 7.45
CA GLU D 197 -50.35 -11.15 7.48
C GLU D 197 -49.61 -12.06 6.51
N ALA D 198 -49.29 -11.56 5.32
CA ALA D 198 -48.74 -12.42 4.28
C ALA D 198 -47.31 -12.87 4.62
N LEU D 199 -46.66 -12.19 5.55
CA LEU D 199 -45.31 -12.55 5.91
C LEU D 199 -45.29 -13.91 6.61
N PRO D 200 -44.23 -14.71 6.43
CA PRO D 200 -44.24 -16.06 7.03
C PRO D 200 -44.28 -16.04 8.55
N ASN D 201 -43.38 -15.29 9.19
CA ASN D 201 -43.37 -15.15 10.64
C ASN D 201 -44.09 -13.90 11.10
N ARG D 202 -44.76 -13.20 10.20
CA ARG D 202 -45.50 -11.96 10.42
C ARG D 202 -44.58 -10.79 10.76
N VAL D 203 -43.26 -10.96 10.72
CA VAL D 203 -42.33 -9.88 11.00
C VAL D 203 -41.18 -9.98 10.00
N THR D 204 -40.80 -8.85 9.43
CA THR D 204 -39.61 -8.77 8.60
C THR D 204 -38.82 -7.52 8.97
N GLU D 205 -37.52 -7.69 9.21
CA GLU D 205 -36.66 -6.60 9.65
C GLU D 205 -35.61 -6.33 8.60
N ARG D 206 -35.37 -5.06 8.32
CA ARG D 206 -34.28 -4.63 7.44
C ARG D 206 -33.49 -3.55 8.13
N THR D 207 -32.16 -3.62 8.05
CA THR D 207 -31.29 -2.69 8.77
C THR D 207 -30.48 -1.86 7.79
N VAL D 208 -30.17 -0.63 8.21
CA VAL D 208 -29.33 0.27 7.43
C VAL D 208 -28.39 1.00 8.38
N ASP D 209 -27.22 1.36 7.85
CA ASP D 209 -26.27 2.20 8.57
C ASP D 209 -25.44 2.96 7.54
N LYS D 210 -24.48 3.74 8.03
CA LYS D 210 -23.61 4.48 7.11
C LYS D 210 -22.76 3.52 6.29
N SER D 211 -22.37 2.40 6.87
CA SER D 211 -21.53 1.43 6.16
C SER D 211 -22.27 0.83 4.96
N THR D 212 -23.55 0.50 5.14
CA THR D 212 -24.31 -0.11 4.07
C THR D 212 -24.46 0.86 2.90
N GLY D 213 -24.38 0.32 1.68
CA GLY D 213 -24.47 1.12 0.49
C GLY D 213 -23.17 1.72 0.00
N LYS D 214 -22.07 1.51 0.71
CA LYS D 214 -20.77 1.97 0.27
C LYS D 214 -20.14 0.94 -0.64
N PRO D 215 -19.87 1.27 -1.90
CA PRO D 215 -19.28 0.31 -2.82
C PRO D 215 -17.80 0.12 -2.52
N THR D 216 -17.15 -0.67 -3.37
CA THR D 216 -15.71 -0.93 -3.21
C THR D 216 -14.95 0.24 -3.80
N LEU D 217 -14.66 1.24 -2.95
CA LEU D 217 -13.91 2.40 -3.40
C LEU D 217 -12.49 2.01 -3.80
N TYR D 218 -11.80 1.27 -2.95
CA TYR D 218 -10.38 1.00 -3.11
C TYR D 218 -10.20 -0.44 -3.57
N ASN D 219 -9.53 -0.61 -4.70
CA ASN D 219 -9.36 -1.92 -5.31
C ASN D 219 -7.87 -2.11 -5.60
N VAL D 220 -7.12 -2.55 -4.59
CA VAL D 220 -5.68 -2.72 -4.75
C VAL D 220 -5.41 -4.12 -5.29
N SER D 221 -4.48 -4.20 -6.25
CA SER D 221 -4.12 -5.46 -6.87
C SER D 221 -2.61 -5.64 -6.79
N LEU D 222 -2.14 -6.21 -5.68
CA LEU D 222 -0.74 -6.52 -5.54
C LEU D 222 -0.39 -7.77 -6.35
N VAL D 223 0.62 -7.66 -7.19
CA VAL D 223 1.07 -8.78 -8.02
C VAL D 223 2.59 -8.88 -7.94
N MET D 224 3.09 -10.09 -7.80
CA MET D 224 4.53 -10.33 -7.73
C MET D 224 5.16 -10.34 -9.12
N ILE E 1 -55.89 -43.47 34.40
CA ILE E 1 -55.37 -44.04 35.64
C ILE E 1 -54.16 -43.24 36.10
N ARG E 2 -53.27 -42.91 35.16
CA ARG E 2 -52.14 -42.03 35.41
C ARG E 2 -52.41 -40.69 34.74
N VAL E 3 -52.36 -39.62 35.52
CA VAL E 3 -52.72 -38.29 35.03
C VAL E 3 -51.46 -37.55 34.62
N PHE E 4 -51.44 -37.02 33.40
CA PHE E 4 -50.34 -36.23 32.88
C PHE E 4 -50.87 -34.89 32.39
N ALA E 5 -50.12 -33.83 32.66
CA ALA E 5 -50.47 -32.50 32.20
C ALA E 5 -49.34 -31.93 31.37
N ILE E 6 -49.57 -31.78 30.08
CA ILE E 6 -48.60 -31.19 29.16
C ILE E 6 -49.05 -29.76 28.89
N PRO E 7 -48.34 -28.76 29.41
CA PRO E 7 -48.69 -27.37 29.14
C PRO E 7 -48.31 -26.97 27.73
N PRO E 8 -48.95 -25.95 27.18
CA PRO E 8 -48.54 -25.45 25.85
C PRO E 8 -47.11 -24.92 25.89
N SER E 9 -46.39 -25.14 24.80
CA SER E 9 -45.04 -24.63 24.63
C SER E 9 -45.07 -23.41 23.73
N PHE E 10 -44.04 -22.58 23.87
CA PHE E 10 -43.99 -21.36 23.06
C PHE E 10 -43.85 -21.69 21.58
N ALA E 11 -43.20 -22.82 21.27
CA ALA E 11 -43.06 -23.23 19.88
C ALA E 11 -44.43 -23.49 19.25
N SER E 12 -45.31 -24.18 19.98
CA SER E 12 -46.65 -24.45 19.46
C SER E 12 -47.47 -23.18 19.30
N ILE E 13 -47.42 -22.30 20.30
CA ILE E 13 -48.25 -21.09 20.24
C ILE E 13 -47.68 -20.10 19.24
N PHE E 14 -46.45 -20.35 18.78
CA PHE E 14 -45.89 -19.54 17.70
C PHE E 14 -46.26 -20.13 16.34
N LEU E 15 -46.14 -21.45 16.20
CA LEU E 15 -46.40 -22.08 14.90
C LEU E 15 -47.87 -22.02 14.55
N THR E 16 -48.76 -22.36 15.49
CA THR E 16 -50.18 -22.38 15.22
C THR E 16 -50.90 -21.11 15.67
N LYS E 17 -50.25 -20.25 16.45
CA LYS E 17 -50.79 -19.01 16.99
C LYS E 17 -52.01 -19.24 17.87
N SER E 18 -52.29 -20.47 18.26
CA SER E 18 -53.39 -20.80 19.16
C SER E 18 -52.86 -21.73 20.24
N THR E 19 -52.87 -21.26 21.48
CA THR E 19 -52.35 -22.07 22.58
C THR E 19 -53.20 -23.32 22.75
N LYS E 20 -52.55 -24.40 23.17
CA LYS E 20 -53.14 -25.74 23.12
C LYS E 20 -52.85 -26.47 24.44
N LEU E 21 -53.75 -26.34 25.40
CA LEU E 21 -53.62 -27.05 26.67
C LEU E 21 -53.67 -28.55 26.42
N THR E 22 -52.84 -29.32 27.12
CA THR E 22 -52.81 -30.75 26.92
C THR E 22 -52.93 -31.49 28.25
N CYS E 23 -53.81 -32.48 28.27
CA CYS E 23 -53.93 -33.42 29.37
C CYS E 23 -53.99 -34.82 28.79
N LEU E 24 -53.51 -35.79 29.56
CA LEU E 24 -53.33 -37.14 29.04
C LEU E 24 -53.53 -38.15 30.16
N VAL E 25 -53.97 -39.35 29.78
CA VAL E 25 -54.17 -40.45 30.72
C VAL E 25 -53.34 -41.64 30.24
N THR E 26 -52.67 -42.29 31.18
CA THR E 26 -51.76 -43.39 30.91
C THR E 26 -52.15 -44.56 31.81
N ASP E 27 -51.55 -45.73 31.55
CA ASP E 27 -51.77 -46.96 32.30
C ASP E 27 -53.16 -47.54 32.06
N LEU E 28 -53.84 -47.11 31.00
CA LEU E 28 -55.17 -47.58 30.67
C LEU E 28 -55.17 -48.06 29.22
N THR E 29 -56.04 -49.01 28.92
CA THR E 29 -56.19 -49.47 27.55
C THR E 29 -57.32 -48.71 26.85
N THR E 30 -57.26 -48.67 25.52
CA THR E 30 -58.16 -47.83 24.72
C THR E 30 -59.45 -48.60 24.45
N TYR E 31 -60.49 -48.26 25.22
CA TYR E 31 -61.80 -48.88 25.01
C TYR E 31 -62.48 -48.32 23.76
N ASP E 32 -62.83 -47.04 23.78
CA ASP E 32 -63.58 -46.40 22.71
C ASP E 32 -63.67 -44.91 22.98
N SER E 33 -63.71 -44.12 21.90
CA SER E 33 -63.81 -42.67 21.98
C SER E 33 -62.76 -42.10 22.94
N VAL E 34 -61.50 -42.48 22.71
CA VAL E 34 -60.43 -42.15 23.63
C VAL E 34 -60.24 -40.64 23.68
N THR E 35 -60.19 -40.09 24.88
CA THR E 35 -60.09 -38.66 25.09
C THR E 35 -59.83 -38.39 26.56
N ILE E 36 -59.65 -37.10 26.87
CA ILE E 36 -59.64 -36.59 28.24
C ILE E 36 -60.63 -35.45 28.29
N SER E 37 -61.45 -35.42 29.34
CA SER E 37 -62.43 -34.35 29.50
C SER E 37 -61.73 -33.00 29.47
N TRP E 38 -62.50 -31.95 29.14
CA TRP E 38 -61.92 -30.63 28.95
C TRP E 38 -62.77 -29.56 29.61
N THR E 39 -62.11 -28.73 30.42
CA THR E 39 -62.70 -27.56 31.03
C THR E 39 -61.61 -26.51 31.19
N ARG E 40 -62.03 -25.26 31.31
CA ARG E 40 -61.14 -24.21 31.78
C ARG E 40 -61.42 -23.97 33.27
N GLN E 41 -60.87 -22.89 33.82
CA GLN E 41 -61.16 -22.54 35.19
C GLN E 41 -62.66 -22.34 35.40
N ASN E 42 -63.35 -21.77 34.42
CA ASN E 42 -64.79 -21.64 34.45
C ASN E 42 -65.52 -22.80 33.82
N GLY E 43 -64.80 -23.75 33.22
CA GLY E 43 -65.40 -24.93 32.63
C GLY E 43 -65.96 -24.75 31.24
N GLU E 44 -65.77 -23.59 30.60
CA GLU E 44 -66.36 -23.35 29.30
C GLU E 44 -65.62 -24.10 28.20
N ALA E 45 -64.35 -24.43 28.42
CA ALA E 45 -63.50 -25.01 27.39
C ALA E 45 -63.70 -26.53 27.28
N VAL E 46 -64.91 -26.90 26.87
CA VAL E 46 -65.23 -28.31 26.61
C VAL E 46 -65.00 -28.60 25.13
N LYS E 47 -63.92 -29.34 24.83
CA LYS E 47 -63.49 -29.53 23.45
C LYS E 47 -63.54 -31.01 23.08
N THR E 48 -63.09 -31.29 21.86
CA THR E 48 -63.27 -32.57 21.20
C THR E 48 -61.98 -33.39 21.25
N HIS E 49 -62.10 -34.70 21.02
CA HIS E 49 -60.99 -35.64 21.07
C HIS E 49 -60.20 -35.62 19.77
N THR E 50 -59.03 -36.28 19.82
CA THR E 50 -58.18 -36.44 18.65
C THR E 50 -57.15 -37.53 18.95
N ASN E 51 -56.40 -37.90 17.91
CA ASN E 51 -55.32 -38.89 18.02
C ASN E 51 -55.84 -40.24 18.52
N ILE E 52 -56.80 -40.80 17.78
CA ILE E 52 -57.39 -42.08 18.16
C ILE E 52 -56.52 -43.22 17.64
N SER E 53 -56.17 -44.14 18.53
CA SER E 53 -55.45 -45.35 18.14
C SER E 53 -56.07 -46.54 18.84
N GLU E 54 -55.96 -47.70 18.19
CA GLU E 54 -56.64 -48.90 18.69
C GLU E 54 -55.99 -49.40 19.98
N SER E 55 -54.67 -49.54 19.98
CA SER E 55 -53.98 -50.09 21.14
C SER E 55 -52.50 -49.77 21.05
N HIS E 56 -51.82 -49.91 22.18
CA HIS E 56 -50.37 -49.81 22.29
C HIS E 56 -49.77 -51.13 21.80
N PRO E 57 -48.47 -51.15 21.50
CA PRO E 57 -47.81 -52.46 21.32
C PRO E 57 -48.04 -53.39 22.49
N ASN E 58 -48.23 -52.86 23.70
CA ASN E 58 -48.62 -53.64 24.86
C ASN E 58 -50.13 -53.56 25.11
N ALA E 59 -50.91 -53.04 24.14
CA ALA E 59 -52.35 -52.93 24.21
C ALA E 59 -52.84 -52.09 25.38
N THR E 60 -52.08 -51.06 25.76
CA THR E 60 -52.43 -50.16 26.87
C THR E 60 -52.17 -48.71 26.45
N PHE E 61 -52.64 -48.36 25.25
CA PHE E 61 -52.32 -47.06 24.68
C PHE E 61 -52.94 -45.93 25.51
N SER E 62 -52.21 -44.82 25.57
CA SER E 62 -52.68 -43.65 26.30
C SER E 62 -53.71 -42.88 25.47
N ALA E 63 -54.89 -42.69 26.04
CA ALA E 63 -55.92 -41.90 25.37
C ALA E 63 -55.47 -40.45 25.25
N VAL E 64 -55.84 -39.81 24.13
CA VAL E 64 -55.40 -38.47 23.80
C VAL E 64 -56.60 -37.58 23.53
N GLY E 65 -56.58 -36.38 24.11
CA GLY E 65 -57.54 -35.35 23.78
C GLY E 65 -56.86 -34.01 23.72
N GLU E 66 -57.59 -33.01 23.23
CA GLU E 66 -57.04 -31.66 23.10
C GLU E 66 -58.11 -30.62 23.38
N ALA E 67 -57.68 -29.46 23.86
CA ALA E 67 -58.56 -28.34 24.13
C ALA E 67 -57.89 -27.05 23.66
N SER E 68 -58.72 -26.07 23.31
CA SER E 68 -58.23 -24.82 22.75
C SER E 68 -58.78 -23.63 23.52
N ILE E 69 -57.90 -22.66 23.78
CA ILE E 69 -58.25 -21.38 24.38
C ILE E 69 -57.47 -20.29 23.67
N CYS E 70 -57.79 -19.04 24.00
CA CYS E 70 -57.10 -17.91 23.40
C CYS E 70 -55.63 -17.89 23.81
N GLU E 71 -54.78 -17.44 22.89
CA GLU E 71 -53.33 -17.51 23.10
C GLU E 71 -52.89 -16.67 24.29
N ASP E 72 -53.48 -15.49 24.46
CA ASP E 72 -53.07 -14.62 25.57
C ASP E 72 -53.51 -15.18 26.92
N ASP E 73 -54.44 -16.14 26.93
CA ASP E 73 -54.91 -16.70 28.18
C ASP E 73 -53.79 -17.43 28.91
N TRP E 74 -52.97 -18.19 28.18
CA TRP E 74 -51.89 -18.93 28.83
C TRP E 74 -50.87 -17.99 29.46
N ASN E 75 -50.53 -16.91 28.77
CA ASN E 75 -49.62 -15.91 29.29
C ASN E 75 -50.25 -15.01 30.34
N SER E 76 -51.59 -15.05 30.48
CA SER E 76 -52.24 -14.26 31.51
C SER E 76 -51.81 -14.70 32.91
N GLY E 77 -51.45 -15.97 33.07
CA GLY E 77 -50.98 -16.49 34.34
C GLY E 77 -52.04 -17.11 35.21
N GLU E 78 -53.32 -16.95 34.86
CA GLU E 78 -54.39 -17.55 35.64
C GLU E 78 -54.36 -19.06 35.50
N ARG E 79 -54.73 -19.76 36.57
CA ARG E 79 -54.77 -21.21 36.55
C ARG E 79 -55.88 -21.70 35.63
N PHE E 80 -55.59 -22.74 34.87
CA PHE E 80 -56.57 -23.38 34.00
C PHE E 80 -56.80 -24.80 34.49
N THR E 81 -58.07 -25.15 34.69
CA THR E 81 -58.46 -26.42 35.29
C THR E 81 -59.17 -27.27 34.24
N CYS E 82 -58.49 -28.31 33.75
CA CYS E 82 -59.06 -29.25 32.81
C CYS E 82 -59.49 -30.50 33.54
N THR E 83 -60.70 -30.97 33.25
CA THR E 83 -61.20 -32.19 33.86
C THR E 83 -60.54 -33.42 33.22
N VAL E 84 -60.75 -34.57 33.84
CA VAL E 84 -60.23 -35.85 33.39
C VAL E 84 -61.33 -36.89 33.56
N THR E 85 -62.00 -37.24 32.46
CA THR E 85 -63.08 -38.21 32.47
C THR E 85 -62.92 -39.12 31.26
N HIS E 86 -62.75 -40.42 31.52
CA HIS E 86 -62.62 -41.41 30.47
C HIS E 86 -63.27 -42.70 30.94
N THR E 87 -63.72 -43.51 29.98
CA THR E 87 -64.46 -44.73 30.33
C THR E 87 -63.57 -45.74 31.04
N ASP E 88 -62.28 -45.80 30.67
CA ASP E 88 -61.40 -46.80 31.25
C ASP E 88 -61.04 -46.46 32.69
N LEU E 89 -60.74 -45.19 32.97
CA LEU E 89 -60.35 -44.80 34.31
C LEU E 89 -61.52 -45.01 35.29
N PRO E 90 -61.24 -45.42 36.53
CA PRO E 90 -62.35 -45.74 37.44
C PRO E 90 -63.12 -44.52 37.92
N SER E 91 -62.43 -43.41 38.21
CA SER E 91 -63.08 -42.24 38.77
C SER E 91 -62.56 -40.99 38.08
N PRO E 92 -63.44 -40.15 37.52
CA PRO E 92 -63.01 -38.89 36.94
C PRO E 92 -62.53 -37.91 38.01
N LEU E 93 -61.76 -36.91 37.57
CA LEU E 93 -61.17 -35.94 38.47
C LEU E 93 -60.92 -34.67 37.66
N LYS E 94 -60.10 -33.76 38.17
CA LYS E 94 -59.68 -32.60 37.40
C LYS E 94 -58.32 -32.13 37.90
N GLN E 95 -57.59 -31.46 37.02
CA GLN E 95 -56.26 -30.94 37.32
C GLN E 95 -56.20 -29.47 36.90
N THR E 96 -55.25 -28.74 37.48
CA THR E 96 -55.05 -27.35 37.14
C THR E 96 -53.57 -27.06 36.91
N ILE E 97 -53.28 -26.32 35.84
CA ILE E 97 -51.92 -25.92 35.50
C ILE E 97 -51.96 -24.51 34.93
N SER E 98 -50.78 -23.87 34.93
CA SER E 98 -50.65 -22.52 34.40
C SER E 98 -49.20 -22.26 34.03
N ARG E 99 -48.99 -21.19 33.26
CA ARG E 99 -47.64 -20.74 32.95
C ARG E 99 -46.94 -20.31 34.23
N PRO E 100 -45.70 -20.75 34.48
CA PRO E 100 -45.01 -20.34 35.70
C PRO E 100 -44.57 -18.89 35.60
N LYS E 101 -45.12 -18.05 36.47
CA LYS E 101 -44.80 -16.65 36.39
C LYS E 101 -43.58 -16.27 37.21
N GLY E 102 -43.37 -14.97 37.37
CA GLY E 102 -42.25 -14.46 38.12
C GLY E 102 -40.95 -15.03 37.59
N VAL E 103 -40.64 -14.69 36.35
CA VAL E 103 -39.45 -15.20 35.71
C VAL E 103 -38.84 -14.14 34.80
N ALA E 104 -37.67 -13.64 35.19
CA ALA E 104 -36.96 -12.58 34.49
C ALA E 104 -36.90 -12.67 32.99
N LEU E 105 -37.02 -11.55 32.32
CA LEU E 105 -37.00 -11.55 30.88
C LEU E 105 -35.81 -10.84 30.35
N HIS E 106 -34.96 -11.55 29.67
CA HIS E 106 -33.81 -10.89 29.08
C HIS E 106 -33.83 -11.10 27.58
N ARG E 107 -33.55 -10.04 26.84
CA ARG E 107 -33.65 -10.08 25.39
C ARG E 107 -32.61 -11.04 24.81
N PRO E 108 -33.00 -11.98 23.96
CA PRO E 108 -32.00 -12.81 23.28
C PRO E 108 -31.07 -11.97 22.43
N ASP E 109 -29.81 -12.37 22.40
CA ASP E 109 -28.81 -11.81 21.50
C ASP E 109 -28.44 -12.92 20.53
N VAL E 110 -28.66 -12.67 19.25
CA VAL E 110 -28.53 -13.69 18.22
C VAL E 110 -27.31 -13.37 17.36
N TYR E 111 -26.45 -14.36 17.16
CA TYR E 111 -25.29 -14.22 16.29
C TYR E 111 -25.27 -15.38 15.31
N LEU E 112 -24.79 -15.11 14.10
CA LEU E 112 -24.66 -16.15 13.08
C LEU E 112 -23.18 -16.34 12.75
N LEU E 113 -22.69 -17.55 12.98
CA LEU E 113 -21.31 -17.87 12.71
C LEU E 113 -21.23 -18.76 11.48
N PRO E 114 -20.50 -18.34 10.46
CA PRO E 114 -20.38 -19.12 9.23
C PRO E 114 -19.47 -20.32 9.46
N PRO E 115 -19.50 -21.30 8.56
CA PRO E 115 -18.65 -22.48 8.73
C PRO E 115 -17.18 -22.11 8.66
N ALA E 116 -16.37 -22.85 9.43
CA ALA E 116 -14.93 -22.62 9.44
C ALA E 116 -14.34 -22.94 8.08
N ARG E 117 -13.18 -22.31 7.80
CA ARG E 117 -12.55 -22.49 6.49
C ARG E 117 -12.19 -23.94 6.23
N GLU E 118 -11.88 -24.69 7.29
CA GLU E 118 -11.54 -26.11 7.13
C GLU E 118 -12.74 -26.89 6.64
N GLN E 119 -13.93 -26.64 7.20
CA GLN E 119 -15.13 -27.35 6.78
C GLN E 119 -15.41 -27.10 5.31
N LEU E 120 -15.22 -25.85 4.86
CA LEU E 120 -15.37 -25.56 3.44
C LEU E 120 -14.26 -26.24 2.62
N ASN E 121 -13.08 -26.39 3.22
CA ASN E 121 -11.98 -27.05 2.52
C ASN E 121 -12.30 -28.51 2.23
N LEU E 122 -12.98 -29.20 3.17
CA LEU E 122 -13.42 -30.56 2.89
C LEU E 122 -14.36 -30.61 1.68
N ARG E 123 -15.09 -29.53 1.39
CA ARG E 123 -15.99 -29.46 0.25
C ARG E 123 -17.02 -30.59 0.28
N GLU E 124 -17.54 -30.88 1.47
CA GLU E 124 -18.59 -31.88 1.60
C GLU E 124 -19.87 -31.21 2.11
N SER E 125 -19.77 -30.53 3.24
CA SER E 125 -20.89 -29.83 3.83
C SER E 125 -20.35 -28.66 4.65
N ALA E 126 -21.26 -27.83 5.13
CA ALA E 126 -20.92 -26.64 5.90
C ALA E 126 -22.03 -26.36 6.91
N THR E 127 -21.65 -26.04 8.14
CA THR E 127 -22.59 -25.79 9.21
C THR E 127 -22.59 -24.31 9.53
N ILE E 128 -23.73 -23.66 9.34
CA ILE E 128 -23.95 -22.30 9.81
C ILE E 128 -24.62 -22.39 11.17
N THR E 129 -24.04 -21.76 12.18
CA THR E 129 -24.56 -21.90 13.53
C THR E 129 -25.18 -20.59 14.02
N CYS E 130 -26.41 -20.69 14.51
CA CYS E 130 -27.15 -19.58 15.10
C CYS E 130 -27.04 -19.72 16.60
N LEU E 131 -26.31 -18.81 17.23
CA LEU E 131 -26.08 -18.84 18.67
C LEU E 131 -26.97 -17.79 19.32
N VAL E 132 -27.80 -18.22 20.26
CA VAL E 132 -28.72 -17.34 20.97
C VAL E 132 -28.31 -17.30 22.43
N THR E 133 -28.04 -16.11 22.94
CA THR E 133 -27.55 -15.95 24.30
C THR E 133 -28.43 -14.99 25.10
N GLY E 134 -28.34 -15.08 26.42
CA GLY E 134 -28.95 -14.09 27.27
C GLY E 134 -30.46 -14.03 27.22
N PHE E 135 -31.11 -15.18 27.18
CA PHE E 135 -32.57 -15.27 27.20
C PHE E 135 -32.99 -16.19 28.33
N SER E 136 -33.99 -15.78 29.12
CA SER E 136 -34.35 -16.61 30.26
C SER E 136 -35.80 -16.68 30.72
N PRO E 137 -36.77 -16.86 29.82
CA PRO E 137 -37.93 -17.68 30.19
C PRO E 137 -37.75 -19.12 29.77
N ALA E 138 -36.44 -19.38 29.62
CA ALA E 138 -35.86 -20.63 29.24
C ALA E 138 -36.47 -21.12 27.99
N ASP E 139 -37.06 -20.25 27.21
CA ASP E 139 -37.65 -20.69 25.99
C ASP E 139 -37.26 -19.91 24.77
N VAL E 140 -37.05 -20.65 23.71
CA VAL E 140 -36.62 -20.10 22.47
C VAL E 140 -37.07 -20.99 21.40
N PHE E 141 -37.49 -20.44 20.29
CA PHE E 141 -37.84 -21.27 19.20
C PHE E 141 -37.01 -20.82 18.06
N VAL E 142 -36.06 -21.56 17.55
CA VAL E 142 -35.27 -21.06 16.49
C VAL E 142 -35.53 -21.87 15.31
N GLN E 143 -35.72 -21.25 14.18
CA GLN E 143 -35.93 -21.87 12.89
C GLN E 143 -35.08 -21.15 11.86
N TRP E 144 -35.03 -21.69 10.65
CA TRP E 144 -34.17 -21.14 9.61
C TRP E 144 -34.99 -20.71 8.41
N MET E 145 -34.81 -19.46 8.02
CA MET E 145 -35.54 -18.81 6.96
C MET E 145 -34.56 -18.40 5.89
N GLN E 146 -34.45 -19.18 4.83
CA GLN E 146 -33.58 -18.80 3.72
C GLN E 146 -34.41 -18.67 2.45
N ARG E 147 -33.96 -17.77 1.60
CA ARG E 147 -34.58 -17.46 0.34
C ARG E 147 -36.02 -17.25 0.56
N GLY E 148 -36.35 -16.34 1.43
CA GLY E 148 -37.73 -16.09 1.69
C GLY E 148 -38.36 -17.00 2.71
N GLN E 149 -38.44 -18.30 2.46
CA GLN E 149 -39.13 -19.12 3.42
C GLN E 149 -38.53 -20.45 3.77
N PRO E 150 -38.89 -20.93 4.96
CA PRO E 150 -38.70 -22.05 5.86
C PRO E 150 -38.03 -23.22 5.28
N LEU E 151 -36.96 -23.70 5.90
CA LEU E 151 -36.32 -24.91 5.40
C LEU E 151 -36.91 -26.07 6.15
N SER E 152 -36.77 -27.28 5.62
CA SER E 152 -37.28 -28.48 6.25
C SER E 152 -36.71 -28.60 7.67
N PRO E 153 -37.53 -28.96 8.65
CA PRO E 153 -37.03 -29.04 10.03
C PRO E 153 -35.95 -30.08 10.23
N GLU E 154 -35.81 -31.04 9.32
CA GLU E 154 -34.77 -32.06 9.49
C GLU E 154 -33.38 -31.47 9.32
N LYS E 155 -33.25 -30.42 8.49
CA LYS E 155 -31.93 -29.89 8.17
C LYS E 155 -31.23 -29.31 9.40
N TYR E 156 -31.93 -28.48 10.17
CA TYR E 156 -31.32 -27.80 11.30
C TYR E 156 -31.57 -28.56 12.59
N VAL E 157 -30.63 -28.46 13.52
CA VAL E 157 -30.75 -29.05 14.84
C VAL E 157 -30.51 -27.95 15.87
N THR E 158 -31.45 -27.80 16.79
CA THR E 158 -31.38 -26.80 17.85
C THR E 158 -31.19 -27.50 19.19
N SER E 159 -30.09 -27.19 19.87
CA SER E 159 -29.83 -27.78 21.18
C SER E 159 -30.79 -27.24 22.22
N ALA E 160 -31.02 -28.02 23.27
CA ALA E 160 -31.86 -27.57 24.36
C ALA E 160 -31.18 -26.42 25.10
N PRO E 161 -31.92 -25.49 25.64
CA PRO E 161 -31.27 -24.33 26.25
C PRO E 161 -30.49 -24.70 27.41
N MET E 162 -29.31 -24.19 27.57
CA MET E 162 -28.52 -24.59 28.70
C MET E 162 -27.97 -23.40 29.42
N PRO E 163 -28.16 -23.36 30.68
CA PRO E 163 -27.78 -22.29 31.56
C PRO E 163 -26.39 -21.84 31.39
N GLU E 164 -26.23 -20.58 31.08
CA GLU E 164 -24.98 -19.91 30.86
C GLU E 164 -23.89 -20.03 31.87
N PRO E 165 -22.67 -19.67 31.48
CA PRO E 165 -21.61 -19.76 32.46
C PRO E 165 -21.61 -18.54 33.37
N GLN E 166 -21.43 -17.33 32.86
CA GLN E 166 -21.33 -16.16 33.74
C GLN E 166 -22.70 -15.78 34.29
N ALA E 167 -23.67 -15.54 33.42
CA ALA E 167 -24.97 -15.05 33.84
C ALA E 167 -25.81 -16.20 34.36
N PRO E 168 -26.23 -16.18 35.63
CA PRO E 168 -27.00 -17.32 36.16
C PRO E 168 -28.37 -17.46 35.51
N GLY E 169 -29.17 -16.39 35.50
CA GLY E 169 -30.50 -16.49 34.92
C GLY E 169 -30.47 -16.72 33.42
N ARG E 170 -29.69 -15.95 32.69
CA ARG E 170 -29.63 -16.03 31.23
C ARG E 170 -29.07 -17.35 30.70
N TYR E 171 -29.73 -17.98 29.73
CA TYR E 171 -29.35 -19.23 29.09
C TYR E 171 -28.66 -19.08 27.75
N PHE E 172 -28.73 -20.10 26.88
CA PHE E 172 -28.21 -20.13 25.49
C PHE E 172 -28.64 -21.32 24.71
N ALA E 173 -28.55 -21.28 23.40
CA ALA E 173 -28.85 -22.42 22.57
C ALA E 173 -28.12 -22.31 21.28
N HIS E 174 -28.05 -23.36 20.54
CA HIS E 174 -27.33 -23.34 19.33
C HIS E 174 -28.14 -24.02 18.34
N SER E 175 -28.21 -23.51 17.19
CA SER E 175 -28.94 -24.14 16.09
C SER E 175 -28.03 -24.23 14.88
N ILE E 176 -27.62 -25.45 14.55
CA ILE E 176 -26.74 -25.68 13.41
C ILE E 176 -27.57 -26.07 12.20
N LEU E 177 -27.26 -25.44 11.07
CA LEU E 177 -27.86 -25.79 9.79
C LEU E 177 -26.76 -26.32 8.88
N THR E 178 -26.93 -27.54 8.41
CA THR E 178 -25.92 -28.20 7.57
C THR E 178 -26.38 -28.16 6.12
N VAL E 179 -25.63 -27.45 5.29
CA VAL E 179 -25.96 -27.29 3.88
C VAL E 179 -24.72 -27.57 3.04
N SER E 180 -24.93 -27.99 1.81
CA SER E 180 -23.81 -28.33 0.94
C SER E 180 -23.00 -27.08 0.62
N GLU E 181 -21.71 -27.29 0.34
CA GLU E 181 -20.76 -26.19 0.28
C GLU E 181 -21.04 -25.26 -0.89
N GLU E 182 -21.60 -25.78 -1.99
CA GLU E 182 -21.70 -24.98 -3.20
C GLU E 182 -22.70 -23.84 -3.04
N GLU E 183 -23.81 -24.08 -2.34
CA GLU E 183 -24.75 -22.99 -2.08
C GLU E 183 -24.10 -21.89 -1.26
N TRP E 184 -23.32 -22.28 -0.23
CA TRP E 184 -22.62 -21.28 0.56
C TRP E 184 -21.62 -20.50 -0.28
N ASN E 185 -20.90 -21.24 -1.10
CA ASN E 185 -19.86 -20.68 -1.93
C ASN E 185 -20.45 -19.78 -2.93
N THR E 186 -21.61 -20.16 -3.41
CA THR E 186 -22.31 -19.38 -4.37
C THR E 186 -22.61 -18.06 -3.77
N GLY E 187 -23.39 -18.08 -2.72
CA GLY E 187 -23.81 -16.86 -2.07
C GLY E 187 -25.25 -17.18 -1.84
N GLU E 188 -25.73 -17.16 -0.60
CA GLU E 188 -27.10 -17.53 -0.39
C GLU E 188 -27.86 -17.06 0.84
N THR E 189 -27.41 -16.07 1.55
CA THR E 189 -28.12 -15.56 2.69
C THR E 189 -28.71 -16.26 3.89
N TYR E 190 -29.13 -17.50 3.90
CA TYR E 190 -29.69 -18.16 5.10
C TYR E 190 -30.11 -17.46 6.39
N THR E 191 -31.36 -17.08 6.57
CA THR E 191 -31.71 -16.37 7.80
C THR E 191 -31.93 -17.31 8.93
N CYS E 192 -31.91 -16.84 10.17
CA CYS E 192 -32.11 -17.66 11.34
C CYS E 192 -33.14 -16.97 12.10
N VAL E 193 -34.24 -17.57 12.54
CA VAL E 193 -35.25 -16.76 13.21
C VAL E 193 -35.69 -17.02 14.64
N VAL E 194 -35.06 -16.41 15.61
CA VAL E 194 -35.32 -16.62 17.02
C VAL E 194 -36.59 -16.11 17.66
N ALA E 195 -37.66 -16.86 17.71
CA ALA E 195 -38.92 -16.45 18.30
C ALA E 195 -38.81 -16.68 19.80
N HIS E 196 -39.15 -15.65 20.57
CA HIS E 196 -38.90 -15.65 22.01
C HIS E 196 -39.81 -14.64 22.69
N GLU E 197 -40.00 -14.84 24.00
CA GLU E 197 -40.91 -13.97 24.76
C GLU E 197 -40.33 -12.57 24.95
N ALA E 198 -39.15 -12.53 25.46
CA ALA E 198 -38.48 -11.30 25.81
C ALA E 198 -38.12 -10.53 24.65
N LEU E 199 -38.63 -10.85 23.50
CA LEU E 199 -38.24 -10.07 22.36
C LEU E 199 -39.31 -9.06 22.15
N PRO E 200 -38.93 -7.83 21.77
CA PRO E 200 -39.72 -6.64 21.52
C PRO E 200 -40.98 -7.00 20.87
N ASN E 201 -40.95 -7.66 19.74
CA ASN E 201 -42.15 -8.09 19.08
C ASN E 201 -41.90 -9.51 18.76
N ARG E 202 -41.50 -10.23 19.77
CA ARG E 202 -41.22 -11.64 19.71
C ARG E 202 -40.40 -12.31 18.63
N VAL E 203 -39.96 -11.69 17.56
CA VAL E 203 -39.22 -12.35 16.49
C VAL E 203 -37.99 -11.52 16.15
N THR E 204 -36.84 -12.18 16.00
CA THR E 204 -35.62 -11.53 15.57
C THR E 204 -35.00 -12.32 14.43
N GLU E 205 -34.56 -11.61 13.40
CA GLU E 205 -34.00 -12.23 12.20
C GLU E 205 -32.56 -11.79 12.02
N ARG E 206 -31.72 -12.73 11.61
CA ARG E 206 -30.33 -12.45 11.32
C ARG E 206 -29.96 -13.10 9.99
N THR E 207 -28.98 -12.52 9.31
CA THR E 207 -28.60 -12.95 7.97
C THR E 207 -27.09 -13.05 7.86
N VAL E 208 -26.61 -14.14 7.28
CA VAL E 208 -25.19 -14.34 7.02
C VAL E 208 -25.04 -14.98 5.64
N ASP E 209 -24.01 -14.56 4.91
CA ASP E 209 -23.66 -15.17 3.64
C ASP E 209 -22.15 -15.14 3.49
N LYS E 210 -21.67 -15.52 2.30
CA LYS E 210 -20.23 -15.60 2.08
C LYS E 210 -19.55 -14.25 2.15
N SER E 211 -20.27 -13.16 1.85
CA SER E 211 -19.66 -11.84 1.73
C SER E 211 -19.78 -11.00 2.99
N THR E 212 -20.37 -11.54 4.07
CA THR E 212 -20.51 -10.76 5.30
C THR E 212 -19.15 -10.48 5.93
N GLY E 213 -18.26 -11.47 5.94
CA GLY E 213 -16.96 -11.29 6.56
C GLY E 213 -16.08 -10.31 5.81
N LYS E 214 -16.17 -10.29 4.49
CA LYS E 214 -15.26 -9.49 3.69
C LYS E 214 -15.49 -8.00 3.95
N PRO E 215 -14.43 -7.21 4.08
CA PRO E 215 -14.60 -5.75 4.20
C PRO E 215 -15.08 -5.16 2.88
N THR E 216 -15.84 -4.06 2.97
CA THR E 216 -16.45 -3.49 1.77
C THR E 216 -15.62 -2.36 1.20
N LEU E 217 -14.94 -1.59 2.06
CA LEU E 217 -14.19 -0.43 1.58
C LEU E 217 -13.00 -0.86 0.72
N TYR E 218 -12.06 -1.62 1.29
CA TYR E 218 -10.85 -2.00 0.61
C TYR E 218 -10.98 -3.41 0.05
N ASN E 219 -10.32 -3.65 -1.07
CA ASN E 219 -10.34 -4.94 -1.74
C ASN E 219 -8.94 -5.20 -2.27
N VAL E 220 -8.15 -5.95 -1.50
CA VAL E 220 -6.76 -6.24 -1.84
C VAL E 220 -6.67 -7.68 -2.32
N SER E 221 -6.19 -7.86 -3.53
CA SER E 221 -6.04 -9.18 -4.12
C SER E 221 -4.58 -9.40 -4.48
N LEU E 222 -4.01 -10.51 -4.02
CA LEU E 222 -2.62 -10.85 -4.27
C LEU E 222 -2.56 -11.80 -5.46
N VAL E 223 -1.76 -11.44 -6.46
CA VAL E 223 -1.70 -12.16 -7.73
C VAL E 223 -0.28 -12.64 -7.96
N MET E 224 -0.17 -13.87 -8.48
CA MET E 224 1.12 -14.41 -8.87
C MET E 224 1.19 -14.63 -10.38
N ILE F 1 -37.11 -54.47 37.89
CA ILE F 1 -36.43 -55.07 39.03
C ILE F 1 -35.01 -55.46 38.64
N ARG F 2 -34.15 -54.46 38.49
CA ARG F 2 -32.75 -54.69 38.14
C ARG F 2 -31.90 -53.60 38.79
N VAL F 3 -30.62 -53.93 39.02
CA VAL F 3 -29.71 -53.03 39.70
C VAL F 3 -29.13 -52.06 38.67
N PHE F 4 -29.57 -50.80 38.72
CA PHE F 4 -29.05 -49.80 37.81
C PHE F 4 -27.57 -49.55 38.07
N ALA F 5 -26.82 -49.36 36.99
CA ALA F 5 -25.38 -49.12 37.06
C ALA F 5 -25.05 -47.85 36.29
N ILE F 6 -24.08 -47.09 36.80
CA ILE F 6 -23.59 -45.89 36.14
C ILE F 6 -22.20 -46.19 35.61
N PRO F 7 -22.06 -46.66 34.37
CA PRO F 7 -20.73 -46.92 33.83
C PRO F 7 -19.93 -45.63 33.71
N PRO F 8 -18.64 -45.66 34.01
CA PRO F 8 -17.81 -44.47 33.79
C PRO F 8 -17.79 -44.07 32.32
N SER F 9 -17.81 -42.76 32.08
CA SER F 9 -17.77 -42.21 30.74
C SER F 9 -16.34 -41.84 30.39
N PHE F 10 -16.04 -41.82 29.10
CA PHE F 10 -14.69 -41.43 28.67
C PHE F 10 -14.36 -40.02 29.12
N ALA F 11 -15.38 -39.16 29.25
CA ALA F 11 -15.16 -37.88 29.91
C ALA F 11 -14.75 -38.08 31.36
N SER F 12 -15.48 -38.92 32.09
CA SER F 12 -15.11 -39.23 33.47
C SER F 12 -13.78 -39.97 33.52
N ILE F 13 -13.55 -40.88 32.57
CA ILE F 13 -12.30 -41.63 32.54
C ILE F 13 -11.11 -40.68 32.35
N PHE F 14 -11.23 -39.73 31.43
CA PHE F 14 -10.12 -38.84 31.13
C PHE F 14 -9.90 -37.83 32.25
N LEU F 15 -10.98 -37.22 32.75
CA LEU F 15 -10.84 -36.22 33.80
C LEU F 15 -10.35 -36.85 35.10
N THR F 16 -10.91 -38.01 35.47
CA THR F 16 -10.51 -38.68 36.70
C THR F 16 -9.18 -39.39 36.56
N LYS F 17 -8.83 -39.79 35.34
CA LYS F 17 -7.66 -40.59 34.97
C LYS F 17 -7.79 -42.01 35.50
N SER F 18 -8.97 -42.43 35.96
CA SER F 18 -9.19 -43.77 36.46
C SER F 18 -10.67 -44.11 36.32
N THR F 19 -10.97 -45.41 36.38
CA THR F 19 -12.35 -45.86 36.23
C THR F 19 -13.00 -46.03 37.57
N LYS F 20 -14.28 -45.69 37.64
CA LYS F 20 -15.00 -45.81 38.88
C LYS F 20 -16.19 -46.69 38.67
N LEU F 21 -15.98 -47.99 38.72
CA LEU F 21 -17.06 -48.92 38.55
C LEU F 21 -18.19 -48.58 39.47
N THR F 22 -19.38 -48.29 38.96
CA THR F 22 -20.47 -47.85 39.83
C THR F 22 -21.84 -48.51 39.63
N CYS F 23 -22.39 -49.16 40.65
CA CYS F 23 -23.76 -49.68 40.56
C CYS F 23 -24.67 -49.08 41.63
N LEU F 24 -24.58 -47.77 41.85
CA LEU F 24 -25.49 -47.10 42.78
C LEU F 24 -26.78 -47.12 42.02
N VAL F 25 -27.77 -47.78 42.58
CA VAL F 25 -28.98 -47.95 41.82
C VAL F 25 -29.90 -46.77 41.79
N THR F 26 -30.05 -46.17 40.63
CA THR F 26 -31.03 -45.11 40.51
C THR F 26 -32.37 -45.83 40.57
N ASP F 27 -33.25 -45.42 41.47
CA ASP F 27 -34.58 -46.06 41.65
C ASP F 27 -34.64 -47.47 42.26
N LEU F 28 -34.14 -47.63 43.50
CA LEU F 28 -34.27 -48.93 44.19
C LEU F 28 -34.61 -48.70 45.64
N THR F 29 -34.51 -49.74 46.45
CA THR F 29 -34.78 -49.62 47.88
C THR F 29 -33.51 -49.85 48.66
N THR F 30 -33.29 -49.09 49.72
CA THR F 30 -32.08 -49.21 50.51
C THR F 30 -32.42 -49.34 51.96
N TYR F 31 -33.19 -50.36 52.33
CA TYR F 31 -33.61 -50.48 53.71
C TYR F 31 -32.38 -50.76 54.54
N ASP F 32 -31.75 -51.90 54.31
CA ASP F 32 -30.50 -52.22 54.99
C ASP F 32 -29.85 -53.30 54.16
N SER F 33 -28.82 -53.97 54.69
CA SER F 33 -28.12 -55.06 53.97
C SER F 33 -28.27 -55.07 52.45
N VAL F 34 -27.66 -54.12 51.77
CA VAL F 34 -27.79 -54.02 50.32
C VAL F 34 -26.42 -54.22 49.69
N THR F 35 -25.79 -55.34 49.98
CA THR F 35 -24.42 -55.57 49.51
C THR F 35 -24.13 -55.49 48.02
N ILE F 36 -23.18 -54.64 47.66
CA ILE F 36 -22.77 -54.55 46.27
C ILE F 36 -21.56 -55.42 46.20
N SER F 37 -21.59 -56.38 45.29
CA SER F 37 -20.42 -57.20 45.09
C SER F 37 -19.95 -56.78 43.70
N TRP F 38 -18.85 -56.04 43.65
CA TRP F 38 -18.33 -55.73 42.34
C TRP F 38 -17.55 -56.90 41.89
N THR F 39 -18.25 -57.82 41.27
CA THR F 39 -17.63 -59.03 40.83
C THR F 39 -17.17 -58.81 39.43
N ARG F 40 -16.21 -59.58 38.98
CA ARG F 40 -15.82 -59.49 37.60
C ARG F 40 -16.67 -60.55 36.91
N GLN F 41 -16.66 -60.60 35.59
CA GLN F 41 -17.39 -61.63 34.87
C GLN F 41 -16.84 -63.01 35.16
N ASN F 42 -15.60 -63.10 35.65
CA ASN F 42 -15.02 -64.39 36.00
C ASN F 42 -15.42 -64.82 37.40
N GLY F 43 -16.22 -64.00 38.07
CA GLY F 43 -16.69 -64.37 39.38
C GLY F 43 -15.75 -63.89 40.46
N GLU F 44 -14.61 -63.34 40.09
CA GLU F 44 -13.73 -62.79 41.08
C GLU F 44 -14.32 -61.50 41.57
N ALA F 45 -14.78 -61.50 42.81
CA ALA F 45 -15.25 -60.26 43.37
C ALA F 45 -14.00 -59.54 43.80
N VAL F 46 -13.66 -58.48 43.10
CA VAL F 46 -12.52 -57.68 43.51
C VAL F 46 -13.00 -56.69 44.57
N LYS F 47 -12.41 -55.51 44.59
CA LYS F 47 -12.83 -54.50 45.55
C LYS F 47 -14.25 -54.14 45.23
N THR F 48 -15.12 -54.22 46.21
CA THR F 48 -16.50 -53.83 46.00
C THR F 48 -16.63 -52.39 46.44
N HIS F 49 -17.86 -51.96 46.71
CA HIS F 49 -18.06 -50.60 47.20
C HIS F 49 -17.30 -50.30 48.48
N THR F 50 -16.21 -49.58 48.36
CA THR F 50 -15.50 -49.17 49.55
C THR F 50 -15.99 -47.77 49.67
N ASN F 51 -16.03 -47.21 50.87
CA ASN F 51 -16.59 -45.88 51.07
C ASN F 51 -17.97 -45.77 50.46
N ILE F 52 -18.89 -46.56 50.97
CA ILE F 52 -20.26 -46.53 50.47
C ILE F 52 -21.05 -45.55 51.33
N SER F 53 -22.06 -44.88 50.76
CA SER F 53 -22.80 -43.87 51.51
C SER F 53 -23.81 -44.40 52.54
N GLU F 54 -24.82 -43.60 52.87
CA GLU F 54 -25.76 -43.99 53.94
C GLU F 54 -27.00 -44.81 53.57
N SER F 55 -27.63 -45.45 54.56
CA SER F 55 -28.83 -46.25 54.31
C SER F 55 -30.04 -45.36 54.21
N HIS F 56 -30.30 -44.82 53.02
CA HIS F 56 -31.47 -43.99 52.82
C HIS F 56 -32.20 -44.36 51.55
N PRO F 57 -33.35 -45.03 51.67
CA PRO F 57 -34.14 -45.29 50.46
C PRO F 57 -34.95 -44.07 50.12
N ASN F 58 -34.36 -43.14 49.38
CA ASN F 58 -35.12 -42.00 48.93
C ASN F 58 -35.57 -42.39 47.54
N ALA F 59 -36.30 -43.51 47.42
CA ALA F 59 -36.68 -44.05 46.11
C ALA F 59 -35.47 -44.26 45.23
N THR F 60 -34.33 -44.65 45.82
CA THR F 60 -33.07 -44.85 45.09
C THR F 60 -32.05 -45.35 46.10
N PHE F 61 -30.86 -45.71 45.64
CA PHE F 61 -29.80 -46.09 46.55
C PHE F 61 -29.09 -44.83 46.95
N SER F 62 -28.99 -44.54 48.25
CA SER F 62 -28.17 -43.41 48.67
C SER F 62 -26.85 -44.07 48.82
N ALA F 63 -26.84 -45.24 49.44
CA ALA F 63 -25.62 -46.03 49.57
C ALA F 63 -25.02 -46.27 48.20
N VAL F 64 -23.72 -46.04 48.04
CA VAL F 64 -23.15 -46.15 46.70
C VAL F 64 -22.71 -47.54 46.27
N GLY F 65 -22.54 -47.74 44.95
CA GLY F 65 -22.07 -49.01 44.45
C GLY F 65 -20.74 -48.70 43.83
N GLU F 66 -20.31 -47.45 43.92
CA GLU F 66 -19.04 -47.02 43.34
C GLU F 66 -17.77 -47.68 43.91
N ALA F 67 -16.81 -47.99 43.04
CA ALA F 67 -15.55 -48.57 43.50
C ALA F 67 -14.40 -47.83 42.85
N SER F 68 -13.33 -48.53 42.49
CA SER F 68 -12.21 -47.91 41.75
C SER F 68 -11.43 -48.99 41.02
N ILE F 69 -11.94 -49.46 39.89
CA ILE F 69 -11.31 -50.53 39.13
C ILE F 69 -10.16 -49.99 38.27
N CYS F 70 -9.64 -50.76 37.30
CA CYS F 70 -8.43 -50.34 36.57
C CYS F 70 -8.40 -49.99 35.07
N GLU F 71 -9.49 -49.57 34.48
CA GLU F 71 -9.52 -49.09 33.07
C GLU F 71 -9.14 -49.97 31.91
N ASP F 72 -7.85 -50.14 31.64
CA ASP F 72 -7.39 -50.87 30.46
C ASP F 72 -8.34 -51.94 29.89
N ASP F 73 -8.66 -52.98 30.65
CA ASP F 73 -9.65 -53.94 30.17
C ASP F 73 -10.55 -53.99 31.35
N TRP F 74 -10.28 -53.08 32.27
CA TRP F 74 -11.07 -53.02 33.46
C TRP F 74 -12.02 -51.86 33.34
N ASN F 75 -12.69 -51.77 32.20
CA ASN F 75 -13.66 -50.73 31.94
C ASN F 75 -14.09 -51.24 30.62
N SER F 76 -13.09 -51.50 29.78
CA SER F 76 -13.35 -52.05 28.48
C SER F 76 -13.25 -53.53 28.64
N GLY F 77 -12.42 -54.17 27.82
CA GLY F 77 -12.24 -55.62 27.89
C GLY F 77 -13.45 -56.50 28.12
N GLU F 78 -13.75 -56.79 29.38
CA GLU F 78 -14.87 -57.68 29.71
C GLU F 78 -16.02 -56.94 30.35
N ARG F 79 -16.69 -57.60 31.26
CA ARG F 79 -17.87 -56.98 31.85
C ARG F 79 -17.81 -57.16 33.33
N PHE F 80 -18.50 -56.30 34.07
CA PHE F 80 -18.37 -56.37 35.51
C PHE F 80 -19.68 -56.60 36.19
N THR F 81 -19.78 -57.70 36.92
CA THR F 81 -21.03 -58.07 37.56
C THR F 81 -21.23 -57.42 38.93
N CYS F 82 -22.44 -56.93 39.20
CA CYS F 82 -22.72 -56.36 40.49
C CYS F 82 -23.90 -57.13 41.04
N THR F 83 -23.66 -58.02 42.01
CA THR F 83 -24.74 -58.86 42.55
C THR F 83 -25.26 -58.32 43.87
N VAL F 84 -26.46 -57.73 43.87
CA VAL F 84 -26.96 -57.08 45.08
C VAL F 84 -28.00 -57.81 45.91
N THR F 85 -27.61 -58.27 47.09
CA THR F 85 -28.56 -58.92 47.98
C THR F 85 -29.15 -57.83 48.83
N HIS F 86 -30.45 -57.85 49.03
CA HIS F 86 -31.11 -56.85 49.86
C HIS F 86 -31.50 -57.57 51.14
N THR F 87 -31.98 -56.84 52.14
CA THR F 87 -32.48 -57.46 53.35
C THR F 87 -33.86 -58.04 53.06
N ASP F 88 -34.42 -57.74 51.90
CA ASP F 88 -35.70 -58.30 51.51
C ASP F 88 -35.58 -59.03 50.16
N LEU F 89 -34.39 -59.49 49.82
CA LEU F 89 -34.21 -60.17 48.55
C LEU F 89 -33.52 -61.49 48.67
N PRO F 90 -34.27 -62.58 48.52
CA PRO F 90 -33.62 -63.90 48.52
C PRO F 90 -32.69 -64.05 47.33
N SER F 91 -33.16 -63.74 46.12
CA SER F 91 -32.33 -63.82 44.92
C SER F 91 -31.67 -62.49 44.68
N PRO F 92 -30.33 -62.43 44.83
CA PRO F 92 -29.64 -61.16 44.72
C PRO F 92 -29.69 -60.59 43.32
N LEU F 93 -30.11 -59.34 43.19
CA LEU F 93 -30.22 -58.71 41.88
C LEU F 93 -28.86 -58.48 41.24
N LYS F 94 -28.56 -59.18 40.15
CA LYS F 94 -27.23 -59.07 39.56
C LYS F 94 -27.19 -58.48 38.15
N GLN F 95 -26.10 -57.79 37.81
CA GLN F 95 -25.97 -57.16 36.48
C GLN F 95 -24.54 -56.90 36.07
N THR F 96 -24.20 -57.25 34.84
CA THR F 96 -22.86 -57.04 34.33
C THR F 96 -22.86 -55.93 33.27
N ILE F 97 -21.78 -55.13 33.19
CA ILE F 97 -21.71 -54.04 32.20
C ILE F 97 -20.46 -54.06 31.35
N SER F 98 -20.62 -54.21 30.04
CA SER F 98 -19.48 -54.24 29.13
C SER F 98 -19.20 -52.89 28.50
N ARG F 99 -19.49 -51.79 29.21
CA ARG F 99 -19.35 -50.45 28.65
C ARG F 99 -19.93 -50.46 27.26
N PRO F 100 -21.24 -50.72 27.12
CA PRO F 100 -21.90 -50.88 25.81
C PRO F 100 -21.01 -51.05 24.60
N LYS F 101 -20.27 -52.15 24.53
CA LYS F 101 -19.36 -52.33 23.42
C LYS F 101 -20.12 -52.76 22.18
N GLY F 102 -19.53 -52.54 21.02
CA GLY F 102 -20.20 -52.88 19.77
C GLY F 102 -20.56 -51.70 18.90
N VAL F 103 -20.20 -50.49 19.32
CA VAL F 103 -20.51 -49.26 18.58
C VAL F 103 -19.52 -48.97 17.47
N ALA F 104 -19.73 -47.93 16.68
CA ALA F 104 -18.87 -47.76 15.49
C ALA F 104 -17.66 -46.84 15.37
N LEU F 105 -17.07 -46.38 16.46
CA LEU F 105 -15.87 -45.53 16.43
C LEU F 105 -15.50 -44.58 15.30
N HIS F 106 -15.98 -43.33 15.33
CA HIS F 106 -15.54 -42.34 14.34
C HIS F 106 -14.70 -41.28 14.98
N ARG F 107 -13.78 -40.72 14.23
CA ARG F 107 -12.97 -39.62 14.75
C ARG F 107 -13.76 -38.32 14.71
N PRO F 108 -13.74 -37.54 15.79
CA PRO F 108 -14.39 -36.23 15.74
C PRO F 108 -13.66 -35.30 14.79
N ASP F 109 -14.40 -34.34 14.26
CA ASP F 109 -13.84 -33.28 13.45
C ASP F 109 -14.14 -31.97 14.18
N VAL F 110 -13.10 -31.23 14.52
CA VAL F 110 -13.19 -30.07 15.41
C VAL F 110 -12.96 -28.80 14.60
N TYR F 111 -13.86 -27.84 14.74
CA TYR F 111 -13.71 -26.52 14.12
C TYR F 111 -13.88 -25.47 15.19
N LEU F 112 -12.92 -24.54 15.26
CA LEU F 112 -13.02 -23.41 16.17
C LEU F 112 -13.61 -22.22 15.42
N LEU F 113 -14.78 -21.83 15.80
CA LEU F 113 -15.46 -20.68 15.22
C LEU F 113 -15.22 -19.46 16.11
N PRO F 114 -14.57 -18.42 15.59
CA PRO F 114 -14.26 -17.25 16.38
C PRO F 114 -15.52 -16.44 16.66
N PRO F 115 -15.47 -15.51 17.62
CA PRO F 115 -16.67 -14.73 17.96
C PRO F 115 -17.16 -13.92 16.77
N ALA F 116 -18.47 -13.75 16.70
CA ALA F 116 -19.08 -12.99 15.61
C ALA F 116 -18.66 -11.53 15.67
N ARG F 117 -18.68 -10.88 14.50
CA ARG F 117 -18.24 -9.50 14.42
C ARG F 117 -19.15 -8.58 15.23
N GLU F 118 -20.45 -8.84 15.22
CA GLU F 118 -21.39 -8.03 16.00
C GLU F 118 -21.10 -8.14 17.49
N GLN F 119 -20.78 -9.35 17.97
CA GLN F 119 -20.46 -9.52 19.38
C GLN F 119 -19.23 -8.71 19.77
N LEU F 120 -18.21 -8.71 18.92
CA LEU F 120 -17.03 -7.90 19.18
C LEU F 120 -17.36 -6.42 19.13
N ASN F 121 -18.26 -6.02 18.23
CA ASN F 121 -18.65 -4.62 18.14
C ASN F 121 -19.36 -4.16 19.41
N LEU F 122 -20.20 -5.02 19.99
CA LEU F 122 -20.83 -4.68 21.25
C LEU F 122 -19.80 -4.48 22.36
N ARG F 123 -18.66 -5.14 22.25
CA ARG F 123 -17.50 -5.05 23.14
C ARG F 123 -17.82 -5.55 24.55
N GLU F 124 -19.02 -6.04 24.81
CA GLU F 124 -19.35 -6.55 26.14
C GLU F 124 -18.58 -7.84 26.43
N SER F 125 -18.56 -8.76 25.47
CA SER F 125 -17.92 -10.06 25.65
C SER F 125 -17.73 -10.69 24.27
N ALA F 126 -17.33 -11.96 24.30
CA ALA F 126 -17.11 -12.75 23.09
C ALA F 126 -17.21 -14.22 23.45
N THR F 127 -17.71 -15.02 22.51
CA THR F 127 -17.92 -16.45 22.72
C THR F 127 -17.27 -17.23 21.59
N ILE F 128 -16.19 -17.94 21.91
CA ILE F 128 -15.54 -18.81 20.95
C ILE F 128 -16.21 -20.17 20.98
N THR F 129 -16.47 -20.75 19.81
CA THR F 129 -17.19 -22.01 19.73
C THR F 129 -16.26 -23.12 19.25
N CYS F 130 -16.41 -24.30 19.84
CA CYS F 130 -15.65 -25.48 19.45
C CYS F 130 -16.63 -26.54 18.94
N LEU F 131 -16.97 -26.45 17.66
CA LEU F 131 -17.90 -27.39 17.07
C LEU F 131 -17.22 -28.73 16.86
N VAL F 132 -17.79 -29.79 17.41
CA VAL F 132 -17.22 -31.13 17.33
C VAL F 132 -18.26 -32.00 16.63
N THR F 133 -18.01 -32.31 15.35
CA THR F 133 -18.98 -33.03 14.53
C THR F 133 -18.38 -34.31 13.96
N GLY F 134 -19.18 -35.36 13.89
CA GLY F 134 -18.81 -36.54 13.13
C GLY F 134 -18.40 -37.76 13.93
N PHE F 135 -18.43 -37.62 15.26
CA PHE F 135 -18.08 -38.76 16.02
C PHE F 135 -18.93 -39.94 15.98
N SER F 136 -18.27 -41.04 16.23
CA SER F 136 -18.80 -42.35 16.17
C SER F 136 -19.47 -42.60 17.49
N PRO F 137 -18.86 -43.29 18.43
CA PRO F 137 -19.55 -43.51 19.68
C PRO F 137 -19.65 -42.20 20.31
N ALA F 138 -20.82 -41.76 20.68
CA ALA F 138 -21.02 -40.42 21.22
C ALA F 138 -20.65 -40.13 22.63
N ASP F 139 -19.39 -39.97 22.93
CA ASP F 139 -19.00 -39.56 24.26
C ASP F 139 -17.70 -38.79 24.30
N VAL F 140 -17.70 -37.56 23.87
CA VAL F 140 -16.56 -36.73 23.79
C VAL F 140 -16.40 -35.96 25.04
N PHE F 141 -15.20 -35.49 25.33
CA PHE F 141 -14.82 -34.68 26.49
C PHE F 141 -13.98 -33.50 26.02
N VAL F 142 -14.58 -32.31 26.03
CA VAL F 142 -13.96 -31.11 25.47
C VAL F 142 -13.51 -30.21 26.62
N GLN F 143 -12.29 -29.69 26.52
CA GLN F 143 -11.80 -28.70 27.45
C GLN F 143 -11.19 -27.56 26.65
N TRP F 144 -11.08 -26.40 27.26
CA TRP F 144 -10.35 -25.29 26.68
C TRP F 144 -9.04 -25.07 27.43
N MET F 145 -8.09 -24.45 26.74
CA MET F 145 -6.78 -24.17 27.30
C MET F 145 -6.29 -22.85 26.74
N GLN F 146 -5.28 -22.27 27.39
CA GLN F 146 -4.69 -21.01 26.97
C GLN F 146 -3.20 -21.04 27.29
N ARG F 147 -2.38 -21.08 26.25
CA ARG F 147 -0.92 -21.16 26.39
C ARG F 147 -0.53 -22.36 27.24
N GLY F 148 -1.25 -23.46 27.08
CA GLY F 148 -0.99 -24.67 27.84
C GLY F 148 -1.58 -24.70 29.23
N GLN F 149 -2.31 -23.66 29.63
CA GLN F 149 -2.90 -23.62 30.97
C GLN F 149 -4.37 -23.99 30.87
N PRO F 150 -4.79 -25.13 31.42
CA PRO F 150 -6.20 -25.51 31.35
C PRO F 150 -7.09 -24.49 32.04
N LEU F 151 -8.00 -23.89 31.28
CA LEU F 151 -8.89 -22.89 31.82
C LEU F 151 -9.92 -23.52 32.75
N SER F 152 -10.36 -22.72 33.72
CA SER F 152 -11.32 -23.21 34.70
C SER F 152 -12.65 -23.55 34.05
N PRO F 153 -13.29 -24.65 34.47
CA PRO F 153 -14.56 -25.05 33.84
C PRO F 153 -15.70 -24.07 34.07
N GLU F 154 -15.50 -23.02 34.88
CA GLU F 154 -16.58 -22.07 35.12
C GLU F 154 -16.91 -21.28 33.86
N LYS F 155 -15.91 -20.90 33.08
CA LYS F 155 -16.09 -19.96 31.98
C LYS F 155 -16.31 -20.62 30.63
N TYR F 156 -16.49 -21.93 30.57
CA TYR F 156 -16.84 -22.56 29.32
C TYR F 156 -17.82 -23.62 29.58
N VAL F 157 -18.86 -23.79 28.81
CA VAL F 157 -19.87 -24.81 29.11
C VAL F 157 -20.17 -25.55 27.89
N THR F 158 -20.13 -26.86 27.88
CA THR F 158 -20.32 -27.57 26.68
C THR F 158 -21.51 -28.45 26.57
N SER F 159 -22.31 -28.23 25.57
CA SER F 159 -23.52 -28.96 25.29
C SER F 159 -23.37 -30.42 25.23
N ALA F 160 -24.39 -31.18 25.57
CA ALA F 160 -24.26 -32.63 25.45
C ALA F 160 -24.47 -32.99 24.02
N PRO F 161 -23.98 -34.15 23.62
CA PRO F 161 -24.02 -34.68 22.27
C PRO F 161 -25.38 -34.85 21.72
N MET F 162 -25.58 -34.74 20.42
CA MET F 162 -26.91 -34.85 19.88
C MET F 162 -26.97 -35.11 18.42
N PRO F 163 -27.41 -36.27 18.03
CA PRO F 163 -27.61 -36.88 16.73
C PRO F 163 -27.52 -35.96 15.56
N GLU F 164 -26.48 -36.11 14.78
CA GLU F 164 -26.26 -35.28 13.60
C GLU F 164 -27.32 -35.57 12.55
N PRO F 165 -27.89 -34.54 11.92
CA PRO F 165 -28.99 -34.77 10.97
C PRO F 165 -28.58 -35.54 9.72
N GLN F 166 -27.52 -35.08 9.05
CA GLN F 166 -27.14 -35.69 7.78
C GLN F 166 -26.67 -37.14 7.97
N ALA F 167 -25.85 -37.39 8.98
CA ALA F 167 -25.35 -38.72 9.25
C ALA F 167 -26.04 -39.31 10.46
N PRO F 168 -26.83 -40.37 10.30
CA PRO F 168 -27.59 -40.90 11.44
C PRO F 168 -26.74 -41.24 12.65
N GLY F 169 -25.69 -42.04 12.47
CA GLY F 169 -24.92 -42.51 13.61
C GLY F 169 -24.08 -41.43 14.27
N ARG F 170 -23.55 -40.50 13.48
CA ARG F 170 -22.60 -39.53 14.00
C ARG F 170 -23.30 -38.48 14.87
N TYR F 171 -22.53 -37.91 15.79
CA TYR F 171 -23.04 -36.92 16.74
C TYR F 171 -22.26 -35.62 16.61
N PHE F 172 -22.81 -34.57 17.22
CA PHE F 172 -22.18 -33.27 17.28
C PHE F 172 -22.33 -32.69 18.67
N ALA F 173 -21.43 -31.77 19.00
CA ALA F 173 -21.44 -31.11 20.29
C ALA F 173 -20.82 -29.72 20.15
N HIS F 174 -21.14 -28.85 21.11
CA HIS F 174 -20.64 -27.49 21.13
C HIS F 174 -20.01 -27.22 22.50
N SER F 175 -18.79 -26.71 22.49
CA SER F 175 -18.16 -26.19 23.70
C SER F 175 -17.89 -24.70 23.48
N ILE F 176 -18.61 -23.81 24.14
CA ILE F 176 -18.38 -22.42 23.88
C ILE F 176 -17.66 -21.86 25.00
N LEU F 177 -16.59 -21.15 24.80
CA LEU F 177 -15.87 -20.61 25.94
C LEU F 177 -16.04 -19.18 25.80
N THR F 178 -16.50 -18.50 26.79
CA THR F 178 -16.75 -17.09 26.67
C THR F 178 -15.71 -16.17 27.26
N VAL F 179 -14.95 -15.46 26.44
CA VAL F 179 -13.90 -14.60 26.96
C VAL F 179 -14.35 -13.20 27.39
N SER F 180 -13.52 -12.21 27.05
CA SER F 180 -13.61 -10.78 27.28
C SER F 180 -13.18 -10.22 25.96
N GLU F 181 -13.84 -9.20 25.44
CA GLU F 181 -13.41 -8.74 24.11
C GLU F 181 -12.00 -8.19 24.15
N GLU F 182 -11.61 -7.54 25.25
CA GLU F 182 -10.26 -7.01 25.35
C GLU F 182 -9.24 -8.13 25.48
N GLU F 183 -9.69 -9.34 25.84
CA GLU F 183 -8.81 -10.49 25.79
C GLU F 183 -8.69 -11.02 24.36
N TRP F 184 -9.77 -10.94 23.58
CA TRP F 184 -9.76 -11.47 22.22
C TRP F 184 -8.98 -10.57 21.28
N ASN F 185 -9.14 -9.25 21.40
CA ASN F 185 -8.50 -8.33 20.46
C ASN F 185 -6.99 -8.40 20.56
N THR F 186 -6.47 -8.72 21.74
CA THR F 186 -5.05 -9.07 21.85
C THR F 186 -4.87 -10.56 21.61
N GLY F 187 -3.72 -10.93 21.07
CA GLY F 187 -3.48 -12.32 20.70
C GLY F 187 -3.51 -13.29 21.86
N GLU F 188 -4.41 -14.27 21.81
CA GLU F 188 -4.52 -15.30 22.83
C GLU F 188 -4.82 -16.63 22.15
N THR F 189 -4.11 -17.68 22.56
CA THR F 189 -4.15 -18.94 21.84
C THR F 189 -5.55 -19.56 21.87
N TYR F 190 -6.11 -19.72 23.07
CA TYR F 190 -7.44 -20.31 23.25
C TYR F 190 -7.58 -21.64 22.50
N THR F 191 -6.73 -22.59 22.86
CA THR F 191 -6.82 -23.90 22.23
C THR F 191 -8.03 -24.67 22.76
N CYS F 192 -8.57 -25.53 21.90
CA CYS F 192 -9.64 -26.45 22.26
C CYS F 192 -9.08 -27.85 22.17
N VAL F 193 -9.20 -28.61 23.25
CA VAL F 193 -8.64 -29.96 23.36
C VAL F 193 -9.82 -30.92 23.51
N VAL F 194 -9.95 -31.82 22.54
CA VAL F 194 -11.03 -32.80 22.51
C VAL F 194 -10.43 -34.16 22.81
N ALA F 195 -10.97 -34.82 23.83
CA ALA F 195 -10.59 -36.18 24.19
C ALA F 195 -11.74 -37.09 23.79
N HIS F 196 -11.47 -37.96 22.83
CA HIS F 196 -12.44 -38.94 22.35
C HIS F 196 -11.74 -40.27 22.11
N GLU F 197 -12.51 -41.36 22.23
CA GLU F 197 -11.91 -42.69 22.11
C GLU F 197 -11.39 -42.94 20.70
N ALA F 198 -12.05 -42.40 19.72
CA ALA F 198 -11.67 -42.70 18.39
C ALA F 198 -10.66 -41.84 17.80
N LEU F 199 -10.21 -40.81 18.48
CA LEU F 199 -9.20 -39.98 17.89
C LEU F 199 -7.89 -40.71 18.03
N PRO F 200 -6.96 -40.54 17.08
CA PRO F 200 -5.62 -41.07 16.96
C PRO F 200 -5.03 -41.48 18.23
N ASN F 201 -4.83 -40.56 19.13
CA ASN F 201 -4.29 -40.87 20.42
C ASN F 201 -5.21 -40.19 21.38
N ARG F 202 -6.46 -40.48 21.20
CA ARG F 202 -7.51 -39.92 21.97
C ARG F 202 -7.52 -38.46 22.22
N VAL F 203 -6.66 -37.59 21.72
CA VAL F 203 -6.78 -36.15 22.04
C VAL F 203 -6.43 -35.36 20.79
N THR F 204 -6.98 -34.18 20.50
CA THR F 204 -6.54 -33.41 19.35
C THR F 204 -6.99 -32.06 19.54
N GLU F 205 -6.15 -31.04 19.58
CA GLU F 205 -6.68 -29.71 19.78
C GLU F 205 -6.53 -28.79 18.65
N ARG F 206 -7.31 -27.75 18.54
CA ARG F 206 -7.16 -26.86 17.43
C ARG F 206 -7.28 -25.48 17.93
N THR F 207 -6.31 -24.59 17.77
CA THR F 207 -6.46 -23.22 18.29
C THR F 207 -6.93 -22.18 17.30
N VAL F 208 -7.36 -21.04 17.78
CA VAL F 208 -7.87 -19.92 17.02
C VAL F 208 -7.32 -18.63 17.63
N ASP F 209 -6.99 -17.67 16.77
CA ASP F 209 -6.48 -16.38 17.20
C ASP F 209 -7.30 -15.29 16.51
N LYS F 210 -7.17 -14.13 17.09
CA LYS F 210 -7.80 -13.00 16.52
C LYS F 210 -7.23 -12.78 15.17
N SER F 211 -6.11 -13.39 14.87
CA SER F 211 -5.47 -13.19 13.64
C SER F 211 -5.51 -14.46 12.88
N THR F 212 -6.55 -15.23 13.04
CA THR F 212 -6.55 -16.51 12.39
C THR F 212 -7.11 -16.53 11.00
N GLY F 213 -7.87 -15.52 10.64
CA GLY F 213 -8.42 -15.49 9.31
C GLY F 213 -7.66 -14.57 8.40
N LYS F 214 -7.15 -13.48 8.97
CA LYS F 214 -6.39 -12.47 8.29
C LYS F 214 -5.30 -13.13 7.51
N PRO F 215 -5.22 -12.83 6.23
CA PRO F 215 -4.41 -13.27 5.09
C PRO F 215 -2.92 -13.27 5.19
N THR F 216 -2.30 -12.88 6.30
CA THR F 216 -0.83 -12.90 6.51
C THR F 216 0.14 -12.15 5.63
N LEU F 217 0.02 -12.30 4.33
CA LEU F 217 0.87 -11.61 3.41
C LEU F 217 0.68 -10.13 3.27
N TYR F 218 -0.31 -9.45 3.85
CA TYR F 218 -0.43 -8.01 3.68
C TYR F 218 -1.29 -7.47 4.81
N ASN F 219 -0.76 -6.46 5.51
CA ASN F 219 -1.44 -5.85 6.66
C ASN F 219 -2.09 -4.53 6.20
N VAL F 220 -3.29 -4.67 5.65
CA VAL F 220 -4.01 -3.50 5.16
C VAL F 220 -4.58 -2.71 6.32
N SER F 221 -4.41 -1.39 6.29
CA SER F 221 -4.90 -0.51 7.32
C SER F 221 -5.49 0.74 6.69
N LEU F 222 -6.47 1.33 7.37
CA LEU F 222 -7.10 2.58 6.93
C LEU F 222 -6.84 3.64 7.98
N VAL F 223 -6.19 4.72 7.57
CA VAL F 223 -5.93 5.86 8.44
C VAL F 223 -6.88 6.98 8.06
N MET F 224 -7.66 7.46 9.04
CA MET F 224 -8.66 8.48 8.78
C MET F 224 -8.37 9.75 9.57
N ILE G 1 24.46 -66.30 32.59
CA ILE G 1 23.66 -66.86 33.68
C ILE G 1 22.93 -65.73 34.41
N ARG G 2 22.75 -64.61 33.73
CA ARG G 2 22.04 -63.46 34.28
C ARG G 2 20.87 -63.10 33.37
N VAL G 3 19.71 -62.87 33.97
CA VAL G 3 18.50 -62.51 33.24
C VAL G 3 18.19 -61.05 33.54
N PHE G 4 18.20 -60.22 32.50
CA PHE G 4 17.91 -58.80 32.70
C PHE G 4 16.41 -58.60 32.89
N ALA G 5 16.05 -57.44 33.45
CA ALA G 5 14.67 -57.04 33.56
C ALA G 5 14.55 -55.60 33.10
N ILE G 6 13.44 -55.28 32.44
CA ILE G 6 13.22 -53.96 31.87
C ILE G 6 11.95 -53.34 32.45
N PRO G 7 12.04 -52.19 33.14
CA PRO G 7 10.83 -51.45 33.46
C PRO G 7 10.26 -50.79 32.21
N PRO G 8 8.94 -50.72 32.09
CA PRO G 8 8.34 -50.14 30.88
C PRO G 8 8.65 -48.65 30.78
N SER G 9 8.76 -48.19 29.53
CA SER G 9 9.00 -46.79 29.23
C SER G 9 7.67 -46.11 28.94
N PHE G 10 7.59 -44.82 29.28
CA PHE G 10 6.35 -44.08 29.07
C PHE G 10 5.90 -44.13 27.62
N ALA G 11 6.85 -44.26 26.69
CA ALA G 11 6.50 -44.47 25.29
C ALA G 11 5.62 -45.72 25.14
N SER G 12 6.03 -46.83 25.76
CA SER G 12 5.25 -48.05 25.68
C SER G 12 3.91 -47.90 26.40
N ILE G 13 3.89 -47.16 27.50
CA ILE G 13 2.64 -46.96 28.24
C ILE G 13 1.63 -46.22 27.37
N PHE G 14 2.08 -45.19 26.66
CA PHE G 14 1.18 -44.46 25.78
C PHE G 14 0.81 -45.30 24.56
N LEU G 15 1.75 -46.09 24.05
CA LEU G 15 1.52 -46.83 22.82
C LEU G 15 0.51 -47.96 23.02
N THR G 16 0.70 -48.77 24.06
CA THR G 16 -0.13 -49.94 24.29
C THR G 16 -1.27 -49.69 25.27
N LYS G 17 -1.30 -48.53 25.93
CA LYS G 17 -2.30 -48.12 26.90
C LYS G 17 -2.26 -48.97 28.16
N SER G 18 -1.37 -49.97 28.24
CA SER G 18 -1.32 -50.87 29.38
C SER G 18 0.13 -51.13 29.74
N THR G 19 0.43 -51.09 31.03
CA THR G 19 1.79 -51.28 31.52
C THR G 19 2.17 -52.75 31.49
N LYS G 20 3.36 -53.01 30.95
CA LYS G 20 3.86 -54.38 30.79
C LYS G 20 5.25 -54.46 31.41
N LEU G 21 5.52 -55.60 32.05
CA LEU G 21 6.78 -55.87 32.71
C LEU G 21 7.41 -57.10 32.10
N THR G 22 8.71 -57.03 31.81
CA THR G 22 9.39 -58.07 31.04
C THR G 22 10.77 -58.36 31.65
N CYS G 23 11.10 -59.65 31.73
CA CYS G 23 12.45 -60.12 31.98
C CYS G 23 12.95 -60.85 30.75
N LEU G 24 14.16 -60.51 30.30
CA LEU G 24 14.77 -61.13 29.13
C LEU G 24 15.96 -61.97 29.59
N VAL G 25 15.93 -63.26 29.25
CA VAL G 25 17.03 -64.16 29.58
C VAL G 25 18.21 -63.88 28.66
N THR G 26 19.41 -63.91 29.23
CA THR G 26 20.63 -63.69 28.47
C THR G 26 21.73 -64.61 28.97
N ASP G 27 22.53 -65.12 28.02
CA ASP G 27 23.71 -65.94 28.33
C ASP G 27 23.31 -67.20 29.08
N LEU G 28 22.45 -68.01 28.47
CA LEU G 28 22.10 -69.33 28.96
C LEU G 28 22.18 -70.34 27.82
N THR G 29 22.12 -71.61 28.18
CA THR G 29 22.11 -72.68 27.19
C THR G 29 20.72 -72.81 26.58
N THR G 30 20.67 -73.50 25.44
CA THR G 30 19.39 -73.71 24.75
C THR G 30 18.55 -74.73 25.51
N TYR G 31 17.32 -74.34 25.83
CA TYR G 31 16.41 -75.22 26.56
C TYR G 31 14.98 -74.86 26.18
N ASP G 32 14.03 -75.65 26.70
CA ASP G 32 12.62 -75.48 26.38
C ASP G 32 11.73 -75.29 27.59
N SER G 33 12.09 -75.83 28.75
CA SER G 33 11.25 -75.80 29.93
C SER G 33 11.45 -74.56 30.79
N VAL G 34 12.08 -73.50 30.25
CA VAL G 34 12.29 -72.28 31.02
C VAL G 34 10.94 -71.64 31.34
N THR G 35 10.72 -71.35 32.61
CA THR G 35 9.49 -70.75 33.07
C THR G 35 9.80 -69.52 33.91
N ILE G 36 8.89 -68.55 33.89
CA ILE G 36 9.09 -67.28 34.57
C ILE G 36 7.87 -66.97 35.43
N SER G 37 8.11 -66.44 36.63
CA SER G 37 7.07 -66.08 37.57
C SER G 37 7.13 -64.58 37.81
N TRP G 38 6.00 -63.91 37.61
CA TRP G 38 5.86 -62.49 37.87
C TRP G 38 4.90 -62.30 39.05
N THR G 39 5.36 -61.62 40.08
CA THR G 39 4.51 -61.38 41.24
C THR G 39 4.59 -59.91 41.65
N ARG G 40 3.57 -59.47 42.38
CA ARG G 40 3.58 -58.13 42.96
C ARG G 40 4.41 -58.11 44.24
N GLN G 41 4.69 -56.89 44.72
CA GLN G 41 5.50 -56.75 45.93
C GLN G 41 4.77 -57.30 47.15
N ASN G 42 3.43 -57.29 47.13
CA ASN G 42 2.67 -57.82 48.25
C ASN G 42 2.65 -59.34 48.26
N GLY G 43 3.15 -59.98 47.20
CA GLY G 43 3.27 -61.42 47.15
C GLY G 43 2.26 -62.14 46.28
N GLU G 44 1.18 -61.47 45.88
CA GLU G 44 0.17 -62.11 45.04
C GLU G 44 0.69 -62.17 43.61
N ALA G 45 0.71 -63.38 43.05
CA ALA G 45 1.23 -63.57 41.70
C ALA G 45 0.29 -62.96 40.67
N VAL G 46 0.86 -62.16 39.77
CA VAL G 46 0.12 -61.59 38.64
C VAL G 46 0.15 -62.62 37.51
N LYS G 47 -0.68 -62.42 36.50
CA LYS G 47 -0.73 -63.34 35.36
C LYS G 47 0.65 -63.49 34.73
N THR G 48 1.07 -64.73 34.53
CA THR G 48 2.43 -65.04 34.13
C THR G 48 2.55 -65.04 32.61
N HIS G 49 3.67 -65.55 32.11
CA HIS G 49 4.00 -65.47 30.69
C HIS G 49 3.03 -66.28 29.85
N THR G 50 2.93 -65.91 28.57
CA THR G 50 2.18 -66.66 27.57
C THR G 50 2.99 -66.69 26.28
N ASN G 51 3.08 -67.87 25.67
CA ASN G 51 3.79 -68.07 24.40
C ASN G 51 5.26 -67.64 24.52
N ILE G 52 6.00 -68.34 25.38
CA ILE G 52 7.39 -68.00 25.61
C ILE G 52 8.21 -68.28 24.34
N SER G 53 9.31 -67.54 24.18
CA SER G 53 10.10 -67.62 22.96
C SER G 53 11.02 -68.83 22.97
N GLU G 54 11.68 -69.05 21.83
CA GLU G 54 12.58 -70.17 21.63
C GLU G 54 14.02 -69.71 21.87
N SER G 55 14.99 -70.56 21.54
CA SER G 55 16.40 -70.30 21.82
C SER G 55 16.94 -69.18 20.94
N HIS G 56 18.22 -68.86 21.16
CA HIS G 56 18.95 -67.80 20.48
C HIS G 56 20.21 -68.36 19.82
N PRO G 57 20.43 -68.05 18.53
CA PRO G 57 21.62 -68.58 17.85
C PRO G 57 22.93 -68.12 18.48
N ASN G 58 22.98 -66.92 19.04
CA ASN G 58 24.23 -66.36 19.55
C ASN G 58 24.54 -66.84 20.97
N ALA G 59 23.96 -67.94 21.41
CA ALA G 59 24.14 -68.57 22.73
C ALA G 59 23.60 -67.71 23.85
N THR G 60 23.06 -66.52 23.57
CA THR G 60 22.41 -65.70 24.60
C THR G 60 20.92 -66.06 24.64
N PHE G 61 20.66 -67.26 25.17
CA PHE G 61 19.31 -67.79 25.24
C PHE G 61 18.34 -66.78 25.82
N SER G 62 17.27 -66.49 25.06
CA SER G 62 16.30 -65.47 25.42
C SER G 62 14.92 -66.10 25.56
N ALA G 63 14.17 -65.65 26.57
CA ALA G 63 12.81 -66.12 26.81
C ALA G 63 11.91 -64.95 27.12
N VAL G 64 10.61 -65.13 26.87
CA VAL G 64 9.64 -64.06 27.06
C VAL G 64 8.97 -64.20 28.42
N GLY G 65 8.98 -63.12 29.20
CA GLY G 65 8.21 -63.05 30.43
C GLY G 65 7.35 -61.81 30.45
N GLU G 66 6.05 -61.97 30.66
CA GLU G 66 5.12 -60.85 30.56
C GLU G 66 4.29 -60.74 31.82
N ALA G 67 4.21 -59.52 32.36
CA ALA G 67 3.27 -59.18 33.43
C ALA G 67 2.47 -57.97 32.98
N SER G 68 1.15 -58.09 33.00
CA SER G 68 0.26 -57.05 32.48
C SER G 68 -0.50 -56.41 33.62
N ILE G 69 -0.37 -55.09 33.76
CA ILE G 69 -1.16 -54.31 34.71
C ILE G 69 -1.54 -53.00 34.03
N CYS G 70 -2.53 -52.32 34.60
CA CYS G 70 -2.96 -51.05 34.01
C CYS G 70 -1.90 -49.99 34.23
N GLU G 71 -2.14 -48.81 33.64
CA GLU G 71 -1.24 -47.69 33.87
C GLU G 71 -1.27 -47.25 35.34
N ASP G 72 -2.41 -47.40 36.01
CA ASP G 72 -2.50 -46.96 37.40
C ASP G 72 -1.77 -47.91 38.33
N ASP G 73 -1.86 -49.22 38.09
CA ASP G 73 -1.17 -50.16 38.96
C ASP G 73 0.33 -49.94 38.91
N TRP G 74 0.89 -49.72 37.71
CA TRP G 74 2.30 -49.35 37.63
C TRP G 74 2.53 -47.96 38.23
N ASN G 75 1.54 -47.07 38.10
CA ASN G 75 1.64 -45.74 38.71
C ASN G 75 1.60 -45.84 40.23
N SER G 76 1.09 -46.93 40.77
CA SER G 76 1.06 -47.11 42.22
C SER G 76 2.42 -47.45 42.79
N GLY G 77 3.46 -47.49 41.96
CA GLY G 77 4.80 -47.84 42.42
C GLY G 77 4.88 -49.28 42.87
N GLU G 78 4.29 -50.17 42.09
CA GLU G 78 4.18 -51.57 42.46
C GLU G 78 5.43 -52.32 42.01
N ARG G 79 6.31 -52.59 42.96
CA ARG G 79 7.47 -53.44 42.69
C ARG G 79 7.03 -54.87 42.40
N PHE G 80 7.72 -55.50 41.45
CA PHE G 80 7.44 -56.87 41.06
C PHE G 80 8.65 -57.76 41.29
N THR G 81 8.37 -59.02 41.64
CA THR G 81 9.38 -60.05 41.78
C THR G 81 9.36 -60.91 40.53
N CYS G 82 10.53 -61.05 39.91
CA CYS G 82 10.71 -61.83 38.69
C CYS G 82 11.58 -63.04 39.02
N THR G 83 11.01 -64.24 38.90
CA THR G 83 11.67 -65.46 39.36
C THR G 83 11.81 -66.44 38.20
N VAL G 84 13.02 -66.95 38.00
CA VAL G 84 13.30 -67.93 36.96
C VAL G 84 14.05 -69.10 37.60
N THR G 85 13.55 -70.32 37.41
CA THR G 85 14.18 -71.52 37.95
C THR G 85 14.10 -72.62 36.91
N HIS G 86 15.27 -73.09 36.45
CA HIS G 86 15.33 -74.16 35.48
C HIS G 86 16.75 -74.73 35.53
N THR G 87 16.98 -75.84 34.84
CA THR G 87 18.28 -76.50 34.86
C THR G 87 19.38 -75.59 34.31
N ASP G 88 19.08 -74.82 33.26
CA ASP G 88 20.09 -73.98 32.64
C ASP G 88 20.63 -72.94 33.62
N LEU G 89 19.75 -72.37 34.45
CA LEU G 89 20.13 -71.42 35.50
C LEU G 89 19.61 -71.98 36.81
N PRO G 90 20.33 -72.93 37.43
CA PRO G 90 19.76 -73.65 38.59
C PRO G 90 19.42 -72.74 39.76
N SER G 91 20.17 -71.67 39.97
CA SER G 91 19.91 -70.80 41.12
C SER G 91 18.56 -70.11 40.95
N PRO G 92 17.82 -69.91 42.04
CA PRO G 92 16.58 -69.13 41.95
C PRO G 92 16.87 -67.67 41.64
N LEU G 93 15.90 -67.02 41.00
CA LEU G 93 16.05 -65.64 40.56
C LEU G 93 15.10 -64.74 41.33
N LYS G 94 15.58 -63.55 41.70
CA LYS G 94 14.78 -62.52 42.32
C LYS G 94 15.19 -61.17 41.76
N GLN G 95 14.22 -60.31 41.49
CA GLN G 95 14.49 -59.01 40.89
C GLN G 95 13.66 -57.93 41.57
N THR G 96 14.26 -56.75 41.71
CA THR G 96 13.61 -55.59 42.32
C THR G 96 13.59 -54.46 41.29
N ILE G 97 12.39 -54.01 40.93
CA ILE G 97 12.19 -53.01 39.88
C ILE G 97 11.17 -51.99 40.36
N SER G 98 11.49 -50.71 40.18
CA SER G 98 10.68 -49.60 40.65
C SER G 98 10.71 -48.46 39.64
N ARG G 99 10.03 -47.39 40.03
CA ARG G 99 9.92 -46.13 39.29
C ARG G 99 10.28 -44.96 40.21
N PRO G 100 11.51 -44.48 40.08
CA PRO G 100 12.25 -43.41 40.75
C PRO G 100 11.47 -42.18 41.22
N LYS G 101 10.72 -42.27 42.31
CA LYS G 101 10.01 -41.10 42.80
C LYS G 101 10.99 -40.06 43.36
N GLY G 102 10.54 -38.81 43.38
CA GLY G 102 11.31 -37.69 43.89
C GLY G 102 11.75 -36.78 42.76
N VAL G 103 11.34 -37.12 41.53
CA VAL G 103 11.71 -36.37 40.33
C VAL G 103 10.99 -35.06 40.20
N ALA G 104 11.48 -34.27 39.28
CA ALA G 104 10.89 -32.99 39.00
C ALA G 104 9.80 -33.18 37.93
N LEU G 105 9.12 -32.12 37.57
CA LEU G 105 8.09 -32.26 36.58
C LEU G 105 7.83 -31.00 35.81
N HIS G 106 8.44 -30.84 34.65
CA HIS G 106 8.17 -29.66 33.87
C HIS G 106 7.46 -30.02 32.60
N ARG G 107 6.73 -29.06 32.08
CA ARG G 107 6.06 -29.22 30.81
C ARG G 107 7.04 -29.04 29.66
N PRO G 108 7.17 -30.02 28.77
CA PRO G 108 8.02 -29.83 27.58
C PRO G 108 7.48 -28.72 26.70
N ASP G 109 8.40 -27.99 26.08
CA ASP G 109 8.08 -26.97 25.09
C ASP G 109 8.44 -27.54 23.72
N VAL G 110 7.47 -27.54 22.81
CA VAL G 110 7.62 -28.18 21.51
C VAL G 110 7.65 -27.09 20.44
N TYR G 111 8.79 -26.99 19.74
CA TYR G 111 8.95 -26.03 18.66
C TYR G 111 9.22 -26.77 17.37
N LEU G 112 8.47 -26.44 16.33
CA LEU G 112 8.51 -27.19 15.08
C LEU G 112 9.17 -26.32 14.02
N LEU G 113 10.45 -26.62 13.71
CA LEU G 113 11.29 -25.87 12.81
C LEU G 113 11.22 -26.44 11.40
N PRO G 114 10.91 -25.59 10.42
CA PRO G 114 10.82 -26.05 9.04
C PRO G 114 12.20 -26.23 8.43
N PRO G 115 12.30 -26.88 7.27
CA PRO G 115 13.62 -27.12 6.67
C PRO G 115 14.29 -25.81 6.28
N ALA G 116 15.62 -25.84 6.30
CA ALA G 116 16.40 -24.69 5.85
C ALA G 116 16.22 -24.48 4.35
N ARG G 117 16.37 -23.23 3.93
CA ARG G 117 16.20 -22.91 2.51
C ARG G 117 17.21 -23.64 1.65
N GLU G 118 18.40 -23.90 2.20
CA GLU G 118 19.41 -24.63 1.44
C GLU G 118 18.96 -26.05 1.14
N GLN G 119 18.27 -26.70 2.09
CA GLN G 119 17.73 -28.03 1.83
C GLN G 119 16.73 -28.00 0.67
N LEU G 120 15.87 -26.99 0.66
CA LEU G 120 14.90 -26.89 -0.44
C LEU G 120 15.60 -26.57 -1.75
N ASN G 121 16.75 -25.95 -1.72
CA ASN G 121 17.42 -25.66 -2.95
C ASN G 121 18.08 -26.81 -3.52
N LEU G 122 18.14 -27.89 -2.82
CA LEU G 122 18.71 -29.08 -3.37
C LEU G 122 17.64 -29.84 -4.10
N ARG G 123 16.38 -29.53 -3.82
CA ARG G 123 15.23 -30.18 -4.34
C ARG G 123 15.40 -31.62 -4.06
N GLU G 124 15.83 -31.91 -2.84
CA GLU G 124 15.91 -33.30 -2.41
C GLU G 124 15.15 -33.38 -1.08
N SER G 125 15.22 -34.54 -0.43
CA SER G 125 14.49 -34.74 0.81
C SER G 125 14.91 -33.70 1.85
N ALA G 126 13.92 -33.06 2.46
CA ALA G 126 14.12 -31.99 3.43
C ALA G 126 13.71 -32.47 4.81
N THR G 127 14.39 -31.97 5.84
CA THR G 127 14.20 -32.43 7.21
C THR G 127 13.45 -31.37 8.01
N ILE G 128 12.31 -31.76 8.56
CA ILE G 128 11.57 -30.94 9.50
C ILE G 128 11.92 -31.40 10.90
N THR G 129 12.13 -30.49 11.83
CA THR G 129 12.63 -30.95 13.11
C THR G 129 12.01 -30.52 14.37
N CYS G 130 11.10 -31.28 14.92
CA CYS G 130 10.42 -30.97 16.15
C CYS G 130 11.40 -30.89 17.21
N LEU G 131 11.66 -29.77 17.86
CA LEU G 131 12.67 -29.78 18.90
C LEU G 131 11.96 -29.68 20.14
N VAL G 132 12.00 -30.64 21.02
CA VAL G 132 11.23 -30.63 22.24
C VAL G 132 11.94 -30.17 23.51
N THR G 133 12.04 -28.91 23.89
CA THR G 133 12.84 -28.56 25.07
C THR G 133 12.32 -28.83 26.43
N GLY G 134 13.10 -28.46 27.44
CA GLY G 134 12.88 -28.61 28.88
C GLY G 134 11.87 -29.39 29.69
N PHE G 135 11.92 -30.70 29.69
CA PHE G 135 11.09 -31.69 30.37
C PHE G 135 11.98 -32.49 31.31
N SER G 136 11.59 -32.53 32.60
CA SER G 136 12.48 -33.11 33.61
C SER G 136 12.40 -34.63 33.68
N PRO G 137 11.23 -35.28 33.61
CA PRO G 137 11.21 -36.75 33.76
C PRO G 137 12.09 -37.50 32.75
N ALA G 138 12.52 -36.83 31.68
CA ALA G 138 13.46 -37.40 30.70
C ALA G 138 12.92 -38.65 30.01
N ASP G 139 11.61 -38.85 30.02
CA ASP G 139 10.98 -39.93 29.30
C ASP G 139 9.86 -39.34 28.45
N VAL G 140 10.10 -39.25 27.14
CA VAL G 140 9.18 -38.60 26.23
C VAL G 140 8.99 -39.51 25.01
N PHE G 141 7.83 -39.36 24.37
CA PHE G 141 7.47 -40.15 23.19
C PHE G 141 7.04 -39.21 22.06
N VAL G 142 8.00 -38.87 21.20
CA VAL G 142 7.70 -38.00 20.08
C VAL G 142 7.18 -38.83 18.91
N GLN G 143 6.15 -38.32 18.24
CA GLN G 143 5.51 -39.02 17.15
C GLN G 143 5.13 -38.00 16.07
N TRP G 144 4.88 -38.50 14.87
CA TRP G 144 4.56 -37.64 13.74
C TRP G 144 3.28 -38.13 13.08
N MET G 145 2.36 -37.21 12.82
CA MET G 145 1.16 -37.52 12.05
C MET G 145 1.04 -36.59 10.87
N GLN G 146 0.81 -37.17 9.69
CA GLN G 146 0.55 -36.43 8.47
C GLN G 146 -0.84 -36.78 7.97
N ARG G 147 -1.64 -35.75 7.65
CA ARG G 147 -3.02 -35.91 7.20
C ARG G 147 -3.86 -36.62 8.26
N GLY G 148 -3.51 -36.43 9.53
CA GLY G 148 -4.27 -36.98 10.63
C GLY G 148 -3.94 -38.41 11.01
N GLN G 149 -3.09 -39.10 10.24
CA GLN G 149 -2.71 -40.46 10.54
C GLN G 149 -1.21 -40.54 10.74
N PRO G 150 -0.74 -41.18 11.82
CA PRO G 150 0.70 -41.22 12.10
C PRO G 150 1.50 -41.87 10.97
N LEU G 151 2.67 -41.32 10.70
CA LEU G 151 3.57 -41.87 9.71
C LEU G 151 4.30 -43.08 10.27
N SER G 152 4.94 -43.84 9.37
CA SER G 152 5.71 -44.99 9.80
C SER G 152 6.88 -44.54 10.66
N PRO G 153 7.25 -45.31 11.68
CA PRO G 153 8.42 -44.93 12.50
C PRO G 153 9.73 -44.91 11.73
N GLU G 154 9.80 -45.56 10.57
CA GLU G 154 11.04 -45.55 9.80
C GLU G 154 11.35 -44.17 9.25
N LYS G 155 10.32 -43.39 8.89
CA LYS G 155 10.56 -42.10 8.26
C LYS G 155 11.24 -41.11 9.20
N TYR G 156 10.82 -40.98 10.45
CA TYR G 156 11.47 -40.01 11.33
C TYR G 156 12.35 -40.57 12.38
N VAL G 157 13.33 -39.85 12.88
CA VAL G 157 14.27 -40.44 13.82
C VAL G 157 14.55 -39.73 15.16
N THR G 158 13.61 -39.67 16.06
CA THR G 158 13.80 -38.95 17.32
C THR G 158 14.95 -39.42 18.11
N SER G 159 15.68 -38.52 18.74
CA SER G 159 16.87 -38.86 19.47
C SER G 159 16.60 -39.25 20.87
N ALA G 160 17.61 -39.62 21.60
CA ALA G 160 17.42 -39.89 23.01
C ALA G 160 17.52 -38.60 23.82
N PRO G 161 16.76 -38.47 24.90
CA PRO G 161 16.83 -37.25 25.70
C PRO G 161 18.24 -37.03 26.25
N MET G 162 18.67 -35.78 26.23
CA MET G 162 19.94 -35.36 26.79
C MET G 162 19.74 -34.12 27.63
N PRO G 163 20.54 -33.93 28.68
CA PRO G 163 20.34 -32.78 29.57
C PRO G 163 20.51 -31.46 28.85
N GLU G 164 19.67 -30.49 29.22
CA GLU G 164 19.74 -29.13 28.70
C GLU G 164 20.82 -28.36 29.43
N PRO G 165 21.74 -27.69 28.71
CA PRO G 165 22.89 -27.08 29.38
C PRO G 165 22.54 -25.98 30.37
N GLN G 166 21.52 -25.17 30.07
CA GLN G 166 21.26 -24.00 30.91
C GLN G 166 20.62 -24.40 32.23
N ALA G 167 19.71 -25.37 32.21
CA ALA G 167 19.06 -25.81 33.42
C ALA G 167 19.35 -27.29 33.66
N PRO G 168 19.99 -27.64 34.78
CA PRO G 168 20.36 -29.04 35.01
C PRO G 168 19.21 -30.03 34.92
N GLY G 169 18.14 -29.80 35.68
CA GLY G 169 17.07 -30.78 35.76
C GLY G 169 16.37 -31.01 34.44
N ARG G 170 16.22 -29.95 33.65
CA ARG G 170 15.50 -30.04 32.38
C ARG G 170 16.31 -30.83 31.35
N TYR G 171 15.66 -31.38 30.31
CA TYR G 171 16.31 -32.13 29.23
C TYR G 171 15.94 -31.57 27.88
N PHE G 172 16.08 -32.31 26.78
CA PHE G 172 15.63 -31.96 25.42
C PHE G 172 15.76 -33.13 24.52
N ALA G 173 15.12 -33.08 23.38
CA ALA G 173 15.19 -34.15 22.42
C ALA G 173 14.77 -33.61 21.10
N HIS G 174 15.18 -34.19 20.03
CA HIS G 174 14.87 -33.71 18.74
C HIS G 174 14.43 -34.82 17.93
N SER G 175 13.47 -34.61 17.10
CA SER G 175 12.89 -35.55 16.15
C SER G 175 13.05 -34.96 14.76
N ILE G 176 13.58 -35.74 13.82
CA ILE G 176 13.75 -35.29 12.46
C ILE G 176 12.85 -36.12 11.56
N LEU G 177 12.13 -35.45 10.68
CA LEU G 177 11.30 -36.11 9.68
C LEU G 177 11.81 -35.72 8.30
N THR G 178 12.33 -36.71 7.57
CA THR G 178 12.87 -36.49 6.24
C THR G 178 11.76 -36.78 5.23
N VAL G 179 11.25 -35.74 4.59
CA VAL G 179 10.12 -35.88 3.68
C VAL G 179 10.48 -35.17 2.38
N SER G 180 9.83 -35.57 1.30
CA SER G 180 10.19 -35.06 -0.02
C SER G 180 9.99 -33.56 -0.11
N GLU G 181 10.86 -32.90 -0.88
CA GLU G 181 10.79 -31.46 -1.05
C GLU G 181 9.49 -31.02 -1.71
N GLU G 182 9.07 -31.77 -2.74
CA GLU G 182 7.79 -31.46 -3.38
C GLU G 182 6.63 -31.62 -2.41
N GLU G 183 6.73 -32.59 -1.50
CA GLU G 183 5.69 -32.77 -0.49
C GLU G 183 5.64 -31.57 0.44
N TRP G 184 6.79 -30.99 0.76
CA TRP G 184 6.83 -29.83 1.65
C TRP G 184 6.27 -28.59 0.97
N ASN G 185 6.63 -28.35 -0.29
CA ASN G 185 6.19 -27.13 -0.96
C ASN G 185 4.68 -27.12 -1.15
N THR G 186 4.08 -28.27 -1.43
CA THR G 186 2.63 -28.37 -1.43
C THR G 186 2.14 -28.44 0.01
N GLY G 187 1.42 -27.40 0.44
CA GLY G 187 1.03 -27.24 1.83
C GLY G 187 0.55 -28.50 2.51
N GLU G 188 1.38 -28.91 3.45
CA GLU G 188 1.20 -30.12 4.21
C GLU G 188 0.78 -29.95 5.68
N THR G 189 0.54 -31.05 6.33
CA THR G 189 0.10 -30.99 7.67
C THR G 189 1.34 -30.92 8.41
N TYR G 190 1.97 -32.08 8.60
CA TYR G 190 3.19 -32.29 9.35
C TYR G 190 3.08 -31.82 10.71
N THR G 191 2.47 -32.62 11.52
CA THR G 191 2.29 -32.28 12.88
C THR G 191 3.14 -33.18 13.67
N CYS G 192 3.63 -32.68 14.76
CA CYS G 192 4.46 -33.32 15.76
C CYS G 192 3.66 -33.46 17.05
N VAL G 193 3.63 -34.68 17.58
CA VAL G 193 2.84 -35.02 18.76
C VAL G 193 3.79 -35.48 19.85
N VAL G 194 3.83 -34.75 20.96
CA VAL G 194 4.72 -35.04 22.07
C VAL G 194 3.91 -35.51 23.26
N ALA G 195 4.23 -36.70 23.76
CA ALA G 195 3.52 -37.30 24.89
C ALA G 195 4.45 -37.29 26.09
N HIS G 196 4.00 -36.66 27.17
CA HIS G 196 4.83 -36.50 28.35
C HIS G 196 3.94 -36.41 29.59
N GLU G 197 4.48 -36.86 30.73
CA GLU G 197 3.70 -36.89 31.96
C GLU G 197 3.31 -35.50 32.41
N ALA G 198 4.23 -34.55 32.34
CA ALA G 198 3.98 -33.23 32.90
C ALA G 198 2.97 -32.45 32.08
N LEU G 199 2.71 -32.88 30.85
CA LEU G 199 1.75 -32.19 30.02
C LEU G 199 0.35 -32.32 30.63
N PRO G 200 -0.48 -31.28 30.56
CA PRO G 200 -1.80 -31.35 31.21
C PRO G 200 -2.66 -32.50 30.70
N ASN G 201 -2.87 -32.57 29.39
CA ASN G 201 -3.60 -33.69 28.79
C ASN G 201 -2.68 -34.85 28.44
N ARG G 202 -1.41 -34.77 28.78
CA ARG G 202 -0.37 -35.77 28.61
C ARG G 202 0.05 -35.87 27.14
N VAL G 203 -0.62 -35.16 26.23
CA VAL G 203 -0.26 -35.15 24.81
C VAL G 203 -0.42 -33.73 24.30
N THR G 204 0.56 -33.25 23.53
CA THR G 204 0.50 -31.94 22.91
C THR G 204 0.89 -32.05 21.45
N GLU G 205 0.48 -31.06 20.66
CA GLU G 205 0.68 -31.09 19.21
C GLU G 205 1.20 -29.75 18.70
N ARG G 206 1.95 -29.82 17.61
CA ARG G 206 2.37 -28.64 16.86
C ARG G 206 2.26 -28.94 15.38
N THR G 207 2.06 -27.89 14.58
CA THR G 207 1.86 -28.02 13.15
C THR G 207 2.71 -26.99 12.42
N VAL G 208 3.35 -27.41 11.33
CA VAL G 208 4.14 -26.52 10.50
C VAL G 208 3.84 -26.82 9.04
N ASP G 209 3.86 -25.78 8.21
CA ASP G 209 3.77 -25.95 6.76
C ASP G 209 4.57 -24.83 6.10
N LYS G 210 4.49 -24.78 4.77
CA LYS G 210 5.18 -23.73 4.04
C LYS G 210 4.62 -22.36 4.39
N SER G 211 3.36 -22.31 4.82
CA SER G 211 2.70 -21.04 5.07
C SER G 211 3.15 -20.38 6.36
N THR G 212 3.55 -21.19 7.36
CA THR G 212 3.87 -20.63 8.67
C THR G 212 5.04 -19.66 8.61
N GLY G 213 6.08 -20.00 7.85
CA GLY G 213 7.26 -19.17 7.77
C GLY G 213 7.16 -17.98 6.84
N LYS G 214 6.08 -17.86 6.08
CA LYS G 214 5.94 -16.76 5.14
C LYS G 214 5.62 -15.47 5.88
N PRO G 215 6.45 -14.43 5.75
CA PRO G 215 6.17 -13.17 6.44
C PRO G 215 5.35 -12.22 5.58
N THR G 216 4.79 -11.20 6.25
CA THR G 216 4.00 -10.20 5.55
C THR G 216 4.92 -9.31 4.71
N LEU G 217 4.87 -9.50 3.42
CA LEU G 217 5.69 -8.74 2.56
C LEU G 217 5.12 -7.45 2.14
N TYR G 218 3.93 -7.04 2.49
CA TYR G 218 3.40 -5.80 1.96
C TYR G 218 2.66 -5.21 3.05
N ASN G 219 2.91 -3.99 3.45
CA ASN G 219 2.05 -3.36 4.44
C ASN G 219 1.19 -2.26 3.89
N VAL G 220 0.31 -2.53 2.94
CA VAL G 220 -0.58 -1.53 2.35
C VAL G 220 -1.31 -0.73 3.34
N SER G 221 -1.22 0.59 3.26
CA SER G 221 -1.95 1.45 4.14
C SER G 221 -2.83 2.10 3.18
N LEU G 222 -3.81 2.84 3.61
CA LEU G 222 -4.76 3.43 2.69
C LEU G 222 -5.22 4.71 3.28
N VAL G 223 -4.28 5.57 3.64
CA VAL G 223 -4.58 6.84 4.23
C VAL G 223 -5.59 7.60 3.46
N MET G 224 -6.52 8.24 4.12
CA MET G 224 -7.56 8.99 3.48
C MET G 224 -8.07 10.01 4.46
N ILE H 1 41.05 -62.43 27.35
CA ILE H 1 42.20 -61.56 27.51
C ILE H 1 42.52 -60.91 26.16
N ARG H 2 41.79 -59.86 25.82
CA ARG H 2 41.90 -59.18 24.54
C ARG H 2 42.57 -57.82 24.74
N VAL H 3 43.60 -57.54 23.95
CA VAL H 3 44.32 -56.28 24.06
C VAL H 3 43.53 -55.19 23.34
N PHE H 4 43.27 -54.09 24.05
CA PHE H 4 42.52 -52.97 23.50
C PHE H 4 43.50 -51.89 23.06
N ALA H 5 43.33 -51.41 21.83
CA ALA H 5 44.06 -50.25 21.33
C ALA H 5 43.03 -49.14 21.10
N ILE H 6 43.03 -48.14 21.98
CA ILE H 6 42.03 -47.09 21.94
C ILE H 6 42.35 -46.14 20.78
N PRO H 7 41.50 -46.06 19.77
CA PRO H 7 41.76 -45.14 18.66
C PRO H 7 41.44 -43.71 19.06
N PRO H 8 42.35 -42.77 18.83
CA PRO H 8 42.05 -41.37 19.12
C PRO H 8 40.89 -40.88 18.28
N SER H 9 40.00 -40.12 18.90
CA SER H 9 38.83 -39.58 18.23
C SER H 9 39.24 -38.43 17.33
N PHE H 10 38.44 -38.16 16.30
CA PHE H 10 38.72 -37.04 15.42
C PHE H 10 38.61 -35.72 16.17
N ALA H 11 37.79 -35.67 17.22
CA ALA H 11 37.74 -34.49 18.06
C ALA H 11 39.09 -34.24 18.71
N SER H 12 39.72 -35.30 19.23
CA SER H 12 41.05 -35.16 19.82
C SER H 12 42.09 -34.80 18.76
N ILE H 13 41.94 -35.33 17.55
CA ILE H 13 42.85 -34.96 16.46
C ILE H 13 42.73 -33.48 16.14
N PHE H 14 41.50 -32.97 16.11
CA PHE H 14 41.28 -31.57 15.74
C PHE H 14 41.69 -30.63 16.86
N LEU H 15 41.56 -31.06 18.12
CA LEU H 15 41.86 -30.18 19.24
C LEU H 15 43.31 -30.28 19.70
N THR H 16 43.75 -31.47 20.11
CA THR H 16 45.10 -31.62 20.63
C THR H 16 46.14 -31.70 19.50
N LYS H 17 45.69 -31.77 18.26
CA LYS H 17 46.56 -31.87 17.09
C LYS H 17 47.53 -33.05 17.18
N SER H 18 47.05 -34.18 17.70
CA SER H 18 47.89 -35.36 17.86
C SER H 18 47.01 -36.60 17.93
N THR H 19 47.65 -37.76 17.74
CA THR H 19 46.99 -39.05 17.84
C THR H 19 47.60 -39.83 19.01
N LYS H 20 46.74 -40.35 19.88
CA LYS H 20 47.17 -41.03 21.10
C LYS H 20 46.84 -42.51 20.98
N LEU H 21 47.86 -43.36 21.05
CA LEU H 21 47.71 -44.80 20.86
C LEU H 21 48.14 -45.53 22.12
N THR H 22 47.28 -46.43 22.60
CA THR H 22 47.53 -47.18 23.82
C THR H 22 47.35 -48.67 23.57
N CYS H 23 48.02 -49.48 24.39
CA CYS H 23 47.86 -50.94 24.37
C CYS H 23 47.55 -51.41 25.79
N LEU H 24 46.28 -51.72 26.04
CA LEU H 24 45.83 -52.07 27.38
C LEU H 24 44.92 -53.29 27.30
N VAL H 25 45.06 -54.20 28.26
CA VAL H 25 44.13 -55.31 28.40
C VAL H 25 43.16 -55.00 29.54
N THR H 26 41.98 -55.61 29.48
CA THR H 26 40.95 -55.36 30.48
C THR H 26 40.27 -56.69 30.79
N ASP H 27 39.57 -56.72 31.94
CA ASP H 27 38.86 -57.92 32.40
C ASP H 27 39.82 -59.07 32.67
N LEU H 28 40.77 -58.83 33.58
CA LEU H 28 41.80 -59.78 33.93
C LEU H 28 41.96 -59.86 35.44
N THR H 29 42.39 -61.03 35.92
CA THR H 29 42.67 -61.19 37.34
C THR H 29 43.90 -60.39 37.74
N THR H 30 43.88 -59.86 38.97
CA THR H 30 44.86 -58.85 39.38
C THR H 30 46.28 -59.35 39.20
N TYR H 31 47.12 -58.51 38.60
CA TYR H 31 48.54 -58.77 38.39
C TYR H 31 49.24 -57.45 38.15
N ASP H 32 50.22 -57.13 38.99
CA ASP H 32 50.96 -55.89 38.87
C ASP H 32 51.93 -55.95 37.70
N SER H 33 52.54 -54.79 37.41
CA SER H 33 53.50 -54.66 36.30
C SER H 33 52.86 -55.05 34.96
N VAL H 34 51.70 -54.45 34.69
CA VAL H 34 51.05 -54.67 33.40
C VAL H 34 51.94 -54.14 32.27
N THR H 35 51.97 -54.87 31.17
CA THR H 35 52.89 -54.61 30.07
C THR H 35 52.18 -53.86 28.96
N ILE H 36 52.91 -52.96 28.31
CA ILE H 36 52.43 -52.23 27.14
C ILE H 36 53.56 -52.16 26.11
N SER H 37 53.20 -52.41 24.85
CA SER H 37 54.15 -52.38 23.73
C SER H 37 53.47 -51.77 22.52
N TRP H 38 54.26 -51.17 21.64
CA TRP H 38 53.74 -50.52 20.44
C TRP H 38 54.72 -50.67 19.30
N THR H 39 54.23 -51.11 18.14
CA THR H 39 55.02 -51.17 16.91
C THR H 39 54.06 -51.19 15.73
N ARG H 40 54.57 -50.81 14.55
CA ARG H 40 53.73 -50.73 13.37
C ARG H 40 53.68 -52.09 12.66
N GLN H 41 53.13 -52.09 11.44
CA GLN H 41 53.03 -53.33 10.67
C GLN H 41 54.41 -53.85 10.29
N ASN H 42 55.32 -52.96 9.90
CA ASN H 42 56.67 -53.38 9.50
C ASN H 42 57.50 -53.86 10.68
N GLY H 43 57.04 -53.67 11.91
CA GLY H 43 57.82 -54.02 13.08
C GLY H 43 58.76 -52.95 13.55
N GLU H 44 58.74 -51.76 12.94
CA GLU H 44 59.59 -50.67 13.38
C GLU H 44 59.20 -50.22 14.78
N ALA H 45 60.20 -49.80 15.55
CA ALA H 45 59.99 -49.45 16.96
C ALA H 45 59.28 -48.11 17.05
N VAL H 46 57.97 -48.16 17.30
CA VAL H 46 57.19 -46.97 17.64
C VAL H 46 57.51 -46.63 19.08
N LYS H 47 57.21 -45.40 19.50
CA LYS H 47 57.30 -45.07 20.92
C LYS H 47 56.42 -46.02 21.71
N THR H 48 57.06 -46.91 22.48
CA THR H 48 56.33 -48.01 23.10
C THR H 48 55.32 -47.51 24.12
N HIS H 49 55.72 -46.54 24.95
CA HIS H 49 54.86 -46.10 26.04
C HIS H 49 55.43 -44.82 26.65
N THR H 50 54.55 -44.07 27.30
CA THR H 50 54.93 -42.88 28.04
C THR H 50 53.78 -42.48 28.95
N ASN H 51 54.09 -42.35 30.25
CA ASN H 51 53.12 -41.88 31.25
C ASN H 51 51.88 -42.77 31.29
N ILE H 52 52.08 -44.03 31.69
CA ILE H 52 50.95 -44.94 31.84
C ILE H 52 50.20 -44.61 33.13
N SER H 53 48.88 -44.42 33.01
CA SER H 53 48.06 -44.04 34.14
C SER H 53 47.76 -45.24 35.04
N GLU H 54 47.19 -44.94 36.19
CA GLU H 54 46.88 -45.98 37.18
C GLU H 54 45.75 -46.88 36.69
N SER H 55 45.84 -48.15 37.06
CA SER H 55 44.86 -49.15 36.63
C SER H 55 43.57 -49.03 37.43
N HIS H 56 42.46 -49.40 36.79
CA HIS H 56 41.17 -49.34 37.45
C HIS H 56 41.08 -50.42 38.53
N PRO H 57 40.72 -50.06 39.77
CA PRO H 57 40.69 -51.06 40.84
C PRO H 57 39.70 -52.19 40.62
N ASN H 58 38.61 -51.95 39.89
CA ASN H 58 37.50 -52.91 39.80
C ASN H 58 37.85 -54.07 38.86
N ALA H 59 38.92 -54.77 39.22
CA ALA H 59 39.33 -56.01 38.53
C ALA H 59 39.55 -55.78 37.03
N THR H 60 39.89 -54.53 36.67
CA THR H 60 40.14 -54.14 35.29
C THR H 60 41.49 -53.43 35.23
N PHE H 61 42.56 -54.22 35.10
CA PHE H 61 43.92 -53.69 35.14
C PHE H 61 44.39 -53.46 33.70
N SER H 62 44.63 -52.19 33.37
CA SER H 62 44.97 -51.80 32.01
C SER H 62 46.20 -50.91 32.01
N ALA H 63 46.95 -50.97 30.92
CA ALA H 63 48.14 -50.15 30.71
C ALA H 63 47.81 -49.13 29.62
N VAL H 64 47.43 -47.92 30.03
CA VAL H 64 47.04 -46.86 29.10
C VAL H 64 48.21 -45.90 28.96
N GLY H 65 48.95 -46.04 27.86
CA GLY H 65 50.06 -45.16 27.56
C GLY H 65 50.01 -44.67 26.14
N GLU H 66 49.98 -43.35 25.95
CA GLU H 66 49.69 -42.74 24.65
C GLU H 66 50.97 -42.36 23.93
N ALA H 67 51.00 -42.58 22.62
CA ALA H 67 52.12 -42.23 21.77
C ALA H 67 51.61 -41.63 20.46
N SER H 68 52.35 -40.67 19.92
CA SER H 68 51.94 -40.06 18.65
C SER H 68 52.45 -40.88 17.47
N ILE H 69 51.60 -41.00 16.44
CA ILE H 69 51.92 -41.72 15.21
C ILE H 69 51.33 -40.95 14.04
N CYS H 70 51.97 -41.07 12.88
CA CYS H 70 51.55 -40.35 11.68
C CYS H 70 50.18 -40.82 11.21
N GLU H 71 49.35 -39.86 10.79
CA GLU H 71 48.01 -40.19 10.28
C GLU H 71 48.04 -40.61 8.82
N ASP H 72 49.16 -40.35 8.13
CA ASP H 72 49.30 -40.88 6.78
C ASP H 72 49.30 -42.40 6.79
N ASP H 73 49.98 -43.00 7.77
CA ASP H 73 49.91 -44.45 7.96
C ASP H 73 48.50 -44.87 8.37
N TRP H 74 47.79 -44.00 9.10
CA TRP H 74 46.41 -44.28 9.46
C TRP H 74 45.54 -44.46 8.22
N ASN H 75 45.63 -43.52 7.28
CA ASN H 75 44.84 -43.63 6.06
C ASN H 75 45.44 -44.63 5.08
N SER H 76 46.69 -45.03 5.29
CA SER H 76 47.32 -46.00 4.41
C SER H 76 46.66 -47.37 4.51
N GLY H 77 46.22 -47.75 5.70
CA GLY H 77 45.60 -49.04 5.91
C GLY H 77 46.48 -50.09 6.54
N GLU H 78 47.73 -49.77 6.85
CA GLU H 78 48.60 -50.71 7.53
C GLU H 78 48.16 -50.90 8.98
N ARG H 79 48.54 -52.05 9.54
CA ARG H 79 48.07 -52.46 10.85
C ARG H 79 49.04 -52.00 11.95
N PHE H 80 48.49 -51.34 12.96
CA PHE H 80 49.23 -50.97 14.17
C PHE H 80 48.98 -52.05 15.21
N THR H 81 49.77 -53.12 15.15
CA THR H 81 49.56 -54.24 16.05
C THR H 81 49.67 -53.79 17.50
N CYS H 82 48.77 -54.31 18.34
CA CYS H 82 48.70 -53.95 19.74
C CYS H 82 48.89 -55.21 20.57
N THR H 83 50.03 -55.33 21.23
CA THR H 83 50.42 -56.56 21.91
C THR H 83 50.83 -56.28 23.35
N VAL H 84 50.64 -57.27 24.20
CA VAL H 84 51.04 -57.24 25.60
C VAL H 84 51.66 -58.58 25.95
N THR H 85 52.82 -58.55 26.63
CA THR H 85 53.48 -59.78 27.06
C THR H 85 53.00 -60.16 28.47
N HIS H 86 51.69 -60.24 28.61
CA HIS H 86 51.08 -60.64 29.87
C HIS H 86 51.38 -62.11 30.16
N THR H 87 51.55 -62.42 31.45
CA THR H 87 51.79 -63.81 31.84
C THR H 87 50.60 -64.69 31.52
N ASP H 88 49.39 -64.11 31.48
CA ASP H 88 48.20 -64.89 31.18
C ASP H 88 48.09 -65.20 29.69
N LEU H 89 48.57 -64.30 28.83
CA LEU H 89 48.43 -64.49 27.39
C LEU H 89 49.34 -65.62 26.90
N PRO H 90 48.79 -66.63 26.24
CA PRO H 90 49.66 -67.67 25.66
C PRO H 90 50.38 -67.20 24.40
N SER H 91 49.70 -66.45 23.53
CA SER H 91 50.28 -65.94 22.29
C SER H 91 49.83 -64.50 22.09
N PRO H 92 50.73 -63.65 21.58
CA PRO H 92 50.37 -62.23 21.37
C PRO H 92 49.33 -62.07 20.27
N LEU H 93 48.24 -61.38 20.60
CA LEU H 93 47.20 -61.11 19.61
C LEU H 93 47.54 -59.87 18.80
N LYS H 94 47.08 -59.86 17.55
CA LYS H 94 47.33 -58.77 16.60
C LYS H 94 46.03 -58.00 16.38
N GLN H 95 46.05 -56.71 16.67
CA GLN H 95 44.88 -55.85 16.53
C GLN H 95 45.26 -54.57 15.82
N THR H 96 44.34 -54.04 15.00
CA THR H 96 44.56 -52.80 14.27
C THR H 96 43.34 -51.89 14.43
N ILE H 97 43.58 -50.59 14.28
CA ILE H 97 42.56 -49.57 14.52
C ILE H 97 42.46 -48.58 13.38
N SER H 98 43.47 -48.92 12.57
CA SER H 98 44.03 -48.38 11.31
C SER H 98 43.51 -47.14 10.65
N ARG H 99 42.53 -46.40 11.20
CA ARG H 99 41.79 -45.27 10.47
C ARG H 99 41.22 -46.03 9.36
N PRO H 100 40.41 -47.02 9.77
CA PRO H 100 39.67 -47.97 8.95
C PRO H 100 39.43 -47.61 7.53
N LYS H 101 39.79 -48.53 6.66
CA LYS H 101 39.62 -48.31 5.24
C LYS H 101 38.17 -48.56 4.86
N GLY H 102 37.51 -49.40 5.64
CA GLY H 102 36.11 -49.73 5.40
C GLY H 102 35.13 -48.72 5.97
N VAL H 103 35.15 -47.52 5.42
CA VAL H 103 34.02 -46.63 5.46
C VAL H 103 33.86 -46.05 4.06
N ALA H 104 33.12 -44.96 3.97
CA ALA H 104 32.99 -44.28 2.72
C ALA H 104 33.77 -43.02 2.97
N LEU H 105 33.17 -41.88 2.63
CA LEU H 105 33.71 -40.55 2.82
C LEU H 105 32.61 -39.70 2.30
N HIS H 106 31.71 -39.23 3.13
CA HIS H 106 30.71 -38.35 2.61
C HIS H 106 30.85 -37.08 3.34
N ARG H 107 30.99 -35.98 2.63
CA ARG H 107 31.19 -34.71 3.32
C ARG H 107 29.95 -34.36 4.13
N PRO H 108 30.11 -33.83 5.35
CA PRO H 108 28.95 -33.31 6.07
C PRO H 108 28.29 -32.18 5.30
N ASP H 109 26.98 -32.11 5.41
CA ASP H 109 26.21 -31.02 4.84
C ASP H 109 25.51 -30.32 6.00
N VAL H 110 25.74 -29.02 6.12
CA VAL H 110 25.46 -28.28 7.35
C VAL H 110 24.36 -27.27 7.09
N TYR H 111 23.33 -27.30 7.91
CA TYR H 111 22.23 -26.35 7.86
C TYR H 111 22.07 -25.75 9.26
N LEU H 112 22.14 -24.43 9.35
CA LEU H 112 22.04 -23.77 10.65
C LEU H 112 20.68 -23.08 10.73
N LEU H 113 19.76 -23.68 11.48
CA LEU H 113 18.37 -23.30 11.66
C LEU H 113 18.22 -22.30 12.79
N PRO H 114 17.62 -21.16 12.52
CA PRO H 114 17.45 -20.13 13.54
C PRO H 114 16.35 -20.51 14.52
N PRO H 115 16.21 -19.78 15.62
CA PRO H 115 15.18 -20.12 16.61
C PRO H 115 13.77 -19.93 16.04
N ALA H 116 12.84 -20.74 16.54
CA ALA H 116 11.45 -20.62 16.13
C ALA H 116 10.84 -19.32 16.67
N ARG H 117 9.76 -18.89 16.04
CA ARG H 117 9.10 -17.66 16.45
C ARG H 117 8.55 -17.79 17.86
N GLU H 118 8.17 -18.99 18.27
CA GLU H 118 7.58 -19.18 19.60
C GLU H 118 8.59 -18.88 20.70
N GLN H 119 9.83 -19.36 20.55
CA GLN H 119 10.85 -19.09 21.56
C GLN H 119 11.15 -17.60 21.65
N LEU H 120 11.20 -16.91 20.50
CA LEU H 120 11.41 -15.47 20.52
C LEU H 120 10.25 -14.76 21.20
N ASN H 121 9.03 -15.22 20.96
CA ASN H 121 7.87 -14.62 21.63
C ASN H 121 7.93 -14.81 23.13
N LEU H 122 8.38 -15.99 23.58
CA LEU H 122 8.53 -16.23 25.01
C LEU H 122 9.56 -15.28 25.62
N ARG H 123 10.56 -14.88 24.85
CA ARG H 123 11.60 -13.91 25.16
C ARG H 123 12.55 -14.39 26.25
N GLU H 124 12.37 -15.59 26.80
CA GLU H 124 13.28 -16.06 27.85
C GLU H 124 14.61 -16.49 27.25
N SER H 125 14.59 -17.17 26.11
CA SER H 125 15.81 -17.70 25.51
C SER H 125 15.53 -18.05 24.05
N ALA H 126 16.52 -18.69 23.43
CA ALA H 126 16.44 -19.11 22.05
C ALA H 126 17.46 -20.22 21.81
N THR H 127 17.15 -21.12 20.88
CA THR H 127 17.96 -22.31 20.62
C THR H 127 18.27 -22.39 19.12
N ILE H 128 19.50 -22.02 18.76
CA ILE H 128 19.94 -22.14 17.38
C ILE H 128 20.46 -23.55 17.15
N THR H 129 20.02 -24.19 16.05
CA THR H 129 20.36 -25.59 15.84
C THR H 129 21.22 -25.75 14.59
N CYS H 130 22.37 -26.37 14.75
CA CYS H 130 23.25 -26.72 13.64
C CYS H 130 23.01 -28.19 13.35
N LEU H 131 22.43 -28.49 12.19
CA LEU H 131 22.06 -29.83 11.77
C LEU H 131 23.06 -30.33 10.76
N VAL H 132 23.98 -31.19 11.21
CA VAL H 132 24.95 -31.79 10.31
C VAL H 132 24.39 -33.11 9.81
N THR H 133 24.37 -33.29 8.48
CA THR H 133 23.72 -34.48 7.95
C THR H 133 24.50 -35.02 6.76
N GLY H 134 24.36 -36.33 6.53
CA GLY H 134 24.89 -36.95 5.34
C GLY H 134 26.36 -37.32 5.36
N PHE H 135 27.02 -37.26 6.52
CA PHE H 135 28.44 -37.58 6.58
C PHE H 135 28.60 -39.07 6.86
N SER H 136 29.38 -39.75 6.02
CA SER H 136 29.41 -41.21 6.08
C SER H 136 30.19 -41.73 7.28
N PRO H 137 31.44 -41.32 7.53
CA PRO H 137 32.09 -41.75 8.77
C PRO H 137 31.34 -41.23 9.98
N ALA H 138 31.29 -42.06 11.03
CA ALA H 138 30.47 -41.72 12.19
C ALA H 138 31.01 -40.48 12.91
N ASP H 139 32.32 -40.39 13.07
CA ASP H 139 32.91 -39.35 13.90
C ASP H 139 32.85 -38.00 13.20
N VAL H 140 32.47 -36.93 13.91
CA VAL H 140 32.37 -35.53 13.44
C VAL H 140 32.56 -34.61 14.64
N PHE H 141 32.87 -33.34 14.48
CA PHE H 141 33.04 -32.49 15.63
C PHE H 141 32.49 -31.14 15.32
N VAL H 142 31.55 -30.64 16.09
CA VAL H 142 30.92 -29.38 15.82
C VAL H 142 31.21 -28.46 16.94
N GLN H 143 31.56 -27.20 16.70
CA GLN H 143 31.89 -26.25 17.71
C GLN H 143 31.31 -24.92 17.33
N TRP H 144 30.83 -24.07 18.21
CA TRP H 144 30.19 -22.85 17.81
C TRP H 144 30.94 -21.62 18.19
N MET H 145 31.24 -20.77 17.24
CA MET H 145 32.09 -19.59 17.34
C MET H 145 31.23 -18.34 17.24
N GLN H 146 31.63 -17.29 17.96
CA GLN H 146 30.98 -15.99 17.88
C GLN H 146 32.04 -14.91 17.72
N ARG H 147 31.89 -14.10 16.67
CA ARG H 147 32.81 -13.00 16.39
C ARG H 147 34.25 -13.51 16.25
N GLY H 148 34.39 -14.74 15.78
CA GLY H 148 35.68 -15.36 15.68
C GLY H 148 36.22 -15.94 16.97
N GLN H 149 35.47 -15.83 18.07
CA GLN H 149 35.89 -16.33 19.36
C GLN H 149 35.11 -17.59 19.69
N PRO H 150 35.75 -18.75 19.83
CA PRO H 150 35.01 -19.96 20.17
C PRO H 150 34.25 -19.82 21.47
N LEU H 151 33.04 -20.34 21.49
CA LEU H 151 32.20 -20.25 22.68
C LEU H 151 32.55 -21.36 23.67
N SER H 152 32.17 -21.15 24.92
CA SER H 152 32.47 -22.14 25.95
C SER H 152 31.68 -23.43 25.67
N PRO H 153 32.30 -24.59 25.83
CA PRO H 153 31.62 -25.85 25.48
C PRO H 153 30.36 -26.12 26.29
N GLU H 154 30.16 -25.42 27.40
CA GLU H 154 28.95 -25.64 28.19
C GLU H 154 27.71 -25.17 27.43
N LYS H 155 27.82 -24.07 26.68
CA LYS H 155 26.64 -23.45 26.10
C LYS H 155 26.02 -24.33 25.02
N TYR H 156 26.83 -24.92 24.15
CA TYR H 156 26.32 -25.74 23.07
C TYR H 156 26.38 -27.21 23.45
N VAL H 157 25.32 -27.94 23.15
CA VAL H 157 25.25 -29.38 23.36
C VAL H 157 25.07 -30.05 22.02
N THR H 158 25.94 -31.00 21.71
CA THR H 158 25.93 -31.68 20.42
C THR H 158 25.48 -33.12 20.61
N SER H 159 24.60 -33.58 19.74
CA SER H 159 24.10 -34.94 19.80
C SER H 159 25.13 -35.93 19.28
N ALA H 160 25.07 -37.15 19.78
CA ALA H 160 25.89 -38.21 19.23
C ALA H 160 25.42 -38.56 17.82
N PRO H 161 26.33 -38.92 16.93
CA PRO H 161 25.92 -39.27 15.56
C PRO H 161 24.95 -40.45 15.57
N MET H 162 23.84 -40.27 14.85
CA MET H 162 22.79 -41.27 14.77
C MET H 162 22.49 -41.55 13.30
N PRO H 163 22.31 -42.82 12.91
CA PRO H 163 22.12 -43.12 11.49
C PRO H 163 20.88 -42.43 10.93
N GLU H 164 21.01 -41.95 9.70
CA GLU H 164 19.92 -41.24 9.05
C GLU H 164 18.89 -42.25 8.53
N PRO H 165 17.60 -41.89 8.56
CA PRO H 165 16.58 -42.86 8.11
C PRO H 165 16.71 -43.25 6.65
N GLN H 166 16.77 -42.28 5.74
CA GLN H 166 16.80 -42.57 4.31
C GLN H 166 18.21 -42.77 3.78
N ALA H 167 19.24 -42.60 4.61
CA ALA H 167 20.62 -42.83 4.20
C ALA H 167 21.20 -43.97 5.02
N PRO H 168 21.51 -45.12 4.41
CA PRO H 168 21.97 -46.27 5.19
C PRO H 168 23.34 -46.04 5.82
N GLY H 169 24.32 -45.66 5.01
CA GLY H 169 25.69 -45.48 5.47
C GLY H 169 26.07 -44.07 5.84
N ARG H 170 25.10 -43.17 6.00
CA ARG H 170 25.36 -41.76 6.31
C ARG H 170 24.61 -41.40 7.58
N TYR H 171 25.24 -40.58 8.42
CA TYR H 171 24.71 -40.27 9.74
C TYR H 171 24.33 -38.79 9.84
N PHE H 172 23.81 -38.37 10.99
CA PHE H 172 23.45 -36.96 11.22
C PHE H 172 23.58 -36.54 12.66
N ALA H 173 23.76 -35.30 13.05
CA ALA H 173 23.88 -34.97 14.44
C ALA H 173 23.58 -33.58 14.63
N HIS H 174 22.73 -33.18 15.53
CA HIS H 174 22.43 -31.80 15.73
C HIS H 174 23.35 -31.13 16.65
N SER H 175 23.16 -29.89 16.94
CA SER H 175 23.97 -29.20 17.87
C SER H 175 23.18 -28.04 18.26
N ILE H 176 22.88 -27.79 19.51
CA ILE H 176 22.07 -26.68 19.85
C ILE H 176 22.77 -25.70 20.72
N LEU H 177 22.81 -24.46 20.37
CA LEU H 177 23.39 -23.36 21.12
C LEU H 177 22.24 -22.56 21.72
N THR H 178 22.23 -22.43 23.04
CA THR H 178 21.19 -21.69 23.73
C THR H 178 21.71 -20.30 24.05
N VAL H 179 21.03 -19.28 23.54
CA VAL H 179 21.43 -17.89 23.72
C VAL H 179 20.22 -17.09 24.17
N SER H 180 20.48 -15.97 24.84
CA SER H 180 19.40 -15.12 25.30
C SER H 180 18.69 -14.48 24.11
N GLU H 181 17.40 -14.22 24.29
CA GLU H 181 16.60 -13.63 23.22
C GLU H 181 17.12 -12.25 22.84
N GLU H 182 17.59 -11.48 23.83
CA GLU H 182 18.13 -10.17 23.55
C GLU H 182 19.37 -10.25 22.66
N GLU H 183 20.23 -11.24 22.91
CA GLU H 183 21.41 -11.42 22.06
C GLU H 183 21.00 -11.72 20.63
N TRP H 184 19.97 -12.53 20.44
CA TRP H 184 19.46 -12.77 19.09
C TRP H 184 18.94 -11.49 18.46
N ASN H 185 18.27 -10.64 19.26
CA ASN H 185 17.81 -9.37 18.74
C ASN H 185 18.95 -8.41 18.42
N THR H 186 20.03 -8.47 19.16
CA THR H 186 21.07 -7.52 18.90
C THR H 186 21.83 -8.09 17.75
N GLY H 187 21.09 -8.54 16.75
CA GLY H 187 21.57 -9.16 15.52
C GLY H 187 22.98 -9.70 15.48
N GLU H 188 23.23 -10.85 16.08
CA GLU H 188 24.59 -11.40 16.14
C GLU H 188 25.03 -12.35 15.05
N THR H 189 26.19 -12.97 15.23
CA THR H 189 26.60 -13.86 14.21
C THR H 189 26.46 -15.34 14.40
N TYR H 190 26.91 -15.93 15.48
CA TYR H 190 26.82 -17.35 15.69
C TYR H 190 27.18 -18.30 14.58
N THR H 191 28.43 -18.47 14.21
CA THR H 191 28.73 -19.46 13.17
C THR H 191 28.82 -20.82 13.80
N CYS H 192 28.74 -21.88 13.06
CA CYS H 192 28.75 -23.18 13.65
C CYS H 192 29.78 -23.86 12.94
N VAL H 193 30.94 -24.21 13.45
CA VAL H 193 31.98 -24.82 12.59
C VAL H 193 32.07 -26.29 12.70
N VAL H 194 32.05 -27.06 11.62
CA VAL H 194 32.07 -28.51 11.62
C VAL H 194 33.32 -29.12 11.07
N ALA H 195 33.96 -30.08 11.70
CA ALA H 195 35.21 -30.72 11.35
C ALA H 195 34.95 -32.20 11.04
N HIS H 196 35.38 -32.62 9.87
CA HIS H 196 35.27 -34.01 9.43
C HIS H 196 36.41 -34.32 8.48
N GLU H 197 36.72 -35.61 8.35
CA GLU H 197 37.75 -36.02 7.40
C GLU H 197 37.34 -35.72 5.96
N ALA H 198 36.06 -35.92 5.64
CA ALA H 198 35.64 -35.85 4.25
C ALA H 198 35.60 -34.42 3.73
N LEU H 199 35.59 -33.44 4.63
CA LEU H 199 35.51 -32.06 4.20
C LEU H 199 36.82 -31.64 3.52
N PRO H 200 36.77 -30.69 2.59
CA PRO H 200 37.99 -30.29 1.87
C PRO H 200 39.09 -29.79 2.79
N ASN H 201 38.84 -28.72 3.53
CA ASN H 201 39.80 -28.17 4.46
C ASN H 201 39.63 -28.72 5.86
N ARG H 202 38.92 -29.85 6.00
CA ARG H 202 38.60 -30.53 7.25
C ARG H 202 37.69 -29.70 8.13
N VAL H 203 37.07 -28.63 7.63
CA VAL H 203 36.18 -27.79 8.41
C VAL H 203 35.37 -26.91 7.47
N THR H 204 34.12 -26.69 7.82
CA THR H 204 33.26 -25.75 7.11
C THR H 204 32.46 -24.95 8.12
N GLU H 205 32.17 -23.70 7.77
CA GLU H 205 31.53 -22.78 8.70
C GLU H 205 30.26 -22.21 8.07
N ARG H 206 29.17 -22.23 8.83
CA ARG H 206 27.92 -21.64 8.40
C ARG H 206 27.45 -20.62 9.43
N THR H 207 27.03 -19.45 8.95
CA THR H 207 26.62 -18.37 9.81
C THR H 207 25.21 -17.90 9.48
N VAL H 208 24.41 -17.68 10.52
CA VAL H 208 23.06 -17.14 10.40
C VAL H 208 22.85 -16.17 11.55
N ASP H 209 22.41 -14.96 11.22
CA ASP H 209 22.07 -13.94 12.21
C ASP H 209 20.59 -13.61 12.11
N LYS H 210 20.18 -12.61 12.88
CA LYS H 210 18.77 -12.23 12.94
C LYS H 210 18.25 -11.72 11.59
N SER H 211 19.13 -11.21 10.73
CA SER H 211 18.73 -10.62 9.46
C SER H 211 19.02 -11.51 8.26
N THR H 212 19.07 -12.79 8.49
CA THR H 212 19.44 -13.70 7.47
C THR H 212 18.31 -14.02 6.59
N GLY H 213 17.15 -14.10 7.18
CA GLY H 213 16.01 -14.45 6.39
C GLY H 213 15.21 -13.37 5.73
N LYS H 214 14.94 -12.26 6.42
CA LYS H 214 14.12 -11.15 5.96
C LYS H 214 14.28 -10.81 4.53
N PRO H 215 13.17 -10.67 3.83
CA PRO H 215 13.20 -10.44 2.40
C PRO H 215 12.69 -9.12 1.80
N THR H 216 12.91 -7.95 2.41
CA THR H 216 12.46 -6.63 1.96
C THR H 216 10.96 -6.43 1.90
N LEU H 217 10.43 -5.70 2.82
CA LEU H 217 9.04 -5.51 2.86
C LEU H 217 8.65 -4.23 2.27
N TYR H 218 7.79 -4.22 1.29
CA TYR H 218 7.41 -2.98 0.70
C TYR H 218 6.36 -2.43 1.53
N ASN H 219 6.51 -1.27 2.09
CA ASN H 219 5.48 -0.74 2.93
C ASN H 219 4.47 0.14 2.24
N VAL H 220 4.18 -0.10 0.97
CA VAL H 220 3.24 0.67 0.13
C VAL H 220 2.14 1.42 0.74
N SER H 221 2.17 2.73 0.74
CA SER H 221 1.09 3.55 1.29
C SER H 221 0.17 4.05 0.18
N LEU H 222 -0.87 4.81 0.42
CA LEU H 222 -1.76 5.19 -0.67
C LEU H 222 -2.52 6.43 -0.35
N VAL H 223 -1.83 7.54 -0.11
CA VAL H 223 -2.56 8.78 0.29
C VAL H 223 -3.58 9.08 -0.79
N MET H 224 -4.83 9.29 -0.41
CA MET H 224 -5.90 9.70 -1.35
C MET H 224 -6.60 10.81 -0.60
N SER H 225 -7.53 11.50 -1.24
CA SER H 225 -8.14 12.70 -0.63
C SER H 225 -7.85 12.83 0.87
N ASP H 226 -6.63 13.22 1.25
CA ASP H 226 -6.28 13.49 2.68
C ASP H 226 -5.52 14.82 2.70
N THR H 227 -5.34 15.44 3.86
CA THR H 227 -4.71 16.79 3.85
C THR H 227 -3.52 16.88 4.79
N ALA H 228 -3.60 17.74 5.82
CA ALA H 228 -2.47 18.00 6.75
C ALA H 228 -1.51 19.01 6.13
N GLY H 229 -1.71 19.38 4.86
CA GLY H 229 -0.77 20.27 4.16
C GLY H 229 0.56 19.57 3.90
N THR H 230 1.02 18.73 4.83
CA THR H 230 2.31 17.97 4.72
C THR H 230 2.88 18.04 3.30
N CYS H 231 4.15 18.42 3.17
CA CYS H 231 4.62 18.54 1.81
C CYS H 231 5.05 17.18 1.30
N TYR H 232 4.98 17.00 0.00
CA TYR H 232 5.28 15.71 -0.57
C TYR H 232 6.35 15.76 -1.60
N GLU I 3 20.40 18.18 5.77
CA GLU I 3 21.42 17.14 5.68
C GLU I 3 21.28 16.35 4.38
N ARG I 4 20.20 16.61 3.65
CA ARG I 4 19.96 15.91 2.40
C ARG I 4 21.00 16.32 1.36
N ILE I 5 21.53 15.32 0.66
CA ILE I 5 22.41 15.54 -0.49
C ILE I 5 21.59 15.28 -1.74
N VAL I 6 21.29 16.36 -2.47
CA VAL I 6 20.39 16.29 -3.61
C VAL I 6 21.16 15.62 -4.75
N LEU I 7 20.91 14.33 -4.95
CA LEU I 7 21.59 13.61 -6.03
C LEU I 7 21.22 14.19 -7.38
N VAL I 8 19.92 14.29 -7.68
CA VAL I 8 19.47 14.88 -8.94
C VAL I 8 18.18 15.65 -8.73
N ASP I 9 17.93 16.61 -9.61
CA ASP I 9 16.71 17.39 -9.68
C ASP I 9 16.42 17.62 -11.17
N ASN I 10 15.69 16.69 -11.77
CA ASN I 10 15.37 16.74 -13.19
C ASN I 10 14.01 17.40 -13.35
N LYS I 11 14.02 18.62 -13.90
CA LYS I 11 12.78 19.34 -14.16
C LYS I 11 12.15 18.95 -15.49
N CYS I 12 12.80 18.09 -16.27
CA CYS I 12 12.16 17.56 -17.46
C CYS I 12 11.15 16.49 -17.10
N LYS I 13 11.27 15.91 -15.91
CA LYS I 13 10.42 14.80 -15.49
C LYS I 13 9.93 14.92 -14.04
N CYS I 14 10.18 16.04 -13.37
CA CYS I 14 9.82 16.22 -11.96
C CYS I 14 10.40 15.12 -11.08
N ALA I 15 11.65 14.76 -11.34
CA ALA I 15 12.28 13.67 -10.61
C ALA I 15 13.39 14.21 -9.72
N ARG I 16 13.17 14.19 -8.42
CA ARG I 16 14.18 14.63 -7.46
C ARG I 16 14.61 13.45 -6.63
N ILE I 17 15.91 13.18 -6.61
CA ILE I 17 16.51 12.16 -5.78
C ILE I 17 17.46 12.84 -4.81
N THR I 18 17.23 12.62 -3.51
CA THR I 18 18.10 13.09 -2.45
C THR I 18 18.45 11.92 -1.56
N SER I 19 19.60 11.99 -0.91
CA SER I 19 20.07 10.92 -0.04
C SER I 19 20.41 11.49 1.33
N ARG I 20 20.17 10.71 2.37
CA ARG I 20 20.38 11.16 3.73
C ARG I 20 20.78 9.98 4.60
N ILE I 21 21.67 10.23 5.55
CA ILE I 21 22.08 9.20 6.52
C ILE I 21 21.32 9.53 7.81
N ILE I 22 20.15 8.90 7.97
CA ILE I 22 19.35 9.18 9.14
C ILE I 22 19.90 8.41 10.34
N ARG I 23 20.04 9.13 11.44
CA ARG I 23 20.66 8.59 12.62
C ARG I 23 19.68 8.18 13.69
N SER I 24 18.88 7.16 13.41
CA SER I 24 17.90 6.66 14.36
C SER I 24 18.47 6.40 15.75
N SER I 25 19.38 5.43 15.85
CA SER I 25 19.98 5.10 17.13
C SER I 25 21.17 6.00 17.34
N GLU I 26 21.68 6.01 18.56
CA GLU I 26 22.82 6.85 18.86
C GLU I 26 24.13 6.11 18.79
N ASP I 27 24.34 5.45 17.66
CA ASP I 27 25.57 4.72 17.43
C ASP I 27 25.82 4.65 15.95
N PRO I 28 26.89 3.97 15.59
CA PRO I 28 27.37 3.73 14.25
C PRO I 28 26.74 2.46 13.76
N ASN I 29 26.87 2.17 12.49
CA ASN I 29 26.31 0.96 11.91
C ASN I 29 24.83 0.66 12.19
N GLU I 30 24.02 1.68 12.31
CA GLU I 30 22.59 1.64 12.56
C GLU I 30 21.95 2.89 11.97
N ASP I 31 22.74 3.65 11.22
CA ASP I 31 22.33 4.83 10.56
C ASP I 31 21.87 4.29 9.25
N ILE I 32 20.67 4.69 8.90
CA ILE I 32 20.05 4.18 7.69
C ILE I 32 20.39 5.12 6.55
N VAL I 33 20.97 4.64 5.49
CA VAL I 33 21.24 5.50 4.38
C VAL I 33 20.02 5.40 3.56
N GLU I 34 19.40 6.51 3.19
CA GLU I 34 18.15 6.57 2.42
C GLU I 34 18.13 6.93 0.98
N ARG I 35 16.98 7.00 0.35
CA ARG I 35 16.94 7.48 -0.99
C ARG I 35 15.61 8.07 -1.20
N ASN I 36 15.45 9.37 -1.34
CA ASN I 36 14.12 9.96 -1.35
C ASN I 36 13.75 10.36 -2.78
N ILE I 37 13.27 9.37 -3.54
CA ILE I 37 12.78 9.66 -4.88
C ILE I 37 11.42 10.32 -4.79
N ARG I 38 11.26 11.47 -5.43
CA ARG I 38 9.99 12.18 -5.49
C ARG I 38 9.67 12.46 -6.94
N ILE I 39 8.49 12.02 -7.39
CA ILE I 39 8.08 12.13 -8.78
C ILE I 39 6.70 12.74 -8.83
N ILE I 40 6.52 13.74 -9.69
CA ILE I 40 5.24 14.41 -9.87
C ILE I 40 4.74 14.05 -11.27
N VAL I 41 3.58 13.41 -11.34
CA VAL I 41 3.02 12.93 -12.59
C VAL I 41 2.11 14.00 -13.16
N PRO I 42 2.28 14.42 -14.42
CA PRO I 42 1.45 15.51 -14.96
C PRO I 42 -0.03 15.18 -15.00
N LEU I 43 -0.37 14.00 -15.55
CA LEU I 43 -1.72 13.45 -15.54
C LEU I 43 -2.67 14.17 -16.50
N ASN I 44 -2.27 15.35 -16.98
CA ASN I 44 -3.00 16.07 -18.02
C ASN I 44 -2.10 16.65 -19.10
N ASN I 45 -0.80 16.42 -19.01
CA ASN I 45 0.09 16.90 -20.06
C ASN I 45 -0.01 16.02 -21.29
N ARG I 46 0.22 16.61 -22.45
CA ARG I 46 0.18 15.86 -23.69
C ARG I 46 1.46 15.05 -23.86
N GLU I 47 1.44 14.11 -24.82
CA GLU I 47 2.64 13.33 -25.10
C GLU I 47 3.76 14.22 -25.61
N ASN I 48 3.45 15.11 -26.55
CA ASN I 48 4.39 16.09 -27.07
C ASN I 48 4.13 17.40 -26.34
N ILE I 49 5.02 17.74 -25.40
CA ILE I 49 4.78 18.90 -24.53
C ILE I 49 4.69 20.17 -25.35
N SER I 50 5.51 20.29 -26.39
CA SER I 50 5.49 21.48 -27.24
C SER I 50 4.44 21.41 -28.35
N ASP I 51 3.69 20.31 -28.44
CA ASP I 51 2.61 20.18 -29.41
C ASP I 51 1.28 20.05 -28.68
N PRO I 52 0.47 21.10 -28.60
CA PRO I 52 -0.79 21.01 -27.85
C PRO I 52 -1.75 19.96 -28.36
N THR I 53 -1.78 19.70 -29.66
CA THR I 53 -2.79 18.82 -30.24
C THR I 53 -2.41 17.34 -30.18
N SER I 54 -1.24 17.01 -29.66
CA SER I 54 -0.83 15.61 -29.56
C SER I 54 -1.73 14.88 -28.55
N PRO I 55 -1.81 13.56 -28.65
CA PRO I 55 -2.67 12.81 -27.72
C PRO I 55 -2.18 12.89 -26.29
N LEU I 56 -3.10 12.70 -25.36
CA LEU I 56 -2.79 12.76 -23.94
C LEU I 56 -1.81 11.66 -23.57
N ARG I 57 -0.91 11.96 -22.64
CA ARG I 57 0.10 11.01 -22.19
C ARG I 57 -0.46 10.18 -21.04
N THR I 58 -0.45 8.86 -21.20
CA THR I 58 -0.95 7.97 -20.17
C THR I 58 0.14 7.13 -19.52
N ARG I 59 1.22 6.82 -20.24
CA ARG I 59 2.28 5.96 -19.74
C ARG I 59 3.52 6.78 -19.45
N PHE I 60 3.99 6.73 -18.21
CA PHE I 60 5.11 7.54 -17.73
C PHE I 60 6.23 6.60 -17.32
N VAL I 61 7.36 6.67 -18.03
CA VAL I 61 8.50 5.79 -17.78
C VAL I 61 9.62 6.60 -17.14
N TYR I 62 10.20 6.12 -16.06
CA TYR I 62 11.26 6.85 -15.42
C TYR I 62 12.41 5.95 -15.16
N HIS I 63 13.53 6.05 -15.85
CA HIS I 63 14.62 5.15 -15.59
C HIS I 63 15.65 5.83 -14.79
N LEU I 64 15.69 5.62 -13.50
CA LEU I 64 16.64 6.32 -12.69
C LEU I 64 18.14 6.40 -13.05
N SER I 65 18.61 5.78 -14.12
CA SER I 65 19.97 5.94 -14.61
C SER I 65 20.10 7.08 -15.63
N ASP I 66 19.10 7.23 -16.51
CA ASP I 66 19.09 8.35 -17.44
C ASP I 66 18.89 9.69 -16.74
N LEU I 67 18.44 9.68 -15.49
CA LEU I 67 18.27 10.89 -14.70
C LEU I 67 19.46 11.18 -13.81
N CYS I 68 20.15 10.13 -13.33
CA CYS I 68 21.30 10.33 -12.47
C CYS I 68 22.43 11.05 -13.20
N LYS I 69 22.64 10.71 -14.46
CA LYS I 69 23.69 11.35 -15.25
C LYS I 69 23.38 12.82 -15.50
N GLU I 98 14.89 13.26 -26.66
CA GLU I 98 14.44 13.19 -25.27
C GLU I 98 13.08 13.84 -25.11
N THR I 99 12.12 13.09 -24.59
CA THR I 99 10.76 13.58 -24.38
C THR I 99 10.57 13.96 -22.92
N CYS I 100 10.16 15.20 -22.69
CA CYS I 100 9.87 15.71 -21.36
C CYS I 100 8.43 15.39 -20.98
N TYR I 101 8.16 15.44 -19.68
CA TYR I 101 6.82 15.21 -19.16
C TYR I 101 6.14 16.46 -18.64
N THR I 102 6.89 17.41 -18.10
CA THR I 102 6.34 18.61 -17.48
C THR I 102 7.03 19.84 -18.02
N TYR I 103 6.29 20.93 -18.15
CA TYR I 103 6.89 22.20 -18.51
C TYR I 103 7.83 22.66 -17.41
N ASP I 104 9.03 23.08 -17.78
CA ASP I 104 9.90 23.75 -16.83
C ASP I 104 9.44 25.20 -16.66
N ARG I 105 9.31 25.65 -15.40
CA ARG I 105 8.76 26.98 -15.18
C ARG I 105 9.74 28.07 -15.57
N ASN I 106 11.03 27.79 -15.60
CA ASN I 106 12.01 28.76 -16.03
C ASN I 106 12.22 28.78 -17.54
N LYS I 107 11.62 27.82 -18.23
CA LYS I 107 11.88 27.71 -19.67
C LYS I 107 10.66 28.21 -20.43
N CYS I 108 10.89 29.00 -21.47
CA CYS I 108 9.81 29.57 -22.28
C CYS I 108 9.43 28.57 -23.37
N TYR I 109 8.23 28.02 -23.25
CA TYR I 109 7.69 27.10 -24.24
C TYR I 109 6.71 27.84 -25.14
N THR I 110 6.93 27.75 -26.45
CA THR I 110 6.08 28.42 -27.42
C THR I 110 5.73 27.47 -28.54
N ALA I 111 4.62 27.77 -29.22
CA ALA I 111 4.21 27.03 -30.39
C ALA I 111 3.85 28.03 -31.48
N VAL I 112 3.50 27.51 -32.66
CA VAL I 112 3.11 28.35 -33.79
C VAL I 112 1.67 28.01 -34.13
N VAL I 113 0.82 29.04 -34.24
CA VAL I 113 -0.59 28.85 -34.56
C VAL I 113 -0.96 29.79 -35.70
N PRO I 114 -1.83 29.38 -36.62
CA PRO I 114 -2.30 30.30 -37.66
C PRO I 114 -3.43 31.16 -37.13
N LEU I 115 -3.29 32.46 -37.28
CA LEU I 115 -4.30 33.37 -36.84
C LEU I 115 -4.87 34.12 -38.00
N VAL I 116 -5.87 33.59 -38.65
CA VAL I 116 -6.44 34.23 -39.81
C VAL I 116 -7.35 35.35 -39.50
N TYR I 117 -6.99 36.59 -39.78
CA TYR I 117 -7.88 37.69 -39.49
C TYR I 117 -7.96 38.70 -40.58
N GLY I 118 -8.99 38.55 -41.39
CA GLY I 118 -9.26 39.33 -42.55
C GLY I 118 -9.14 38.20 -43.53
N GLY I 119 -8.25 38.36 -44.47
CA GLY I 119 -7.95 37.29 -45.41
C GLY I 119 -6.58 36.78 -45.03
N GLU I 120 -5.73 37.69 -44.55
CA GLU I 120 -4.38 37.47 -44.13
C GLU I 120 -4.15 36.46 -43.04
N THR I 121 -3.85 35.24 -43.41
CA THR I 121 -3.52 34.25 -42.44
C THR I 121 -2.09 34.53 -42.08
N LYS I 122 -1.77 34.56 -40.83
CA LYS I 122 -0.40 34.76 -40.38
C LYS I 122 -0.05 33.73 -39.31
N MET I 123 1.12 33.12 -39.45
CA MET I 123 1.62 32.23 -38.42
C MET I 123 2.22 33.05 -37.28
N VAL I 124 1.70 32.86 -36.07
CA VAL I 124 2.11 33.66 -34.93
C VAL I 124 2.63 32.73 -33.83
N GLU I 125 3.49 33.28 -32.99
CA GLU I 125 4.19 32.53 -31.96
C GLU I 125 3.39 32.60 -30.66
N THR I 126 2.51 31.62 -30.46
CA THR I 126 1.73 31.55 -29.24
C THR I 126 2.61 31.08 -28.09
N ALA I 127 2.30 31.57 -26.88
CA ALA I 127 3.07 31.26 -25.69
C ALA I 127 2.33 30.21 -24.89
N LEU I 128 2.88 28.99 -24.87
CA LEU I 128 2.26 27.91 -24.10
C LEU I 128 2.35 28.18 -22.60
N THR I 129 3.52 28.64 -22.12
CA THR I 129 3.68 29.04 -20.73
C THR I 129 3.81 30.55 -20.69
N PRO I 130 2.79 31.28 -20.26
CA PRO I 130 2.82 32.74 -20.43
C PRO I 130 3.64 33.47 -19.38
N ASP I 131 3.81 32.88 -18.19
CA ASP I 131 4.56 33.57 -17.15
C ASP I 131 6.05 33.66 -17.50
N ALA I 132 6.59 32.63 -18.12
CA ALA I 132 8.02 32.55 -18.39
C ALA I 132 8.41 33.07 -19.77
N CYS I 133 7.45 33.50 -20.58
CA CYS I 133 7.72 33.84 -21.97
C CYS I 133 7.65 35.34 -22.25
N TYR I 134 7.75 36.18 -21.23
CA TYR I 134 7.84 37.61 -21.46
C TYR I 134 9.23 37.96 -21.96
N PRO I 135 9.34 38.73 -23.05
CA PRO I 135 10.67 39.16 -23.52
C PRO I 135 11.37 39.99 -22.46
N ASP I 136 12.68 39.82 -22.36
CA ASP I 136 13.48 40.55 -21.38
C ASP I 136 13.60 42.02 -21.76
N ILE J 1 80.52 -21.50 -4.68
CA ILE J 1 79.60 -22.58 -4.31
C ILE J 1 78.46 -22.01 -3.48
N ARG J 2 77.24 -22.47 -3.76
CA ARG J 2 76.05 -22.01 -3.05
C ARG J 2 75.03 -23.13 -2.99
N VAL J 3 74.70 -23.57 -1.78
CA VAL J 3 73.62 -24.50 -1.52
C VAL J 3 72.69 -23.86 -0.51
N PHE J 4 71.45 -23.61 -0.92
CA PHE J 4 70.49 -22.94 -0.07
C PHE J 4 69.71 -23.96 0.78
N ALA J 5 68.70 -23.47 1.47
CA ALA J 5 67.78 -24.31 2.23
C ALA J 5 66.41 -23.65 2.24
N ILE J 6 65.38 -24.43 1.93
CA ILE J 6 64.02 -23.94 1.76
C ILE J 6 63.21 -24.34 2.97
N PRO J 7 62.67 -23.40 3.74
CA PRO J 7 61.78 -23.75 4.84
C PRO J 7 60.35 -23.91 4.33
N PRO J 8 59.69 -24.99 4.70
CA PRO J 8 58.32 -25.21 4.20
C PRO J 8 57.37 -24.14 4.68
N SER J 9 56.89 -23.32 3.75
CA SER J 9 55.92 -22.30 4.07
C SER J 9 54.60 -22.93 4.49
N PHE J 10 53.79 -22.16 5.20
CA PHE J 10 52.54 -22.71 5.72
C PHE J 10 51.60 -23.13 4.59
N ALA J 11 51.64 -22.42 3.47
CA ALA J 11 50.74 -22.75 2.36
C ALA J 11 50.99 -24.18 1.86
N SER J 12 52.26 -24.54 1.68
CA SER J 12 52.59 -25.85 1.14
C SER J 12 52.18 -26.96 2.11
N ILE J 13 52.55 -26.81 3.39
CA ILE J 13 52.24 -27.86 4.36
C ILE J 13 50.74 -27.97 4.57
N PHE J 14 50.03 -26.83 4.51
CA PHE J 14 48.58 -26.86 4.69
C PHE J 14 47.89 -27.54 3.53
N LEU J 15 48.25 -27.17 2.29
CA LEU J 15 47.56 -27.72 1.12
C LEU J 15 47.92 -29.18 0.91
N THR J 16 49.22 -29.51 0.98
CA THR J 16 49.66 -30.86 0.63
C THR J 16 49.58 -31.80 1.81
N LYS J 17 49.30 -31.28 3.01
CA LYS J 17 49.18 -32.01 4.27
C LYS J 17 50.50 -32.64 4.68
N SER J 18 51.62 -32.30 4.04
CA SER J 18 52.92 -32.88 4.35
C SER J 18 53.98 -31.78 4.36
N THR J 19 55.04 -32.01 5.14
CA THR J 19 56.16 -31.07 5.22
C THR J 19 57.23 -31.53 4.24
N LYS J 20 57.69 -30.61 3.39
CA LYS J 20 58.76 -30.89 2.44
C LYS J 20 59.98 -30.06 2.79
N LEU J 21 60.91 -30.65 3.55
CA LEU J 21 62.19 -30.03 3.83
C LEU J 21 63.07 -30.19 2.60
N THR J 22 63.54 -29.07 2.04
CA THR J 22 64.26 -29.08 0.77
C THR J 22 65.44 -28.14 0.83
N CYS J 23 66.62 -28.66 0.47
CA CYS J 23 67.79 -27.83 0.18
C CYS J 23 68.14 -28.06 -1.29
N LEU J 24 68.26 -26.99 -2.05
CA LEU J 24 68.53 -27.07 -3.49
C LEU J 24 69.97 -26.65 -3.76
N VAL J 25 70.68 -27.49 -4.51
CA VAL J 25 72.08 -27.23 -4.85
C VAL J 25 72.16 -26.28 -6.04
N THR J 26 73.16 -25.40 -6.01
CA THR J 26 73.39 -24.48 -7.11
C THR J 26 74.88 -24.36 -7.37
N ASP J 27 75.23 -23.99 -8.60
CA ASP J 27 76.60 -23.64 -8.98
C ASP J 27 77.59 -24.79 -8.75
N LEU J 28 77.19 -26.01 -9.12
CA LEU J 28 78.06 -27.16 -9.04
C LEU J 28 77.90 -28.03 -10.27
N THR J 29 78.76 -29.04 -10.37
CA THR J 29 78.81 -29.90 -11.55
C THR J 29 77.51 -30.70 -11.68
N THR J 30 77.09 -30.90 -12.93
CA THR J 30 75.81 -31.56 -13.20
C THR J 30 75.80 -33.02 -12.82
N TYR J 31 76.96 -33.61 -12.52
CA TYR J 31 77.00 -35.01 -12.09
C TYR J 31 76.20 -35.18 -10.80
N ASP J 32 75.35 -36.21 -10.78
CA ASP J 32 74.43 -36.43 -9.67
C ASP J 32 74.59 -37.86 -9.16
N SER J 33 75.33 -37.99 -8.06
CA SER J 33 75.38 -39.28 -7.36
C SER J 33 75.35 -39.09 -5.84
N VAL J 34 74.72 -38.03 -5.34
CA VAL J 34 74.87 -37.66 -3.94
C VAL J 34 73.63 -38.04 -3.14
N THR J 35 73.80 -38.14 -1.83
CA THR J 35 72.67 -38.42 -0.94
C THR J 35 72.01 -37.11 -0.53
N ILE J 36 70.71 -36.99 -0.80
CA ILE J 36 69.99 -35.75 -0.52
C ILE J 36 68.77 -36.06 0.34
N SER J 37 68.90 -35.83 1.65
CA SER J 37 67.80 -35.94 2.59
C SER J 37 67.99 -34.85 3.63
N TRP J 38 67.29 -34.96 4.76
CA TRP J 38 67.44 -34.00 5.85
C TRP J 38 67.76 -34.71 7.15
N THR J 39 69.02 -34.61 7.58
CA THR J 39 69.43 -35.09 8.89
C THR J 39 68.67 -34.37 9.99
N ARG J 40 68.13 -35.14 10.93
CA ARG J 40 67.37 -34.59 12.05
C ARG J 40 68.34 -34.09 13.11
N GLN J 41 67.82 -33.78 14.30
CA GLN J 41 68.67 -33.40 15.41
C GLN J 41 69.53 -34.58 15.87
N ASN J 42 68.99 -35.79 15.81
CA ASN J 42 69.74 -36.97 16.23
C ASN J 42 70.92 -37.24 15.30
N GLY J 43 70.74 -37.05 14.00
CA GLY J 43 71.78 -37.34 13.03
C GLY J 43 71.39 -38.29 11.92
N GLU J 44 70.10 -38.46 11.64
CA GLU J 44 69.62 -39.43 10.67
C GLU J 44 68.92 -38.73 9.51
N ALA J 45 69.34 -39.06 8.30
CA ALA J 45 68.65 -38.57 7.10
C ALA J 45 67.38 -39.40 6.88
N VAL J 46 66.24 -38.72 6.88
CA VAL J 46 64.96 -39.42 6.92
C VAL J 46 64.71 -40.20 5.64
N LYS J 47 64.88 -39.56 4.48
CA LYS J 47 64.56 -40.19 3.21
C LYS J 47 65.09 -39.34 2.08
N THR J 48 65.70 -40.01 1.09
CA THR J 48 66.26 -39.31 -0.05
C THR J 48 65.18 -38.89 -1.03
N HIS J 49 65.55 -37.98 -1.93
CA HIS J 49 64.66 -37.53 -2.99
C HIS J 49 64.38 -38.67 -3.98
N THR J 50 63.19 -38.64 -4.57
CA THR J 50 62.75 -39.67 -5.49
C THR J 50 62.35 -39.04 -6.82
N ASN J 51 62.73 -39.70 -7.92
CA ASN J 51 62.33 -39.30 -9.27
C ASN J 51 62.67 -37.84 -9.55
N ILE J 52 63.93 -37.47 -9.29
CA ILE J 52 64.37 -36.12 -9.58
C ILE J 52 64.43 -35.92 -11.09
N SER J 53 64.19 -34.68 -11.51
CA SER J 53 64.27 -34.33 -12.93
C SER J 53 65.73 -34.32 -13.39
N GLU J 54 65.92 -34.03 -14.67
CA GLU J 54 67.26 -33.98 -15.23
C GLU J 54 68.03 -32.79 -14.65
N SER J 55 69.35 -32.86 -14.76
CA SER J 55 70.22 -31.81 -14.25
C SER J 55 69.86 -30.45 -14.86
N HIS J 56 70.29 -29.39 -14.19
CA HIS J 56 69.96 -28.04 -14.65
C HIS J 56 70.57 -27.81 -16.03
N PRO J 57 69.88 -27.10 -16.92
CA PRO J 57 70.36 -26.99 -18.31
C PRO J 57 71.77 -26.45 -18.45
N ASN J 58 72.15 -25.47 -17.63
CA ASN J 58 73.49 -24.92 -17.74
C ASN J 58 74.51 -25.78 -17.00
N ALA J 59 75.74 -25.26 -16.91
CA ALA J 59 76.80 -25.98 -16.24
C ALA J 59 76.50 -26.18 -14.75
N THR J 60 75.75 -25.26 -14.15
CA THR J 60 75.36 -25.40 -12.76
C THR J 60 74.35 -26.54 -12.62
N PHE J 61 74.33 -27.13 -11.42
CA PHE J 61 73.45 -28.25 -11.11
C PHE J 61 72.43 -27.83 -10.07
N SER J 62 71.17 -28.25 -10.27
CA SER J 62 70.09 -28.03 -9.32
C SER J 62 69.54 -29.37 -8.87
N ALA J 63 69.41 -29.54 -7.55
CA ALA J 63 68.95 -30.79 -6.97
C ALA J 63 67.75 -30.54 -6.09
N VAL J 64 66.77 -31.44 -6.16
CA VAL J 64 65.60 -31.38 -5.29
C VAL J 64 65.98 -31.93 -3.93
N GLY J 65 65.75 -31.14 -2.88
CA GLY J 65 66.16 -31.53 -1.54
C GLY J 65 65.06 -32.12 -0.69
N GLU J 66 63.97 -32.55 -1.32
CA GLU J 66 62.77 -32.97 -0.60
C GLU J 66 63.07 -34.09 0.38
N ALA J 67 62.47 -34.00 1.57
CA ALA J 67 62.57 -35.03 2.59
C ALA J 67 61.17 -35.54 2.90
N SER J 68 60.99 -36.87 2.82
CA SER J 68 59.69 -37.48 3.05
C SER J 68 59.40 -37.48 4.55
N ILE J 69 58.93 -36.32 5.01
CA ILE J 69 58.69 -36.08 6.43
C ILE J 69 57.29 -35.49 6.58
N CYS J 70 56.71 -35.65 7.76
CA CYS J 70 55.33 -35.23 7.96
C CYS J 70 55.27 -33.86 8.66
N GLU J 71 54.04 -33.41 8.92
CA GLU J 71 53.82 -32.13 9.57
C GLU J 71 54.27 -32.15 11.03
N ASP J 72 54.13 -33.30 11.69
CA ASP J 72 54.39 -33.35 13.13
C ASP J 72 55.83 -33.00 13.46
N ASP J 73 56.78 -33.38 12.60
CA ASP J 73 58.18 -33.09 12.87
C ASP J 73 58.47 -31.60 12.75
N TRP J 74 57.87 -30.94 11.74
CA TRP J 74 58.01 -29.49 11.64
C TRP J 74 57.33 -28.78 12.80
N ASN J 75 56.18 -29.30 13.24
CA ASN J 75 55.51 -28.73 14.40
C ASN J 75 56.34 -28.93 15.67
N SER J 76 57.18 -29.97 15.68
CA SER J 76 58.08 -30.16 16.80
C SER J 76 59.09 -29.02 16.92
N GLY J 77 59.38 -28.36 15.80
CA GLY J 77 60.30 -27.24 15.80
C GLY J 77 61.77 -27.60 15.73
N GLU J 78 62.10 -28.85 15.40
CA GLU J 78 63.50 -29.25 15.33
C GLU J 78 64.20 -28.53 14.18
N ARG J 79 65.46 -28.19 14.41
CA ARG J 79 66.29 -27.50 13.41
C ARG J 79 66.95 -28.54 12.52
N PHE J 80 66.17 -29.02 11.54
CA PHE J 80 66.68 -30.01 10.62
C PHE J 80 67.81 -29.44 9.77
N THR J 81 68.81 -30.25 9.51
CA THR J 81 69.96 -29.86 8.68
C THR J 81 70.05 -30.76 7.47
N CYS J 82 70.04 -30.17 6.28
CA CYS J 82 70.02 -30.97 5.06
C CYS J 82 71.34 -31.71 4.89
N THR J 83 71.24 -33.01 4.61
CA THR J 83 72.40 -33.87 4.43
C THR J 83 72.86 -33.77 2.98
N VAL J 84 74.07 -33.24 2.77
CA VAL J 84 74.64 -33.10 1.45
C VAL J 84 76.00 -33.79 1.47
N THR J 85 76.02 -35.07 1.12
CA THR J 85 77.28 -35.79 0.91
C THR J 85 77.65 -35.64 -0.56
N HIS J 86 77.99 -34.40 -0.92
CA HIS J 86 78.19 -34.05 -2.31
C HIS J 86 79.49 -34.64 -2.83
N THR J 87 79.42 -35.27 -4.00
CA THR J 87 80.59 -35.97 -4.53
C THR J 87 81.69 -34.99 -4.96
N ASP J 88 81.32 -33.89 -5.61
CA ASP J 88 82.32 -32.95 -6.11
C ASP J 88 83.08 -32.31 -4.96
N LEU J 89 82.37 -31.94 -3.88
CA LEU J 89 83.02 -31.39 -2.70
C LEU J 89 83.68 -32.52 -1.91
N PRO J 90 84.97 -32.43 -1.61
CA PRO J 90 85.61 -33.52 -0.86
C PRO J 90 84.98 -33.78 0.50
N SER J 91 84.50 -32.72 1.17
CA SER J 91 83.88 -32.88 2.48
C SER J 91 82.39 -32.61 2.37
N PRO J 92 81.53 -33.44 2.97
CA PRO J 92 80.09 -33.17 2.91
C PRO J 92 79.75 -31.85 3.58
N LEU J 93 78.74 -31.17 3.03
CA LEU J 93 78.37 -29.84 3.46
C LEU J 93 77.02 -29.86 4.16
N LYS J 94 76.89 -29.04 5.20
CA LYS J 94 75.67 -28.97 6.01
C LYS J 94 75.02 -27.60 5.83
N GLN J 95 73.71 -27.61 5.61
CA GLN J 95 72.91 -26.39 5.54
C GLN J 95 71.73 -26.52 6.50
N THR J 96 71.63 -25.60 7.45
CA THR J 96 70.62 -25.67 8.49
C THR J 96 69.63 -24.52 8.34
N ILE J 97 68.35 -24.80 8.58
CA ILE J 97 67.30 -23.80 8.55
C ILE J 97 66.12 -24.33 9.37
N SER J 98 65.39 -23.42 10.00
CA SER J 98 64.26 -23.79 10.84
C SER J 98 63.20 -22.70 10.80
N ARG J 99 61.98 -23.06 11.21
CA ARG J 99 60.89 -22.11 11.29
C ARG J 99 61.07 -21.19 12.50
N PRO J 100 61.29 -19.92 12.24
CA PRO J 100 61.62 -18.92 13.25
C PRO J 100 60.59 -18.74 14.32
N LYS J 101 60.56 -19.69 15.23
CA LYS J 101 59.64 -19.58 16.32
C LYS J 101 60.03 -18.33 17.07
N GLY J 102 59.07 -17.44 17.25
CA GLY J 102 59.31 -16.18 17.93
C GLY J 102 58.19 -15.23 17.59
N VAL J 103 58.47 -13.95 17.82
CA VAL J 103 57.57 -12.80 17.60
C VAL J 103 56.47 -12.97 16.55
N ALA J 104 55.30 -13.39 17.01
CA ALA J 104 54.20 -13.61 16.10
C ALA J 104 52.81 -13.60 16.72
N LEU J 105 51.92 -14.26 15.97
CA LEU J 105 50.53 -14.57 16.31
C LEU J 105 49.36 -13.61 16.54
N HIS J 106 48.63 -13.23 15.49
CA HIS J 106 47.37 -12.54 15.70
C HIS J 106 46.33 -13.08 14.73
N ARG J 107 45.10 -13.19 15.21
CA ARG J 107 44.03 -13.78 14.42
C ARG J 107 43.71 -12.88 13.23
N PRO J 108 43.77 -13.38 12.00
CA PRO J 108 43.40 -12.55 10.84
C PRO J 108 41.92 -12.21 10.86
N ASP J 109 41.60 -11.10 10.22
CA ASP J 109 40.22 -10.68 9.98
C ASP J 109 39.98 -10.72 8.48
N VAL J 110 38.91 -11.39 8.08
CA VAL J 110 38.62 -11.65 6.67
C VAL J 110 37.34 -10.92 6.31
N TYR J 111 37.42 -10.03 5.32
CA TYR J 111 36.26 -9.30 4.82
C TYR J 111 36.11 -9.56 3.34
N LEU J 112 34.88 -9.73 2.88
CA LEU J 112 34.62 -10.13 1.51
C LEU J 112 33.77 -9.06 0.84
N LEU J 113 34.41 -8.24 0.00
CA LEU J 113 33.86 -7.07 -0.67
C LEU J 113 33.32 -7.43 -2.04
N PRO J 114 32.05 -7.13 -2.30
CA PRO J 114 31.47 -7.40 -3.61
C PRO J 114 31.95 -6.39 -4.63
N PRO J 115 31.79 -6.68 -5.92
CA PRO J 115 32.16 -5.69 -6.94
C PRO J 115 31.28 -4.45 -6.87
N ALA J 116 31.85 -3.32 -7.28
CA ALA J 116 31.12 -2.06 -7.26
C ALA J 116 30.00 -2.07 -8.30
N ARG J 117 29.01 -1.24 -8.10
CA ARG J 117 27.92 -1.20 -9.05
C ARG J 117 28.44 -0.70 -10.35
N GLU J 118 29.36 0.25 -10.26
CA GLU J 118 30.01 0.89 -11.37
C GLU J 118 30.44 -0.12 -12.35
N GLN J 119 31.30 -1.03 -11.93
CA GLN J 119 31.82 -2.07 -12.78
C GLN J 119 30.83 -3.12 -13.12
N LEU J 120 29.83 -3.28 -12.30
CA LEU J 120 28.84 -4.25 -12.60
C LEU J 120 28.07 -3.75 -13.79
N ASN J 121 27.74 -2.47 -13.81
CA ASN J 121 27.00 -1.91 -14.92
C ASN J 121 27.63 -2.19 -16.22
N LEU J 122 28.97 -2.10 -16.28
CA LEU J 122 29.75 -2.48 -17.46
C LEU J 122 29.22 -3.77 -18.07
N ARG J 123 28.62 -4.63 -17.26
CA ARG J 123 28.04 -5.91 -17.67
C ARG J 123 29.07 -6.84 -18.28
N GLU J 124 30.36 -6.61 -18.04
CA GLU J 124 31.42 -7.43 -18.60
C GLU J 124 31.95 -8.45 -17.61
N SER J 125 32.25 -8.02 -16.38
CA SER J 125 32.87 -8.91 -15.40
C SER J 125 32.57 -8.38 -14.00
N ALA J 126 32.85 -9.23 -13.02
CA ALA J 126 32.67 -8.91 -11.61
C ALA J 126 33.92 -9.28 -10.84
N THR J 127 34.35 -8.40 -9.96
CA THR J 127 35.55 -8.59 -9.15
C THR J 127 35.16 -8.67 -7.67
N ILE J 128 35.53 -9.77 -7.03
CA ILE J 128 35.24 -10.00 -5.62
C ILE J 128 36.56 -9.97 -4.86
N THR J 129 36.59 -9.39 -3.68
CA THR J 129 37.84 -9.26 -2.99
C THR J 129 37.99 -9.74 -1.60
N CYS J 130 38.70 -10.81 -1.34
CA CYS J 130 38.94 -11.18 0.05
C CYS J 130 39.94 -10.18 0.53
N LEU J 131 39.84 -9.66 1.72
CA LEU J 131 40.84 -8.71 2.16
C LEU J 131 41.14 -9.19 3.48
N VAL J 132 42.33 -9.69 3.74
CA VAL J 132 42.68 -10.27 5.01
C VAL J 132 43.57 -9.43 5.93
N THR J 133 43.12 -8.79 6.99
CA THR J 133 44.00 -7.92 7.81
C THR J 133 44.35 -8.11 9.33
N GLY J 134 45.62 -8.19 9.72
CA GLY J 134 45.98 -8.43 11.10
C GLY J 134 46.81 -9.68 11.35
N PHE J 135 47.16 -10.43 10.32
CA PHE J 135 47.89 -11.67 10.53
C PHE J 135 49.38 -11.40 10.71
N SER J 136 49.93 -11.82 11.86
CA SER J 136 51.29 -11.46 12.24
C SER J 136 52.36 -12.36 11.60
N PRO J 137 52.25 -13.69 11.64
CA PRO J 137 53.29 -14.51 11.00
C PRO J 137 53.43 -14.29 9.50
N ALA J 138 52.39 -13.75 8.85
CA ALA J 138 52.46 -13.35 7.45
C ALA J 138 52.76 -14.52 6.51
N ASP J 139 52.34 -15.72 6.89
CA ASP J 139 52.40 -16.89 6.02
C ASP J 139 51.00 -17.35 5.63
N VAL J 140 50.08 -16.40 5.64
CA VAL J 140 48.68 -16.62 5.36
C VAL J 140 48.44 -17.08 3.97
N PHE J 141 47.35 -17.77 3.76
CA PHE J 141 47.11 -18.35 2.49
C PHE J 141 45.67 -18.40 2.12
N VAL J 142 45.18 -17.49 1.28
CA VAL J 142 43.79 -17.45 0.87
C VAL J 142 43.53 -18.47 -0.21
N GLN J 143 42.27 -18.85 -0.43
CA GLN J 143 41.88 -19.84 -1.40
C GLN J 143 40.43 -19.68 -1.61
N TRP J 144 39.95 -19.90 -2.79
CA TRP J 144 38.56 -19.66 -3.15
C TRP J 144 37.91 -20.99 -3.50
N MET J 145 36.74 -21.12 -2.93
CA MET J 145 35.89 -22.23 -3.02
C MET J 145 34.64 -21.62 -3.42
N GLN J 146 34.07 -22.15 -4.46
CA GLN J 146 32.84 -21.70 -5.05
C GLN J 146 32.14 -22.99 -5.43
N ARG J 147 30.86 -23.12 -5.12
CA ARG J 147 30.20 -24.43 -5.37
C ARG J 147 30.98 -25.50 -4.61
N GLY J 148 31.03 -25.38 -3.29
CA GLY J 148 31.70 -26.34 -2.45
C GLY J 148 33.05 -26.92 -2.78
N GLN J 149 33.57 -26.65 -3.96
CA GLN J 149 34.85 -27.22 -4.36
C GLN J 149 35.82 -26.10 -4.71
N PRO J 150 37.11 -26.29 -4.45
CA PRO J 150 38.09 -25.23 -4.73
C PRO J 150 38.12 -24.86 -6.20
N LEU J 151 38.30 -23.57 -6.46
CA LEU J 151 38.47 -23.09 -7.82
C LEU J 151 39.94 -23.16 -8.20
N SER J 152 40.20 -23.34 -9.49
CA SER J 152 41.56 -23.42 -9.98
C SER J 152 42.29 -22.10 -9.72
N PRO J 153 43.57 -22.13 -9.35
CA PRO J 153 44.26 -20.89 -9.00
C PRO J 153 44.38 -19.89 -10.15
N GLU J 154 43.92 -20.25 -11.35
CA GLU J 154 44.00 -19.32 -12.47
C GLU J 154 43.08 -18.13 -12.27
N LYS J 155 41.88 -18.35 -11.74
CA LYS J 155 40.91 -17.27 -11.61
C LYS J 155 41.33 -16.24 -10.57
N TYR J 156 41.71 -16.69 -9.38
CA TYR J 156 41.98 -15.78 -8.28
C TYR J 156 43.47 -15.49 -8.16
N VAL J 157 43.79 -14.24 -7.84
CA VAL J 157 45.16 -13.78 -7.69
C VAL J 157 45.32 -13.20 -6.29
N THR J 158 46.32 -13.69 -5.56
CA THR J 158 46.55 -13.28 -4.18
C THR J 158 47.86 -12.52 -4.08
N SER J 159 47.78 -11.32 -3.53
CA SER J 159 48.98 -10.49 -3.35
C SER J 159 49.80 -10.99 -2.17
N ALA J 160 51.09 -10.63 -2.18
CA ALA J 160 51.96 -10.98 -1.07
C ALA J 160 51.60 -10.15 0.16
N PRO J 161 51.81 -10.69 1.36
CA PRO J 161 51.55 -9.92 2.58
C PRO J 161 52.43 -8.68 2.64
N MET J 162 51.86 -7.59 3.16
CA MET J 162 52.58 -6.35 3.35
C MET J 162 52.32 -5.81 4.74
N PRO J 163 53.26 -5.12 5.35
CA PRO J 163 53.14 -4.61 6.72
C PRO J 163 51.95 -3.76 6.99
N GLU J 164 51.32 -3.81 8.17
CA GLU J 164 50.19 -2.90 8.34
C GLU J 164 50.70 -1.52 8.58
N PRO J 165 50.34 -0.59 7.70
CA PRO J 165 50.87 0.74 7.90
C PRO J 165 50.33 1.33 9.17
N GLN J 166 49.07 1.09 9.52
CA GLN J 166 48.50 1.62 10.75
C GLN J 166 48.86 0.91 12.09
N ALA J 167 49.79 -0.04 12.07
CA ALA J 167 50.18 -0.75 13.28
C ALA J 167 51.56 -1.33 13.18
N PRO J 168 51.74 -2.55 13.70
CA PRO J 168 53.06 -3.16 13.71
C PRO J 168 53.17 -4.56 13.12
N GLY J 169 52.96 -5.57 13.95
CA GLY J 169 53.05 -6.97 13.56
C GLY J 169 51.91 -7.51 12.73
N ARG J 170 50.84 -6.75 12.62
CA ARG J 170 49.73 -7.16 11.82
C ARG J 170 50.09 -6.88 10.38
N TYR J 171 49.72 -7.73 9.44
CA TYR J 171 49.97 -7.48 8.02
C TYR J 171 48.63 -7.39 7.31
N PHE J 172 48.63 -7.61 6.00
CA PHE J 172 47.41 -7.61 5.19
C PHE J 172 47.64 -8.21 3.85
N ALA J 173 46.62 -8.68 3.19
CA ALA J 173 46.78 -9.26 1.90
C ALA J 173 45.48 -9.19 1.20
N HIS J 174 45.49 -9.13 -0.09
CA HIS J 174 44.27 -9.18 -0.81
C HIS J 174 44.15 -10.51 -1.46
N SER J 175 43.19 -10.64 -2.34
CA SER J 175 42.95 -11.80 -3.16
C SER J 175 41.78 -11.35 -3.83
N ILE J 176 41.85 -11.12 -5.10
CA ILE J 176 40.73 -10.67 -5.84
C ILE J 176 40.42 -11.77 -6.79
N LEU J 177 39.21 -12.27 -6.81
CA LEU J 177 38.87 -13.33 -7.73
C LEU J 177 37.96 -12.70 -8.69
N THR J 178 38.22 -12.82 -9.96
CA THR J 178 37.39 -12.21 -10.98
C THR J 178 36.40 -13.20 -11.45
N VAL J 179 35.27 -12.78 -11.96
CA VAL J 179 34.30 -13.75 -12.40
C VAL J 179 33.41 -13.18 -13.45
N SER J 180 32.67 -14.04 -14.13
CA SER J 180 31.72 -13.65 -15.17
C SER J 180 30.83 -12.69 -14.54
N GLU J 181 30.58 -11.58 -15.20
CA GLU J 181 29.72 -10.64 -14.56
C GLU J 181 28.34 -11.07 -14.34
N GLU J 182 27.75 -11.92 -15.17
CA GLU J 182 26.39 -12.32 -14.89
C GLU J 182 26.30 -13.46 -13.91
N GLU J 183 27.44 -14.06 -13.56
CA GLU J 183 27.46 -15.10 -12.58
C GLU J 183 27.17 -14.41 -11.31
N TRP J 184 27.82 -13.29 -11.07
CA TRP J 184 27.51 -12.56 -9.90
C TRP J 184 26.05 -12.20 -9.88
N ASN J 185 25.40 -12.02 -11.00
CA ASN J 185 23.99 -11.72 -10.93
C ASN J 185 23.18 -12.99 -10.92
N THR J 186 23.84 -14.09 -11.24
CA THR J 186 23.28 -15.41 -11.26
C THR J 186 22.74 -15.60 -9.87
N GLY J 187 23.63 -15.48 -8.89
CA GLY J 187 23.34 -15.61 -7.48
C GLY J 187 24.22 -16.68 -6.95
N GLU J 188 25.52 -16.54 -7.01
CA GLU J 188 26.39 -17.59 -6.55
C GLU J 188 26.79 -17.53 -5.07
N THR J 189 28.07 -17.58 -4.75
CA THR J 189 28.49 -17.52 -3.38
C THR J 189 29.96 -17.12 -3.20
N TYR J 190 30.84 -17.81 -3.84
CA TYR J 190 32.24 -17.56 -3.75
C TYR J 190 32.82 -17.46 -2.39
N THR J 191 33.01 -18.53 -1.65
CA THR J 191 33.62 -18.39 -0.33
C THR J 191 35.09 -18.18 -0.45
N CYS J 192 35.74 -17.73 0.57
CA CYS J 192 37.12 -17.48 0.49
C CYS J 192 37.73 -18.07 1.69
N VAL J 193 38.77 -18.89 1.65
CA VAL J 193 39.32 -19.37 2.92
C VAL J 193 40.72 -19.09 3.39
N VAL J 194 40.81 -18.07 4.20
CA VAL J 194 42.03 -17.65 4.71
C VAL J 194 42.44 -18.73 5.59
N ALA J 195 43.53 -19.40 5.36
CA ALA J 195 43.97 -20.43 6.26
C ALA J 195 45.26 -19.98 6.68
N HIS J 196 45.51 -19.85 7.94
CA HIS J 196 46.75 -19.30 8.35
C HIS J 196 47.00 -19.77 9.70
N GLU J 197 48.19 -20.20 10.06
CA GLU J 197 48.44 -20.68 11.44
C GLU J 197 48.21 -19.75 12.64
N ALA J 198 47.01 -19.23 12.86
CA ALA J 198 46.72 -18.35 13.93
C ALA J 198 45.24 -18.33 14.16
N LEU J 199 44.46 -18.71 13.18
CA LEU J 199 43.03 -18.69 13.43
C LEU J 199 42.78 -19.97 14.14
N PRO J 200 41.94 -19.90 15.18
CA PRO J 200 41.48 -20.86 16.17
C PRO J 200 41.67 -22.23 15.65
N ASN J 201 40.96 -22.61 14.61
CA ASN J 201 41.11 -23.94 14.12
C ASN J 201 41.68 -24.02 12.76
N ARG J 202 42.54 -23.06 12.46
CA ARG J 202 43.28 -22.91 11.20
C ARG J 202 42.64 -22.54 9.88
N VAL J 203 41.32 -22.38 9.74
CA VAL J 203 40.60 -22.00 8.53
C VAL J 203 39.50 -21.03 8.93
N THR J 204 39.24 -20.06 8.05
CA THR J 204 38.11 -19.16 8.22
C THR J 204 37.44 -18.95 6.86
N GLU J 205 36.13 -19.17 6.80
CA GLU J 205 35.38 -19.10 5.55
C GLU J 205 34.46 -17.89 5.56
N ARG J 206 34.39 -17.20 4.44
CA ARG J 206 33.47 -16.08 4.25
C ARG J 206 32.75 -16.24 2.92
N THR J 207 31.51 -15.78 2.87
CA THR J 207 30.66 -15.96 1.70
C THR J 207 29.99 -14.65 1.32
N VAL J 208 29.93 -14.37 0.02
CA VAL J 208 29.29 -13.17 -0.50
C VAL J 208 28.28 -13.58 -1.57
N ASP J 209 27.10 -12.99 -1.53
CA ASP J 209 26.04 -13.28 -2.48
C ASP J 209 25.49 -11.94 -2.95
N LYS J 210 24.73 -11.98 -4.06
CA LYS J 210 24.10 -10.76 -4.55
C LYS J 210 23.20 -10.14 -3.50
N SER J 211 22.62 -10.95 -2.62
CA SER J 211 21.76 -10.48 -1.55
C SER J 211 22.47 -10.47 -0.19
N THR J 212 23.76 -10.27 -0.19
CA THR J 212 24.41 -10.29 1.08
C THR J 212 24.19 -9.05 1.86
N GLY J 213 23.63 -8.04 1.25
CA GLY J 213 23.38 -6.84 2.02
C GLY J 213 22.23 -7.05 3.00
N LYS J 214 22.19 -6.31 4.10
CA LYS J 214 21.06 -6.42 5.01
C LYS J 214 19.84 -5.91 4.23
N PRO J 215 18.70 -6.54 4.41
CA PRO J 215 17.46 -6.33 3.63
C PRO J 215 17.06 -4.87 3.58
N THR J 216 16.65 -4.45 2.41
CA THR J 216 16.28 -3.10 2.10
C THR J 216 14.80 -3.04 2.02
N LEU J 217 14.14 -2.10 2.65
CA LEU J 217 12.72 -2.10 2.58
C LEU J 217 12.27 -0.92 1.88
N TYR J 218 11.27 -1.03 1.04
CA TYR J 218 10.76 0.10 0.29
C TYR J 218 9.77 0.89 1.02
N ASN J 219 9.20 1.92 0.43
CA ASN J 219 8.30 2.73 1.18
C ASN J 219 7.54 3.49 0.16
N VAL J 220 7.12 2.87 -0.92
CA VAL J 220 6.41 3.56 -1.98
C VAL J 220 5.21 4.20 -1.50
N SER J 221 4.90 5.45 -1.83
CA SER J 221 3.71 6.04 -1.28
C SER J 221 3.06 6.89 -2.24
N LEU J 222 2.09 6.38 -2.91
CA LEU J 222 1.39 7.03 -3.98
C LEU J 222 0.28 8.06 -3.75
N VAL J 223 0.58 9.35 -3.72
CA VAL J 223 -0.44 10.39 -3.38
C VAL J 223 -1.32 10.67 -4.59
N MET J 224 -2.54 10.15 -4.60
CA MET J 224 -3.47 10.34 -5.74
C MET J 224 -4.41 11.48 -5.41
N SER J 225 -4.02 12.33 -4.49
CA SER J 225 -4.85 13.49 -4.10
C SER J 225 -4.66 14.58 -5.14
N ASP J 226 -5.54 15.57 -5.16
CA ASP J 226 -5.37 16.71 -6.09
C ASP J 226 -5.22 17.99 -5.27
N THR J 227 -5.29 17.86 -3.94
CA THR J 227 -5.05 19.01 -3.05
C THR J 227 -3.64 18.87 -2.50
N ALA J 228 -3.51 18.29 -1.29
CA ALA J 228 -2.18 18.05 -0.68
C ALA J 228 -1.08 18.21 -1.73
N GLY J 229 -0.22 19.21 -1.57
CA GLY J 229 0.75 19.49 -2.63
C GLY J 229 2.19 19.32 -2.24
N THR J 230 3.08 19.60 -3.18
CA THR J 230 4.50 19.34 -2.99
C THR J 230 5.24 20.49 -2.33
N CYS J 231 6.55 20.41 -2.27
CA CYS J 231 7.40 21.38 -1.58
C CYS J 231 8.70 21.53 -2.35
N TYR J 232 8.88 22.70 -2.93
CA TYR J 232 10.06 23.14 -3.63
C TYR J 232 11.22 23.03 -2.72
N ILE K 1 80.43 0.11 -13.81
CA ILE K 1 80.83 -1.07 -14.55
C ILE K 1 79.64 -1.71 -15.26
N ARG K 2 78.58 -1.97 -14.49
CA ARG K 2 77.38 -2.55 -15.07
C ARG K 2 76.68 -1.53 -15.98
N VAL K 3 75.91 -2.04 -16.92
CA VAL K 3 75.11 -1.21 -17.81
C VAL K 3 73.71 -1.80 -17.89
N PHE K 4 72.70 -0.93 -17.88
CA PHE K 4 71.31 -1.36 -18.00
C PHE K 4 70.52 -0.19 -18.58
N ALA K 5 69.43 -0.53 -19.27
CA ALA K 5 68.57 0.45 -19.91
C ALA K 5 67.18 0.38 -19.27
N ILE K 6 66.70 1.53 -18.80
CA ILE K 6 65.36 1.64 -18.22
C ILE K 6 64.79 3.01 -18.56
N PRO K 7 63.57 3.10 -19.09
CA PRO K 7 62.98 4.40 -19.37
C PRO K 7 62.13 4.87 -18.19
N PRO K 8 62.11 6.17 -17.92
CA PRO K 8 61.26 6.68 -16.84
C PRO K 8 59.78 6.49 -17.17
N SER K 9 59.07 5.84 -16.25
CA SER K 9 57.65 5.57 -16.45
C SER K 9 56.83 6.84 -16.25
N PHE K 10 55.56 6.78 -16.66
CA PHE K 10 54.69 7.95 -16.56
C PHE K 10 54.40 8.30 -15.11
N ALA K 11 54.42 7.33 -14.21
CA ALA K 11 54.21 7.62 -12.79
C ALA K 11 55.29 8.55 -12.26
N SER K 12 56.55 8.33 -12.67
CA SER K 12 57.63 9.19 -12.22
C SER K 12 57.57 10.57 -12.87
N ILE K 13 57.33 10.62 -14.18
CA ILE K 13 57.37 11.88 -14.89
C ILE K 13 56.22 12.78 -14.46
N PHE K 14 55.05 12.19 -14.18
CA PHE K 14 53.94 13.01 -13.68
C PHE K 14 54.29 13.62 -12.33
N LEU K 15 54.93 12.85 -11.46
CA LEU K 15 55.36 13.39 -10.16
C LEU K 15 56.38 14.50 -10.34
N THR K 16 57.31 14.34 -11.28
CA THR K 16 58.36 15.32 -11.50
C THR K 16 57.93 16.46 -12.43
N LYS K 17 56.97 16.21 -13.32
CA LYS K 17 56.60 17.08 -14.44
C LYS K 17 57.74 17.17 -15.46
N SER K 18 58.77 16.36 -15.31
CA SER K 18 59.88 16.27 -16.25
C SER K 18 60.40 14.84 -16.19
N THR K 19 61.53 14.60 -16.86
CA THR K 19 62.12 13.28 -16.93
C THR K 19 63.55 13.32 -16.45
N LYS K 20 63.93 12.30 -15.68
CA LYS K 20 65.30 12.12 -15.20
C LYS K 20 65.82 10.82 -15.80
N LEU K 21 66.37 10.91 -17.01
CA LEU K 21 66.86 9.72 -17.70
C LEU K 21 68.01 9.09 -16.95
N THR K 22 68.07 7.76 -16.97
CA THR K 22 69.08 7.03 -16.22
C THR K 22 69.52 5.80 -17.00
N CYS K 23 70.84 5.56 -16.99
CA CYS K 23 71.44 4.34 -17.52
C CYS K 23 72.19 3.70 -16.37
N LEU K 24 71.59 2.66 -15.78
CA LEU K 24 72.03 2.15 -14.48
C LEU K 24 73.46 1.65 -14.57
N VAL K 25 74.38 2.36 -13.91
CA VAL K 25 75.79 2.00 -13.84
C VAL K 25 76.23 2.13 -12.40
N THR K 26 76.39 0.99 -11.71
CA THR K 26 76.87 0.97 -10.33
C THR K 26 78.10 0.08 -10.26
N ASP K 27 78.53 -0.20 -9.03
CA ASP K 27 79.70 -1.05 -8.77
C ASP K 27 80.94 -0.50 -9.47
N LEU K 28 81.11 0.81 -9.43
CA LEU K 28 82.21 1.46 -10.13
C LEU K 28 83.53 1.24 -9.41
N THR K 29 84.62 1.48 -10.13
CA THR K 29 85.96 1.44 -9.54
C THR K 29 86.25 2.78 -8.86
N THR K 30 87.24 2.79 -7.97
CA THR K 30 87.58 3.96 -7.17
C THR K 30 88.25 5.02 -8.05
N TYR K 31 87.44 5.63 -8.91
CA TYR K 31 87.88 6.69 -9.81
C TYR K 31 87.05 7.92 -9.53
N ASP K 32 87.70 8.98 -9.06
CA ASP K 32 87.00 10.22 -8.76
C ASP K 32 86.53 10.91 -10.04
N SER K 33 85.38 11.57 -9.94
CA SER K 33 84.77 12.30 -11.07
C SER K 33 84.58 11.39 -12.27
N VAL K 34 83.70 10.39 -12.09
CA VAL K 34 83.43 9.44 -13.16
C VAL K 34 82.75 10.17 -14.32
N THR K 35 83.32 10.02 -15.52
CA THR K 35 82.81 10.69 -16.71
C THR K 35 81.93 9.74 -17.52
N ILE K 36 80.82 9.35 -16.90
CA ILE K 36 79.82 8.50 -17.52
C ILE K 36 78.53 9.31 -17.65
N SER K 37 77.99 9.38 -18.88
CA SER K 37 76.82 10.20 -19.15
C SER K 37 75.85 9.45 -20.03
N TRP K 38 74.55 9.64 -19.76
CA TRP K 38 73.51 9.10 -20.61
C TRP K 38 73.53 9.81 -21.96
N THR K 39 73.89 9.06 -23.01
CA THR K 39 74.10 9.64 -24.34
C THR K 39 72.88 9.37 -25.20
N ARG K 40 72.24 10.44 -25.67
CA ARG K 40 71.12 10.29 -26.58
C ARG K 40 71.60 10.03 -28.00
N GLN K 41 70.78 9.32 -28.77
CA GLN K 41 71.12 9.06 -30.16
C GLN K 41 71.06 10.34 -30.99
N ASN K 42 70.31 11.33 -30.53
CA ASN K 42 70.18 12.57 -31.27
C ASN K 42 71.39 13.48 -31.08
N GLY K 43 72.32 13.10 -30.20
CA GLY K 43 73.50 13.90 -29.90
C GLY K 43 73.42 14.67 -28.61
N GLU K 44 72.26 14.72 -27.96
CA GLU K 44 72.09 15.47 -26.71
C GLU K 44 72.53 14.59 -25.54
N ALA K 45 73.82 14.32 -25.49
CA ALA K 45 74.39 13.60 -24.35
C ALA K 45 74.20 14.43 -23.09
N VAL K 46 73.68 13.79 -22.04
CA VAL K 46 73.34 14.53 -20.84
C VAL K 46 74.61 14.94 -20.09
N LYS K 47 74.44 15.84 -19.13
CA LYS K 47 75.54 16.29 -18.30
C LYS K 47 76.02 15.15 -17.41
N THR K 48 77.26 15.26 -16.96
CA THR K 48 77.78 14.32 -15.97
C THR K 48 76.94 14.37 -14.70
N HIS K 49 76.72 13.20 -14.10
CA HIS K 49 75.83 13.09 -12.96
C HIS K 49 76.23 14.06 -11.85
N THR K 50 75.35 15.02 -11.59
CA THR K 50 75.61 16.08 -10.62
C THR K 50 75.35 15.56 -9.21
N ASN K 51 76.25 15.91 -8.28
CA ASN K 51 76.13 15.52 -6.88
C ASN K 51 76.04 14.01 -6.72
N ILE K 52 76.92 13.29 -7.42
CA ILE K 52 77.03 11.85 -7.29
C ILE K 52 77.60 11.53 -5.92
N SER K 53 77.31 10.33 -5.40
CA SER K 53 77.80 9.90 -4.09
C SER K 53 79.29 9.60 -4.21
N GLU K 54 80.09 10.67 -4.06
CA GLU K 54 81.54 10.56 -4.27
C GLU K 54 82.19 9.62 -3.26
N SER K 55 81.82 9.75 -1.99
CA SER K 55 82.51 9.02 -0.92
C SER K 55 81.54 8.35 0.05
N HIS K 56 80.41 7.83 -0.44
CA HIS K 56 79.54 7.07 0.42
C HIS K 56 80.19 5.74 0.79
N PRO K 57 79.89 5.19 1.98
CA PRO K 57 80.66 4.03 2.46
C PRO K 57 80.50 2.78 1.61
N ASN K 58 79.47 2.70 0.78
CA ASN K 58 79.25 1.51 -0.04
C ASN K 58 80.44 1.26 -0.95
N ALA K 59 80.87 -0.01 -1.01
CA ALA K 59 82.02 -0.37 -1.81
C ALA K 59 81.71 -0.31 -3.30
N THR K 60 80.42 -0.32 -3.67
CA THR K 60 80.05 -0.24 -5.08
C THR K 60 80.49 1.08 -5.68
N PHE K 61 80.34 2.18 -4.94
CA PHE K 61 80.69 3.52 -5.41
C PHE K 61 79.92 3.85 -6.68
N SER K 62 78.59 3.84 -6.57
CA SER K 62 77.72 4.00 -7.72
C SER K 62 77.95 5.35 -8.40
N ALA K 63 78.10 5.30 -9.73
CA ALA K 63 78.18 6.50 -10.57
C ALA K 63 77.29 6.26 -11.80
N VAL K 64 76.01 6.60 -11.67
CA VAL K 64 75.05 6.34 -12.73
C VAL K 64 75.03 7.50 -13.70
N GLY K 65 74.82 7.21 -14.98
CA GLY K 65 74.69 8.26 -15.98
C GLY K 65 73.43 9.10 -15.87
N GLU K 66 72.68 8.96 -14.77
CA GLU K 66 71.46 9.72 -14.57
C GLU K 66 71.76 11.21 -14.49
N ALA K 67 70.85 12.02 -15.01
CA ALA K 67 70.96 13.47 -14.96
C ALA K 67 69.59 14.08 -15.14
N SER K 68 69.49 15.37 -14.83
CA SER K 68 68.23 16.09 -14.99
C SER K 68 68.16 16.76 -16.35
N ILE K 69 67.13 16.43 -17.12
CA ILE K 69 66.96 16.95 -18.47
C ILE K 69 65.51 17.36 -18.69
N CYS K 70 65.23 17.83 -19.90
CA CYS K 70 63.95 18.46 -20.20
C CYS K 70 62.86 17.43 -20.45
N GLU K 71 61.60 17.89 -20.42
CA GLU K 71 60.46 17.01 -20.61
C GLU K 71 60.17 16.78 -22.09
N ASP K 72 60.61 17.70 -22.95
CA ASP K 72 60.29 17.61 -24.37
C ASP K 72 60.80 16.32 -25.00
N ASP K 73 61.89 15.78 -24.46
CA ASP K 73 62.44 14.54 -24.99
C ASP K 73 61.43 13.39 -24.89
N TRP K 74 60.75 13.28 -23.76
CA TRP K 74 59.71 12.28 -23.59
C TRP K 74 58.34 12.74 -24.05
N ASN K 75 58.17 14.03 -24.33
CA ASN K 75 57.04 14.44 -25.16
C ASN K 75 57.18 13.86 -26.56
N SER K 76 58.42 13.73 -27.03
CA SER K 76 58.69 12.90 -28.21
C SER K 76 58.77 11.43 -27.82
N GLY K 77 59.72 11.09 -26.94
CA GLY K 77 59.77 9.76 -26.36
C GLY K 77 60.08 8.63 -27.32
N GLU K 78 61.06 8.80 -28.19
CA GLU K 78 61.48 7.72 -29.06
C GLU K 78 62.53 6.85 -28.37
N ARG K 79 63.11 5.93 -29.14
CA ARG K 79 64.14 5.04 -28.59
C ARG K 79 65.43 5.80 -28.34
N PHE K 80 66.02 5.58 -27.16
CA PHE K 80 67.17 6.32 -26.69
C PHE K 80 68.33 5.35 -26.46
N THR K 81 69.54 5.76 -26.85
CA THR K 81 70.71 4.92 -26.69
C THR K 81 71.42 5.22 -25.37
N CYS K 82 72.50 4.46 -25.12
CA CYS K 82 73.35 4.65 -23.96
C CYS K 82 74.77 4.28 -24.33
N THR K 83 75.68 5.25 -24.31
CA THR K 83 77.11 5.01 -24.49
C THR K 83 77.82 5.39 -23.20
N VAL K 84 78.63 4.47 -22.68
CA VAL K 84 79.32 4.63 -21.41
C VAL K 84 80.81 4.80 -21.67
N THR K 85 81.36 5.91 -21.17
CA THR K 85 82.79 6.20 -21.31
C THR K 85 83.45 6.00 -19.95
N HIS K 86 83.96 4.80 -19.72
CA HIS K 86 84.61 4.45 -18.47
C HIS K 86 85.95 3.81 -18.77
N THR K 87 86.97 4.16 -17.98
CA THR K 87 88.32 3.66 -18.23
C THR K 87 88.40 2.14 -18.09
N ASP K 88 87.75 1.59 -17.07
CA ASP K 88 87.85 0.15 -16.83
C ASP K 88 86.98 -0.63 -17.80
N LEU K 89 86.10 0.05 -18.54
CA LEU K 89 85.22 -0.62 -19.49
C LEU K 89 85.70 -0.33 -20.91
N PRO K 90 86.35 -1.28 -21.58
CA PRO K 90 86.81 -1.01 -22.95
C PRO K 90 85.78 -1.37 -24.01
N SER K 91 84.78 -2.16 -23.67
CA SER K 91 83.83 -2.64 -24.67
C SER K 91 82.85 -1.53 -25.05
N PRO K 92 82.75 -1.17 -26.33
CA PRO K 92 81.70 -0.25 -26.76
C PRO K 92 80.33 -0.91 -26.64
N LEU K 93 79.32 -0.12 -26.32
CA LEU K 93 77.98 -0.65 -26.09
C LEU K 93 76.93 0.43 -26.31
N LYS K 94 75.79 0.03 -26.87
CA LYS K 94 74.63 0.88 -27.04
C LYS K 94 73.39 0.10 -26.63
N GLN K 95 72.55 0.71 -25.80
CA GLN K 95 71.33 0.08 -25.32
C GLN K 95 70.14 0.98 -25.63
N THR K 96 69.14 0.42 -26.31
CA THR K 96 67.97 1.18 -26.74
C THR K 96 66.78 0.84 -25.84
N ILE K 97 66.39 1.95 -25.21
CA ILE K 97 65.36 2.17 -24.20
C ILE K 97 64.02 1.53 -24.39
N SER K 98 63.98 0.26 -24.01
CA SER K 98 62.81 -0.59 -24.12
C SER K 98 61.58 -0.01 -23.43
N ARG K 99 60.73 0.53 -24.29
CA ARG K 99 59.46 1.18 -23.99
C ARG K 99 58.78 1.47 -25.35
N PRO K 100 59.28 0.87 -26.44
CA PRO K 100 58.95 1.04 -27.87
C PRO K 100 57.48 0.94 -28.10
N LYS K 101 56.99 -0.29 -28.19
CA LYS K 101 55.56 -0.50 -28.30
C LYS K 101 55.01 -0.52 -26.86
N GLY K 102 55.89 -0.85 -25.90
CA GLY K 102 55.62 -0.92 -24.48
C GLY K 102 54.36 -1.73 -24.32
N VAL K 103 54.36 -2.96 -24.81
CA VAL K 103 53.19 -3.85 -24.79
C VAL K 103 51.96 -3.23 -25.51
N ALA K 104 51.24 -2.35 -24.83
CA ALA K 104 50.10 -1.64 -25.38
C ALA K 104 49.79 -0.46 -24.47
N LEU K 105 48.59 0.09 -24.57
CA LEU K 105 48.23 1.18 -23.70
C LEU K 105 46.73 1.11 -23.58
N HIS K 106 46.30 0.60 -22.44
CA HIS K 106 44.89 0.45 -22.17
C HIS K 106 44.43 1.42 -21.07
N ARG K 107 43.15 1.79 -21.09
CA ARG K 107 42.69 2.75 -20.10
C ARG K 107 42.33 2.03 -18.80
N PRO K 108 43.00 2.35 -17.69
CA PRO K 108 42.65 1.69 -16.42
C PRO K 108 41.26 2.11 -15.95
N ASP K 109 40.57 1.18 -15.31
CA ASP K 109 39.24 1.42 -14.76
C ASP K 109 39.37 1.40 -13.25
N VAL K 110 39.00 2.51 -12.61
CA VAL K 110 39.18 2.68 -11.18
C VAL K 110 37.84 2.43 -10.49
N TYR K 111 37.86 1.65 -9.42
CA TYR K 111 36.67 1.35 -8.62
C TYR K 111 37.03 1.58 -7.16
N LEU K 112 36.21 2.37 -6.48
CA LEU K 112 36.41 2.60 -5.07
C LEU K 112 35.38 1.82 -4.26
N LEU K 113 35.87 0.96 -3.37
CA LEU K 113 35.03 0.05 -2.60
C LEU K 113 35.03 0.48 -1.14
N PRO K 114 33.87 0.76 -0.57
CA PRO K 114 33.80 1.23 0.82
C PRO K 114 34.07 0.09 1.79
N PRO K 115 34.26 0.40 3.07
CA PRO K 115 34.55 -0.66 4.05
C PRO K 115 33.40 -1.65 4.18
N ALA K 116 33.75 -2.89 4.48
CA ALA K 116 32.74 -3.90 4.75
C ALA K 116 32.02 -3.60 6.05
N ARG K 117 30.76 -4.04 6.13
CA ARG K 117 29.95 -3.76 7.31
C ARG K 117 30.51 -4.46 8.54
N GLU K 118 31.14 -5.62 8.35
CA GLU K 118 31.63 -6.38 9.50
C GLU K 118 32.73 -5.63 10.25
N GLN K 119 33.68 -5.04 9.52
CA GLN K 119 34.76 -4.34 10.19
C GLN K 119 34.29 -3.04 10.82
N LEU K 120 33.26 -2.43 10.25
CA LEU K 120 32.61 -1.30 10.92
C LEU K 120 31.94 -1.74 12.21
N ASN K 121 31.32 -2.93 12.19
CA ASN K 121 30.73 -3.46 13.41
C ASN K 121 31.79 -3.79 14.45
N LEU K 122 33.00 -4.11 14.01
CA LEU K 122 34.09 -4.39 14.95
C LEU K 122 34.44 -3.17 15.78
N ARG K 123 34.17 -1.97 15.26
CA ARG K 123 34.25 -0.66 15.92
C ARG K 123 35.66 -0.07 16.00
N GLU K 124 36.69 -0.73 15.45
CA GLU K 124 38.03 -0.14 15.51
C GLU K 124 38.39 0.69 14.29
N SER K 125 38.41 0.08 13.10
CA SER K 125 38.94 0.78 11.94
C SER K 125 38.23 0.29 10.68
N ALA K 126 38.36 1.08 9.62
CA ALA K 126 37.76 0.81 8.33
C ALA K 126 38.80 0.98 7.24
N THR K 127 38.63 0.25 6.13
CA THR K 127 39.60 0.22 5.04
C THR K 127 38.88 0.41 3.71
N ILE K 128 39.07 1.58 3.09
CA ILE K 128 38.55 1.82 1.76
C ILE K 128 39.56 1.36 0.73
N THR K 129 39.09 0.60 -0.28
CA THR K 129 40.00 0.00 -1.25
C THR K 129 39.81 0.63 -2.62
N CYS K 130 40.91 1.08 -3.21
CA CYS K 130 40.92 1.64 -4.56
C CYS K 130 41.54 0.60 -5.47
N LEU K 131 40.77 0.08 -6.42
CA LEU K 131 41.22 -1.00 -7.29
C LEU K 131 41.19 -0.53 -8.74
N VAL K 132 42.31 -0.69 -9.43
CA VAL K 132 42.43 -0.28 -10.83
C VAL K 132 42.63 -1.54 -11.68
N THR K 133 41.77 -1.77 -12.65
CA THR K 133 41.94 -2.94 -13.54
C THR K 133 42.73 -2.57 -14.77
N GLY K 134 42.35 -3.11 -15.94
CA GLY K 134 42.98 -2.82 -17.23
C GLY K 134 44.47 -2.68 -17.20
N PHE K 135 44.92 -1.46 -16.89
CA PHE K 135 46.31 -1.12 -16.72
C PHE K 135 47.16 -1.68 -17.84
N SER K 136 46.95 -1.15 -19.03
CA SER K 136 47.66 -1.58 -20.22
C SER K 136 49.15 -1.71 -20.02
N PRO K 137 49.80 -0.66 -19.57
CA PRO K 137 51.23 -0.84 -19.46
C PRO K 137 51.75 -0.38 -18.12
N ALA K 138 51.45 -1.06 -17.01
CA ALA K 138 51.87 -0.64 -15.67
C ALA K 138 51.49 0.80 -15.50
N ASP K 139 52.46 1.64 -15.21
CA ASP K 139 52.23 3.09 -15.11
C ASP K 139 51.06 3.68 -14.34
N VAL K 140 51.22 3.86 -13.04
CA VAL K 140 50.15 4.47 -12.29
C VAL K 140 50.52 5.08 -10.94
N PHE K 141 50.39 6.39 -10.77
CA PHE K 141 50.55 6.89 -9.41
C PHE K 141 49.16 7.04 -8.80
N VAL K 142 48.96 6.45 -7.63
CA VAL K 142 47.69 6.50 -6.92
C VAL K 142 47.87 7.36 -5.68
N GLN K 143 47.04 8.39 -5.55
CA GLN K 143 47.11 9.31 -4.42
C GLN K 143 45.75 9.35 -3.73
N TRP K 144 45.75 9.48 -2.42
CA TRP K 144 44.53 9.55 -1.65
C TRP K 144 44.35 10.94 -1.08
N MET K 145 43.30 11.64 -1.52
CA MET K 145 43.07 13.02 -1.13
C MET K 145 41.68 13.13 -0.55
N GLN K 146 41.57 13.84 0.58
CA GLN K 146 40.30 14.04 1.27
C GLN K 146 40.04 15.54 1.35
N ARG K 147 38.84 15.95 0.92
CA ARG K 147 38.44 17.37 0.92
C ARG K 147 39.42 18.22 0.11
N GLY K 148 40.03 17.63 -0.91
CA GLY K 148 41.04 18.34 -1.68
C GLY K 148 42.40 18.39 -1.03
N GLN K 149 42.56 17.78 0.14
CA GLN K 149 43.84 17.77 0.84
C GLN K 149 44.47 16.40 0.71
N PRO K 150 45.61 16.26 0.04
CA PRO K 150 46.25 14.95 -0.06
C PRO K 150 46.61 14.41 1.32
N LEU K 151 46.20 13.18 1.57
CA LEU K 151 46.43 12.55 2.87
C LEU K 151 47.85 12.03 2.98
N SER K 152 48.26 11.72 4.20
CA SER K 152 49.62 11.29 4.45
C SER K 152 49.89 9.97 3.73
N PRO K 153 51.08 9.80 3.14
CA PRO K 153 51.40 8.53 2.48
C PRO K 153 51.42 7.34 3.42
N GLU K 154 51.59 7.58 4.73
CA GLU K 154 51.60 6.48 5.68
C GLU K 154 50.24 5.78 5.75
N LYS K 155 49.16 6.56 5.69
CA LYS K 155 47.83 5.97 5.87
C LYS K 155 47.48 5.01 4.74
N TYR K 156 47.68 5.42 3.49
CA TYR K 156 47.29 4.60 2.35
C TYR K 156 48.49 3.82 1.84
N VAL K 157 48.27 2.54 1.56
CA VAL K 157 49.31 1.64 1.07
C VAL K 157 48.86 1.08 -0.27
N THR K 158 49.70 1.24 -1.28
CA THR K 158 49.41 0.71 -2.61
C THR K 158 50.06 -0.65 -2.78
N SER K 159 50.01 -1.17 -4.01
CA SER K 159 50.49 -2.50 -4.32
C SER K 159 51.33 -2.50 -5.59
N ALA K 160 52.27 -3.43 -5.67
CA ALA K 160 53.03 -3.64 -6.88
C ALA K 160 52.11 -4.23 -7.95
N PRO K 161 52.04 -3.63 -9.14
CA PRO K 161 51.10 -4.11 -10.16
C PRO K 161 51.40 -5.53 -10.61
N MET K 162 50.38 -6.37 -10.59
CA MET K 162 50.42 -7.75 -11.04
C MET K 162 49.56 -7.90 -12.29
N PRO K 163 49.79 -8.95 -13.06
CA PRO K 163 49.00 -9.05 -14.28
C PRO K 163 47.57 -9.48 -14.07
N GLU K 164 46.90 -9.56 -15.20
CA GLU K 164 45.54 -10.01 -15.20
C GLU K 164 45.55 -11.37 -15.80
N PRO K 165 44.70 -12.25 -15.31
CA PRO K 165 44.57 -13.58 -15.88
C PRO K 165 43.48 -13.61 -16.94
N GLN K 166 42.84 -12.48 -17.17
CA GLN K 166 41.82 -12.31 -18.17
C GLN K 166 42.49 -11.81 -19.43
N ALA K 167 43.66 -11.19 -19.27
CA ALA K 167 44.49 -10.73 -20.38
C ALA K 167 45.90 -10.48 -19.85
N PRO K 168 46.91 -11.18 -20.38
CA PRO K 168 48.27 -11.01 -19.85
C PRO K 168 48.80 -9.59 -19.98
N GLY K 169 48.41 -8.87 -21.03
CA GLY K 169 48.82 -7.49 -21.17
C GLY K 169 48.25 -6.59 -20.09
N ARG K 170 47.02 -6.85 -19.67
CA ARG K 170 46.37 -6.05 -18.64
C ARG K 170 47.08 -6.08 -17.30
N TYR K 171 46.94 -5.02 -16.51
CA TYR K 171 47.57 -4.92 -15.22
C TYR K 171 46.66 -4.27 -14.24
N PHE K 172 46.49 -4.88 -13.07
CA PHE K 172 45.64 -4.34 -12.02
C PHE K 172 46.50 -4.04 -10.82
N ALA K 173 45.95 -3.23 -9.96
CA ALA K 173 46.61 -2.80 -8.73
C ALA K 173 45.55 -2.40 -7.70
N HIS K 174 45.95 -2.41 -6.43
CA HIS K 174 45.07 -2.02 -5.35
C HIS K 174 45.81 -1.10 -4.38
N SER K 175 45.04 -0.28 -3.68
CA SER K 175 45.56 0.59 -2.64
C SER K 175 44.52 0.73 -1.55
N ILE K 176 44.88 0.33 -0.33
CA ILE K 176 43.96 0.39 0.80
C ILE K 176 44.31 1.60 1.66
N LEU K 177 43.31 2.36 2.04
CA LEU K 177 43.48 3.44 3.01
C LEU K 177 42.67 3.09 4.25
N THR K 178 43.35 3.08 5.40
CA THR K 178 42.68 2.79 6.66
C THR K 178 42.42 4.07 7.45
N VAL K 179 41.26 4.10 8.11
CA VAL K 179 40.87 5.22 8.96
C VAL K 179 40.14 4.65 10.17
N SER K 180 39.84 5.52 11.12
CA SER K 180 38.94 5.15 12.20
C SER K 180 37.52 5.03 11.67
N GLU K 181 36.74 4.16 12.30
CA GLU K 181 35.35 3.97 11.87
C GLU K 181 34.56 5.26 12.01
N GLU K 182 34.89 6.07 13.03
CA GLU K 182 34.15 7.30 13.26
C GLU K 182 34.33 8.28 12.10
N GLU K 183 35.54 8.33 11.53
CA GLU K 183 35.78 9.23 10.40
C GLU K 183 34.91 8.87 9.21
N TRP K 184 34.80 7.59 8.89
CA TRP K 184 33.92 7.17 7.81
C TRP K 184 32.46 7.40 8.17
N ASN K 185 32.10 7.19 9.44
CA ASN K 185 30.72 7.37 9.87
C ASN K 185 30.29 8.83 9.74
N THR K 186 31.22 9.72 10.05
CA THR K 186 30.95 11.13 9.98
C THR K 186 30.48 11.44 8.59
N GLY K 187 31.23 11.06 7.58
CA GLY K 187 30.75 11.28 6.24
C GLY K 187 31.77 11.86 5.32
N GLU K 188 33.01 11.92 5.78
CA GLU K 188 34.08 12.50 4.99
C GLU K 188 34.22 11.78 3.68
N THR K 189 34.44 12.51 2.60
CA THR K 189 34.50 11.90 1.28
C THR K 189 35.62 10.91 0.84
N TYR K 190 36.81 10.97 1.46
CA TYR K 190 38.03 10.23 1.10
C TYR K 190 38.05 9.67 -0.28
N THR K 191 38.23 10.46 -1.33
CA THR K 191 38.19 9.87 -2.66
C THR K 191 39.56 9.77 -3.25
N CYS K 192 39.88 8.58 -3.74
CA CYS K 192 41.17 8.21 -4.31
C CYS K 192 41.36 8.59 -5.75
N VAL K 193 42.58 9.04 -6.10
CA VAL K 193 42.98 9.53 -7.44
C VAL K 193 44.01 8.68 -8.23
N VAL K 194 43.76 8.45 -9.52
CA VAL K 194 44.58 7.53 -10.28
C VAL K 194 45.21 8.29 -11.45
N ALA K 195 46.50 8.07 -11.66
CA ALA K 195 47.26 8.77 -12.70
C ALA K 195 47.91 7.75 -13.60
N HIS K 196 47.49 7.73 -14.87
CA HIS K 196 47.95 6.78 -15.87
C HIS K 196 48.23 7.52 -17.18
N GLU K 197 49.08 6.92 -18.02
CA GLU K 197 49.44 7.56 -19.28
C GLU K 197 48.23 7.69 -20.20
N ALA K 198 47.34 6.70 -20.07
CA ALA K 198 46.08 6.54 -20.78
C ALA K 198 45.10 7.58 -20.37
N LEU K 199 45.33 8.16 -19.20
CA LEU K 199 44.41 9.12 -18.67
C LEU K 199 44.30 10.38 -19.51
N PRO K 200 43.07 10.67 -19.99
CA PRO K 200 42.52 11.73 -20.85
C PRO K 200 42.92 13.11 -20.42
N ASN K 201 43.01 13.29 -19.12
CA ASN K 201 43.46 14.50 -18.49
C ASN K 201 44.72 14.19 -17.67
N ARG K 202 45.00 12.88 -17.69
CA ARG K 202 46.07 12.17 -17.00
C ARG K 202 45.85 12.06 -15.48
N VAL K 203 44.59 11.84 -15.08
CA VAL K 203 44.18 11.72 -13.69
C VAL K 203 42.73 11.33 -13.55
N THR K 204 42.36 10.71 -12.42
CA THR K 204 40.99 10.37 -12.06
C THR K 204 40.76 10.55 -10.56
N GLU K 205 39.51 10.82 -10.24
CA GLU K 205 39.11 10.93 -8.87
C GLU K 205 37.81 10.14 -8.81
N ARG K 206 37.87 8.81 -8.62
CA ARG K 206 36.64 8.05 -8.56
C ARG K 206 35.98 8.24 -7.24
N THR K 207 34.68 8.01 -7.09
CA THR K 207 34.05 8.38 -5.81
C THR K 207 33.26 7.63 -4.67
N VAL K 208 33.52 7.95 -3.38
CA VAL K 208 32.81 7.31 -2.22
C VAL K 208 32.77 7.84 -0.79
N ASP K 209 31.59 7.79 -0.16
CA ASP K 209 31.30 8.13 1.24
C ASP K 209 30.06 7.38 1.70
N LYS K 210 30.01 7.21 3.01
CA LYS K 210 29.02 6.45 3.72
C LYS K 210 27.71 6.59 3.16
N SER K 211 27.33 7.80 2.79
CA SER K 211 25.97 8.05 2.33
C SER K 211 25.87 8.09 0.86
N THR K 212 26.59 7.20 0.21
CA THR K 212 26.54 7.07 -1.21
C THR K 212 26.81 5.61 -1.57
N GLY K 213 26.57 4.72 -0.61
CA GLY K 213 26.73 3.30 -0.80
C GLY K 213 25.36 2.75 -1.07
N LYS K 214 25.15 1.49 -0.78
CA LYS K 214 23.87 0.92 -1.03
C LYS K 214 22.98 1.47 0.01
N PRO K 215 21.78 1.89 -0.39
CA PRO K 215 20.70 2.40 0.46
C PRO K 215 20.00 1.28 1.21
N THR K 216 19.51 1.60 2.40
CA THR K 216 18.73 0.67 3.20
C THR K 216 17.25 0.98 3.19
N LEU K 217 16.88 2.25 2.97
CA LEU K 217 15.48 2.66 2.97
C LEU K 217 15.18 3.42 1.69
N TYR K 218 13.98 3.21 1.16
CA TYR K 218 13.50 3.86 -0.07
C TYR K 218 12.07 4.33 0.18
N ASN K 219 11.87 5.64 0.39
CA ASN K 219 10.51 6.14 0.28
C ASN K 219 10.35 6.96 -0.99
N VAL K 220 10.00 6.27 -2.03
CA VAL K 220 9.65 6.83 -3.28
C VAL K 220 8.31 7.47 -3.09
N SER K 221 8.02 8.68 -3.52
CA SER K 221 6.69 9.27 -3.40
C SER K 221 6.25 9.54 -4.76
N LEU K 222 5.06 9.21 -5.19
CA LEU K 222 4.69 9.48 -6.53
C LEU K 222 3.50 10.36 -6.65
N VAL K 223 3.54 11.59 -6.22
CA VAL K 223 2.38 12.44 -6.25
C VAL K 223 1.76 12.67 -7.58
N MET K 224 0.48 12.45 -7.72
CA MET K 224 -0.25 12.56 -8.97
C MET K 224 -1.26 13.69 -8.85
N SER K 225 -1.18 14.65 -9.76
CA SER K 225 -2.09 15.79 -9.74
C SER K 225 -2.50 16.12 -11.16
N ASP K 226 -3.77 16.48 -11.33
CA ASP K 226 -4.31 16.88 -12.62
C ASP K 226 -3.95 18.32 -12.97
N THR K 227 -3.28 19.00 -12.10
CA THR K 227 -2.93 20.33 -12.39
C THR K 227 -1.57 20.46 -11.88
N ALA K 228 -0.70 19.61 -12.34
CA ALA K 228 0.67 19.71 -11.96
C ALA K 228 1.17 20.10 -13.27
N GLY K 229 1.97 19.30 -13.88
CA GLY K 229 2.40 19.65 -15.20
C GLY K 229 3.26 20.82 -15.46
N THR K 230 3.77 21.56 -14.50
CA THR K 230 4.69 22.61 -14.81
C THR K 230 5.55 22.57 -13.64
N CYS K 231 6.54 21.75 -13.71
CA CYS K 231 7.45 21.50 -12.67
C CYS K 231 8.22 22.56 -12.06
N TYR K 232 7.83 22.97 -10.87
CA TYR K 232 8.52 23.98 -10.17
C TYR K 232 9.85 23.50 -9.86
N LYS L 1 15.88 24.77 -0.83
CA LYS L 1 14.52 25.17 -0.49
C LYS L 1 14.13 26.42 -1.27
N SER L 2 13.05 27.07 -0.84
CA SER L 2 12.54 28.23 -1.55
C SER L 2 13.49 29.40 -1.41
N PRO L 3 13.84 30.07 -2.51
CA PRO L 3 14.72 31.24 -2.43
C PRO L 3 14.00 32.52 -2.05
N ILE L 4 12.74 32.40 -1.63
CA ILE L 4 11.93 33.55 -1.20
C ILE L 4 12.32 33.88 0.23
N PHE L 5 12.45 35.18 0.52
CA PHE L 5 12.85 35.63 1.84
C PHE L 5 12.00 36.81 2.26
N GLY L 6 11.54 36.78 3.51
CA GLY L 6 10.75 37.84 4.07
C GLY L 6 10.91 37.92 5.57
N PRO L 7 10.10 38.75 6.22
CA PRO L 7 10.17 38.83 7.69
C PRO L 7 9.70 37.53 8.32
N GLU L 8 10.55 36.88 9.08
CA GLU L 8 10.14 35.66 9.70
C GLU L 8 9.07 35.92 10.65
N GLU L 9 8.95 37.13 11.15
CA GLU L 9 7.96 37.38 12.16
C GLU L 9 7.52 38.80 12.30
N VAL L 10 6.38 39.16 11.77
CA VAL L 10 5.92 40.51 11.95
C VAL L 10 5.09 40.55 13.21
N ASN L 11 4.78 41.76 13.70
CA ASN L 11 3.96 42.01 14.88
C ASN L 11 3.62 43.46 14.89
N SER L 12 2.53 43.82 15.57
CA SER L 12 1.94 45.16 15.56
C SER L 12 0.78 45.20 16.53
N VAL L 13 0.27 46.41 16.75
CA VAL L 13 -0.90 46.63 17.59
C VAL L 13 -2.12 46.71 16.68
N GLU L 14 -3.29 46.43 17.25
CA GLU L 14 -4.52 46.44 16.48
C GLU L 14 -4.81 47.84 15.94
N GLY L 15 -5.40 47.90 14.75
CA GLY L 15 -5.71 49.17 14.14
C GLY L 15 -4.53 49.88 13.51
N ASN L 16 -3.37 49.24 13.46
CA ASN L 16 -2.18 49.82 12.87
C ASN L 16 -1.77 49.03 11.63
N SER L 17 -1.50 49.74 10.54
CA SER L 17 -1.10 49.10 9.31
C SER L 17 0.27 48.47 9.44
N VAL L 18 0.49 47.39 8.69
CA VAL L 18 1.75 46.68 8.66
C VAL L 18 2.18 46.52 7.21
N SER L 19 3.50 46.52 7.00
CA SER L 19 4.07 46.36 5.67
C SER L 19 5.04 45.19 5.70
N ILE L 20 4.81 44.20 4.84
CA ILE L 20 5.61 42.98 4.80
C ILE L 20 6.19 42.86 3.41
N THR L 21 7.51 42.93 3.31
CA THR L 21 8.20 42.87 2.03
C THR L 21 8.88 41.52 1.86
N CYS L 22 8.60 40.86 0.75
CA CYS L 22 9.18 39.56 0.44
C CYS L 22 10.09 39.67 -0.77
N TYR L 23 11.29 39.13 -0.63
CA TYR L 23 12.32 39.18 -1.67
C TYR L 23 12.27 37.89 -2.47
N TYR L 24 12.36 38.01 -3.78
CA TYR L 24 12.46 36.85 -4.65
C TYR L 24 13.59 37.05 -5.66
N PRO L 25 14.21 35.96 -6.11
CA PRO L 25 15.32 36.09 -7.07
C PRO L 25 14.84 36.73 -8.36
N PRO L 26 15.43 37.85 -8.76
CA PRO L 26 14.93 38.57 -9.93
C PRO L 26 15.27 37.83 -11.21
N THR L 27 14.26 37.18 -11.79
CA THR L 27 14.34 36.59 -13.12
C THR L 27 13.04 36.92 -13.83
N SER L 28 13.01 36.72 -15.15
CA SER L 28 11.81 37.06 -15.91
C SER L 28 10.59 36.29 -15.39
N VAL L 29 10.75 34.99 -15.14
CA VAL L 29 9.66 34.20 -14.60
C VAL L 29 9.22 34.75 -13.26
N ASN L 30 10.17 34.93 -12.35
CA ASN L 30 9.83 35.42 -11.01
C ASN L 30 9.24 36.83 -11.09
N ARG L 31 9.68 37.63 -12.06
CA ARG L 31 9.16 38.98 -12.17
C ARG L 31 7.75 39.01 -12.76
N HIS L 32 7.35 37.96 -13.48
CA HIS L 32 6.05 37.96 -14.14
C HIS L 32 5.08 36.90 -13.63
N THR L 33 5.47 36.07 -12.67
CA THR L 33 4.50 35.13 -12.12
C THR L 33 3.61 35.81 -11.08
N ARG L 34 2.63 35.05 -10.62
CA ARG L 34 1.67 35.55 -9.63
C ARG L 34 2.32 35.64 -8.25
N LYS L 35 2.14 36.79 -7.62
CA LYS L 35 2.60 37.03 -6.26
C LYS L 35 1.42 36.88 -5.32
N TYR L 36 1.49 35.93 -4.40
CA TYR L 36 0.36 35.61 -3.54
C TYR L 36 0.72 35.76 -2.08
N TRP L 37 -0.21 36.29 -1.30
CA TRP L 37 -0.16 36.36 0.15
C TRP L 37 -1.35 35.54 0.65
N CYS L 38 -1.06 34.35 1.18
CA CYS L 38 -2.06 33.39 1.63
C CYS L 38 -1.94 33.20 3.14
N ARG L 39 -2.95 32.59 3.73
CA ARG L 39 -2.95 32.27 5.15
C ARG L 39 -3.05 30.75 5.33
N GLN L 40 -2.12 30.23 6.07
CA GLN L 40 -2.08 28.84 6.19
C GLN L 40 -3.19 28.59 7.09
N GLY L 41 -4.22 27.94 6.62
CA GLY L 41 -5.35 27.65 7.46
C GLY L 41 -4.99 26.46 8.30
N ALA L 42 -5.63 26.32 9.45
CA ALA L 42 -5.30 25.21 10.36
C ALA L 42 -5.30 23.82 9.77
N ARG L 43 -6.24 23.55 8.88
CA ARG L 43 -6.29 22.28 8.19
C ARG L 43 -6.76 22.58 6.80
N GLY L 44 -5.87 22.59 5.82
CA GLY L 44 -6.38 22.84 4.48
C GLY L 44 -5.60 23.59 3.43
N GLY L 45 -4.38 24.02 3.71
CA GLY L 45 -3.63 24.70 2.69
C GLY L 45 -3.89 26.17 2.70
N CYS L 46 -3.34 26.90 1.78
CA CYS L 46 -3.54 28.34 1.84
C CYS L 46 -4.92 28.70 1.31
N ILE L 47 -5.56 29.65 1.95
CA ILE L 47 -6.63 30.43 1.32
C ILE L 47 -6.00 31.75 0.89
N THR L 48 -5.99 31.99 -0.42
CA THR L 48 -5.29 33.15 -0.94
C THR L 48 -6.01 34.43 -0.51
N LEU L 49 -5.34 35.21 0.33
CA LEU L 49 -5.92 36.44 0.84
C LEU L 49 -5.72 37.63 -0.08
N ILE L 50 -4.58 37.72 -0.78
CA ILE L 50 -4.41 38.77 -1.78
C ILE L 50 -3.41 38.27 -2.81
N SER L 51 -3.51 38.80 -4.03
CA SER L 51 -2.62 38.40 -5.10
C SER L 51 -2.21 39.62 -5.90
N SER L 52 -1.07 39.49 -6.59
CA SER L 52 -0.61 40.57 -7.45
C SER L 52 -1.55 40.78 -8.63
N GLU L 53 -2.29 39.75 -9.00
CA GLU L 53 -3.18 39.81 -10.16
C GLU L 53 -4.57 40.25 -9.72
N GLY L 54 -4.61 41.36 -8.98
CA GLY L 54 -5.84 42.08 -8.72
C GLY L 54 -6.84 41.40 -7.82
N TYR L 55 -6.50 40.25 -7.23
CA TYR L 55 -7.47 39.55 -6.40
C TYR L 55 -7.37 39.99 -4.95
N VAL L 56 -8.46 40.20 -4.23
CA VAL L 56 -8.40 40.44 -2.79
C VAL L 56 -9.53 39.70 -2.19
N SER L 57 -9.41 39.17 -1.02
CA SER L 57 -10.45 38.33 -0.47
C SER L 57 -11.81 38.85 0.02
N SER L 58 -12.45 38.10 0.91
CA SER L 58 -13.73 38.54 1.49
C SER L 58 -13.34 39.76 2.29
N LYS L 59 -12.33 39.56 3.15
CA LYS L 59 -11.64 40.58 3.94
C LYS L 59 -10.51 41.18 3.11
N TYR L 60 -9.61 41.97 3.64
CA TYR L 60 -8.60 42.65 2.81
C TYR L 60 -9.26 43.34 1.66
N ALA L 61 -10.52 43.66 1.85
CA ALA L 61 -11.22 44.44 0.84
C ALA L 61 -11.16 45.91 1.24
N GLY L 62 -10.29 46.66 0.58
CA GLY L 62 -10.02 48.03 0.97
C GLY L 62 -9.05 48.17 2.10
N ARG L 63 -8.66 47.08 2.76
CA ARG L 63 -7.67 47.12 3.83
C ARG L 63 -6.25 46.85 3.34
N ALA L 64 -6.09 46.16 2.22
CA ALA L 64 -4.80 45.62 1.83
C ALA L 64 -4.42 46.09 0.44
N ASN L 65 -3.10 46.05 0.19
CA ASN L 65 -2.53 46.30 -1.12
C ASN L 65 -1.35 45.37 -1.30
N LEU L 66 -1.05 45.04 -2.55
CA LEU L 66 0.09 44.18 -2.87
C LEU L 66 0.79 44.76 -4.09
N THR L 67 1.95 45.39 -3.87
CA THR L 67 2.69 46.04 -4.93
C THR L 67 3.89 45.19 -5.29
N ASN L 68 4.18 45.10 -6.58
CA ASN L 68 5.28 44.29 -7.09
C ASN L 68 6.37 45.22 -7.62
N PHE L 69 7.58 45.07 -7.07
CA PHE L 69 8.71 45.86 -7.53
C PHE L 69 9.69 44.92 -8.23
N PRO L 70 9.53 44.67 -9.53
CA PRO L 70 10.46 43.75 -10.21
C PRO L 70 11.90 44.21 -10.20
N GLU L 71 12.14 45.51 -10.28
CA GLU L 71 13.51 46.02 -10.33
C GLU L 71 14.22 45.76 -9.00
N ASN L 72 13.57 46.11 -7.88
CA ASN L 72 14.12 45.74 -6.58
C ASN L 72 14.18 44.24 -6.42
N GLY L 73 13.32 43.51 -7.13
CA GLY L 73 13.17 42.09 -6.94
C GLY L 73 12.30 41.70 -5.76
N THR L 74 11.33 42.53 -5.38
CA THR L 74 10.53 42.31 -4.18
C THR L 74 9.05 42.45 -4.48
N PHE L 75 8.24 42.15 -3.47
CA PHE L 75 6.84 42.57 -3.47
C PHE L 75 6.42 42.84 -2.04
N VAL L 76 5.68 43.94 -1.86
CA VAL L 76 5.33 44.45 -0.54
C VAL L 76 3.82 44.34 -0.39
N VAL L 77 3.39 43.69 0.68
CA VAL L 77 1.97 43.58 1.02
C VAL L 77 1.70 44.45 2.23
N ASN L 78 0.75 45.36 2.09
CA ASN L 78 0.37 46.30 3.14
C ASN L 78 -1.01 45.93 3.65
N ILE L 79 -1.12 45.72 4.96
CA ILE L 79 -2.37 45.34 5.60
C ILE L 79 -2.75 46.41 6.61
N ALA L 80 -3.84 47.12 6.34
CA ALA L 80 -4.35 48.13 7.23
C ALA L 80 -5.53 47.57 8.03
N GLN L 81 -5.92 48.30 9.08
CA GLN L 81 -6.95 47.86 10.00
C GLN L 81 -6.67 46.48 10.55
N LEU L 82 -5.48 46.33 11.14
CA LEU L 82 -5.12 45.07 11.78
C LEU L 82 -5.98 44.82 13.00
N SER L 83 -6.28 43.55 13.25
CA SER L 83 -7.12 43.15 14.37
C SER L 83 -6.53 41.89 15.00
N GLN L 84 -7.05 41.57 16.19
CA GLN L 84 -6.61 40.36 16.88
C GLN L 84 -6.95 39.10 16.09
N ASP L 85 -7.98 39.15 15.25
CA ASP L 85 -8.30 38.00 14.41
C ASP L 85 -7.24 37.78 13.34
N ASP L 86 -6.65 38.85 12.84
CA ASP L 86 -5.63 38.77 11.78
C ASP L 86 -4.26 38.44 12.37
N SER L 87 -4.22 37.33 13.10
CA SER L 87 -2.98 36.83 13.68
C SER L 87 -2.89 35.33 13.43
N GLY L 88 -1.73 34.90 12.97
CA GLY L 88 -1.51 33.48 12.68
C GLY L 88 -0.29 33.30 11.81
N ARG L 89 -0.38 32.29 10.94
CA ARG L 89 0.70 31.93 10.03
C ARG L 89 0.26 32.25 8.60
N TYR L 90 1.07 33.04 7.90
CA TYR L 90 0.82 33.39 6.52
C TYR L 90 2.00 32.94 5.67
N LYS L 91 1.80 32.94 4.37
CA LYS L 91 2.86 32.63 3.42
C LYS L 91 2.82 33.64 2.28
N CYS L 92 4.01 34.07 1.88
CA CYS L 92 4.13 34.96 0.73
C CYS L 92 5.01 34.28 -0.30
N GLY L 93 4.56 34.25 -1.55
CA GLY L 93 5.30 33.49 -2.52
C GLY L 93 4.86 33.75 -3.94
N LEU L 94 5.30 32.86 -4.82
CA LEU L 94 5.10 33.01 -6.26
C LEU L 94 4.41 31.76 -6.80
N GLY L 95 3.75 31.92 -7.93
CA GLY L 95 3.15 30.79 -8.61
C GLY L 95 1.91 30.25 -7.91
N ILE L 96 1.85 28.93 -7.83
CA ILE L 96 0.68 28.26 -7.28
C ILE L 96 0.83 28.10 -5.77
N ASN L 97 -0.30 28.15 -5.06
CA ASN L 97 -0.29 27.99 -3.61
C ASN L 97 0.20 26.60 -3.20
N SER L 98 -0.30 25.56 -3.78
CA SER L 98 0.05 24.27 -3.31
C SER L 98 1.32 23.92 -3.90
N ARG L 99 2.27 24.82 -3.93
CA ARG L 99 3.47 24.48 -4.66
C ARG L 99 4.79 24.66 -4.13
N GLY L 100 4.94 25.27 -3.00
CA GLY L 100 6.22 25.34 -2.43
C GLY L 100 6.79 26.66 -2.37
N LEU L 101 7.32 27.11 -3.46
CA LEU L 101 8.03 28.38 -3.66
C LEU L 101 7.31 29.46 -2.84
N SER L 102 7.74 29.63 -1.60
CA SER L 102 7.07 30.55 -0.69
C SER L 102 7.94 30.75 0.55
N PHE L 103 7.51 31.67 1.40
CA PHE L 103 8.13 31.95 2.69
C PHE L 103 7.04 32.08 3.74
N ASP L 104 7.36 31.66 4.95
CA ASP L 104 6.42 31.65 6.07
C ASP L 104 6.63 32.88 6.93
N VAL L 105 5.56 33.65 7.16
CA VAL L 105 5.58 34.83 8.00
C VAL L 105 4.60 34.62 9.14
N SER L 106 5.09 34.71 10.37
CA SER L 106 4.26 34.55 11.56
C SER L 106 3.84 35.93 12.05
N LEU L 107 2.58 36.28 11.83
CA LEU L 107 2.06 37.59 12.20
C LEU L 107 1.31 37.49 13.52
N GLU L 108 1.62 38.39 14.44
CA GLU L 108 0.96 38.43 15.74
C GLU L 108 0.56 39.86 16.04
N VAL L 109 -0.71 40.06 16.40
CA VAL L 109 -1.25 41.38 16.73
C VAL L 109 -1.48 41.43 18.23
N SER L 110 -0.92 42.45 18.87
CA SER L 110 -1.03 42.62 20.31
C SER L 110 -2.09 43.67 20.61
N GLN L 111 -2.85 43.46 21.69
CA GLN L 111 -3.91 44.38 22.07
C GLN L 111 -3.32 45.75 22.41
N GLY L 112 -3.95 46.79 21.91
CA GLY L 112 -3.50 48.15 22.13
C GLY L 112 -3.77 48.65 23.53
N LYS L 120 3.11 58.27 31.99
CA LYS L 120 4.32 58.63 31.28
C LYS L 120 5.06 57.38 30.80
N VAL L 121 5.28 57.30 29.49
CA VAL L 121 5.92 56.14 28.86
C VAL L 121 7.20 56.60 28.19
N TYR L 122 8.27 55.81 28.37
CA TYR L 122 9.55 56.05 27.73
C TYR L 122 10.06 54.74 27.16
N THR L 123 10.11 54.64 25.84
CA THR L 123 10.54 53.43 25.14
C THR L 123 11.87 53.71 24.46
N VAL L 124 12.90 52.93 24.84
CA VAL L 124 14.23 53.05 24.25
C VAL L 124 14.76 51.66 23.97
N ASP L 125 15.74 51.60 23.07
CA ASP L 125 16.40 50.34 22.75
C ASP L 125 17.27 49.90 23.93
N LEU L 126 17.63 48.62 23.92
CA LEU L 126 18.50 48.10 24.97
C LEU L 126 19.87 48.78 24.90
N GLY L 127 20.43 49.07 26.06
CA GLY L 127 21.70 49.78 26.11
C GLY L 127 21.65 51.20 25.60
N ARG L 128 20.61 51.96 25.95
CA ARG L 128 20.45 53.32 25.47
C ARG L 128 19.99 54.22 26.60
N THR L 129 20.24 55.52 26.42
CA THR L 129 19.85 56.52 27.40
C THR L 129 18.33 56.57 27.57
N VAL L 130 17.88 56.72 28.81
CA VAL L 130 16.47 56.93 29.12
C VAL L 130 16.37 57.74 30.40
N THR L 131 15.28 58.48 30.61
CA THR L 131 15.13 59.20 31.87
C THR L 131 13.66 59.20 32.30
N ILE L 132 13.45 59.14 33.61
CA ILE L 132 12.10 59.08 34.15
C ILE L 132 11.76 60.26 35.06
N ASN L 133 10.57 60.83 34.87
CA ASN L 133 10.11 61.98 35.65
C ASN L 133 9.13 61.59 36.75
N CYS L 134 9.27 62.24 37.92
CA CYS L 134 8.41 61.99 39.08
C CYS L 134 8.00 63.27 39.77
N PRO L 135 6.79 63.75 39.48
CA PRO L 135 6.24 64.99 40.04
C PRO L 135 6.49 65.19 41.54
N PHE L 136 6.90 66.40 41.90
CA PHE L 136 7.23 66.73 43.26
C PHE L 136 6.34 67.80 43.86
N LYS L 137 5.94 67.59 45.11
CA LYS L 137 5.16 68.59 45.84
C LYS L 137 6.08 69.72 46.28
N THR L 138 5.72 70.96 45.93
CA THR L 138 6.59 72.09 46.24
C THR L 138 6.30 72.67 47.62
N GLU L 139 5.24 72.23 48.28
CA GLU L 139 4.96 72.73 49.62
C GLU L 139 6.08 72.41 50.59
N ASN L 140 6.56 71.16 50.56
CA ASN L 140 7.79 70.81 51.25
C ASN L 140 8.96 70.95 50.28
N ALA L 141 10.09 71.47 50.78
CA ALA L 141 11.21 71.79 49.91
C ALA L 141 11.73 70.54 49.19
N GLN L 142 12.09 69.51 49.96
CA GLN L 142 12.56 68.25 49.39
C GLN L 142 12.17 67.13 50.35
N LYS L 143 11.07 66.44 50.05
CA LYS L 143 10.68 65.29 50.85
C LYS L 143 11.65 64.15 50.61
N ARG L 144 11.75 63.24 51.59
CA ARG L 144 12.66 62.11 51.45
C ARG L 144 12.20 61.17 50.34
N LYS L 145 12.90 61.19 49.21
CA LYS L 145 12.53 60.37 48.07
C LYS L 145 13.74 59.60 47.57
N SER L 146 13.45 58.46 46.93
CA SER L 146 14.45 57.68 46.23
C SER L 146 13.81 57.14 44.96
N LEU L 147 14.54 56.23 44.29
CA LEU L 147 13.97 55.55 43.14
C LEU L 147 13.18 54.33 43.59
N TYR L 148 12.15 53.98 42.84
CA TYR L 148 11.27 52.87 43.18
C TYR L 148 11.08 51.98 41.95
N LYS L 149 10.89 50.68 42.21
CA LYS L 149 10.82 49.68 41.16
C LYS L 149 9.54 48.87 41.31
N GLN L 150 9.03 48.37 40.19
CA GLN L 150 7.79 47.60 40.17
C GLN L 150 8.10 46.10 40.11
N ILE L 151 8.31 45.55 41.30
CA ILE L 151 8.62 44.15 41.44
C ILE L 151 8.01 43.59 42.72
N GLY L 152 6.83 43.00 42.60
CA GLY L 152 6.18 42.38 43.73
C GLY L 152 5.34 43.25 44.63
N LEU L 153 4.59 44.18 44.01
CA LEU L 153 3.66 45.12 44.68
C LEU L 153 4.22 46.15 45.66
N TYR L 154 5.54 46.32 45.66
CA TYR L 154 6.20 47.23 46.59
C TYR L 154 7.62 47.39 46.14
N PRO L 155 7.99 48.60 45.71
CA PRO L 155 9.34 48.91 45.24
C PRO L 155 10.45 48.38 46.15
N VAL L 156 10.84 47.12 45.95
CA VAL L 156 11.92 46.50 46.70
C VAL L 156 13.11 47.33 46.27
N LEU L 157 13.87 47.85 47.26
CA LEU L 157 15.01 48.75 47.18
C LEU L 157 15.69 48.65 45.82
N VAL L 158 15.59 49.73 45.05
CA VAL L 158 16.22 49.79 43.75
C VAL L 158 17.28 50.90 43.66
N ILE L 159 17.16 51.95 44.47
CA ILE L 159 18.22 52.94 44.63
C ILE L 159 18.17 53.42 46.08
N ASP L 160 19.32 53.41 46.73
CA ASP L 160 19.41 53.87 48.11
C ASP L 160 19.11 55.37 48.18
N SER L 161 18.35 55.75 49.22
CA SER L 161 18.02 57.16 49.40
C SER L 161 19.28 58.00 49.64
N SER L 162 20.33 57.38 50.17
CA SER L 162 21.60 58.08 50.34
C SER L 162 22.32 58.27 49.00
N GLY L 163 21.85 57.63 47.94
CA GLY L 163 22.47 57.75 46.63
C GLY L 163 23.28 56.55 46.20
N TYR L 164 23.46 55.55 47.06
CA TYR L 164 24.21 54.36 46.68
C TYR L 164 23.44 53.55 45.64
N VAL L 165 24.17 52.99 44.68
CA VAL L 165 23.54 52.29 43.57
C VAL L 165 23.26 50.84 43.96
N ASN L 166 22.11 50.34 43.53
CA ASN L 166 21.78 48.94 43.73
C ASN L 166 22.73 48.06 42.92
N PRO L 167 23.03 46.85 43.39
CA PRO L 167 23.86 45.95 42.58
C PRO L 167 23.30 45.70 41.19
N ASN L 168 21.98 45.59 41.05
CA ASN L 168 21.39 45.40 39.74
C ASN L 168 21.58 46.63 38.86
N TYR L 169 21.20 47.81 39.37
CA TYR L 169 21.34 49.05 38.60
C TYR L 169 22.60 49.78 39.07
N THR L 170 23.75 49.20 38.73
CA THR L 170 25.03 49.66 39.25
C THR L 170 25.73 50.58 38.25
N GLY L 171 26.20 51.73 38.75
CA GLY L 171 27.09 52.59 37.99
C GLY L 171 26.54 53.16 36.70
N ARG L 172 25.22 53.25 36.58
CA ARG L 172 24.62 53.84 35.39
C ARG L 172 23.39 54.70 35.66
N ILE L 173 23.15 55.10 36.90
CA ILE L 173 21.95 55.85 37.28
C ILE L 173 22.37 57.14 37.97
N ARG L 174 21.67 58.23 37.65
CA ARG L 174 21.84 59.50 38.33
C ARG L 174 20.46 60.04 38.70
N LEU L 175 20.34 60.64 39.87
CA LEU L 175 19.06 61.05 40.44
C LEU L 175 19.09 62.53 40.79
N ASP L 176 17.96 63.21 40.60
CA ASP L 176 17.81 64.58 41.07
C ASP L 176 16.59 64.72 41.98
N PHE L 185 11.76 66.19 39.45
CA PHE L 185 12.48 64.99 39.83
C PHE L 185 12.78 64.11 38.62
N SER L 186 14.05 64.11 38.20
CA SER L 186 14.49 63.39 37.01
C SER L 186 15.55 62.37 37.40
N VAL L 187 15.38 61.15 36.90
CA VAL L 187 16.37 60.09 37.05
C VAL L 187 16.78 59.60 35.68
N VAL L 188 18.08 59.62 35.40
CA VAL L 188 18.62 59.26 34.10
C VAL L 188 19.44 57.98 34.23
N ILE L 189 19.13 56.99 33.40
CA ILE L 189 19.89 55.75 33.38
C ILE L 189 20.19 55.38 31.93
N ASN L 190 21.42 54.93 31.69
CA ASN L 190 21.89 54.55 30.37
C ASN L 190 22.28 53.07 30.39
N GLN L 191 22.62 52.55 29.21
CA GLN L 191 23.09 51.17 29.07
C GLN L 191 22.13 50.16 29.68
N LEU L 192 20.84 50.33 29.40
CA LEU L 192 19.83 49.46 29.97
C LEU L 192 19.86 48.09 29.30
N ARG L 193 19.83 47.05 30.12
CA ARG L 193 19.65 45.69 29.61
C ARG L 193 18.16 45.42 29.38
N LEU L 194 17.88 44.23 28.84
CA LEU L 194 16.51 43.89 28.48
C LEU L 194 15.60 43.81 29.70
N SER L 195 16.15 43.37 30.84
CA SER L 195 15.30 43.17 32.02
C SER L 195 15.16 44.44 32.85
N ASP L 196 15.87 45.52 32.47
CA ASP L 196 15.88 46.72 33.30
C ASP L 196 14.53 47.44 33.27
N ALA L 197 13.87 47.46 32.12
CA ALA L 197 12.66 48.28 31.97
C ALA L 197 11.51 47.74 32.79
N GLY L 198 10.67 48.66 33.27
CA GLY L 198 9.47 48.30 34.00
C GLY L 198 8.63 49.52 34.27
N GLN L 199 7.35 49.28 34.57
CA GLN L 199 6.39 50.35 34.85
C GLN L 199 6.55 50.79 36.30
N TYR L 200 7.58 51.60 36.53
CA TYR L 200 7.95 52.00 37.88
C TYR L 200 6.95 53.01 38.44
N LEU L 201 6.46 52.74 39.65
CA LEU L 201 5.61 53.65 40.39
C LEU L 201 6.47 54.46 41.35
N CYS L 202 6.64 55.74 41.05
CA CYS L 202 7.47 56.64 41.85
C CYS L 202 6.59 57.64 42.60
N GLN L 203 7.04 58.01 43.80
CA GLN L 203 6.31 58.94 44.65
C GLN L 203 7.20 60.11 45.03
N ALA L 204 6.56 61.25 45.28
CA ALA L 204 7.28 62.46 45.68
C ALA L 204 6.34 63.43 46.39
N SER L 210 3.98 61.67 50.55
CA SER L 210 4.04 60.63 49.54
C SER L 210 2.98 60.85 48.46
N ASN L 211 3.42 61.39 47.32
CA ASN L 211 2.54 61.66 46.18
C ASN L 211 2.90 60.68 45.06
N LYS L 212 2.14 59.60 44.96
CA LYS L 212 2.43 58.50 44.05
C LYS L 212 1.87 58.81 42.67
N LYS L 213 2.72 58.66 41.64
CA LYS L 213 2.33 58.86 40.26
C LYS L 213 2.93 57.75 39.41
N ASN L 214 2.23 57.40 38.34
CA ASN L 214 2.62 56.26 37.51
C ASN L 214 3.64 56.65 36.46
N ALA L 215 4.31 55.63 35.92
CA ALA L 215 5.29 55.79 34.85
C ALA L 215 5.42 54.47 34.11
N ASP L 216 6.04 54.53 32.93
CA ASP L 216 6.21 53.36 32.08
C ASP L 216 7.58 53.38 31.43
N LEU L 217 8.24 52.23 31.40
CA LEU L 217 9.51 52.05 30.71
C LEU L 217 9.43 50.82 29.84
N GLN L 218 9.86 50.94 28.58
CA GLN L 218 9.80 49.85 27.63
C GLN L 218 11.14 49.74 26.90
N VAL L 219 11.60 48.50 26.73
CA VAL L 219 12.78 48.20 25.93
C VAL L 219 12.37 47.29 24.80
N LEU L 220 12.78 47.62 23.58
CA LEU L 220 12.45 46.87 22.38
C LEU L 220 13.73 46.48 21.67
N LYS L 221 13.87 45.20 21.35
CA LYS L 221 15.00 44.77 20.55
C LYS L 221 14.85 45.31 19.13
N PRO L 222 15.88 45.98 18.60
CA PRO L 222 15.77 46.55 17.26
C PRO L 222 15.41 45.50 16.23
N GLU L 223 14.48 45.84 15.35
CA GLU L 223 14.06 44.91 14.32
C GLU L 223 15.20 44.72 13.31
N PRO L 224 15.45 43.48 12.89
CA PRO L 224 16.54 43.24 11.93
C PRO L 224 16.24 43.90 10.59
N GLU L 225 17.27 44.51 10.00
CA GLU L 225 17.18 45.08 8.66
C GLU L 225 17.45 43.97 7.67
N LEU L 226 16.39 43.42 7.08
CA LEU L 226 16.53 42.30 6.18
C LEU L 226 17.42 42.65 5.00
N VAL L 227 18.40 41.80 4.73
CA VAL L 227 19.28 41.94 3.58
C VAL L 227 19.27 40.62 2.81
N TYR L 228 18.83 40.67 1.56
CA TYR L 228 18.76 39.52 0.69
C TYR L 228 19.87 39.60 -0.33
N GLU L 229 20.87 38.72 -0.19
CA GLU L 229 22.02 38.73 -1.08
C GLU L 229 22.11 37.38 -1.78
N ASP L 230 23.03 37.30 -2.74
CA ASP L 230 23.16 36.13 -3.60
C ASP L 230 24.36 35.30 -3.18
N LEU L 231 24.30 34.02 -3.53
CA LEU L 231 25.43 33.12 -3.33
C LEU L 231 26.59 33.55 -4.22
N ARG L 232 27.80 33.30 -3.73
CA ARG L 232 29.02 33.70 -4.43
C ARG L 232 29.04 35.20 -4.69
N GLY L 233 28.55 35.97 -3.72
CA GLY L 233 28.45 37.41 -3.87
C GLY L 233 29.03 38.11 -2.66
N SER L 234 28.67 39.38 -2.50
CA SER L 234 29.17 40.22 -1.43
C SER L 234 28.03 40.96 -0.75
N VAL L 235 28.23 41.26 0.53
CA VAL L 235 27.26 42.00 1.33
C VAL L 235 27.98 43.07 2.12
N THR L 236 27.26 44.13 2.48
CA THR L 236 27.80 45.24 3.24
C THR L 236 26.85 45.58 4.38
N PHE L 237 27.38 45.70 5.59
CA PHE L 237 26.63 46.06 6.77
C PHE L 237 27.08 47.44 7.24
N HIS L 238 26.12 48.31 7.53
CA HIS L 238 26.41 49.69 7.92
C HIS L 238 26.00 49.88 9.38
N CYS L 239 26.97 49.72 10.28
CA CYS L 239 26.74 49.79 11.71
C CYS L 239 26.65 51.19 12.25
N ALA L 240 25.70 51.96 11.78
CA ALA L 240 25.62 53.33 12.28
C ALA L 240 25.08 53.43 13.69
N LEU L 241 25.93 53.19 14.67
CA LEU L 241 25.54 53.29 16.06
C LEU L 241 25.70 54.73 16.47
N GLY L 242 25.14 55.07 17.61
CA GLY L 242 25.24 56.42 18.08
C GLY L 242 26.68 56.78 18.32
N PRO L 243 27.03 58.03 18.02
CA PRO L 243 28.38 58.53 18.22
C PRO L 243 28.88 58.30 19.62
N GLU L 244 28.05 58.57 20.65
CA GLU L 244 28.40 58.41 22.07
C GLU L 244 29.12 57.15 22.34
N VAL L 245 28.50 56.06 21.92
CA VAL L 245 29.11 54.75 22.11
C VAL L 245 30.21 54.54 21.08
N ALA L 246 30.19 55.39 20.05
CA ALA L 246 31.11 55.42 18.93
C ALA L 246 32.51 54.96 19.23
N ASN L 247 33.15 55.61 20.19
CA ASN L 247 34.50 55.26 20.52
C ASN L 247 34.70 53.92 21.21
N VAL L 248 33.66 53.33 21.79
CA VAL L 248 33.83 52.04 22.44
C VAL L 248 34.08 51.06 21.32
N ALA L 249 34.91 50.01 21.53
CA ALA L 249 35.17 49.07 20.45
C ALA L 249 33.88 48.42 19.97
N LYS L 250 33.82 48.18 18.66
CA LYS L 250 32.63 47.62 18.02
C LYS L 250 32.95 46.25 17.45
N PHE L 251 31.90 45.50 17.12
CA PHE L 251 32.06 44.13 16.67
C PHE L 251 30.90 43.75 15.77
N LEU L 252 30.88 42.48 15.36
CA LEU L 252 29.84 41.95 14.50
C LEU L 252 29.60 40.49 14.87
N CYS L 253 28.46 40.21 15.50
CA CYS L 253 28.09 38.85 15.90
C CYS L 253 27.65 38.01 14.71
N ARG L 254 27.20 36.80 15.02
CA ARG L 254 26.37 35.98 14.17
C ARG L 254 25.52 35.09 15.07
N GLN L 255 24.28 35.50 15.29
CA GLN L 255 23.46 34.94 16.35
C GLN L 255 23.03 33.52 16.00
N SER L 256 23.31 32.66 16.94
CA SER L 256 23.03 31.25 16.89
C SER L 256 21.71 30.98 17.53
N SER L 257 21.44 29.72 17.81
CA SER L 257 20.18 29.34 18.43
C SER L 257 20.17 29.90 19.83
N GLY L 258 21.02 29.37 20.69
CA GLY L 258 21.14 29.86 22.04
C GLY L 258 21.93 31.13 21.97
N GLU L 259 21.69 32.05 22.87
CA GLU L 259 22.40 33.33 22.84
C GLU L 259 23.94 33.28 22.85
N ASN L 260 24.56 33.00 21.71
CA ASN L 260 26.01 33.00 21.66
C ASN L 260 26.61 33.51 20.35
N CYS L 261 26.87 34.80 20.39
CA CYS L 261 27.46 35.59 19.33
C CYS L 261 28.81 35.14 18.72
N ASP L 262 28.81 34.12 17.86
CA ASP L 262 30.01 33.62 17.20
C ASP L 262 30.68 34.81 16.52
N VAL L 263 31.50 35.54 17.28
CA VAL L 263 32.04 36.81 16.81
C VAL L 263 32.82 36.60 15.52
N VAL L 264 32.40 37.30 14.47
CA VAL L 264 33.00 37.15 13.15
C VAL L 264 34.16 38.12 12.95
N VAL L 265 33.92 39.42 13.14
CA VAL L 265 34.95 40.44 12.99
C VAL L 265 34.82 41.42 14.14
N ASN L 266 35.95 41.96 14.58
CA ASN L 266 35.99 42.87 15.71
C ASN L 266 36.90 44.05 15.38
N THR L 267 36.50 45.23 15.87
CA THR L 267 37.37 46.40 15.75
C THR L 267 38.62 46.23 16.60
N LEU L 268 38.50 45.54 17.74
CA LEU L 268 39.65 45.33 18.61
C LEU L 268 40.71 44.48 17.92
N GLY L 269 40.30 43.49 17.15
CA GLY L 269 41.26 42.66 16.43
C GLY L 269 40.88 41.20 16.32
N LYS L 270 39.81 40.79 17.00
CA LYS L 270 39.38 39.40 16.93
C LYS L 270 38.93 39.06 15.52
N ARG L 271 39.24 37.83 15.09
CA ARG L 271 38.98 37.40 13.73
C ARG L 271 38.43 35.98 13.74
N ALA L 272 37.57 35.71 12.79
CA ALA L 272 36.96 34.43 12.73
C ALA L 272 37.73 33.72 11.69
N PRO L 273 38.11 32.49 12.01
CA PRO L 273 38.95 31.52 11.30
C PRO L 273 38.42 31.13 9.97
N ALA L 274 37.12 30.99 9.86
CA ALA L 274 36.53 30.59 8.62
C ALA L 274 36.00 31.76 7.84
N PHE L 275 36.73 32.85 7.81
CA PHE L 275 36.32 34.04 7.17
C PHE L 275 37.57 34.82 6.84
N GLU L 276 38.68 34.15 6.60
CA GLU L 276 39.95 34.83 6.36
C GLU L 276 40.12 35.52 5.04
N GLY L 277 40.95 36.55 4.97
CA GLY L 277 41.21 37.29 3.73
C GLY L 277 40.11 38.23 3.27
N ARG L 278 38.99 37.59 2.85
CA ARG L 278 37.68 38.07 2.40
C ARG L 278 37.12 39.30 3.05
N ILE L 279 36.79 39.18 4.33
CA ILE L 279 36.11 40.25 5.03
C ILE L 279 37.02 41.47 5.14
N LEU L 280 36.47 42.63 4.79
CA LEU L 280 37.14 43.91 4.94
C LEU L 280 36.28 44.80 5.83
N LEU L 281 36.92 45.59 6.68
CA LEU L 281 36.24 46.48 7.62
C LEU L 281 36.65 47.91 7.35
N ASN L 282 35.69 48.76 6.99
CA ASN L 282 35.96 50.17 6.81
C ASN L 282 36.25 50.83 8.17
N PRO L 283 37.13 51.82 8.19
CA PRO L 283 37.37 52.56 9.43
C PRO L 283 36.15 53.38 9.83
N GLN L 284 36.03 53.63 11.13
CA GLN L 284 34.89 54.36 11.65
C GLN L 284 34.87 55.78 11.12
N ASP L 285 33.68 56.25 10.76
CA ASP L 285 33.51 57.61 10.26
C ASP L 285 33.48 58.59 11.43
N LYS L 286 33.38 59.88 11.14
CA LYS L 286 33.31 60.99 12.10
C LYS L 286 32.42 60.68 13.28
N ASP L 287 31.28 60.09 12.98
CA ASP L 287 30.32 59.70 13.99
C ASP L 287 30.77 58.39 14.62
N GLY L 288 30.13 57.33 14.19
CA GLY L 288 30.42 55.98 14.66
C GLY L 288 29.55 55.19 13.72
N SER L 289 30.06 55.02 12.52
CA SER L 289 29.31 54.30 11.55
C SER L 289 30.29 53.67 10.64
N PHE L 290 30.65 52.44 10.88
CA PHE L 290 31.57 51.84 10.00
C PHE L 290 30.85 50.74 9.22
N SER L 291 31.36 50.36 8.05
CA SER L 291 30.78 49.30 7.24
C SER L 291 31.69 48.08 7.25
N VAL L 292 31.04 46.91 7.31
CA VAL L 292 31.70 45.62 7.22
C VAL L 292 31.33 44.99 5.89
N VAL L 293 32.35 44.54 5.16
CA VAL L 293 32.13 43.95 3.83
C VAL L 293 32.51 42.48 3.89
N ILE L 294 31.60 41.64 3.41
CA ILE L 294 31.84 40.20 3.34
C ILE L 294 31.72 39.78 1.88
N THR L 295 32.61 38.88 1.48
CA THR L 295 32.69 38.46 0.09
C THR L 295 32.67 36.94 0.02
N GLY L 296 32.27 36.43 -1.14
CA GLY L 296 32.19 34.99 -1.34
C GLY L 296 31.21 34.34 -0.40
N LEU L 297 30.03 34.93 -0.26
CA LEU L 297 29.02 34.42 0.66
C LEU L 297 28.61 33.01 0.28
N ARG L 298 28.42 32.16 1.28
CA ARG L 298 28.02 30.77 1.07
C ARG L 298 26.75 30.49 1.88
N LYS L 299 26.22 29.28 1.70
CA LYS L 299 24.95 28.93 2.32
C LYS L 299 25.00 28.96 3.83
N GLU L 300 26.19 28.86 4.43
CA GLU L 300 26.31 28.90 5.88
C GLU L 300 26.39 30.33 6.41
N ASP L 301 26.34 31.33 5.55
CA ASP L 301 26.36 32.73 5.96
C ASP L 301 24.97 33.25 6.29
N ALA L 302 23.93 32.44 6.09
CA ALA L 302 22.57 32.86 6.36
C ALA L 302 22.30 32.86 7.85
N GLY L 303 22.02 34.03 8.40
CA GLY L 303 21.74 34.12 9.83
C GLY L 303 21.72 35.57 10.26
N ARG L 304 21.44 35.76 11.55
CA ARG L 304 21.33 37.09 12.13
C ARG L 304 22.70 37.59 12.52
N TYR L 305 23.10 38.72 11.95
CA TYR L 305 24.37 39.38 12.28
C TYR L 305 24.06 40.59 13.14
N LEU L 306 24.64 40.61 14.35
CA LEU L 306 24.33 41.62 15.34
C LEU L 306 25.56 42.50 15.55
N CYS L 307 25.38 43.81 15.43
CA CYS L 307 26.48 44.73 15.68
C CYS L 307 26.60 44.98 17.18
N GLY L 308 27.43 45.95 17.51
CA GLY L 308 27.55 46.29 18.90
C GLY L 308 28.89 46.59 19.50
N ALA L 309 29.02 47.85 19.85
CA ALA L 309 30.19 48.32 20.53
C ALA L 309 29.86 48.14 21.99
N HIS L 310 30.84 47.64 22.73
CA HIS L 310 30.84 47.33 24.15
C HIS L 310 32.22 46.76 24.21
N SER L 311 33.23 47.60 24.39
CA SER L 311 34.67 47.20 24.41
C SER L 311 35.16 45.75 24.39
N ASP L 312 34.62 44.90 25.24
CA ASP L 312 34.99 43.51 25.28
C ASP L 312 34.90 42.84 23.91
N GLY L 313 33.84 43.08 23.15
CA GLY L 313 33.77 42.47 21.86
C GLY L 313 32.67 41.47 21.86
N GLN L 314 32.59 40.69 22.92
CA GLN L 314 31.53 39.70 22.97
C GLN L 314 30.23 40.45 23.13
N LEU L 315 29.22 40.05 22.39
CA LEU L 315 27.97 40.76 22.50
C LEU L 315 27.45 40.52 23.89
N GLN L 316 27.62 41.49 24.76
CA GLN L 316 27.07 41.30 26.08
C GLN L 316 26.05 42.37 26.29
N GLU L 317 25.10 42.12 27.16
CA GLU L 317 24.02 43.05 27.40
C GLU L 317 24.42 44.46 27.83
N GLY L 318 23.50 45.38 27.60
CA GLY L 318 23.77 46.74 27.97
C GLY L 318 24.75 47.31 26.99
N SER L 319 24.35 47.34 25.73
CA SER L 319 25.19 47.86 24.69
C SER L 319 24.29 48.18 23.53
N PRO L 320 24.57 49.26 22.82
CA PRO L 320 23.73 49.52 21.67
C PRO L 320 24.16 48.54 20.60
N ILE L 321 23.22 47.90 19.91
CA ILE L 321 23.40 46.89 18.86
C ILE L 321 22.50 47.21 17.69
N GLN L 322 22.90 46.72 16.52
CA GLN L 322 22.10 46.82 15.30
C GLN L 322 22.10 45.44 14.63
N ALA L 323 20.94 45.06 14.10
CA ALA L 323 20.74 43.70 13.63
C ALA L 323 20.52 43.69 12.13
N TRP L 324 20.95 42.60 11.51
CA TRP L 324 20.68 42.32 10.11
C TRP L 324 20.31 40.85 10.00
N GLN L 325 19.42 40.53 9.06
CA GLN L 325 19.04 39.15 8.81
C GLN L 325 19.42 38.82 7.37
N LEU L 326 20.66 38.38 7.17
CA LEU L 326 21.11 38.03 5.83
C LEU L 326 20.47 36.74 5.36
N PHE L 327 20.00 36.76 4.11
CA PHE L 327 19.52 35.56 3.44
C PHE L 327 20.29 35.39 2.14
N VAL L 328 20.94 34.25 1.99
CA VAL L 328 21.77 33.97 0.83
C VAL L 328 20.96 33.12 -0.13
N ASN L 329 20.62 33.69 -1.28
CA ASN L 329 19.94 32.96 -2.34
C ASN L 329 20.85 31.85 -2.85
N GLU L 330 20.30 30.64 -2.97
CA GLU L 330 21.03 29.51 -3.52
C GLU L 330 20.88 29.39 -5.03
N GLU L 331 20.08 30.25 -5.64
CA GLU L 331 19.90 30.31 -7.08
C GLU L 331 20.39 31.66 -7.56
N SER L 332 21.70 31.77 -7.80
CA SER L 332 22.35 33.03 -8.05
C SER L 332 22.78 33.14 -9.51
N THR L 333 22.74 34.36 -10.03
CA THR L 333 23.17 34.59 -11.41
C THR L 333 24.68 34.72 -11.50
N ILE L 334 25.35 34.90 -10.37
CA ILE L 334 26.81 35.08 -10.39
C ILE L 334 27.46 33.77 -10.82
N PRO L 335 28.29 33.77 -11.86
CA PRO L 335 28.89 32.51 -12.33
C PRO L 335 30.01 32.05 -11.41
N ARG L 336 30.40 30.80 -11.61
CA ARG L 336 31.49 30.23 -10.82
C ARG L 336 32.80 30.96 -11.11
N SER L 337 33.56 31.23 -10.06
CA SER L 337 34.89 31.79 -10.17
C SER L 337 35.89 30.83 -9.53
N PRO L 338 36.98 30.49 -10.20
CA PRO L 338 37.98 29.61 -9.58
C PRO L 338 38.49 30.22 -8.28
N THR L 339 38.17 29.56 -7.17
CA THR L 339 38.53 30.10 -5.86
C THR L 339 40.04 30.12 -5.67
N VAL L 340 40.76 29.12 -6.15
CA VAL L 340 42.22 29.26 -6.05
C VAL L 340 42.98 29.02 -7.33
N VAL L 341 43.95 29.87 -7.58
CA VAL L 341 44.77 29.74 -8.75
C VAL L 341 46.23 29.75 -8.35
N LYS L 342 46.65 28.68 -7.68
CA LYS L 342 48.00 28.48 -7.20
C LYS L 342 48.96 28.34 -8.36
N GLY L 343 50.19 28.85 -8.20
CA GLY L 343 51.20 28.80 -9.25
C GLY L 343 52.67 28.73 -8.83
N VAL L 344 53.50 28.29 -9.78
CA VAL L 344 54.95 28.11 -9.63
C VAL L 344 55.76 29.38 -9.36
N ALA L 345 56.58 29.32 -8.31
CA ALA L 345 57.38 30.49 -7.94
C ALA L 345 58.29 30.88 -9.09
N GLY L 346 58.30 32.17 -9.41
CA GLY L 346 58.99 32.65 -10.59
C GLY L 346 58.21 32.52 -11.87
N GLY L 347 56.99 31.96 -11.83
CA GLY L 347 56.16 31.83 -13.00
C GLY L 347 55.12 32.92 -13.07
N SER L 348 53.87 32.56 -13.37
CA SER L 348 52.80 33.54 -13.48
C SER L 348 51.46 32.87 -13.23
N VAL L 349 50.41 33.67 -13.14
CA VAL L 349 49.06 33.14 -12.93
C VAL L 349 48.11 33.81 -13.92
N ALA L 350 46.82 33.69 -13.68
CA ALA L 350 45.79 34.30 -14.52
C ALA L 350 44.52 34.27 -13.70
N VAL L 351 43.96 35.43 -13.41
CA VAL L 351 42.77 35.51 -12.55
C VAL L 351 41.57 36.05 -13.29
N LEU L 352 40.66 35.20 -13.70
CA LEU L 352 39.52 35.68 -14.47
C LEU L 352 38.43 36.19 -13.59
N CYS L 353 38.31 37.51 -13.41
CA CYS L 353 37.27 38.08 -12.52
C CYS L 353 35.99 38.51 -13.11
N PRO L 354 34.92 37.81 -12.81
CA PRO L 354 33.60 38.12 -13.36
C PRO L 354 33.07 39.44 -12.83
N TYR L 355 32.28 40.11 -13.67
CA TYR L 355 31.60 41.33 -13.27
C TYR L 355 30.24 41.37 -13.97
N ASN L 356 29.42 42.36 -13.57
CA ASN L 356 28.09 42.48 -14.12
C ASN L 356 28.15 42.85 -15.60
N ARG L 357 27.55 42.01 -16.44
CA ARG L 357 27.60 42.25 -17.89
C ARG L 357 26.82 43.51 -18.26
N LYS L 358 25.70 43.70 -17.60
CA LYS L 358 24.85 44.85 -17.84
C LYS L 358 25.65 46.12 -17.75
N GLU L 359 26.18 46.37 -16.57
CA GLU L 359 26.98 47.56 -16.38
C GLU L 359 28.45 47.27 -16.59
N SER L 360 29.05 47.90 -17.59
CA SER L 360 30.46 47.73 -17.89
C SER L 360 31.34 48.45 -16.85
N LYS L 361 32.62 48.13 -16.85
CA LYS L 361 33.49 48.73 -15.87
C LYS L 361 33.73 50.24 -15.95
N SER L 362 34.01 50.78 -14.78
CA SER L 362 34.48 52.13 -14.48
C SER L 362 35.91 52.13 -13.95
N ILE L 363 36.18 51.39 -12.88
CA ILE L 363 37.53 51.22 -12.33
C ILE L 363 37.64 49.78 -11.85
N LYS L 364 38.52 49.00 -12.47
CA LYS L 364 38.74 47.61 -12.09
C LYS L 364 39.80 47.54 -10.99
N TYR L 365 39.39 47.92 -9.79
CA TYR L 365 40.30 47.87 -8.65
C TYR L 365 40.62 46.42 -8.29
N TRP L 366 41.87 46.18 -7.89
CA TRP L 366 42.36 44.86 -7.57
C TRP L 366 43.24 44.95 -6.33
N CYS L 367 42.93 44.10 -5.34
CA CYS L 367 43.28 44.39 -3.96
C CYS L 367 44.00 43.21 -3.32
N LEU L 368 44.38 43.40 -2.05
CA LEU L 368 44.94 42.40 -1.17
C LEU L 368 44.13 42.32 0.11
N TRP L 369 44.67 41.66 1.14
CA TRP L 369 44.06 41.65 2.47
C TRP L 369 45.13 41.88 3.51
N GLU L 370 44.87 42.84 4.42
CA GLU L 370 45.76 43.02 5.56
C GLU L 370 45.55 41.93 6.61
N GLY L 371 44.30 41.60 6.89
CA GLY L 371 43.98 40.60 7.90
C GLY L 371 42.56 40.11 7.73
N ALA L 372 42.16 39.22 8.63
CA ALA L 372 40.79 38.73 8.64
C ALA L 372 39.82 39.71 9.31
N GLN L 373 40.34 40.73 10.00
CA GLN L 373 39.47 41.71 10.64
C GLN L 373 39.63 43.09 9.99
N ASN L 374 40.86 43.59 9.91
CA ASN L 374 41.08 44.88 9.24
C ASN L 374 41.01 44.71 7.73
N GLY L 375 41.94 43.95 7.16
CA GLY L 375 41.81 43.50 5.79
C GLY L 375 41.68 44.60 4.76
N ARG L 376 42.19 45.79 5.06
CA ARG L 376 42.13 46.87 4.08
C ARG L 376 42.90 46.48 2.83
N CYS L 377 42.11 46.32 1.78
CA CYS L 377 42.60 45.86 0.48
C CYS L 377 43.49 46.86 -0.20
N PRO L 378 44.58 46.42 -0.79
CA PRO L 378 45.47 47.40 -1.40
C PRO L 378 45.48 47.35 -2.92
N LEU L 379 44.68 48.21 -3.55
CA LEU L 379 44.53 48.30 -4.98
C LEU L 379 45.83 48.27 -5.70
N LEU L 380 46.23 47.05 -6.06
CA LEU L 380 47.47 46.75 -6.77
C LEU L 380 47.46 47.43 -8.08
N VAL L 381 46.33 47.43 -8.75
CA VAL L 381 46.17 48.00 -10.08
C VAL L 381 44.79 48.63 -10.19
N ASP L 382 44.64 49.51 -11.18
CA ASP L 382 43.39 50.17 -11.46
C ASP L 382 43.25 50.37 -12.98
N SER L 383 42.04 50.71 -13.41
CA SER L 383 41.80 50.92 -14.84
C SER L 383 42.69 52.00 -15.41
N GLU L 384 43.07 52.99 -14.60
CA GLU L 384 44.04 53.98 -15.04
C GLU L 384 45.38 53.35 -15.33
N GLY L 385 45.83 52.43 -14.48
CA GLY L 385 47.09 51.75 -14.65
C GLY L 385 48.09 51.95 -13.53
N TRP L 386 47.69 52.58 -12.43
CA TRP L 386 48.60 52.79 -11.31
C TRP L 386 48.90 51.46 -10.63
N VAL L 387 50.17 51.17 -10.44
CA VAL L 387 50.55 49.92 -9.83
C VAL L 387 51.32 50.15 -8.56
N LYS L 388 51.27 49.19 -7.64
CA LYS L 388 51.96 49.27 -6.35
C LYS L 388 53.48 49.15 -6.44
N ALA L 389 54.14 49.37 -5.31
CA ALA L 389 55.58 49.31 -5.26
C ALA L 389 56.14 47.98 -5.69
N GLN L 390 55.86 46.91 -4.96
CA GLN L 390 56.45 45.64 -5.35
C GLN L 390 55.93 45.01 -6.65
N TYR L 391 54.73 45.39 -7.07
CA TYR L 391 54.16 44.86 -8.28
C TYR L 391 54.33 45.84 -9.38
N GLU L 392 55.16 46.85 -9.21
CA GLU L 392 55.38 47.79 -10.26
C GLU L 392 56.05 46.95 -11.33
N GLY L 393 55.46 46.88 -12.52
CA GLY L 393 55.99 46.11 -13.63
C GLY L 393 55.45 44.71 -13.84
N ARG L 394 55.58 43.86 -12.81
CA ARG L 394 55.27 42.44 -12.73
C ARG L 394 53.78 42.16 -12.58
N LEU L 395 52.91 43.14 -12.84
CA LEU L 395 51.48 42.96 -12.67
C LEU L 395 50.75 43.74 -13.75
N SER L 396 49.60 43.20 -14.18
CA SER L 396 48.80 43.89 -15.19
C SER L 396 47.36 43.44 -15.12
N LEU L 397 46.48 44.26 -15.70
CA LEU L 397 45.07 43.95 -15.86
C LEU L 397 44.70 44.16 -17.32
N LEU L 398 44.08 43.17 -17.92
CA LEU L 398 43.92 43.27 -19.35
C LEU L 398 42.55 43.07 -19.90
N GLU L 399 41.58 43.79 -19.37
CA GLU L 399 40.18 43.75 -19.78
C GLU L 399 39.62 42.49 -20.42
N GLU L 400 39.99 42.27 -21.68
CA GLU L 400 39.54 41.08 -22.38
C GLU L 400 39.89 39.81 -21.62
N PRO L 401 38.89 38.96 -21.35
CA PRO L 401 37.65 38.61 -22.03
C PRO L 401 36.51 39.58 -21.79
N GLY L 402 36.39 40.55 -22.66
CA GLY L 402 35.44 41.63 -22.56
C GLY L 402 34.05 41.29 -22.13
N ASN L 403 33.47 40.23 -22.68
CA ASN L 403 32.10 39.92 -22.33
C ASN L 403 31.82 39.66 -20.86
N GLY L 404 31.50 40.76 -20.22
CA GLY L 404 31.19 40.77 -18.84
C GLY L 404 32.04 40.08 -17.79
N THR L 405 33.56 40.12 -17.67
CA THR L 405 34.79 39.70 -16.97
C THR L 405 36.10 40.27 -17.51
N PHE L 406 37.24 39.87 -16.95
CA PHE L 406 38.56 40.34 -17.36
C PHE L 406 39.69 39.42 -16.89
N THR L 407 40.96 39.73 -17.14
CA THR L 407 42.04 38.89 -16.64
C THR L 407 43.24 39.61 -16.07
N VAL L 408 43.35 39.69 -14.76
CA VAL L 408 44.50 40.34 -14.15
C VAL L 408 45.61 39.31 -14.02
N ILE L 409 46.82 39.65 -14.46
CA ILE L 409 47.96 38.71 -14.43
C ILE L 409 49.04 39.16 -13.47
N LEU L 410 49.80 38.20 -12.97
CA LEU L 410 50.88 38.51 -12.08
C LEU L 410 52.00 37.49 -12.25
N ASN L 411 53.01 37.88 -13.03
CA ASN L 411 54.19 37.08 -13.30
C ASN L 411 55.29 37.30 -12.25
N GLN L 412 56.37 36.55 -12.44
CA GLN L 412 57.52 36.57 -11.52
C GLN L 412 57.05 36.14 -10.09
N LEU L 413 56.85 34.84 -9.98
CA LEU L 413 56.35 34.15 -8.79
C LEU L 413 57.01 34.34 -7.39
N THR L 414 56.78 35.49 -6.77
CA THR L 414 57.29 35.75 -5.43
C THR L 414 56.45 34.96 -4.47
N SER L 415 57.00 34.55 -3.34
CA SER L 415 56.22 33.78 -2.38
C SER L 415 55.22 34.62 -1.65
N ARG L 416 55.71 35.67 -0.99
CA ARG L 416 54.95 36.64 -0.23
C ARG L 416 53.60 36.96 -0.87
N ASP L 417 53.48 36.76 -2.19
CA ASP L 417 52.25 37.11 -2.89
C ASP L 417 51.08 36.21 -2.51
N ALA L 418 51.33 35.12 -1.78
CA ALA L 418 50.26 34.23 -1.36
C ALA L 418 49.22 34.98 -0.53
N GLY L 419 47.95 34.75 -0.83
CA GLY L 419 46.89 35.42 -0.13
C GLY L 419 45.60 35.40 -0.93
N PHE L 420 44.79 36.44 -0.72
CA PHE L 420 43.48 36.57 -1.34
C PHE L 420 43.41 37.89 -2.08
N TYR L 421 42.84 37.87 -3.29
CA TYR L 421 42.79 39.02 -4.17
C TYR L 421 41.33 39.27 -4.55
N TRP L 422 40.94 40.53 -4.55
CA TRP L 422 39.56 40.93 -4.80
C TRP L 422 39.45 41.64 -6.13
N CYS L 423 38.40 41.32 -6.88
CA CYS L 423 38.19 41.88 -8.21
C CYS L 423 37.16 43.01 -8.15
N LEU L 424 37.57 44.11 -7.50
CA LEU L 424 36.65 45.22 -7.28
C LEU L 424 36.25 45.89 -8.58
N THR L 425 35.06 46.50 -8.56
CA THR L 425 34.60 47.39 -9.61
C THR L 425 33.70 48.42 -8.94
N ASN L 426 33.68 49.62 -9.52
CA ASN L 426 32.82 50.68 -9.01
C ASN L 426 31.66 50.85 -9.97
N GLY L 427 30.92 49.77 -10.13
CA GLY L 427 29.73 49.72 -10.95
C GLY L 427 28.60 49.69 -9.93
N ASP L 428 27.59 48.88 -10.16
CA ASP L 428 26.50 48.85 -9.22
C ASP L 428 26.53 47.63 -8.32
N THR L 429 26.15 46.49 -8.84
CA THR L 429 26.17 45.31 -8.03
C THR L 429 27.60 45.04 -7.73
N LEU L 430 27.99 45.36 -6.52
CA LEU L 430 29.36 45.19 -6.16
C LEU L 430 29.74 43.83 -5.62
N TRP L 431 29.83 42.83 -6.48
CA TRP L 431 30.32 41.57 -5.95
C TRP L 431 31.80 41.83 -5.84
N ARG L 432 32.39 41.45 -4.74
CA ARG L 432 33.80 41.64 -4.64
C ARG L 432 34.30 40.26 -4.70
N THR L 433 34.34 39.65 -5.87
CA THR L 433 34.77 38.27 -5.93
C THR L 433 36.20 38.12 -5.44
N THR L 434 36.43 37.05 -4.67
CA THR L 434 37.73 36.80 -4.06
C THR L 434 38.34 35.55 -4.68
N VAL L 435 39.66 35.57 -4.83
CA VAL L 435 40.42 34.46 -5.40
C VAL L 435 41.66 34.23 -4.55
N GLU L 436 41.97 32.97 -4.26
CA GLU L 436 43.09 32.61 -3.42
C GLU L 436 44.27 32.21 -4.31
N ILE L 437 45.42 32.80 -4.07
CA ILE L 437 46.60 32.49 -4.83
C ILE L 437 47.53 31.70 -3.94
N LYS L 438 47.59 30.41 -4.18
CA LYS L 438 48.43 29.49 -3.42
C LYS L 438 49.67 29.34 -4.24
N ILE L 439 50.77 29.93 -3.79
CA ILE L 439 52.00 29.81 -4.55
C ILE L 439 52.78 28.63 -4.07
N ILE L 440 53.35 27.89 -5.00
CA ILE L 440 54.15 26.71 -4.68
C ILE L 440 55.43 26.77 -5.49
N GLU L 441 56.57 26.57 -4.85
CA GLU L 441 57.83 26.56 -5.56
C GLU L 441 57.97 25.28 -6.38
N GLY L 442 58.50 25.43 -7.59
CA GLY L 442 58.62 24.31 -8.49
C GLY L 442 59.29 24.73 -9.78
N GLU L 443 59.18 23.88 -10.79
CA GLU L 443 59.77 24.19 -12.08
C GLU L 443 59.01 25.35 -12.71
N PRO L 444 59.70 26.36 -13.23
CA PRO L 444 59.01 27.42 -13.96
C PRO L 444 58.77 27.00 -15.40
N ASN L 445 57.53 27.21 -15.84
CA ASN L 445 57.03 26.85 -17.18
C ASN L 445 57.57 27.62 -18.36
N LEU L 446 58.11 28.80 -18.10
CA LEU L 446 58.75 29.58 -19.15
C LEU L 446 60.15 29.92 -18.63
N LYS L 447 61.06 30.24 -19.55
CA LYS L 447 62.46 30.54 -19.19
C LYS L 447 62.78 31.82 -18.40
N VAL L 448 64.07 32.12 -18.22
CA VAL L 448 64.45 33.25 -17.36
C VAL L 448 64.35 34.73 -17.77
N PRO L 449 65.30 35.54 -17.25
CA PRO L 449 65.50 36.99 -17.39
C PRO L 449 66.28 37.39 -18.62
N GLY L 450 65.87 38.49 -19.25
CA GLY L 450 66.52 38.95 -20.46
C GLY L 450 67.69 39.87 -20.25
N ASN L 451 67.99 40.65 -21.28
CA ASN L 451 69.08 41.61 -21.26
C ASN L 451 68.90 42.59 -22.41
N VAL L 462 68.05 37.14 -24.32
CA VAL L 462 66.71 37.29 -23.75
C VAL L 462 66.02 35.94 -23.75
N PRO L 463 66.29 35.14 -22.71
CA PRO L 463 65.72 33.79 -22.59
C PRO L 463 64.23 33.79 -22.29
N CYS L 464 63.58 32.69 -22.69
CA CYS L 464 62.17 32.46 -22.47
C CYS L 464 61.91 31.02 -22.81
N HIS L 465 61.08 30.35 -22.00
CA HIS L 465 60.75 28.94 -22.24
C HIS L 465 59.44 28.42 -21.61
N PHE L 466 58.62 27.78 -22.43
CA PHE L 466 57.39 27.15 -21.97
C PHE L 466 57.32 25.74 -22.57
N PRO L 467 57.00 24.75 -21.72
CA PRO L 467 56.90 23.33 -22.09
C PRO L 467 56.01 23.04 -23.31
N CYS L 468 56.46 22.06 -24.09
CA CYS L 468 55.79 21.62 -25.31
C CYS L 468 54.34 21.28 -25.07
N LYS L 469 54.00 20.79 -23.88
CA LYS L 469 52.62 20.44 -23.55
C LYS L 469 51.80 21.69 -23.34
N PHE L 470 52.47 22.72 -22.86
CA PHE L 470 51.85 23.98 -22.63
C PHE L 470 51.86 24.79 -23.93
N SER L 471 52.71 24.40 -24.87
CA SER L 471 52.86 25.12 -26.14
C SER L 471 51.80 24.92 -27.21
N SER L 472 50.70 24.25 -26.91
CA SER L 472 49.68 24.09 -27.94
C SER L 472 49.14 25.43 -28.39
N TYR L 473 49.25 26.47 -27.56
CA TYR L 473 48.73 27.82 -27.94
C TYR L 473 49.52 28.72 -28.92
N GLU L 474 50.19 29.74 -28.39
CA GLU L 474 51.00 30.71 -29.15
C GLU L 474 51.82 31.59 -28.22
N LYS L 475 52.99 31.12 -27.81
CA LYS L 475 53.85 31.88 -26.89
C LYS L 475 54.13 33.29 -27.41
N TYR L 476 53.66 34.31 -26.71
CA TYR L 476 53.84 35.68 -27.17
C TYR L 476 54.64 36.64 -26.31
N TRP L 477 54.99 37.80 -26.87
CA TRP L 477 55.72 38.78 -26.11
C TRP L 477 54.97 40.09 -26.12
N CYS L 478 55.06 40.81 -25.01
CA CYS L 478 54.43 42.10 -24.88
C CYS L 478 55.43 43.03 -24.27
N LYS L 479 55.31 44.31 -24.60
CA LYS L 479 56.18 45.30 -24.01
C LYS L 479 55.32 45.84 -22.92
N TRP L 480 55.75 45.64 -21.68
CA TRP L 480 54.97 46.05 -20.54
C TRP L 480 54.74 47.51 -20.31
N ASN L 481 53.49 47.94 -20.33
CA ASN L 481 53.13 49.31 -20.02
C ASN L 481 52.01 49.28 -19.00
N ASN L 482 52.18 50.02 -17.91
CA ASN L 482 51.13 50.06 -16.88
C ASN L 482 49.81 50.55 -17.45
N THR L 483 49.86 51.36 -18.51
CA THR L 483 48.64 51.77 -19.19
C THR L 483 48.07 50.64 -20.05
N GLY L 484 48.86 50.14 -20.99
CA GLY L 484 48.38 49.08 -21.86
C GLY L 484 49.46 48.14 -22.39
N CYS L 485 49.24 46.84 -22.23
CA CYS L 485 50.15 45.84 -22.78
C CYS L 485 50.07 45.83 -24.30
N GLN L 486 51.22 45.98 -24.95
CA GLN L 486 51.31 46.02 -26.40
C GLN L 486 52.34 45.00 -26.85
N ALA L 487 51.95 44.12 -27.77
CA ALA L 487 52.85 43.07 -28.24
C ALA L 487 53.89 43.64 -29.21
N LEU L 488 55.13 43.17 -29.06
CA LEU L 488 56.23 43.60 -29.91
C LEU L 488 57.04 42.40 -30.40
N PRO L 489 57.78 42.55 -31.51
CA PRO L 489 58.48 41.40 -32.10
C PRO L 489 59.51 40.77 -31.16
N SER L 490 59.68 39.46 -31.31
CA SER L 490 60.68 38.64 -30.65
C SER L 490 60.91 37.42 -31.54
N GLN L 491 61.53 36.38 -31.00
CA GLN L 491 61.57 35.10 -31.70
C GLN L 491 60.15 34.59 -31.85
N ASP L 492 59.60 34.69 -33.06
CA ASP L 492 58.25 34.21 -33.36
C ASP L 492 58.37 33.01 -34.29
N GLU L 493 58.56 31.84 -33.69
CA GLU L 493 58.72 30.59 -34.43
C GLU L 493 58.08 29.49 -33.60
N GLY L 494 58.39 28.24 -33.94
CA GLY L 494 57.99 27.10 -33.16
C GLY L 494 58.81 27.03 -31.88
N PRO L 495 58.66 25.93 -31.13
CA PRO L 495 59.43 25.79 -29.89
C PRO L 495 60.92 25.89 -30.15
N SER L 496 61.53 26.95 -29.62
CA SER L 496 62.94 27.22 -29.81
C SER L 496 63.59 27.51 -28.45
N LYS L 497 64.69 26.82 -28.19
CA LYS L 497 65.38 26.95 -26.92
C LYS L 497 66.69 27.71 -27.07
N SER L 506 59.25 25.88 -25.63
CA SER L 506 60.49 26.64 -25.61
C SER L 506 60.31 27.98 -26.32
N ARG L 507 60.90 29.03 -25.76
CA ARG L 507 60.73 30.38 -26.30
C ARG L 507 62.04 31.14 -26.16
N LEU L 508 61.97 32.44 -26.41
CA LEU L 508 63.12 33.32 -26.43
C LEU L 508 62.63 34.74 -26.63
N VAL L 509 63.53 35.71 -26.43
CA VAL L 509 63.22 37.12 -26.58
C VAL L 509 64.39 37.82 -27.26
N SER L 510 64.07 38.64 -28.26
CA SER L 510 65.08 39.42 -28.96
C SER L 510 64.55 40.82 -29.22
N LEU L 511 65.36 41.81 -28.86
CA LEU L 511 65.05 43.21 -29.11
C LEU L 511 66.30 43.88 -29.67
N THR L 512 66.92 43.21 -30.64
CA THR L 512 68.14 43.73 -31.25
C THR L 512 67.88 45.06 -31.92
N LEU L 513 68.75 46.04 -31.66
CA LEU L 513 68.61 47.37 -32.23
C LEU L 513 69.98 47.97 -32.56
N GLY L 522 64.02 48.75 -19.43
CA GLY L 522 62.57 48.57 -19.52
C GLY L 522 62.12 47.20 -19.05
N TRP L 523 60.81 47.07 -18.86
CA TRP L 523 60.21 45.84 -18.40
C TRP L 523 59.39 45.22 -19.53
N TYR L 524 59.47 43.90 -19.72
CA TYR L 524 58.87 43.26 -20.88
C TYR L 524 58.25 41.94 -20.43
N TRP L 525 57.31 41.43 -21.23
CA TRP L 525 56.57 40.22 -20.88
C TRP L 525 56.62 39.23 -22.04
N CYS L 526 56.77 37.95 -21.72
CA CYS L 526 56.90 36.89 -22.72
C CYS L 526 55.98 35.73 -22.33
N GLY L 527 54.73 35.78 -22.78
CA GLY L 527 53.72 34.92 -22.20
C GLY L 527 52.88 34.21 -23.24
N VAL L 528 52.17 33.18 -22.77
CA VAL L 528 51.30 32.40 -23.64
C VAL L 528 49.92 33.06 -23.68
N LYS L 529 49.26 32.97 -24.84
CA LYS L 529 47.95 33.55 -25.07
C LYS L 529 47.01 32.48 -25.63
N GLN L 530 45.80 32.42 -25.11
CA GLN L 530 44.84 31.47 -25.65
C GLN L 530 44.15 32.12 -26.81
N GLY L 531 43.96 33.43 -26.68
CA GLY L 531 43.33 34.24 -27.69
C GLY L 531 42.26 35.02 -26.98
N HIS L 532 41.14 34.36 -26.76
CA HIS L 532 40.07 34.97 -26.05
C HIS L 532 40.64 35.21 -24.67
N PHE L 533 41.09 34.15 -24.01
CA PHE L 533 41.63 34.25 -22.64
C PHE L 533 43.13 34.35 -22.70
N TYR L 534 43.82 34.20 -21.57
CA TYR L 534 45.28 34.27 -21.56
C TYR L 534 45.94 33.32 -20.57
N GLY L 535 47.09 32.75 -20.96
CA GLY L 535 47.86 31.87 -20.08
C GLY L 535 48.93 32.69 -19.37
N GLU L 536 49.91 32.04 -18.76
CA GLU L 536 50.98 32.72 -17.99
C GLU L 536 51.95 33.71 -18.66
N THR L 537 52.84 34.27 -17.82
CA THR L 537 53.79 35.31 -18.24
C THR L 537 55.27 34.98 -18.24
N ALA L 538 56.07 36.03 -18.44
CA ALA L 538 57.51 35.94 -18.50
C ALA L 538 58.05 37.34 -18.37
N ALA L 539 58.95 37.50 -17.42
CA ALA L 539 59.54 38.78 -17.13
C ALA L 539 60.97 38.97 -17.61
N VAL L 540 61.15 39.82 -18.62
CA VAL L 540 62.49 40.14 -19.10
C VAL L 540 62.74 41.62 -18.93
N TYR L 541 64.01 42.01 -18.96
CA TYR L 541 64.32 43.43 -18.86
C TYR L 541 64.64 43.97 -20.24
N LEU M 3 17.37 3.33 -33.64
CA LEU M 3 17.24 1.94 -33.23
C LEU M 3 16.67 1.09 -34.35
N PRO M 4 17.57 0.55 -35.20
CA PRO M 4 17.27 -0.35 -36.32
C PRO M 4 17.69 -1.76 -35.97
N GLU M 5 16.99 -2.79 -36.44
CA GLU M 5 17.40 -4.15 -36.13
C GLU M 5 17.63 -5.05 -37.32
N VAL M 6 18.88 -5.11 -37.76
CA VAL M 6 19.27 -5.94 -38.88
C VAL M 6 18.81 -7.37 -38.69
N LYS M 7 18.15 -7.91 -39.72
CA LYS M 7 17.66 -9.30 -39.70
C LYS M 7 18.52 -10.21 -40.58
N VAL M 8 19.46 -10.90 -39.94
CA VAL M 8 20.42 -11.77 -40.61
C VAL M 8 20.12 -13.24 -40.44
N GLU M 9 20.34 -14.03 -41.49
CA GLU M 9 20.20 -15.47 -41.31
C GLU M 9 21.45 -16.15 -41.86
N GLY M 10 21.81 -17.26 -41.22
CA GLY M 10 22.94 -18.07 -41.67
C GLY M 10 22.77 -19.48 -41.17
N GLU M 11 23.42 -20.41 -41.88
CA GLU M 11 23.32 -21.83 -41.54
C GLU M 11 24.19 -22.10 -40.30
N LEU M 12 24.35 -23.38 -39.95
CA LEU M 12 25.16 -23.75 -38.80
C LEU M 12 26.59 -23.25 -38.97
N GLY M 13 27.15 -23.39 -40.16
CA GLY M 13 28.44 -22.83 -40.48
C GLY M 13 28.42 -21.43 -41.04
N GLY M 14 27.24 -20.91 -41.35
CA GLY M 14 27.16 -19.57 -41.92
C GLY M 14 27.58 -18.52 -40.91
N SER M 15 28.39 -17.57 -41.37
CA SER M 15 28.91 -16.50 -40.54
C SER M 15 28.17 -15.20 -40.81
N VAL M 16 28.12 -14.35 -39.79
CA VAL M 16 27.39 -13.09 -39.85
C VAL M 16 28.31 -11.96 -39.41
N THR M 17 28.27 -10.85 -40.14
CA THR M 17 29.00 -9.64 -39.80
C THR M 17 28.03 -8.57 -39.33
N ILE M 18 28.45 -7.78 -38.35
CA ILE M 18 27.60 -6.77 -37.72
C ILE M 18 28.28 -5.41 -37.86
N LYS M 19 27.52 -4.41 -38.31
CA LYS M 19 28.00 -3.04 -38.46
C LYS M 19 27.34 -2.16 -37.40
N CYS M 20 28.15 -1.36 -36.71
CA CYS M 20 27.66 -0.42 -35.72
C CYS M 20 28.42 0.89 -35.84
N PRO M 21 27.77 2.01 -35.49
CA PRO M 21 28.46 3.31 -35.58
C PRO M 21 29.58 3.42 -34.57
N LEU M 22 30.59 4.22 -34.93
CA LEU M 22 31.71 4.51 -34.04
C LEU M 22 31.81 6.01 -33.81
N PRO M 23 31.30 6.52 -32.69
CA PRO M 23 31.36 7.97 -32.42
C PRO M 23 32.77 8.53 -32.26
N GLU M 24 33.81 7.72 -32.45
CA GLU M 24 35.23 8.08 -32.31
C GLU M 24 35.58 8.36 -30.86
N MET M 25 34.64 8.16 -29.94
CA MET M 25 34.93 8.35 -28.52
C MET M 25 36.00 7.38 -28.06
N HIS M 26 35.91 6.12 -28.50
CA HIS M 26 36.86 5.04 -28.23
C HIS M 26 36.97 4.69 -26.75
N VAL M 27 36.16 5.32 -25.87
CA VAL M 27 36.16 4.92 -24.47
C VAL M 27 35.58 3.51 -24.32
N ARG M 28 34.43 3.28 -24.96
CA ARG M 28 33.82 1.95 -24.94
C ARG M 28 32.83 1.84 -26.09
N ILE M 29 33.10 0.93 -27.01
CA ILE M 29 32.16 0.54 -28.06
C ILE M 29 32.07 -0.98 -28.06
N TYR M 30 30.85 -1.49 -28.11
CA TYR M 30 30.60 -2.87 -27.71
C TYR M 30 29.41 -3.46 -28.45
N LEU M 31 29.36 -4.79 -28.44
CA LEU M 31 28.23 -5.56 -28.94
C LEU M 31 27.63 -6.32 -27.75
N CYS M 32 26.30 -6.42 -27.72
CA CYS M 32 25.58 -6.96 -26.57
C CYS M 32 24.52 -7.95 -27.02
N ARG M 33 24.68 -9.22 -26.65
CA ARG M 33 23.63 -10.20 -26.86
C ARG M 33 22.50 -9.98 -25.86
N GLU M 34 21.27 -10.18 -26.32
CA GLU M 34 20.11 -10.07 -25.45
C GLU M 34 20.06 -11.25 -24.48
N MET M 35 19.95 -10.93 -23.20
CA MET M 35 19.87 -11.94 -22.19
C MET M 35 18.39 -12.19 -21.99
N ALA M 36 17.95 -13.37 -22.45
CA ALA M 36 16.55 -13.75 -22.38
C ALA M 36 16.20 -14.41 -21.07
N GLY M 37 17.21 -14.87 -20.35
CA GLY M 37 17.00 -15.49 -19.06
C GLY M 37 16.61 -14.52 -17.94
N SER M 38 16.89 -13.23 -18.13
CA SER M 38 16.58 -12.19 -17.16
C SER M 38 15.97 -10.95 -17.78
N GLY M 39 16.12 -10.77 -19.10
CA GLY M 39 15.55 -9.61 -19.78
C GLY M 39 16.42 -8.38 -19.98
N THR M 40 17.66 -8.40 -19.50
CA THR M 40 18.52 -7.25 -19.69
C THR M 40 19.47 -7.46 -20.89
N CYS M 41 20.65 -6.87 -20.83
CA CYS M 41 21.61 -6.95 -21.92
C CYS M 41 22.98 -7.31 -21.36
N GLY M 42 23.63 -8.30 -21.97
CA GLY M 42 24.95 -8.72 -21.54
C GLY M 42 26.01 -8.60 -22.63
N THR M 43 27.11 -7.93 -22.32
CA THR M 43 28.15 -7.69 -23.31
C THR M 43 28.82 -8.98 -23.74
N VAL M 44 29.19 -9.05 -25.01
CA VAL M 44 29.96 -10.16 -25.55
C VAL M 44 31.35 -9.71 -26.00
N VAL M 45 31.44 -8.54 -26.65
CA VAL M 45 32.71 -7.98 -27.06
C VAL M 45 32.67 -6.47 -26.84
N SER M 46 33.81 -5.93 -26.44
CA SER M 46 33.86 -4.52 -26.16
C SER M 46 35.18 -3.99 -26.61
N THR M 47 35.50 -2.81 -26.10
CA THR M 47 36.74 -2.12 -26.43
C THR M 47 37.95 -2.54 -25.59
N THR M 48 37.79 -3.57 -24.76
CA THR M 48 38.84 -4.17 -23.94
C THR M 48 38.54 -5.63 -24.06
N ASN M 49 39.53 -6.44 -24.41
CA ASN M 49 39.36 -7.89 -24.69
C ASN M 49 38.28 -8.88 -24.18
N PHE M 50 37.48 -8.53 -23.18
CA PHE M 50 36.48 -9.41 -22.62
C PHE M 50 35.59 -10.07 -23.62
N ILE M 51 35.69 -11.37 -23.70
CA ILE M 51 34.81 -12.08 -24.63
C ILE M 51 34.14 -13.21 -23.86
N LYS M 52 32.87 -13.47 -24.16
CA LYS M 52 32.08 -14.42 -23.38
C LYS M 52 32.65 -15.82 -23.51
N ALA M 53 32.54 -16.60 -22.42
CA ALA M 53 33.03 -17.97 -22.43
C ALA M 53 32.28 -18.85 -23.42
N GLU M 54 30.96 -18.68 -23.51
CA GLU M 54 30.18 -19.47 -24.47
C GLU M 54 30.52 -19.08 -25.90
N TYR M 55 30.94 -17.84 -26.11
CA TYR M 55 31.33 -17.31 -27.39
C TYR M 55 32.85 -17.22 -27.34
N LYS M 56 33.49 -18.26 -26.84
CA LYS M 56 34.93 -18.17 -26.74
C LYS M 56 35.60 -18.20 -28.09
N GLY M 57 36.44 -17.20 -28.35
CA GLY M 57 37.20 -17.10 -29.59
C GLY M 57 36.43 -17.41 -30.85
N ARG M 58 35.28 -16.80 -30.99
CA ARG M 58 34.49 -17.05 -32.14
C ARG M 58 34.05 -15.72 -32.68
N VAL M 59 34.40 -14.65 -31.97
CA VAL M 59 34.06 -13.33 -32.48
C VAL M 59 35.25 -12.39 -32.37
N THR M 60 35.24 -11.36 -33.20
CA THR M 60 36.28 -10.34 -33.19
C THR M 60 35.69 -9.01 -33.61
N LEU M 61 36.39 -7.93 -33.25
CA LEU M 61 35.95 -6.57 -33.53
C LEU M 61 36.97 -5.87 -34.43
N LYS M 62 36.47 -4.99 -35.29
CA LYS M 62 37.31 -4.23 -36.21
C LYS M 62 36.88 -2.76 -36.19
N GLN M 63 37.86 -1.87 -36.18
CA GLN M 63 37.64 -0.43 -36.10
C GLN M 63 38.08 0.21 -37.41
N TYR M 64 37.20 1.02 -38.01
CA TYR M 64 37.54 1.73 -39.25
C TYR M 64 37.20 3.21 -39.12
N PRO M 65 38.18 4.11 -39.30
CA PRO M 65 37.91 5.54 -39.24
C PRO M 65 37.44 6.15 -40.55
N ARG M 66 37.40 5.38 -41.66
CA ARG M 66 37.02 5.96 -42.94
C ARG M 66 35.62 6.54 -42.91
N LYS M 67 34.64 5.77 -42.44
CA LYS M 67 33.33 6.30 -42.06
C LYS M 67 32.83 5.70 -40.75
N ASN M 68 33.74 5.46 -39.81
CA ASN M 68 33.39 5.10 -38.44
C ASN M 68 32.62 3.78 -38.36
N LEU M 69 33.29 2.69 -38.73
CA LEU M 69 32.73 1.35 -38.63
C LEU M 69 33.24 0.66 -37.38
N PHE M 70 32.32 0.02 -36.64
CA PHE M 70 32.66 -1.02 -35.69
C PHE M 70 32.04 -2.31 -36.21
N LEU M 71 32.88 -3.27 -36.59
CA LEU M 71 32.39 -4.50 -37.19
C LEU M 71 32.66 -5.67 -36.27
N VAL M 72 31.63 -6.50 -36.10
CA VAL M 72 31.74 -7.77 -35.37
C VAL M 72 31.75 -8.89 -36.39
N GLU M 73 32.82 -9.67 -36.39
CA GLU M 73 32.98 -10.81 -37.30
C GLU M 73 32.92 -12.08 -36.46
N VAL M 74 32.01 -12.97 -36.81
CA VAL M 74 31.81 -14.23 -36.10
C VAL M 74 32.38 -15.34 -36.97
N THR M 75 33.41 -16.03 -36.46
CA THR M 75 34.08 -17.04 -37.26
C THR M 75 33.24 -18.30 -37.42
N GLN M 76 32.68 -18.75 -36.31
CA GLN M 76 31.88 -19.95 -36.29
C GLN M 76 30.45 -19.62 -35.94
N LEU M 77 29.59 -20.64 -35.94
CA LEU M 77 28.19 -20.51 -35.54
C LEU M 77 27.61 -21.87 -35.20
N THR M 78 27.30 -22.06 -33.93
CA THR M 78 26.79 -23.32 -33.40
C THR M 78 25.29 -23.40 -33.33
N GLU M 79 24.63 -22.76 -34.27
CA GLU M 79 23.17 -22.73 -34.37
C GLU M 79 22.48 -22.20 -33.15
N SER M 80 23.22 -22.02 -32.07
CA SER M 80 22.64 -21.41 -30.86
C SER M 80 21.98 -20.09 -31.25
N ASP M 81 20.70 -19.96 -30.91
CA ASP M 81 19.93 -18.80 -31.34
C ASP M 81 20.60 -17.51 -30.89
N SER M 82 21.08 -16.74 -31.85
CA SER M 82 21.74 -15.48 -31.55
C SER M 82 20.72 -14.46 -31.05
N GLY M 83 21.08 -13.78 -29.97
CA GLY M 83 20.18 -12.79 -29.39
C GLY M 83 20.20 -11.48 -30.15
N VAL M 84 19.59 -10.47 -29.53
CA VAL M 84 19.51 -9.15 -30.12
C VAL M 84 20.84 -8.44 -29.92
N TYR M 85 21.74 -8.56 -30.90
CA TYR M 85 23.09 -8.02 -30.81
C TYR M 85 23.05 -6.49 -30.92
N ALA M 86 22.62 -5.87 -29.83
CA ALA M 86 22.43 -4.42 -29.80
C ALA M 86 23.75 -3.75 -29.43
N CYS M 87 24.36 -3.05 -30.39
CA CYS M 87 25.55 -2.27 -30.09
C CYS M 87 25.21 -1.05 -29.26
N GLY M 88 26.21 -0.53 -28.57
CA GLY M 88 26.04 0.66 -27.75
C GLY M 88 27.38 1.26 -27.40
N ALA M 89 27.32 2.39 -26.69
CA ALA M 89 28.51 3.11 -26.28
C ALA M 89 28.37 3.55 -24.83
N GLY M 90 29.51 3.78 -24.19
CA GLY M 90 29.53 4.26 -22.82
C GLY M 90 29.66 3.13 -21.81
N MET M 91 29.83 3.54 -20.55
CA MET M 91 29.96 2.58 -19.46
C MET M 91 28.66 1.80 -19.26
N ASN M 92 27.53 2.49 -19.35
CA ASN M 92 26.24 1.85 -19.14
C ASN M 92 25.88 1.00 -20.35
N THR M 93 25.86 -0.32 -20.17
CA THR M 93 25.56 -1.22 -21.26
C THR M 93 24.06 -1.23 -21.58
N ASP M 94 23.22 -1.26 -20.54
CA ASP M 94 21.80 -1.57 -20.75
C ASP M 94 21.10 -0.50 -21.58
N ARG M 95 21.36 0.77 -21.30
CA ARG M 95 20.65 1.85 -21.98
C ARG M 95 21.53 2.64 -22.93
N GLY M 96 22.71 2.13 -23.27
CA GLY M 96 23.53 2.74 -24.28
C GLY M 96 23.26 2.26 -25.69
N LYS M 97 22.27 1.38 -25.81
CA LYS M 97 21.84 0.72 -27.05
C LYS M 97 21.49 1.65 -28.21
N THR M 98 21.86 1.21 -29.40
CA THR M 98 21.66 1.96 -30.64
C THR M 98 21.45 1.03 -31.85
N GLN M 99 22.54 0.45 -32.35
CA GLN M 99 22.49 -0.43 -33.51
C GLN M 99 21.86 -1.78 -33.22
N LYS M 100 20.54 -1.87 -33.31
CA LYS M 100 19.84 -3.10 -32.96
C LYS M 100 19.96 -4.10 -34.09
N VAL M 101 20.37 -5.32 -33.75
CA VAL M 101 20.52 -6.41 -34.72
C VAL M 101 19.94 -7.67 -34.10
N THR M 102 19.17 -8.42 -34.89
CA THR M 102 18.60 -9.68 -34.45
C THR M 102 18.92 -10.77 -35.48
N LEU M 103 19.10 -12.00 -35.00
CA LEU M 103 19.45 -13.12 -35.87
C LEU M 103 18.62 -14.35 -35.50
N ARG N 1 22.05 -23.28 -23.27
CA ARG N 1 20.84 -24.07 -23.10
C ARG N 1 20.78 -25.18 -24.14
N ILE N 2 21.74 -26.10 -24.08
CA ILE N 2 21.81 -27.18 -25.05
C ILE N 2 20.65 -28.14 -24.81
N LEU N 3 19.98 -28.54 -25.90
CA LEU N 3 18.74 -29.31 -25.83
C LEU N 3 18.83 -30.58 -26.67
N PRO N 4 19.58 -31.58 -26.22
CA PRO N 4 19.34 -32.94 -26.73
C PRO N 4 17.93 -33.41 -26.41
N GLU N 5 17.28 -34.06 -27.38
CA GLU N 5 16.03 -34.76 -27.13
C GLU N 5 16.23 -36.23 -27.48
N VAL N 6 16.43 -37.07 -26.44
CA VAL N 6 16.71 -38.48 -26.68
C VAL N 6 15.50 -39.18 -27.32
N LYS N 7 14.30 -38.90 -26.80
CA LYS N 7 13.05 -39.36 -27.40
C LYS N 7 13.04 -40.87 -27.65
N VAL N 8 13.45 -41.64 -26.64
CA VAL N 8 13.39 -43.10 -26.74
C VAL N 8 11.93 -43.50 -26.78
N GLU N 9 11.51 -44.12 -27.90
CA GLU N 9 10.12 -44.45 -28.13
C GLU N 9 9.78 -45.90 -27.78
N GLY N 10 10.63 -46.55 -26.98
CA GLY N 10 10.34 -47.92 -26.57
C GLY N 10 9.15 -48.05 -25.65
N GLU N 11 8.73 -46.95 -25.03
CA GLU N 11 7.55 -46.91 -24.14
C GLU N 11 7.80 -47.89 -23.00
N LEU N 12 6.91 -48.87 -22.77
CA LEU N 12 7.08 -49.77 -21.64
C LEU N 12 8.35 -50.60 -21.76
N GLY N 13 8.65 -51.08 -22.96
CA GLY N 13 9.84 -51.91 -23.15
C GLY N 13 11.12 -51.13 -23.33
N GLY N 14 11.02 -49.81 -23.49
CA GLY N 14 12.22 -49.03 -23.73
C GLY N 14 13.05 -48.86 -22.47
N SER N 15 14.34 -48.63 -22.65
CA SER N 15 15.28 -48.35 -21.56
C SER N 15 16.14 -47.15 -21.97
N VAL N 16 15.67 -45.95 -21.61
CA VAL N 16 16.28 -44.73 -22.12
C VAL N 16 17.61 -44.47 -21.43
N THR N 17 18.63 -44.16 -22.23
CA THR N 17 19.94 -43.79 -21.71
C THR N 17 20.29 -42.41 -22.24
N ILE N 18 20.55 -41.47 -21.33
CA ILE N 18 20.91 -40.10 -21.71
C ILE N 18 22.24 -39.74 -21.07
N LYS N 19 23.13 -39.18 -21.87
CA LYS N 19 24.46 -38.78 -21.42
C LYS N 19 24.50 -37.25 -21.35
N CYS N 20 24.56 -36.72 -20.14
CA CYS N 20 24.61 -35.28 -19.95
C CYS N 20 26.05 -34.84 -19.66
N PRO N 21 26.39 -33.60 -20.00
CA PRO N 21 27.79 -33.15 -19.88
C PRO N 21 28.25 -33.12 -18.43
N LEU N 22 29.54 -33.30 -18.20
CA LEU N 22 29.94 -33.31 -16.81
C LEU N 22 31.24 -32.66 -16.56
N PRO N 23 31.17 -31.55 -15.81
CA PRO N 23 32.21 -30.64 -15.35
C PRO N 23 33.43 -31.35 -14.83
N GLU N 24 33.22 -32.39 -14.03
CA GLU N 24 34.26 -33.24 -13.46
C GLU N 24 35.08 -32.50 -12.40
N MET N 25 34.38 -31.58 -11.74
CA MET N 25 34.96 -30.77 -10.71
C MET N 25 34.46 -31.30 -9.37
N HIS N 26 34.20 -32.61 -9.31
CA HIS N 26 33.73 -33.32 -8.16
C HIS N 26 32.49 -32.71 -7.58
N VAL N 27 31.83 -31.85 -8.33
CA VAL N 27 30.60 -31.33 -7.77
C VAL N 27 29.47 -32.33 -8.03
N ARG N 28 28.48 -32.34 -7.15
CA ARG N 28 27.34 -33.23 -7.33
C ARG N 28 26.57 -32.88 -8.59
N ILE N 29 25.92 -33.88 -9.17
CA ILE N 29 25.08 -33.70 -10.34
C ILE N 29 23.64 -33.96 -9.94
N TYR N 30 22.72 -33.80 -10.89
CA TYR N 30 21.33 -34.19 -10.71
C TYR N 30 20.66 -34.20 -12.07
N LEU N 31 19.62 -35.02 -12.19
CA LEU N 31 18.76 -35.04 -13.37
C LEU N 31 17.43 -34.43 -12.96
N CYS N 32 17.21 -33.19 -13.38
CA CYS N 32 15.97 -32.49 -13.05
C CYS N 32 14.78 -33.14 -13.74
N ARG N 33 13.60 -32.90 -13.15
CA ARG N 33 12.33 -33.24 -13.78
C ARG N 33 11.38 -32.09 -13.52
N GLU N 34 11.14 -31.29 -14.56
CA GLU N 34 10.30 -30.10 -14.40
C GLU N 34 8.92 -30.50 -13.90
N MET N 35 8.69 -30.19 -12.63
CA MET N 35 7.46 -30.55 -11.95
C MET N 35 6.30 -29.73 -12.45
N ALA N 36 5.18 -30.39 -12.68
CA ALA N 36 3.94 -29.79 -13.21
C ALA N 36 3.65 -28.31 -12.99
N GLY N 37 4.21 -27.47 -13.84
CA GLY N 37 3.97 -26.04 -13.76
C GLY N 37 4.47 -25.34 -12.52
N SER N 38 5.53 -25.88 -11.92
CA SER N 38 6.13 -25.31 -10.74
C SER N 38 7.27 -24.47 -11.25
N GLY N 39 8.03 -25.08 -12.14
CA GLY N 39 9.20 -24.47 -12.74
C GLY N 39 10.48 -24.92 -12.07
N THR N 40 10.32 -25.48 -10.90
CA THR N 40 11.38 -25.96 -10.10
C THR N 40 11.59 -27.37 -10.45
N CYS N 41 12.62 -27.63 -11.20
CA CYS N 41 12.84 -29.03 -11.55
C CYS N 41 13.14 -29.85 -10.30
N GLY N 42 12.39 -30.94 -10.12
CA GLY N 42 12.72 -31.90 -9.10
C GLY N 42 13.75 -32.90 -9.59
N THR N 43 14.66 -33.28 -8.71
CA THR N 43 15.77 -34.16 -9.07
C THR N 43 15.28 -35.60 -9.11
N VAL N 44 15.58 -36.30 -10.20
CA VAL N 44 15.28 -37.73 -10.30
C VAL N 44 16.37 -38.54 -9.60
N VAL N 45 17.62 -38.31 -9.98
CA VAL N 45 18.77 -38.97 -9.37
C VAL N 45 19.88 -37.92 -9.29
N SER N 46 20.85 -38.18 -8.42
CA SER N 46 21.93 -37.25 -8.18
C SER N 46 23.14 -38.01 -7.67
N THR N 47 24.26 -37.30 -7.55
CA THR N 47 25.42 -37.88 -6.87
C THR N 47 25.07 -38.24 -5.44
N THR N 48 24.24 -37.43 -4.79
CA THR N 48 23.67 -37.79 -3.50
C THR N 48 22.78 -39.03 -3.67
N ASN N 49 22.73 -39.84 -2.62
CA ASN N 49 22.03 -41.13 -2.67
C ASN N 49 20.53 -41.00 -2.90
N PHE N 50 20.01 -39.80 -3.12
CA PHE N 50 18.59 -39.63 -3.36
C PHE N 50 18.20 -40.11 -4.76
N ILE N 51 17.16 -40.94 -4.82
CA ILE N 51 16.47 -41.27 -6.06
C ILE N 51 14.98 -40.99 -5.85
N LYS N 52 14.25 -40.48 -6.82
CA LYS N 52 12.83 -40.22 -6.58
C LYS N 52 11.98 -41.48 -6.34
N ALA N 53 10.80 -41.36 -5.76
CA ALA N 53 9.98 -42.57 -5.58
C ALA N 53 9.62 -43.21 -6.93
N GLU N 54 8.94 -42.44 -7.76
CA GLU N 54 8.53 -42.87 -9.09
C GLU N 54 9.68 -43.42 -9.89
N TYR N 55 10.81 -42.76 -9.90
CA TYR N 55 11.91 -43.28 -10.67
C TYR N 55 12.82 -44.16 -9.89
N LYS N 56 12.39 -44.70 -8.77
CA LYS N 56 13.28 -45.56 -8.02
C LYS N 56 13.40 -46.89 -8.67
N GLY N 57 14.49 -47.54 -8.36
CA GLY N 57 14.69 -48.89 -8.83
C GLY N 57 15.08 -49.01 -10.28
N ARG N 58 14.54 -48.14 -11.14
CA ARG N 58 14.80 -48.22 -12.57
C ARG N 58 15.87 -47.21 -13.02
N VAL N 59 16.04 -46.12 -12.26
CA VAL N 59 17.01 -45.10 -12.65
C VAL N 59 18.38 -45.45 -12.08
N THR N 60 19.39 -45.44 -12.95
CA THR N 60 20.76 -45.71 -12.55
C THR N 60 21.68 -44.68 -13.18
N LEU N 61 22.85 -44.49 -12.56
CA LEU N 61 23.81 -43.48 -12.96
C LEU N 61 25.19 -44.12 -13.15
N LYS N 62 25.87 -43.75 -14.23
CA LYS N 62 27.20 -44.26 -14.54
C LYS N 62 28.07 -43.10 -14.98
N GLN N 63 29.38 -43.23 -14.75
CA GLN N 63 30.32 -42.12 -14.88
C GLN N 63 31.22 -42.30 -16.09
N TYR N 64 31.60 -41.20 -16.72
CA TYR N 64 32.61 -41.19 -17.78
C TYR N 64 33.51 -39.97 -17.57
N PRO N 65 34.44 -40.05 -16.61
CA PRO N 65 35.35 -38.91 -16.39
C PRO N 65 36.22 -38.59 -17.59
N ARG N 66 36.77 -39.61 -18.25
CA ARG N 66 37.62 -39.37 -19.41
C ARG N 66 36.82 -38.85 -20.60
N LYS N 67 35.56 -39.28 -20.72
CA LYS N 67 34.68 -38.80 -21.77
C LYS N 67 33.88 -37.57 -21.36
N ASN N 68 34.00 -37.12 -20.10
CA ASN N 68 33.28 -35.96 -19.59
C ASN N 68 31.78 -36.11 -19.78
N LEU N 69 31.22 -37.24 -19.35
CA LEU N 69 29.80 -37.49 -19.48
C LEU N 69 29.27 -38.24 -18.27
N PHE N 70 27.99 -38.07 -18.00
CA PHE N 70 27.30 -38.89 -17.01
C PHE N 70 26.08 -39.51 -17.66
N LEU N 71 25.99 -40.83 -17.61
CA LEU N 71 24.94 -41.57 -18.28
C LEU N 71 23.88 -41.99 -17.27
N VAL N 72 22.66 -41.47 -17.44
CA VAL N 72 21.52 -41.84 -16.60
C VAL N 72 20.62 -42.74 -17.43
N GLU N 73 20.28 -43.90 -16.88
CA GLU N 73 19.47 -44.90 -17.57
C GLU N 73 18.21 -45.17 -16.79
N VAL N 74 17.06 -44.99 -17.45
CA VAL N 74 15.78 -45.45 -16.92
C VAL N 74 15.50 -46.76 -17.64
N THR N 75 15.74 -47.85 -16.92
CA THR N 75 15.60 -49.18 -17.48
C THR N 75 14.17 -49.56 -17.83
N GLN N 76 13.30 -49.59 -16.84
CA GLN N 76 11.92 -49.93 -17.08
C GLN N 76 11.36 -48.93 -18.05
N LEU N 77 11.56 -47.66 -17.79
CA LEU N 77 11.11 -46.55 -18.63
C LEU N 77 9.61 -46.45 -18.94
N THR N 78 8.80 -47.10 -18.14
CA THR N 78 7.36 -47.09 -18.33
C THR N 78 6.87 -45.68 -18.38
N GLU N 79 6.09 -45.41 -19.41
CA GLU N 79 5.51 -44.09 -19.68
C GLU N 79 5.13 -43.22 -18.50
N SER N 80 5.63 -41.99 -18.58
CA SER N 80 5.39 -40.94 -17.63
C SER N 80 5.75 -39.77 -18.51
N ASP N 81 4.75 -39.02 -18.96
CA ASP N 81 4.89 -37.85 -19.85
C ASP N 81 6.13 -37.00 -19.60
N SER N 82 7.23 -37.44 -20.18
CA SER N 82 8.49 -36.79 -19.93
C SER N 82 8.67 -35.36 -20.42
N GLY N 83 8.85 -34.47 -19.44
CA GLY N 83 9.11 -33.04 -19.62
C GLY N 83 10.61 -32.79 -19.71
N VAL N 84 11.05 -31.54 -19.66
CA VAL N 84 12.49 -31.31 -19.83
C VAL N 84 13.22 -31.98 -18.67
N TYR N 85 13.97 -33.04 -18.99
CA TYR N 85 14.73 -33.78 -17.99
C TYR N 85 16.16 -33.22 -17.90
N ALA N 86 16.23 -32.00 -17.39
CA ALA N 86 17.50 -31.29 -17.35
C ALA N 86 18.51 -32.01 -16.45
N CYS N 87 19.76 -32.04 -16.90
CA CYS N 87 20.86 -32.54 -16.10
C CYS N 87 21.81 -31.39 -15.80
N GLY N 88 22.12 -31.20 -14.51
CA GLY N 88 22.96 -30.09 -14.12
C GLY N 88 23.67 -30.37 -12.82
N ALA N 89 24.72 -29.60 -12.57
CA ALA N 89 25.56 -29.78 -11.40
C ALA N 89 25.43 -28.59 -10.46
N GLY N 90 25.87 -28.79 -9.23
CA GLY N 90 25.85 -27.75 -8.22
C GLY N 90 24.92 -28.09 -7.07
N MET N 91 25.19 -27.46 -5.92
CA MET N 91 24.32 -27.63 -4.77
C MET N 91 22.92 -27.10 -5.06
N ASN N 92 22.84 -25.94 -5.70
CA ASN N 92 21.55 -25.44 -6.17
C ASN N 92 21.11 -26.25 -7.37
N THR N 93 19.82 -26.59 -7.41
CA THR N 93 19.30 -27.49 -8.43
C THR N 93 18.74 -26.76 -9.64
N ASP N 94 17.74 -25.89 -9.45
CA ASP N 94 17.11 -25.23 -10.59
C ASP N 94 18.08 -24.31 -11.31
N ARG N 95 18.91 -23.58 -10.56
CA ARG N 95 19.82 -22.63 -11.19
C ARG N 95 20.96 -23.33 -11.91
N GLY N 96 21.43 -24.46 -11.39
CA GLY N 96 22.63 -25.10 -11.91
C GLY N 96 22.42 -25.97 -13.12
N LYS N 97 21.19 -26.09 -13.61
CA LYS N 97 20.93 -26.93 -14.78
C LYS N 97 21.65 -26.39 -16.01
N THR N 98 22.19 -27.34 -16.77
CA THR N 98 22.89 -27.07 -18.03
C THR N 98 22.16 -27.62 -19.25
N GLN N 99 22.09 -28.94 -19.41
CA GLN N 99 21.48 -29.54 -20.58
C GLN N 99 20.06 -30.02 -20.40
N LYS N 100 19.14 -29.53 -21.24
CA LYS N 100 17.74 -29.96 -21.18
C LYS N 100 17.67 -31.28 -21.87
N VAL N 101 16.70 -32.10 -21.53
CA VAL N 101 16.59 -33.37 -22.20
C VAL N 101 15.12 -33.61 -22.25
N THR N 102 14.61 -33.93 -23.43
CA THR N 102 13.20 -34.19 -23.66
C THR N 102 13.00 -35.66 -24.01
N LEU N 103 12.03 -36.29 -23.36
CA LEU N 103 11.74 -37.71 -23.56
C LEU N 103 10.27 -37.90 -23.87
N ILE O 2 -0.82 -36.51 -13.47
CA ILE O 2 -1.29 -37.63 -14.26
C ILE O 2 -2.77 -37.44 -14.57
N LEU O 3 -3.15 -37.69 -15.83
CA LEU O 3 -4.53 -37.51 -16.29
C LEU O 3 -4.97 -38.75 -17.05
N PRO O 4 -5.02 -39.87 -16.36
CA PRO O 4 -5.43 -41.06 -17.06
C PRO O 4 -6.92 -41.16 -17.03
N GLU O 5 -7.63 -40.28 -17.73
CA GLU O 5 -9.09 -40.38 -17.74
C GLU O 5 -9.41 -41.73 -18.35
N VAL O 6 -9.76 -42.65 -17.47
CA VAL O 6 -10.01 -44.01 -17.87
C VAL O 6 -11.37 -44.24 -18.49
N LYS O 7 -12.38 -43.48 -18.09
CA LYS O 7 -13.67 -43.77 -18.67
C LYS O 7 -14.59 -42.67 -19.14
N VAL O 8 -14.71 -42.59 -20.45
CA VAL O 8 -15.62 -41.70 -21.12
C VAL O 8 -16.82 -42.53 -21.62
N GLU O 9 -17.00 -43.72 -21.03
CA GLU O 9 -18.07 -44.71 -21.31
C GLU O 9 -19.48 -44.09 -21.39
N GLY O 10 -20.40 -44.69 -22.16
CA GLY O 10 -21.57 -43.88 -22.33
C GLY O 10 -22.85 -44.65 -22.58
N GLU O 11 -23.82 -44.50 -21.69
CA GLU O 11 -25.12 -45.15 -21.82
C GLU O 11 -26.10 -44.47 -20.89
N LEU O 12 -27.36 -44.41 -21.32
CA LEU O 12 -28.40 -43.80 -20.51
C LEU O 12 -28.66 -44.58 -19.22
N GLY O 13 -28.42 -45.89 -19.22
CA GLY O 13 -28.60 -46.69 -18.02
C GLY O 13 -27.38 -47.52 -17.68
N GLY O 14 -26.26 -47.24 -18.37
CA GLY O 14 -25.05 -47.99 -18.11
C GLY O 14 -24.42 -47.61 -16.79
N SER O 15 -23.48 -48.44 -16.33
CA SER O 15 -22.76 -48.23 -15.09
C SER O 15 -21.27 -48.17 -15.41
N VAL O 16 -20.60 -47.11 -14.96
CA VAL O 16 -19.17 -46.94 -15.17
C VAL O 16 -18.45 -47.14 -13.85
N THR O 17 -17.39 -47.95 -13.89
CA THR O 17 -16.56 -48.22 -12.73
C THR O 17 -15.17 -47.66 -12.99
N ILE O 18 -14.70 -46.81 -12.08
CA ILE O 18 -13.40 -46.17 -12.21
C ILE O 18 -12.51 -46.61 -11.05
N LYS O 19 -11.31 -47.09 -11.37
CA LYS O 19 -10.34 -47.45 -10.35
C LYS O 19 -9.52 -46.23 -9.94
N CYS O 20 -9.24 -46.15 -8.64
CA CYS O 20 -8.74 -44.96 -7.98
C CYS O 20 -7.57 -45.32 -7.08
N PRO O 21 -6.51 -44.50 -7.07
CA PRO O 21 -5.31 -44.85 -6.30
C PRO O 21 -5.56 -44.77 -4.80
N LEU O 22 -5.44 -45.88 -4.10
CA LEU O 22 -5.70 -45.86 -2.67
C LEU O 22 -4.41 -45.98 -1.87
N PRO O 23 -3.89 -44.86 -1.35
CA PRO O 23 -2.63 -44.79 -0.60
C PRO O 23 -2.53 -45.64 0.66
N GLU O 24 -3.67 -45.97 1.26
CA GLU O 24 -3.82 -46.83 2.45
C GLU O 24 -3.37 -46.30 3.80
N MET O 25 -2.77 -45.11 3.88
CA MET O 25 -2.39 -44.65 5.20
C MET O 25 -3.65 -44.26 5.98
N HIS O 26 -4.79 -44.88 5.59
CA HIS O 26 -6.16 -44.66 6.14
C HIS O 26 -6.63 -43.24 6.00
N VAL O 27 -6.22 -42.56 4.96
CA VAL O 27 -6.63 -41.20 4.83
C VAL O 27 -7.96 -41.14 4.12
N ARG O 28 -8.72 -40.08 4.33
CA ARG O 28 -9.94 -39.94 3.55
C ARG O 28 -9.62 -39.95 2.06
N ILE O 29 -10.30 -40.83 1.32
CA ILE O 29 -10.16 -40.93 -0.12
C ILE O 29 -11.51 -40.60 -0.75
N TYR O 30 -11.49 -39.83 -1.83
CA TYR O 30 -12.71 -39.27 -2.39
C TYR O 30 -12.69 -39.27 -3.90
N LEU O 31 -13.89 -39.27 -4.47
CA LEU O 31 -14.13 -38.92 -5.86
C LEU O 31 -14.68 -37.50 -5.91
N CYS O 32 -14.07 -36.68 -6.75
CA CYS O 32 -14.34 -35.25 -6.80
C CYS O 32 -14.71 -34.86 -8.23
N ARG O 33 -15.41 -33.72 -8.35
CA ARG O 33 -15.87 -33.21 -9.63
C ARG O 33 -15.54 -31.74 -9.74
N GLU O 34 -14.89 -31.35 -10.84
CA GLU O 34 -14.55 -29.96 -11.04
C GLU O 34 -15.72 -29.20 -11.67
N MET O 35 -15.97 -28.00 -11.16
CA MET O 35 -17.03 -27.13 -11.66
C MET O 35 -16.41 -25.94 -12.36
N ALA O 36 -16.89 -25.65 -13.58
CA ALA O 36 -16.29 -24.59 -14.38
C ALA O 36 -16.52 -23.22 -13.75
N GLY O 37 -17.72 -22.97 -13.23
CA GLY O 37 -18.05 -21.65 -12.72
C GLY O 37 -17.21 -21.27 -11.52
N SER O 38 -17.08 -22.18 -10.55
CA SER O 38 -16.27 -21.89 -9.38
C SER O 38 -14.79 -22.01 -9.68
N GLY O 39 -14.43 -22.93 -10.57
CA GLY O 39 -13.04 -23.24 -10.83
C GLY O 39 -12.42 -24.17 -9.81
N THR O 40 -13.18 -24.62 -8.82
CA THR O 40 -12.70 -25.48 -7.76
C THR O 40 -13.42 -26.81 -7.81
N CYS O 41 -12.68 -27.88 -7.57
CA CYS O 41 -13.25 -29.22 -7.59
C CYS O 41 -14.22 -29.42 -6.43
N GLY O 42 -15.30 -30.13 -6.70
CA GLY O 42 -16.32 -30.37 -5.70
C GLY O 42 -16.51 -31.86 -5.44
N THR O 43 -16.53 -32.22 -4.16
CA THR O 43 -16.64 -33.62 -3.78
C THR O 43 -17.99 -34.19 -4.19
N VAL O 44 -17.96 -35.40 -4.75
CA VAL O 44 -19.18 -36.15 -5.02
C VAL O 44 -19.28 -37.39 -4.12
N VAL O 45 -18.15 -38.04 -3.83
CA VAL O 45 -18.14 -39.21 -2.96
C VAL O 45 -16.89 -39.12 -2.09
N SER O 46 -17.00 -39.63 -0.86
CA SER O 46 -15.85 -39.63 0.04
C SER O 46 -15.96 -40.81 1.00
N THR O 47 -14.84 -41.09 1.68
CA THR O 47 -14.86 -42.07 2.76
C THR O 47 -15.83 -41.64 3.84
N THR O 48 -15.79 -40.36 4.22
CA THR O 48 -16.90 -39.78 4.97
C THR O 48 -18.15 -39.83 4.12
N ASN O 49 -19.25 -40.26 4.71
CA ASN O 49 -20.44 -40.60 3.94
C ASN O 49 -21.14 -39.35 3.41
N PHE O 50 -20.54 -38.73 2.41
CA PHE O 50 -21.17 -37.64 1.67
C PHE O 50 -21.52 -38.11 0.27
N ILE O 51 -22.79 -37.95 -0.09
CA ILE O 51 -23.27 -38.25 -1.44
C ILE O 51 -23.86 -36.97 -2.01
N LYS O 52 -23.35 -36.55 -3.17
CA LYS O 52 -23.75 -35.27 -3.73
C LYS O 52 -25.23 -35.27 -4.09
N ALA O 53 -25.81 -34.06 -4.15
CA ALA O 53 -27.25 -33.93 -4.34
C ALA O 53 -27.70 -34.55 -5.65
N GLU O 54 -26.92 -34.38 -6.71
CA GLU O 54 -27.30 -34.94 -8.01
C GLU O 54 -27.14 -36.45 -8.05
N TYR O 55 -26.22 -37.01 -7.26
CA TYR O 55 -25.87 -38.41 -7.34
C TYR O 55 -26.37 -39.22 -6.15
N LYS O 56 -27.51 -38.83 -5.58
CA LYS O 56 -28.06 -39.53 -4.41
C LYS O 56 -28.39 -40.98 -4.77
N GLY O 57 -27.63 -41.91 -4.20
CA GLY O 57 -27.90 -43.32 -4.33
C GLY O 57 -27.43 -43.97 -5.61
N ARG O 58 -26.98 -43.19 -6.59
CA ARG O 58 -26.55 -43.73 -7.87
C ARG O 58 -25.05 -44.00 -7.96
N VAL O 59 -24.28 -43.65 -6.93
CA VAL O 59 -22.84 -43.84 -6.93
C VAL O 59 -22.45 -44.61 -5.67
N THR O 60 -21.50 -45.54 -5.85
CA THR O 60 -21.05 -46.41 -4.78
C THR O 60 -19.52 -46.42 -4.75
N LEU O 61 -18.96 -46.65 -3.57
CA LEU O 61 -17.52 -46.72 -3.37
C LEU O 61 -17.13 -48.11 -2.87
N LYS O 62 -15.96 -48.58 -3.29
CA LYS O 62 -15.47 -49.88 -2.85
C LYS O 62 -13.96 -49.84 -2.63
N GLN O 63 -13.52 -50.61 -1.63
CA GLN O 63 -12.15 -50.64 -1.13
C GLN O 63 -11.53 -52.01 -1.35
N TYR O 64 -10.34 -52.04 -1.95
CA TYR O 64 -9.49 -53.23 -1.97
C TYR O 64 -8.09 -52.89 -1.49
N PRO O 65 -7.76 -53.17 -0.23
CA PRO O 65 -6.38 -52.89 0.24
C PRO O 65 -5.33 -53.75 -0.42
N ARG O 66 -5.61 -55.04 -0.65
CA ARG O 66 -4.62 -55.90 -1.30
C ARG O 66 -4.31 -55.41 -2.71
N LYS O 67 -5.33 -55.00 -3.45
CA LYS O 67 -5.11 -54.46 -4.79
C LYS O 67 -4.83 -52.97 -4.78
N ASN O 68 -5.01 -52.28 -3.66
CA ASN O 68 -4.86 -50.83 -3.57
C ASN O 68 -5.77 -50.10 -4.55
N LEU O 69 -7.05 -50.47 -4.58
CA LEU O 69 -8.00 -49.86 -5.50
C LEU O 69 -9.21 -49.29 -4.75
N PHE O 70 -9.55 -48.05 -5.08
CA PHE O 70 -10.81 -47.42 -4.70
C PHE O 70 -11.68 -47.34 -5.96
N LEU O 71 -12.66 -48.22 -6.07
CA LEU O 71 -13.55 -48.18 -7.23
C LEU O 71 -14.76 -47.30 -6.93
N VAL O 72 -15.04 -46.38 -7.86
CA VAL O 72 -16.27 -45.59 -7.84
C VAL O 72 -17.18 -46.08 -8.97
N GLU O 73 -18.40 -46.44 -8.62
CA GLU O 73 -19.37 -47.00 -9.56
C GLU O 73 -20.53 -46.02 -9.69
N VAL O 74 -20.69 -45.46 -10.90
CA VAL O 74 -21.88 -44.67 -11.23
C VAL O 74 -22.81 -45.65 -11.96
N THR O 75 -23.88 -46.05 -11.27
CA THR O 75 -24.70 -47.15 -11.76
C THR O 75 -25.72 -46.67 -12.80
N GLN O 76 -26.31 -45.49 -12.59
CA GLN O 76 -27.16 -44.85 -13.60
C GLN O 76 -26.48 -43.58 -14.07
N LEU O 77 -25.94 -43.59 -15.29
CA LEU O 77 -25.45 -42.38 -15.94
C LEU O 77 -26.62 -41.67 -16.60
N THR O 78 -27.18 -40.64 -15.98
CA THR O 78 -28.23 -39.93 -16.70
C THR O 78 -27.51 -39.02 -17.65
N GLU O 79 -26.48 -39.58 -18.28
CA GLU O 79 -25.62 -38.91 -19.24
C GLU O 79 -25.33 -37.47 -18.98
N SER O 80 -25.42 -37.07 -17.72
CA SER O 80 -25.03 -35.73 -17.35
C SER O 80 -23.55 -35.60 -17.56
N ASP O 81 -23.17 -34.42 -18.04
CA ASP O 81 -21.80 -34.02 -18.37
C ASP O 81 -20.62 -34.79 -17.83
N SER O 82 -19.89 -35.45 -18.72
CA SER O 82 -18.70 -36.18 -18.33
C SER O 82 -17.83 -35.07 -17.81
N GLY O 83 -17.58 -35.09 -16.51
CA GLY O 83 -16.77 -34.07 -15.87
C GLY O 83 -15.36 -34.54 -15.75
N VAL O 84 -14.47 -33.64 -15.39
CA VAL O 84 -13.13 -34.06 -15.23
C VAL O 84 -13.06 -34.41 -13.76
N TYR O 85 -13.23 -35.67 -13.47
CA TYR O 85 -13.31 -36.11 -12.09
C TYR O 85 -11.90 -36.25 -11.55
N ALA O 86 -11.75 -36.25 -10.22
CA ALA O 86 -10.44 -36.27 -9.60
C ALA O 86 -10.44 -37.20 -8.38
N CYS O 87 -9.58 -38.20 -8.41
CA CYS O 87 -9.16 -38.85 -7.19
C CYS O 87 -8.14 -38.03 -6.42
N GLY O 88 -8.32 -37.99 -5.10
CA GLY O 88 -7.37 -37.39 -4.19
C GLY O 88 -7.52 -37.99 -2.82
N ALA O 89 -6.62 -37.58 -1.93
CA ALA O 89 -6.64 -38.00 -0.54
C ALA O 89 -6.51 -36.79 0.36
N GLY O 90 -6.73 -37.01 1.65
CA GLY O 90 -6.60 -35.96 2.64
C GLY O 90 -7.88 -35.19 2.87
N MET O 91 -7.80 -34.25 3.81
CA MET O 91 -8.95 -33.45 4.23
C MET O 91 -9.09 -32.17 3.43
N ASN O 92 -8.20 -31.93 2.47
CA ASN O 92 -8.31 -30.80 1.56
C ASN O 92 -8.62 -31.36 0.17
N THR O 93 -9.90 -31.25 -0.20
CA THR O 93 -10.35 -31.80 -1.48
C THR O 93 -9.69 -31.11 -2.66
N ASP O 94 -9.54 -29.79 -2.59
CA ASP O 94 -9.09 -29.03 -3.75
C ASP O 94 -7.64 -29.37 -4.11
N ARG O 95 -6.74 -29.33 -3.13
CA ARG O 95 -5.32 -29.45 -3.39
C ARG O 95 -4.82 -30.88 -3.18
N GLY O 96 -5.68 -31.76 -2.67
CA GLY O 96 -5.29 -33.13 -2.39
C GLY O 96 -5.49 -34.10 -3.54
N LYS O 97 -5.86 -33.63 -4.73
CA LYS O 97 -6.14 -34.52 -5.85
C LYS O 97 -4.89 -35.29 -6.27
N THR O 98 -5.09 -36.57 -6.62
CA THR O 98 -4.01 -37.43 -7.05
C THR O 98 -4.06 -37.72 -8.55
N GLN O 99 -5.23 -38.02 -9.09
CA GLN O 99 -5.37 -38.34 -10.51
C GLN O 99 -6.65 -37.73 -11.06
N LYS O 100 -6.69 -37.51 -12.37
CA LYS O 100 -7.88 -36.98 -13.04
C LYS O 100 -8.53 -38.12 -13.82
N VAL O 101 -9.84 -38.11 -14.01
CA VAL O 101 -10.47 -39.22 -14.74
C VAL O 101 -11.62 -38.83 -15.67
N THR O 102 -11.38 -38.03 -16.69
CA THR O 102 -12.49 -37.70 -17.58
C THR O 102 -12.90 -38.96 -18.30
N ILE P 2 -26.82 -25.75 -16.71
CA ILE P 2 -27.40 -26.54 -17.79
C ILE P 2 -28.05 -25.62 -18.82
N LEU P 3 -27.87 -25.95 -20.10
CA LEU P 3 -28.37 -25.13 -21.20
C LEU P 3 -29.12 -25.98 -22.22
N PRO P 4 -30.30 -26.50 -21.84
CA PRO P 4 -31.13 -27.20 -22.84
C PRO P 4 -31.78 -26.23 -23.82
N GLU P 5 -30.95 -25.61 -24.65
CA GLU P 5 -31.42 -24.59 -25.58
C GLU P 5 -32.34 -25.19 -26.62
N VAL P 6 -33.46 -24.51 -26.88
CA VAL P 6 -34.46 -24.94 -27.84
C VAL P 6 -34.80 -23.76 -28.74
N LYS P 7 -34.37 -23.83 -30.00
CA LYS P 7 -34.80 -22.86 -31.00
C LYS P 7 -36.20 -23.21 -31.47
N VAL P 8 -37.07 -22.21 -31.56
CA VAL P 8 -38.49 -22.42 -31.80
C VAL P 8 -38.91 -21.71 -33.08
N GLU P 9 -40.05 -22.15 -33.61
CA GLU P 9 -40.60 -21.59 -34.84
C GLU P 9 -41.09 -20.16 -34.59
N GLY P 10 -41.08 -19.36 -35.66
CA GLY P 10 -41.55 -17.99 -35.56
C GLY P 10 -42.77 -17.71 -36.42
N GLU P 11 -43.89 -17.41 -35.76
CA GLU P 11 -45.14 -17.07 -36.44
C GLU P 11 -45.73 -15.84 -35.78
N LEU P 12 -46.56 -15.12 -36.54
CA LEU P 12 -47.21 -13.94 -36.00
C LEU P 12 -48.14 -14.30 -34.85
N GLY P 13 -48.91 -15.37 -35.00
CA GLY P 13 -49.76 -15.90 -33.95
C GLY P 13 -49.22 -17.13 -33.26
N GLY P 14 -48.04 -17.60 -33.62
CA GLY P 14 -47.50 -18.80 -33.01
C GLY P 14 -47.14 -18.56 -31.56
N SER P 15 -47.53 -19.50 -30.69
CA SER P 15 -47.26 -19.41 -29.27
C SER P 15 -46.02 -20.24 -28.96
N VAL P 16 -44.86 -19.58 -28.94
CA VAL P 16 -43.61 -20.25 -28.62
C VAL P 16 -43.58 -20.57 -27.14
N THR P 17 -43.16 -21.79 -26.81
CA THR P 17 -43.20 -22.30 -25.45
C THR P 17 -41.79 -22.51 -24.92
N ILE P 18 -41.56 -22.04 -23.69
CA ILE P 18 -40.27 -22.18 -23.01
C ILE P 18 -40.49 -23.02 -21.76
N LYS P 19 -39.67 -24.07 -21.62
CA LYS P 19 -39.72 -24.99 -20.51
C LYS P 19 -38.78 -24.49 -19.41
N CYS P 20 -39.25 -24.47 -18.17
CA CYS P 20 -38.41 -23.99 -17.10
C CYS P 20 -38.47 -24.95 -15.91
N PRO P 21 -37.36 -25.16 -15.21
CA PRO P 21 -37.41 -25.99 -14.00
C PRO P 21 -38.20 -25.29 -12.90
N LEU P 22 -38.94 -26.08 -12.13
CA LEU P 22 -39.69 -25.55 -11.00
C LEU P 22 -39.08 -26.10 -9.73
N PRO P 23 -38.23 -25.35 -9.02
CA PRO P 23 -37.53 -25.92 -7.87
C PRO P 23 -38.44 -26.25 -6.70
N GLU P 24 -39.72 -25.89 -6.78
CA GLU P 24 -40.73 -26.06 -5.72
C GLU P 24 -40.45 -25.09 -4.58
N MET P 25 -39.37 -24.32 -4.66
CA MET P 25 -38.98 -23.47 -3.54
C MET P 25 -39.89 -22.26 -3.42
N HIS P 26 -40.71 -21.99 -4.44
CA HIS P 26 -41.73 -20.95 -4.49
C HIS P 26 -41.17 -19.53 -4.49
N VAL P 27 -39.86 -19.37 -4.72
CA VAL P 27 -39.29 -18.04 -4.93
C VAL P 27 -39.72 -17.51 -6.28
N ARG P 28 -39.46 -16.21 -6.50
CA ARG P 28 -39.80 -15.57 -7.76
C ARG P 28 -39.12 -16.29 -8.93
N ILE P 29 -39.93 -16.93 -9.77
CA ILE P 29 -39.46 -17.66 -10.94
C ILE P 29 -39.69 -16.78 -12.17
N TYR P 30 -38.66 -16.63 -12.99
CA TYR P 30 -38.65 -15.62 -14.04
C TYR P 30 -38.01 -16.15 -15.30
N LEU P 31 -38.21 -15.41 -16.39
CA LEU P 31 -37.49 -15.62 -17.63
C LEU P 31 -36.74 -14.33 -17.96
N CYS P 32 -35.44 -14.47 -18.25
CA CYS P 32 -34.51 -13.36 -18.35
C CYS P 32 -34.07 -13.21 -19.80
N ARG P 33 -34.23 -12.02 -20.34
CA ARG P 33 -33.64 -11.64 -21.63
C ARG P 33 -32.29 -11.01 -21.34
N GLU P 34 -31.22 -11.80 -21.48
CA GLU P 34 -29.88 -11.29 -21.21
C GLU P 34 -29.52 -10.17 -22.18
N MET P 35 -29.10 -9.04 -21.64
CA MET P 35 -28.71 -7.89 -22.43
C MET P 35 -27.18 -7.96 -22.58
N ALA P 36 -26.72 -8.50 -23.70
CA ALA P 36 -25.30 -8.82 -23.85
C ALA P 36 -24.43 -7.57 -23.81
N GLY P 37 -24.88 -6.49 -24.44
CA GLY P 37 -24.07 -5.28 -24.49
C GLY P 37 -23.81 -4.69 -23.10
N SER P 38 -24.85 -4.59 -22.29
CA SER P 38 -24.67 -4.11 -20.92
C SER P 38 -24.06 -5.19 -20.04
N GLY P 39 -24.29 -6.45 -20.38
CA GLY P 39 -23.80 -7.55 -19.57
C GLY P 39 -24.67 -7.92 -18.39
N THR P 40 -25.88 -7.36 -18.29
CA THR P 40 -26.76 -7.61 -17.17
C THR P 40 -28.06 -8.25 -17.65
N CYS P 41 -28.75 -8.91 -16.73
CA CYS P 41 -30.03 -9.53 -17.02
C CYS P 41 -31.13 -8.50 -17.24
N GLY P 42 -32.15 -8.90 -17.99
CA GLY P 42 -33.39 -8.17 -18.08
C GLY P 42 -34.55 -9.14 -18.12
N THR P 43 -35.47 -9.04 -17.16
CA THR P 43 -36.57 -9.99 -17.02
C THR P 43 -37.71 -9.56 -17.95
N VAL P 44 -38.29 -10.54 -18.64
CA VAL P 44 -39.48 -10.23 -19.44
C VAL P 44 -40.75 -10.57 -18.67
N VAL P 45 -40.70 -11.59 -17.83
CA VAL P 45 -41.82 -12.00 -17.01
C VAL P 45 -41.27 -12.77 -15.81
N SER P 46 -41.98 -12.70 -14.69
CA SER P 46 -41.55 -13.35 -13.46
C SER P 46 -42.78 -13.86 -12.73
N THR P 47 -42.53 -14.47 -11.56
CA THR P 47 -43.63 -14.91 -10.71
C THR P 47 -44.49 -13.73 -10.29
N THR P 48 -43.88 -12.59 -10.00
CA THR P 48 -44.61 -11.36 -9.79
C THR P 48 -45.31 -10.94 -11.07
N ASN P 49 -46.37 -10.14 -10.92
CA ASN P 49 -47.20 -9.76 -12.05
C ASN P 49 -46.51 -8.83 -13.03
N PHE P 50 -45.19 -8.61 -12.89
CA PHE P 50 -44.46 -7.77 -13.84
C PHE P 50 -44.31 -8.46 -15.19
N ILE P 51 -44.55 -7.71 -16.26
CA ILE P 51 -44.22 -8.11 -17.62
C ILE P 51 -43.50 -6.94 -18.28
N LYS P 52 -42.48 -7.26 -19.07
CA LYS P 52 -41.71 -6.22 -19.76
C LYS P 52 -42.63 -5.37 -20.64
N ALA P 53 -42.19 -4.14 -20.93
CA ALA P 53 -43.04 -3.17 -21.59
C ALA P 53 -43.47 -3.66 -22.98
N GLU P 54 -42.51 -4.11 -23.80
CA GLU P 54 -42.86 -4.51 -25.16
C GLU P 54 -43.20 -5.99 -25.24
N TYR P 55 -43.22 -6.68 -24.09
CA TYR P 55 -43.75 -8.03 -24.00
C TYR P 55 -45.12 -8.07 -23.34
N LYS P 56 -45.76 -6.92 -23.14
CA LYS P 56 -47.05 -6.89 -22.45
C LYS P 56 -48.15 -7.46 -23.32
N GLY P 57 -49.02 -8.27 -22.72
CA GLY P 57 -50.17 -8.79 -23.41
C GLY P 57 -49.91 -9.95 -24.35
N ARG P 58 -48.70 -10.52 -24.33
CA ARG P 58 -48.36 -11.62 -25.23
C ARG P 58 -47.74 -12.82 -24.52
N VAL P 59 -47.20 -12.64 -23.31
CA VAL P 59 -46.51 -13.70 -22.59
C VAL P 59 -47.33 -14.06 -21.36
N THR P 60 -47.45 -15.36 -21.09
CA THR P 60 -48.09 -15.82 -19.87
C THR P 60 -47.35 -17.04 -19.33
N LEU P 61 -47.60 -17.34 -18.06
CA LEU P 61 -46.83 -18.31 -17.30
C LEU P 61 -47.76 -19.29 -16.59
N LYS P 62 -47.32 -20.53 -16.47
CA LYS P 62 -48.09 -21.58 -15.82
C LYS P 62 -47.18 -22.38 -14.88
N GLN P 63 -47.74 -22.79 -13.73
CA GLN P 63 -47.03 -23.59 -12.75
C GLN P 63 -47.54 -25.03 -12.81
N TYR P 64 -46.62 -25.99 -12.67
CA TYR P 64 -46.97 -27.41 -12.57
C TYR P 64 -45.96 -28.07 -11.65
N PRO P 65 -46.19 -28.03 -10.33
CA PRO P 65 -45.26 -28.67 -9.40
C PRO P 65 -45.17 -30.17 -9.57
N ARG P 66 -46.26 -30.83 -9.95
CA ARG P 66 -46.25 -32.28 -10.06
C ARG P 66 -45.28 -32.75 -11.14
N LYS P 67 -45.11 -31.96 -12.19
CA LYS P 67 -44.16 -32.26 -13.26
C LYS P 67 -42.85 -31.51 -13.10
N ASN P 68 -42.66 -30.76 -12.01
CA ASN P 68 -41.48 -29.92 -11.82
C ASN P 68 -41.28 -29.01 -13.03
N LEU P 69 -42.34 -28.29 -13.41
CA LEU P 69 -42.36 -27.61 -14.69
C LEU P 69 -42.98 -26.22 -14.56
N PHE P 70 -42.40 -25.27 -15.29
CA PHE P 70 -42.92 -23.91 -15.36
C PHE P 70 -42.94 -23.49 -16.83
N LEU P 71 -44.13 -23.15 -17.31
CA LEU P 71 -44.36 -22.88 -18.73
C LEU P 71 -44.31 -21.38 -18.95
N VAL P 72 -43.55 -20.93 -19.94
CA VAL P 72 -43.61 -19.54 -20.41
C VAL P 72 -44.01 -19.57 -21.88
N GLU P 73 -45.26 -19.21 -22.18
CA GLU P 73 -45.75 -19.25 -23.54
C GLU P 73 -45.97 -17.82 -24.02
N VAL P 74 -45.34 -17.48 -25.15
CA VAL P 74 -45.50 -16.16 -25.78
C VAL P 74 -46.62 -16.34 -26.80
N THR P 75 -47.85 -16.10 -26.37
CA THR P 75 -49.02 -16.41 -27.20
C THR P 75 -48.99 -15.63 -28.50
N GLN P 76 -48.65 -14.34 -28.44
CA GLN P 76 -48.56 -13.50 -29.63
C GLN P 76 -47.10 -13.11 -29.85
N LEU P 77 -46.52 -13.72 -30.86
CA LEU P 77 -45.15 -13.50 -31.15
C LEU P 77 -45.08 -12.40 -32.16
N THR P 78 -44.30 -11.38 -31.88
CA THR P 78 -44.17 -10.31 -32.86
C THR P 78 -42.86 -10.48 -33.64
N GLU P 79 -42.22 -11.63 -33.45
CA GLU P 79 -40.96 -11.99 -34.11
C GLU P 79 -39.93 -10.86 -34.04
N SER P 80 -39.74 -10.34 -32.83
CA SER P 80 -38.79 -9.27 -32.55
C SER P 80 -37.45 -9.88 -32.22
N ASP P 81 -36.47 -9.04 -31.91
CA ASP P 81 -35.16 -9.59 -31.60
C ASP P 81 -35.23 -10.49 -30.41
N SER P 82 -35.17 -11.79 -30.66
CA SER P 82 -35.25 -12.78 -29.60
C SER P 82 -33.86 -13.34 -29.34
N GLY P 83 -33.23 -12.86 -28.28
CA GLY P 83 -31.92 -13.34 -27.88
C GLY P 83 -32.01 -14.55 -26.96
N VAL P 84 -30.93 -14.77 -26.23
CA VAL P 84 -30.90 -15.90 -25.30
C VAL P 84 -31.84 -15.61 -24.13
N TYR P 85 -32.61 -16.62 -23.72
CA TYR P 85 -33.50 -16.54 -22.59
C TYR P 85 -32.96 -17.41 -21.47
N ALA P 86 -33.33 -17.08 -20.24
CA ALA P 86 -32.87 -17.82 -19.06
C ALA P 86 -34.02 -18.04 -18.10
N CYS P 87 -34.39 -19.31 -17.90
CA CYS P 87 -35.26 -19.67 -16.80
C CYS P 87 -34.47 -19.57 -15.50
N GLY P 88 -35.03 -18.84 -14.54
CA GLY P 88 -34.29 -18.62 -13.31
C GLY P 88 -35.22 -18.51 -12.13
N ALA P 89 -34.62 -18.64 -10.94
CA ALA P 89 -35.33 -18.52 -9.68
C ALA P 89 -34.49 -17.71 -8.71
N GLY P 90 -35.13 -17.26 -7.65
CA GLY P 90 -34.45 -16.47 -6.64
C GLY P 90 -34.76 -15.00 -6.78
N MET P 91 -34.65 -14.28 -5.66
CA MET P 91 -34.92 -12.83 -5.68
C MET P 91 -33.96 -12.12 -6.62
N ASN P 92 -32.67 -12.42 -6.53
CA ASN P 92 -31.72 -11.91 -7.49
C ASN P 92 -32.00 -12.56 -8.85
N THR P 93 -32.00 -11.74 -9.89
CA THR P 93 -32.38 -12.20 -11.22
C THR P 93 -31.20 -12.53 -12.11
N ASP P 94 -30.17 -11.72 -12.00
CA ASP P 94 -28.94 -11.91 -12.72
C ASP P 94 -28.38 -13.24 -12.30
N ARG P 95 -27.97 -13.32 -11.05
CA ARG P 95 -27.40 -14.54 -10.51
C ARG P 95 -28.34 -15.70 -10.70
N GLY P 96 -29.56 -15.53 -10.25
CA GLY P 96 -30.58 -16.56 -10.29
C GLY P 96 -30.83 -17.53 -11.42
N LYS P 97 -30.40 -17.25 -12.65
CA LYS P 97 -30.67 -18.14 -13.80
C LYS P 97 -30.36 -19.63 -13.57
N THR P 98 -31.20 -20.50 -14.12
CA THR P 98 -31.03 -21.94 -13.95
C THR P 98 -30.89 -22.72 -15.25
N GLN P 99 -31.62 -22.28 -16.26
CA GLN P 99 -31.63 -22.89 -17.58
C GLN P 99 -31.41 -21.82 -18.64
N LYS P 100 -30.50 -22.09 -19.58
CA LYS P 100 -30.22 -21.16 -20.67
C LYS P 100 -30.74 -21.76 -21.97
N VAL P 101 -31.68 -21.06 -22.60
CA VAL P 101 -32.25 -21.50 -23.87
C VAL P 101 -31.94 -20.44 -24.93
N THR P 102 -31.22 -20.85 -25.97
CA THR P 102 -30.90 -19.96 -27.08
C THR P 102 -31.88 -20.26 -28.21
N LEU P 103 -32.78 -19.32 -28.47
CA LEU P 103 -33.85 -19.52 -29.45
C LEU P 103 -33.78 -18.44 -30.52
N ASN P 104 -34.05 -18.85 -31.76
CA ASN P 104 -34.14 -17.94 -32.89
C ASN P 104 -35.48 -18.16 -33.57
N VAL P 105 -36.26 -17.08 -33.71
CA VAL P 105 -37.59 -17.18 -34.30
C VAL P 105 -37.57 -16.96 -35.80
N HIS P 106 -36.40 -16.72 -36.40
CA HIS P 106 -36.32 -16.55 -37.85
C HIS P 106 -36.70 -17.84 -38.57
N SER P 107 -36.23 -18.98 -38.06
CA SER P 107 -36.55 -20.27 -38.66
C SER P 107 -37.79 -20.88 -38.01
C1 NAG Q . 6.59 17.48 -31.26
C2 NAG Q . 7.13 19.03 -31.61
C3 NAG Q . 8.56 19.16 -31.23
C4 NAG Q . 9.28 18.30 -32.21
C5 NAG Q . 8.72 16.85 -32.11
C6 NAG Q . 9.66 15.80 -31.53
C7 NAG Q . 5.73 19.55 -33.46
C8 NAG Q . 5.05 18.24 -33.55
N2 NAG Q . 6.93 19.48 -32.94
O3 NAG Q . 8.64 18.49 -29.99
O4 NAG Q . 8.97 18.94 -33.45
O5 NAG Q . 7.69 16.70 -31.18
O6 NAG Q . 9.08 14.50 -31.20
O7 NAG Q . 5.19 20.57 -33.86
C1 NAG Q . 9.94 19.81 -34.08
C2 NAG Q . 9.27 20.31 -35.36
C3 NAG Q . 9.14 21.78 -35.58
C4 NAG Q . 8.98 22.36 -34.21
C5 NAG Q . 10.33 22.17 -33.63
C6 NAG Q . 10.51 23.09 -32.44
C7 NAG Q . 8.91 19.71 -37.46
C8 NAG Q . 8.40 18.34 -37.76
N2 NAG Q . 9.84 19.81 -36.56
O3 NAG Q . 7.94 21.94 -36.30
O4 NAG Q . 8.71 23.74 -34.26
O5 NAG Q . 10.44 20.82 -33.22
O6 NAG Q . 9.98 24.36 -32.81
O7 NAG Q . 8.44 20.71 -37.95
C1 NAG R . -4.83 2.40 -19.61
C2 NAG R . -5.22 2.10 -21.07
C3 NAG R . -4.95 0.63 -21.39
C4 NAG R . -3.52 0.27 -21.05
C5 NAG R . -3.22 0.63 -19.60
C6 NAG R . -1.78 0.37 -19.20
C7 NAG R . -7.01 3.63 -21.77
C8 NAG R . -8.49 3.80 -21.97
N2 NAG R . -6.61 2.44 -21.31
O3 NAG R . -5.20 0.41 -22.78
O4 NAG R . -3.32 -1.13 -21.23
O5 NAG R . -3.47 2.04 -19.39
O6 NAG R . -0.89 1.19 -19.95
O7 NAG R . -6.22 4.53 -22.01
C1 NAG S . -7.13 0.21 -16.16
C2 NAG S . -7.58 0.04 -17.62
C3 NAG S . -7.13 -1.33 -18.13
C4 NAG S . -5.63 -1.51 -17.93
C5 NAG S . -5.27 -1.26 -16.47
C6 NAG S . -3.78 -1.30 -16.21
C7 NAG S . -9.59 1.20 -18.40
C8 NAG S . -11.09 1.19 -18.43
N2 NAG S . -9.02 0.19 -17.74
O3 NAG S . -7.44 -1.43 -19.52
O4 NAG S . -5.24 -2.83 -18.29
O5 NAG S . -5.71 0.05 -16.07
O6 NAG S . -3.21 0.00 -16.22
O7 NAG S . -8.93 2.08 -18.94
C1 NAG T . -8.91 -2.21 -12.03
C2 NAG T . -9.53 -2.32 -13.41
C3 NAG T . -9.24 -3.68 -14.04
C4 NAG T . -7.75 -3.96 -14.01
C5 NAG T . -7.20 -3.80 -12.60
C6 NAG T . -5.70 -3.96 -12.51
C7 NAG T . -11.62 -1.18 -14.08
C8 NAG T . -10.77 -0.38 -15.02
N2 NAG T . -10.98 -2.10 -13.35
O3 NAG T . -9.72 -3.71 -15.37
O4 NAG T . -7.49 -5.29 -14.46
O5 NAG T . -7.50 -2.48 -12.11
O6 NAG T . -5.17 -4.47 -13.73
O7 NAG T . -12.83 -1.02 -14.00
C1 NAG U . -10.02 -5.20 -8.63
C2 NAG U . -10.92 -5.18 -9.87
C3 NAG U . -11.09 -6.59 -10.42
C4 NAG U . -9.75 -7.24 -10.66
C5 NAG U . -8.90 -7.18 -9.39
C6 NAG U . -7.50 -7.71 -9.59
C7 NAG U . -12.80 -3.69 -10.39
C8 NAG U . -14.12 -3.17 -9.93
N2 NAG U . -12.20 -4.57 -9.57
O3 NAG U . -11.82 -6.52 -11.64
O4 NAG U . -9.92 -8.60 -11.05
O5 NAG U . -8.77 -5.82 -8.95
O6 NAG U . -7.43 -8.60 -10.70
O7 NAG U . -12.30 -3.35 -11.45
C1 NAG V . -12.53 -8.21 -4.42
C2 NAG V . -12.89 -7.92 -5.87
C3 NAG V . -13.04 -9.21 -6.66
C4 NAG V . -11.79 -10.07 -6.50
C5 NAG V . -11.46 -10.28 -5.02
C6 NAG V . -10.17 -11.02 -4.80
C7 NAG V . -14.37 -6.27 -6.94
C8 NAG V . -15.68 -5.55 -6.87
N2 NAG V . -14.11 -7.13 -5.95
O3 NAG V . -13.25 -8.92 -8.03
O4 NAG V . -11.97 -11.33 -7.12
O5 NAG V . -11.34 -9.01 -4.37
O6 NAG V . -9.98 -12.03 -5.78
O7 NAG V . -13.57 -6.09 -7.87
C1 NAG W . -0.43 -4.06 11.28
C2 NAG W . -1.70 -4.46 12.03
C3 NAG W . -1.78 -3.74 13.38
C4 NAG W . -0.51 -3.96 14.18
C5 NAG W . 0.71 -3.56 13.35
C6 NAG W . 2.02 -3.85 14.05
C7 NAG W . -4.06 -4.78 11.39
C8 NAG W . -5.16 -4.34 10.48
N2 NAG W . -2.89 -4.16 11.23
O3 NAG W . -2.90 -4.20 14.12
O4 NAG W . -0.54 -3.19 15.38
O5 NAG W . 0.72 -4.30 12.12
O6 NAG W . 1.99 -3.43 15.41
O7 NAG W . -4.22 -5.65 12.24
C1 NAG X . 3.74 -0.38 9.16
C2 NAG X . 2.59 0.33 9.85
C3 NAG X . 3.06 1.28 10.94
C4 NAG X . 4.18 0.67 11.74
C5 NAG X . 5.38 0.35 10.86
C6 NAG X . 6.18 -0.82 11.40
C7 NAG X . 0.51 1.03 8.88
C8 NAG X . -0.17 2.32 9.24
N2 NAG X . 1.83 1.05 8.86
O1 NAG X . 3.68 -1.78 9.45
O3 NAG X . 1.98 1.56 11.84
O4 NAG X . 4.56 1.62 12.74
O5 NAG X . 5.04 0.13 9.49
O6 NAG X . 5.31 -1.67 12.17
O7 NAG X . -0.11 0.01 8.64
C1 NAG Y . 6.19 2.14 6.87
C2 NAG Y . 4.98 3.08 7.45
C3 NAG Y . 5.30 4.34 8.16
C4 NAG Y . 6.11 3.79 9.26
C5 NAG Y . 7.36 3.25 8.58
C6 NAG Y . 8.50 3.01 9.54
C7 NAG Y . 3.34 3.75 5.98
C8 NAG Y . 2.86 5.13 6.31
N2 NAG Y . 4.59 3.49 6.18
O3 NAG Y . 4.15 5.01 8.68
O4 NAG Y . 6.33 4.85 10.19
O5 NAG Y . 7.03 2.02 7.99
O6 NAG Y . 8.00 2.94 10.89
O7 NAG Y . 2.63 2.89 5.55
C1 NAG Z . 8.80 6.50 5.69
C2 NAG Z . 7.44 7.21 5.57
C3 NAG Z . 7.31 8.28 6.65
C4 NAG Z . 7.58 7.68 8.03
C5 NAG Z . 8.92 6.95 8.04
C6 NAG Z . 9.21 6.24 9.34
C7 NAG Z . 6.15 7.71 3.55
C8 NAG Z . 5.02 6.96 4.19
N2 NAG Z . 7.28 7.79 4.26
O3 NAG Z . 6.00 8.84 6.61
O4 NAG Z . 7.60 8.71 9.01
O5 NAG Z . 8.93 5.95 7.01
O6 NAG Z . 10.52 6.51 9.80
O7 NAG Z . 6.04 8.22 2.43
C1 NAG AA . 11.22 9.63 3.87
C2 NAG AA . 10.27 10.80 4.13
C3 NAG AA . 10.91 11.80 5.10
C4 NAG AA . 11.39 11.10 6.36
C5 NAG AA . 12.30 9.94 6.01
C6 NAG AA . 12.72 9.13 7.21
C7 NAG AA . 8.81 12.22 2.77
C8 NAG AA . 8.57 12.82 1.41
N2 NAG AA . 9.89 11.44 2.89
O3 NAG AA . 9.97 12.81 5.42
O4 NAG AA . 12.08 12.02 7.19
O5 NAG AA . 11.62 9.04 5.12
O6 NAG AA . 13.82 9.72 7.87
O7 NAG AA . 8.06 12.45 3.71
#